data_8SW4
#
_entry.id   8SW4
#
_cell.length_a   1.00
_cell.length_b   1.00
_cell.length_c   1.00
_cell.angle_alpha   90.00
_cell.angle_beta   90.00
_cell.angle_gamma   90.00
#
_symmetry.space_group_name_H-M   'P 1'
#
loop_
_entity.id
_entity.type
_entity.pdbx_description
1 polymer '21M20 heavy chain variable region'
2 polymer '21M20 light chain variable region'
3 polymer 'BG505 GT1.1 SOSIP gp120'
4 polymer 'Envelope glycoprotein gp41'
5 polymer 'RM20A3 heavy chain variable region'
6 polymer 'RM20A3 light chain variable region'
7 polymer '21N13 heavy chain variable region'
8 polymer '21N13 light chain variable region'
9 branched alpha-D-mannopyranose-(1-3)-beta-D-mannopyranose-(1-4)-2-acetamido-2-deoxy-beta-D-glucopyranose-(1-4)-2-acetamido-2-deoxy-beta-D-glucopyranose
10 branched 2-acetamido-2-deoxy-beta-D-glucopyranose-(1-4)-2-acetamido-2-deoxy-beta-D-glucopyranose
11 non-polymer 2-acetamido-2-deoxy-beta-D-glucopyranose
#
loop_
_entity_poly.entity_id
_entity_poly.type
_entity_poly.pdbx_seq_one_letter_code
_entity_poly.pdbx_strand_id
1 'polypeptide(L)'
;EVQLVESGGGLAKPGGSLRLSCAASGFTFSRSIMHWVRQAPGKGLEWVSTINYAGSTYYADSVRGRFVISRDNSKNTLSL
QMNSVRPEDRAVYHCAKDKEGYYSGGYPLWYFDLWGPGTPVTISS
;
H
2 'polypeptide(L)'
;DVQMTQSPSSLSASVGDKVSITCRASQGIADALAWYQQKPGKAPKLLIYGASNLESGVPSRFSGSGSGTDFSLTISSLQA
EDFAVYYCQQRNSHPPTFGQGTRVEVK
;
L
3 'polypeptide(L)'
;MDAMKRGLCCVLLLCGAVFVSPSQEIHARFRRGARAENLWVTVYYGVPVWKDAETTLFCASDAKAYETKKHNVWATHACV
PTDPNPQEIHLENVTEEFNMWKNNMVEQMHTDIISLWDQSLKPCVKLTPLCVTLQCTNVTNNITDDMRGELKNCSFNMTT
ELRDKRQKVHALFYKLDIVPINENQNTSYRLINCNTAAITQACPKVSFEPIPIHYCAPAGFAILKCKDKKFNGTGPCPSV
STVQCTHGIKPVVSTQLLLNGSLAEEEVMIRSKDIRNNAKNILVQFNTPVQINCTRPNNNTRKSIRIGPGQWFYATGDII
GDIRQAHCNVSKATWNETLGKVVKQLRKHFGNNTIIRFANSSGGDLEVTTHSFNCGGEFFYCDTSGLFNSTWISNTSVQG
SNSTGSNDSITLPCRIKQIINMWQRIGQAMYAPPIQGVIRCVSNITGLILTRDGGSTDSTTETFRPSGGDMRDNWRSELY
KYKVVKIEPLGVAPTRCKRRVVGRRRRRR
;
A,C,D
4 'polypeptide(L)'
;AVGIGAVFLGFLGAAGSTMGAASMTLTVQARNLLSGIVQQQSNLLRAPEAQQHLLKLTVWGIKQLQARVLAVERYLRDQQ
LLGIWGCSGKLICCTNVPWNSSWSNRNLSEIWDNMTWLQWDKEISNYTQIIYGLLEESQNQQEKNEQDLLALD
;
B,G,I
5 'polypeptide(L)'
;EVQLVETGGGLVQPGGSLKLSCRASGYTFSSFAMSWVRQAPGKGLEWVSLINDRGGLTFYVDSVKGRFTISRDNSKNTLS
LQMHSLRDGDTAVYYCATGGMSSALQSSKYYFDFWGQGALVTVS
;
E,J,K
6 'polypeptide(L)'
;QSALTQPPSVSGSPGQSVTISCTGTSSDIGSYNYVSWYQQHPGKAPKLMIYDVTQRPSGVSDRFSGSKSGNTASLTISGL
QADDEADYYCSAYAGRQTFYIFGGGTRLTVL
;
F,M,N
7 'polypeptide(L)'
;QVQLQESGPGRVKPSETLSLTCAVSDDSFGSSYFYWSWIRQAPGKGLEWIGYIAYSGGVRYNPSLSSRVTISRNIHERQF
YLRLTSMTAADTAVYYCARHCEDDYGYYSAAQSYGLDSWGQGIAVTVSPS
;
O,Q,S
8 'polypeptide(L)'
;DIQMTQSPSSLSASVGDRVTITCRTSENVNNCLNWYQQKPGKAPKLLIYRTSTLQRGVPSRFSGTGSGTDYTLTISSLQS
EDFGTYYCQHYYGTPLTFGGGTMVDIK
;
P,R,T
#
loop_
_chem_comp.id
_chem_comp.type
_chem_comp.name
_chem_comp.formula
BMA D-saccharide, beta linking beta-D-mannopyranose 'C6 H12 O6'
MAN D-saccharide, alpha linking alpha-D-mannopyranose 'C6 H12 O6'
NAG D-saccharide, beta linking 2-acetamido-2-deoxy-beta-D-glucopyranose 'C8 H15 N O6'
#
# COMPACT_ATOMS: atom_id res chain seq x y z
N VAL A 2 45.47 22.23 -1.12
CA VAL A 2 44.15 22.12 -1.79
C VAL A 2 44.01 23.29 -2.77
N GLN A 3 44.48 23.07 -4.00
CA GLN A 3 44.40 24.07 -5.04
C GLN A 3 44.24 23.39 -6.39
N LEU A 4 43.75 24.18 -7.35
CA LEU A 4 43.62 23.77 -8.75
C LEU A 4 44.39 24.81 -9.56
N VAL A 5 45.29 24.37 -10.43
CA VAL A 5 46.09 25.30 -11.24
C VAL A 5 45.91 24.97 -12.72
N GLU A 6 45.31 25.91 -13.46
CA GLU A 6 45.08 25.78 -14.89
C GLU A 6 46.30 26.14 -15.71
N SER A 7 46.43 25.50 -16.87
CA SER A 7 47.45 25.83 -17.85
C SER A 7 46.82 25.64 -19.23
N GLY A 8 47.62 25.85 -20.27
CA GLY A 8 47.08 25.76 -21.59
C GLY A 8 46.23 27.02 -21.81
N GLY A 9 45.30 26.92 -22.75
CA GLY A 9 44.50 28.08 -23.11
C GLY A 9 45.25 28.95 -24.12
N GLY A 10 44.95 30.24 -24.12
CA GLY A 10 45.52 31.14 -25.11
C GLY A 10 44.60 31.44 -26.26
N LEU A 11 45.21 31.81 -27.38
CA LEU A 11 44.52 32.30 -28.56
C LEU A 11 44.34 31.18 -29.57
N ALA A 12 43.16 31.11 -30.20
CA ALA A 12 42.91 30.15 -31.26
C ALA A 12 41.99 30.76 -32.33
N LYS A 13 42.05 30.18 -33.52
CA LYS A 13 41.23 30.61 -34.64
C LYS A 13 39.74 30.27 -34.50
N PRO A 14 38.87 30.94 -35.26
CA PRO A 14 37.42 30.69 -35.18
C PRO A 14 37.00 29.24 -35.51
N GLY A 15 37.88 28.42 -36.06
CA GLY A 15 37.55 27.04 -36.36
C GLY A 15 38.67 26.06 -36.04
N GLY A 16 39.50 26.42 -35.08
CA GLY A 16 40.66 25.65 -34.66
C GLY A 16 40.36 24.83 -33.43
N SER A 17 41.38 24.59 -32.62
CA SER A 17 41.23 23.79 -31.41
C SER A 17 42.22 24.27 -30.36
N LEU A 18 41.86 24.03 -29.09
CA LEU A 18 42.72 24.34 -27.96
C LEU A 18 42.64 23.25 -26.90
N ARG A 19 43.75 22.96 -26.23
CA ARG A 19 43.73 22.06 -25.09
C ARG A 19 43.94 22.87 -23.81
N LEU A 20 43.14 22.58 -22.79
CA LEU A 20 43.28 23.15 -21.46
C LEU A 20 43.72 22.06 -20.49
N SER A 21 44.56 22.42 -19.52
CA SER A 21 44.98 21.50 -18.48
C SER A 21 44.70 22.10 -17.11
N CYS A 22 44.62 21.24 -16.10
CA CYS A 22 44.40 21.67 -14.72
C CYS A 22 45.01 20.63 -13.78
N ALA A 23 45.92 21.08 -12.92
CA ALA A 23 46.61 20.22 -11.97
C ALA A 23 45.99 20.36 -10.59
N ALA A 24 45.74 19.23 -9.93
CA ALA A 24 45.25 19.19 -8.56
C ALA A 24 46.43 18.97 -7.63
N SER A 25 46.38 19.58 -6.45
CA SER A 25 47.45 19.42 -5.46
C SER A 25 47.04 18.73 -4.16
N GLY A 26 46.19 19.35 -3.34
CA GLY A 26 45.96 18.85 -2.00
C GLY A 26 44.86 17.86 -1.71
N PHE A 27 44.12 17.37 -2.71
CA PHE A 27 43.02 16.44 -2.49
C PHE A 27 43.30 15.16 -3.26
N THR A 28 42.42 14.18 -3.10
CA THR A 28 42.56 12.87 -3.74
C THR A 28 41.89 12.93 -5.10
N PHE A 29 42.70 12.98 -6.16
CA PHE A 29 42.17 13.13 -7.52
C PHE A 29 41.84 11.75 -8.10
N SER A 30 40.88 11.11 -7.44
CA SER A 30 40.40 9.80 -7.87
C SER A 30 38.96 9.55 -7.41
N ARG A 31 38.46 10.35 -6.47
CA ARG A 31 37.11 10.28 -5.94
C ARG A 31 36.33 11.55 -6.21
N SER A 32 36.94 12.53 -6.86
CA SER A 32 36.36 13.84 -7.10
C SER A 32 35.69 13.95 -8.45
N ILE A 33 34.62 14.73 -8.49
CA ILE A 33 33.91 15.08 -9.72
C ILE A 33 34.45 16.45 -10.10
N MET A 34 35.01 16.56 -11.30
CA MET A 34 35.69 17.75 -11.78
C MET A 34 34.90 18.42 -12.89
N HIS A 35 34.88 19.75 -12.91
CA HIS A 35 34.04 20.50 -13.83
C HIS A 35 34.77 21.69 -14.43
N TRP A 36 34.62 21.90 -15.73
CA TRP A 36 35.09 23.12 -16.34
C TRP A 36 33.91 24.07 -16.33
N VAL A 37 34.16 25.30 -15.88
CA VAL A 37 33.20 26.40 -15.80
C VAL A 37 33.90 27.58 -16.43
N ARG A 38 33.19 28.37 -17.25
CA ARG A 38 33.83 29.51 -17.88
C ARG A 38 33.11 30.80 -17.56
N GLN A 39 33.89 31.89 -17.50
CA GLN A 39 33.38 33.23 -17.28
C GLN A 39 33.72 34.12 -18.45
N ALA A 40 32.72 34.47 -19.25
CA ALA A 40 32.93 35.35 -20.38
C ALA A 40 32.90 36.79 -19.87
N PRO A 41 33.71 37.71 -20.41
CA PRO A 41 33.69 39.10 -19.90
C PRO A 41 32.32 39.75 -19.78
N GLY A 42 31.39 39.46 -20.69
CA GLY A 42 30.06 40.05 -20.68
C GLY A 42 28.90 39.18 -20.27
N LYS A 43 29.13 37.96 -19.75
CA LYS A 43 28.06 37.03 -19.42
C LYS A 43 28.06 36.56 -17.97
N GLY A 44 29.22 36.37 -17.36
CA GLY A 44 29.30 35.78 -16.03
C GLY A 44 29.61 34.29 -16.13
N LEU A 45 29.66 33.66 -14.95
CA LEU A 45 30.05 32.26 -14.87
C LEU A 45 29.05 31.35 -15.57
N GLU A 46 29.58 30.43 -16.38
CA GLU A 46 28.79 29.45 -17.12
C GLU A 46 29.43 28.08 -16.97
N TRP A 47 28.62 27.09 -16.61
CA TRP A 47 29.14 25.74 -16.51
C TRP A 47 29.36 25.19 -17.92
N VAL A 48 30.49 24.52 -18.13
CA VAL A 48 30.85 23.98 -19.44
C VAL A 48 30.71 22.46 -19.49
N SER A 49 31.38 21.75 -18.59
CA SER A 49 31.34 20.29 -18.65
C SER A 49 31.79 19.70 -17.32
N THR A 50 31.46 18.43 -17.08
CA THR A 50 31.98 17.74 -15.90
C THR A 50 32.26 16.28 -16.21
N ILE A 51 33.21 15.72 -15.46
CA ILE A 51 33.58 14.31 -15.49
C ILE A 51 33.59 13.81 -14.06
N ASN A 52 32.93 12.67 -13.81
CA ASN A 52 32.89 12.11 -12.47
C ASN A 52 34.07 11.16 -12.25
N TYR A 53 34.14 10.57 -11.05
CA TYR A 53 35.24 9.70 -10.72
C TYR A 53 35.22 8.38 -11.48
N ALA A 54 34.08 8.03 -12.08
CA ALA A 54 33.94 6.79 -12.84
C ALA A 54 34.25 6.98 -14.32
N GLY A 55 34.55 8.20 -14.74
CA GLY A 55 34.86 8.52 -16.11
C GLY A 55 33.67 8.89 -16.98
N SER A 56 32.50 9.11 -16.42
CA SER A 56 31.34 9.50 -17.21
C SER A 56 31.35 11.01 -17.32
N THR A 57 30.99 11.53 -18.49
CA THR A 57 31.01 12.97 -18.72
C THR A 57 29.63 13.53 -19.02
N TYR A 58 29.46 14.81 -18.68
CA TYR A 58 28.24 15.58 -18.91
C TYR A 58 28.68 16.86 -19.58
N TYR A 59 27.91 17.37 -20.54
CA TYR A 59 28.25 18.61 -21.23
C TYR A 59 27.08 19.57 -21.25
N ALA A 60 27.41 20.86 -21.31
CA ALA A 60 26.40 21.88 -21.57
C ALA A 60 25.96 21.78 -23.02
N ASP A 61 24.70 22.15 -23.29
CA ASP A 61 24.16 22.05 -24.64
C ASP A 61 24.97 22.88 -25.63
N SER A 62 25.51 24.02 -25.20
CA SER A 62 26.26 24.90 -26.10
C SER A 62 27.62 24.35 -26.49
N VAL A 63 28.15 23.36 -25.78
CA VAL A 63 29.46 22.78 -26.07
C VAL A 63 29.41 21.29 -26.41
N ARG A 64 28.28 20.62 -26.21
CA ARG A 64 28.22 19.19 -26.50
C ARG A 64 28.50 18.95 -27.98
N GLY A 65 29.37 17.99 -28.25
CA GLY A 65 29.75 17.64 -29.60
C GLY A 65 31.02 18.32 -30.08
N ARG A 66 31.49 19.32 -29.35
CA ARG A 66 32.70 20.07 -29.66
C ARG A 66 33.77 19.91 -28.60
N PHE A 67 33.40 19.91 -27.33
CA PHE A 67 34.34 19.81 -26.23
C PHE A 67 34.38 18.37 -25.73
N VAL A 68 35.56 17.94 -25.30
CA VAL A 68 35.75 16.64 -24.66
C VAL A 68 36.44 16.88 -23.33
N ILE A 69 35.84 16.42 -22.25
CA ILE A 69 36.42 16.57 -20.91
C ILE A 69 37.02 15.22 -20.55
N SER A 70 38.23 15.22 -19.98
CA SER A 70 38.86 13.98 -19.60
C SER A 70 39.70 14.20 -18.36
N ARG A 71 40.02 13.10 -17.68
CA ARG A 71 40.84 13.12 -16.49
C ARG A 71 41.91 12.05 -16.62
N ASP A 72 43.02 12.26 -15.93
CA ASP A 72 44.08 11.27 -15.81
C ASP A 72 44.45 11.28 -14.33
N ASN A 73 44.01 10.25 -13.62
CA ASN A 73 44.16 10.19 -12.18
C ASN A 73 45.62 10.04 -11.79
N SER A 74 46.44 9.46 -12.69
CA SER A 74 47.82 9.18 -12.36
C SER A 74 48.69 10.44 -12.31
N LYS A 75 48.20 11.54 -12.86
CA LYS A 75 48.92 12.80 -12.90
C LYS A 75 48.17 13.87 -12.12
N ASN A 76 47.06 13.49 -11.46
CA ASN A 76 46.18 14.44 -10.79
C ASN A 76 45.81 15.57 -11.76
N THR A 77 45.52 15.20 -13.01
CA THR A 77 45.29 16.21 -14.05
C THR A 77 43.94 16.05 -14.73
N LEU A 78 43.26 17.18 -14.88
CA LEU A 78 42.01 17.32 -15.61
C LEU A 78 42.37 18.04 -16.91
N SER A 79 41.70 17.69 -18.00
CA SER A 79 41.97 18.43 -19.23
C SER A 79 40.70 18.52 -20.06
N LEU A 80 40.70 19.52 -20.93
CA LEU A 80 39.60 19.77 -21.84
C LEU A 80 40.12 19.96 -23.25
N GLN A 81 39.60 19.18 -24.19
CA GLN A 81 39.95 19.31 -25.60
C GLN A 81 38.80 20.12 -26.17
N MET A 82 39.10 21.33 -26.63
CA MET A 82 38.09 22.24 -27.15
C MET A 82 38.24 22.28 -28.65
N ASN A 83 37.38 21.54 -29.35
CA ASN A 83 37.44 21.46 -30.80
C ASN A 83 36.43 22.44 -31.35
N SER A 84 36.65 22.87 -32.60
CA SER A 84 35.75 23.77 -33.31
C SER A 84 35.37 24.95 -32.45
N VAL A 85 36.38 25.59 -31.84
CA VAL A 85 36.13 26.73 -30.99
C VAL A 85 35.56 27.86 -31.84
N ARG A 86 34.61 28.60 -31.28
CA ARG A 86 33.91 29.69 -31.94
C ARG A 86 34.05 30.99 -31.13
N PRO A 87 33.81 32.15 -31.76
CA PRO A 87 33.90 33.44 -31.02
C PRO A 87 33.14 33.49 -29.70
N GLU A 88 32.03 32.79 -29.56
CA GLU A 88 31.30 32.81 -28.29
C GLU A 88 32.02 32.03 -27.19
N ASP A 89 33.12 31.34 -27.50
CA ASP A 89 33.85 30.55 -26.52
C ASP A 89 34.92 31.35 -25.77
N ARG A 90 35.05 32.66 -26.04
CA ARG A 90 36.01 33.48 -25.30
C ARG A 90 35.60 33.58 -23.84
N ALA A 91 36.50 33.20 -22.94
CA ALA A 91 36.17 33.21 -21.51
C ALA A 91 37.41 32.82 -20.74
N VAL A 92 37.37 33.04 -19.43
CA VAL A 92 38.37 32.46 -18.53
C VAL A 92 37.80 31.13 -18.07
N TYR A 93 38.55 30.04 -18.29
CA TYR A 93 38.12 28.70 -17.96
C TYR A 93 38.71 28.25 -16.64
N HIS A 94 37.83 27.91 -15.69
CA HIS A 94 38.16 27.51 -14.34
C HIS A 94 37.83 26.04 -14.18
N CYS A 95 38.70 25.29 -13.51
CA CYS A 95 38.39 23.92 -13.14
C CYS A 95 37.86 23.97 -11.72
N ALA A 96 36.91 23.09 -11.41
CA ALA A 96 36.31 23.09 -10.09
C ALA A 96 36.02 21.68 -9.60
N LYS A 97 36.07 21.52 -8.28
CA LYS A 97 35.79 20.28 -7.60
C LYS A 97 34.49 20.38 -6.81
N ASP A 98 33.66 19.33 -6.93
CA ASP A 98 32.35 19.24 -6.30
C ASP A 98 32.42 18.86 -4.84
N LYS A 99 31.66 19.56 -4.01
CA LYS A 99 31.53 19.19 -2.61
C LYS A 99 31.07 17.74 -2.54
N GLU A 100 31.71 16.95 -1.69
CA GLU A 100 31.26 15.56 -1.55
C GLU A 100 30.03 15.58 -0.65
N GLY A 101 28.97 14.90 -1.10
CA GLY A 101 27.73 14.79 -0.37
C GLY A 101 27.30 13.34 -0.20
N TYR A 102 25.99 13.16 -0.18
CA TYR A 102 25.43 11.82 -0.02
C TYR A 102 25.63 11.04 -1.30
N TYR A 103 25.97 9.75 -1.16
CA TYR A 103 26.21 8.88 -2.29
C TYR A 103 25.06 8.93 -3.29
N SER A 104 25.40 9.28 -4.53
CA SER A 104 24.45 9.42 -5.64
C SER A 104 24.81 8.52 -6.81
N GLY A 105 25.76 7.60 -6.64
CA GLY A 105 26.16 6.76 -7.75
C GLY A 105 27.02 7.48 -8.76
N GLY A 106 27.70 8.54 -8.35
CA GLY A 106 28.51 9.32 -9.25
C GLY A 106 27.81 10.52 -9.84
N TYR A 107 26.52 10.70 -9.59
CA TYR A 107 25.82 11.85 -10.15
C TYR A 107 26.34 13.12 -9.47
N PRO A 108 26.78 14.14 -10.23
CA PRO A 108 27.29 15.37 -9.61
C PRO A 108 26.24 16.15 -8.84
N LEU A 109 26.71 16.96 -7.88
CA LEU A 109 25.86 17.89 -7.16
C LEU A 109 25.87 19.27 -7.77
N TRP A 110 27.01 19.65 -8.34
CA TRP A 110 27.28 20.92 -9.01
C TRP A 110 27.49 22.06 -8.03
N TYR A 111 27.85 21.76 -6.78
CA TYR A 111 28.25 22.77 -5.81
C TYR A 111 29.76 22.79 -5.95
N PHE A 112 30.33 23.93 -6.30
CA PHE A 112 31.74 23.98 -6.66
C PHE A 112 32.54 24.29 -5.41
N ASP A 113 33.05 23.24 -4.77
CA ASP A 113 33.73 23.37 -3.49
C ASP A 113 35.08 24.04 -3.63
N LEU A 114 35.81 23.71 -4.69
CA LEU A 114 37.16 24.24 -4.91
C LEU A 114 37.28 24.74 -6.34
N TRP A 115 37.81 25.95 -6.52
CA TRP A 115 38.00 26.59 -7.82
C TRP A 115 39.48 26.90 -8.07
N GLY A 116 39.87 26.86 -9.35
CA GLY A 116 41.18 27.31 -9.75
C GLY A 116 41.20 28.76 -10.19
N PRO A 117 42.39 29.38 -10.27
CA PRO A 117 42.48 30.78 -10.77
C PRO A 117 41.86 31.02 -12.14
N GLY A 118 41.93 30.06 -13.03
CA GLY A 118 41.39 30.11 -14.36
C GLY A 118 42.43 30.50 -15.40
N THR A 119 42.23 30.02 -16.63
CA THR A 119 43.10 30.29 -17.78
C THR A 119 42.34 31.02 -18.89
N PRO A 120 42.82 32.16 -19.40
CA PRO A 120 42.08 32.85 -20.46
C PRO A 120 42.11 32.12 -21.80
N VAL A 121 40.97 32.13 -22.49
CA VAL A 121 40.82 31.61 -23.84
C VAL A 121 40.24 32.72 -24.70
N THR A 122 40.95 33.04 -25.79
CA THR A 122 40.57 34.08 -26.75
C THR A 122 40.44 33.45 -28.12
N ILE A 123 39.30 33.69 -28.78
CA ILE A 123 39.03 33.17 -30.11
C ILE A 123 39.04 34.34 -31.10
N SER A 124 39.87 34.23 -32.13
CA SER A 124 40.02 35.27 -33.14
C SER A 124 40.88 34.78 -34.29
N VAL B 2 17.04 27.34 -15.15
CA VAL B 2 16.60 28.41 -14.26
C VAL B 2 17.52 29.61 -14.41
N GLN B 3 16.92 30.78 -14.60
CA GLN B 3 17.68 32.02 -14.69
C GLN B 3 17.72 32.62 -13.29
N MET B 4 18.89 33.12 -12.91
CA MET B 4 19.09 33.76 -11.62
C MET B 4 19.40 35.24 -11.81
N THR B 5 18.67 36.09 -11.11
CA THR B 5 18.88 37.54 -11.14
C THR B 5 19.39 37.95 -9.78
N GLN B 6 20.54 38.60 -9.75
CA GLN B 6 21.19 39.02 -8.51
C GLN B 6 21.19 40.53 -8.44
N SER B 7 20.92 41.08 -7.25
CA SER B 7 20.87 42.52 -7.08
C SER B 7 21.18 42.85 -5.62
N PRO B 8 21.65 44.09 -5.34
CA PRO B 8 22.05 45.15 -6.28
C PRO B 8 23.34 44.77 -6.98
N SER B 9 23.67 45.27 -8.17
CA SER B 9 24.94 44.95 -8.81
C SER B 9 26.08 45.88 -8.43
N SER B 10 25.79 47.01 -7.77
CA SER B 10 26.78 48.05 -7.46
C SER B 10 26.74 48.42 -5.99
N LEU B 11 26.73 47.42 -5.10
CA LEU B 11 26.67 47.70 -3.68
C LEU B 11 27.99 48.30 -3.22
N SER B 12 27.90 49.31 -2.34
CA SER B 12 29.07 49.91 -1.71
C SER B 12 28.75 50.08 -0.23
N ALA B 13 29.78 49.96 0.60
CA ALA B 13 29.60 50.07 2.04
C ALA B 13 30.95 50.33 2.68
N SER B 14 30.91 50.72 3.96
CA SER B 14 32.13 50.94 4.72
C SER B 14 32.64 49.62 5.29
N VAL B 15 33.86 49.64 5.83
CA VAL B 15 34.46 48.43 6.38
C VAL B 15 33.77 47.92 7.63
N GLY B 16 32.86 48.70 8.23
CA GLY B 16 32.13 48.30 9.42
C GLY B 16 30.65 48.09 9.24
N ASP B 17 30.13 48.12 8.02
CA ASP B 17 28.69 48.02 7.78
C ASP B 17 28.20 46.59 7.62
N LYS B 18 26.93 46.41 7.97
CA LYS B 18 26.19 45.18 7.72
C LYS B 18 25.58 45.30 6.34
N VAL B 19 25.76 44.29 5.49
CA VAL B 19 25.22 44.35 4.13
C VAL B 19 24.44 43.08 3.82
N SER B 20 23.55 43.20 2.83
CA SER B 20 22.73 42.09 2.35
C SER B 20 22.68 42.15 0.83
N ILE B 21 23.00 41.02 0.21
CA ILE B 21 23.01 40.82 -1.23
C ILE B 21 21.91 39.82 -1.51
N THR B 22 21.01 40.10 -2.46
CA THR B 22 19.90 39.18 -2.67
C THR B 22 19.87 38.72 -4.12
N CYS B 23 19.11 37.65 -4.34
CA CYS B 23 18.88 37.14 -5.67
C CYS B 23 17.52 36.45 -5.74
N ARG B 24 17.07 36.28 -6.98
CA ARG B 24 15.80 35.70 -7.35
C ARG B 24 15.98 34.64 -8.42
N ALA B 25 15.27 33.53 -8.22
CA ALA B 25 15.23 32.44 -9.19
C ALA B 25 14.00 32.63 -10.06
N SER B 26 14.13 32.34 -11.37
CA SER B 26 12.95 32.40 -12.21
C SER B 26 11.96 31.29 -11.90
N GLN B 27 12.41 30.24 -11.19
CA GLN B 27 11.60 29.10 -10.80
C GLN B 27 11.92 28.83 -9.34
N GLY B 28 11.00 28.23 -8.59
CA GLY B 28 11.34 27.88 -7.23
C GLY B 28 12.38 26.77 -7.24
N ILE B 29 13.36 26.87 -6.34
CA ILE B 29 14.41 25.87 -6.25
C ILE B 29 14.59 25.31 -4.84
N ALA B 30 13.55 25.39 -4.00
CA ALA B 30 13.66 24.94 -2.61
C ALA B 30 14.90 25.58 -1.97
N ASP B 31 15.86 24.79 -1.48
CA ASP B 31 17.07 25.30 -0.88
C ASP B 31 18.31 24.90 -1.69
N ALA B 32 18.14 24.56 -2.97
CA ALA B 32 19.23 24.10 -3.82
C ALA B 32 20.02 25.29 -4.38
N LEU B 33 20.62 26.07 -3.47
CA LEU B 33 21.34 27.27 -3.84
C LEU B 33 22.63 27.44 -3.06
N ALA B 34 23.64 28.00 -3.72
CA ALA B 34 24.94 28.29 -3.14
C ALA B 34 25.38 29.72 -3.44
N TRP B 35 26.21 30.25 -2.53
CA TRP B 35 26.84 31.57 -2.67
C TRP B 35 28.36 31.40 -2.74
N TYR B 36 28.97 32.19 -3.65
CA TYR B 36 30.41 32.19 -3.90
C TYR B 36 31.02 33.59 -3.73
N GLN B 37 32.31 33.63 -3.35
CA GLN B 37 33.12 34.85 -3.22
C GLN B 37 34.32 34.83 -4.17
N GLN B 38 34.40 35.81 -5.08
CA GLN B 38 35.51 35.92 -6.03
C GLN B 38 36.28 37.23 -5.90
N LYS B 39 37.54 37.13 -5.45
CA LYS B 39 38.48 38.25 -5.36
C LYS B 39 39.04 38.51 -6.75
N PRO B 40 39.38 39.76 -7.14
CA PRO B 40 39.86 40.01 -8.51
C PRO B 40 41.13 39.20 -8.80
N GLY B 41 41.15 38.46 -9.91
CA GLY B 41 42.33 37.72 -10.29
C GLY B 41 42.42 36.38 -9.58
N LYS B 42 41.45 36.06 -8.72
CA LYS B 42 41.42 34.85 -7.90
C LYS B 42 40.27 33.91 -8.22
N ALA B 43 40.46 32.68 -7.79
CA ALA B 43 39.45 31.64 -7.89
C ALA B 43 38.25 31.98 -7.01
N PRO B 44 37.01 31.79 -7.49
CA PRO B 44 35.86 31.99 -6.61
C PRO B 44 35.93 31.00 -5.45
N LYS B 45 35.47 31.42 -4.28
CA LYS B 45 35.41 30.54 -3.12
C LYS B 45 33.95 30.27 -2.80
N LEU B 46 33.64 29.02 -2.48
CA LEU B 46 32.30 28.68 -2.06
C LEU B 46 32.11 29.10 -0.61
N LEU B 47 31.07 29.88 -0.36
CA LEU B 47 30.75 30.35 0.97
C LEU B 47 29.63 29.55 1.60
N ILE B 48 28.52 29.43 0.86
CA ILE B 48 27.30 28.82 1.37
C ILE B 48 26.77 27.82 0.37
N TYR B 49 26.26 26.70 0.88
CA TYR B 49 25.60 25.67 0.08
C TYR B 49 24.26 25.40 0.75
N GLY B 50 23.30 24.90 -0.02
CA GLY B 50 22.04 24.54 0.59
C GLY B 50 21.20 25.72 1.03
N ALA B 51 21.57 26.92 0.60
CA ALA B 51 20.98 28.21 0.94
C ALA B 51 21.37 28.65 2.35
N SER B 52 21.09 27.83 3.36
CA SER B 52 21.34 28.21 4.75
C SER B 52 22.60 27.60 5.38
N ASN B 53 23.40 26.80 4.67
CA ASN B 53 24.51 26.09 5.29
C ASN B 53 25.84 26.75 4.96
N LEU B 54 26.68 26.90 5.98
CA LEU B 54 27.99 27.53 5.84
C LEU B 54 29.07 26.47 5.70
N GLU B 55 30.04 26.72 4.82
CA GLU B 55 31.15 25.80 4.60
C GLU B 55 32.22 25.91 5.69
N SER B 56 32.89 24.80 5.94
CA SER B 56 34.01 24.81 6.86
C SER B 56 35.09 25.72 6.27
N GLY B 57 35.72 26.51 7.11
CA GLY B 57 36.75 27.42 6.66
C GLY B 57 36.23 28.80 6.40
N VAL B 58 34.91 28.99 6.47
CA VAL B 58 34.26 30.27 6.25
C VAL B 58 33.75 30.77 7.60
N PRO B 59 34.08 31.99 8.01
CA PRO B 59 33.67 32.48 9.33
C PRO B 59 32.17 32.71 9.44
N SER B 60 31.67 32.68 10.68
CA SER B 60 30.26 32.89 11.01
C SER B 60 29.76 34.27 10.58
N ARG B 61 30.68 35.15 10.16
CA ARG B 61 30.36 36.46 9.62
C ARG B 61 29.41 36.38 8.43
N PHE B 62 29.49 35.32 7.64
CA PHE B 62 28.61 35.12 6.49
C PHE B 62 27.44 34.25 6.91
N SER B 63 26.25 34.59 6.42
CA SER B 63 25.06 33.81 6.70
C SER B 63 24.12 33.87 5.51
N GLY B 64 23.46 32.76 5.21
CA GLY B 64 22.53 32.72 4.10
C GLY B 64 21.11 32.55 4.59
N SER B 65 20.15 32.94 3.77
CA SER B 65 18.75 32.77 4.11
C SER B 65 17.96 32.73 2.83
N GLY B 66 16.77 32.15 2.88
CA GLY B 66 15.88 32.16 1.75
C GLY B 66 15.41 30.76 1.36
N SER B 67 14.37 30.76 0.53
CA SER B 67 13.79 29.52 0.05
C SER B 67 12.94 29.82 -1.18
N GLY B 68 12.67 28.77 -1.93
CA GLY B 68 11.78 28.93 -3.06
C GLY B 68 12.49 29.73 -4.12
N THR B 69 12.00 30.96 -4.32
CA THR B 69 12.57 31.86 -5.29
C THR B 69 13.37 33.00 -4.68
N ASP B 70 13.25 33.26 -3.37
CA ASP B 70 13.82 34.45 -2.76
C ASP B 70 14.98 34.09 -1.84
N PHE B 71 16.20 34.51 -2.22
CA PHE B 71 17.41 34.15 -1.47
C PHE B 71 18.24 35.38 -1.14
N SER B 72 18.99 35.32 -0.04
CA SER B 72 19.88 36.41 0.34
C SER B 72 21.11 35.90 1.08
N LEU B 73 22.15 36.73 1.03
CA LEU B 73 23.42 36.59 1.74
C LEU B 73 23.61 37.80 2.63
N THR B 74 23.79 37.58 3.92
CA THR B 74 23.98 38.65 4.90
C THR B 74 25.39 38.59 5.48
N ILE B 75 26.06 39.73 5.49
CA ILE B 75 27.39 39.88 6.10
C ILE B 75 27.19 40.82 7.28
N SER B 76 27.41 40.30 8.50
CA SER B 76 27.11 41.09 9.69
C SER B 76 28.06 42.26 9.88
N SER B 77 29.29 42.15 9.38
CA SER B 77 30.29 43.22 9.47
C SER B 77 31.18 43.06 8.24
N LEU B 78 31.15 44.03 7.35
CA LEU B 78 31.87 43.94 6.08
C LEU B 78 33.34 44.33 6.16
N GLN B 79 34.17 43.39 6.62
CA GLN B 79 35.59 43.68 6.77
C GLN B 79 36.26 43.81 5.40
N ALA B 80 37.46 44.39 5.42
CA ALA B 80 38.23 44.68 4.21
C ALA B 80 38.41 43.45 3.33
N GLU B 81 38.40 42.25 3.90
CA GLU B 81 38.61 41.04 3.12
C GLU B 81 37.33 40.54 2.46
N ASP B 82 36.20 41.22 2.66
CA ASP B 82 34.91 40.85 2.10
C ASP B 82 34.50 41.70 0.92
N PHE B 83 35.39 42.49 0.35
CA PHE B 83 35.06 43.31 -0.81
C PHE B 83 35.48 42.48 -2.02
N ALA B 84 34.47 41.87 -2.64
CA ALA B 84 34.66 40.86 -3.68
C ALA B 84 33.38 40.78 -4.48
N VAL B 85 33.44 40.07 -5.59
CA VAL B 85 32.23 39.82 -6.37
C VAL B 85 31.57 38.57 -5.80
N TYR B 86 30.30 38.69 -5.41
CA TYR B 86 29.56 37.57 -4.85
C TYR B 86 28.63 37.02 -5.92
N TYR B 87 28.50 35.68 -5.98
CA TYR B 87 27.63 35.05 -6.96
C TYR B 87 26.58 34.15 -6.33
N CYS B 88 25.39 34.20 -6.92
CA CYS B 88 24.23 33.37 -6.62
C CYS B 88 24.15 32.23 -7.63
N GLN B 89 24.13 30.98 -7.17
CA GLN B 89 24.13 29.84 -8.08
C GLN B 89 23.09 28.80 -7.66
N GLN B 90 22.26 28.37 -8.60
CA GLN B 90 21.30 27.30 -8.38
C GLN B 90 21.81 26.00 -8.98
N ARG B 91 21.50 24.88 -8.32
CA ARG B 91 21.77 23.54 -8.83
C ARG B 91 20.52 22.67 -8.77
N ASN B 92 19.34 23.29 -8.87
CA ASN B 92 18.11 22.54 -8.81
C ASN B 92 17.80 21.84 -10.12
N SER B 93 18.21 22.41 -11.24
CA SER B 93 17.96 21.83 -12.55
C SER B 93 19.16 22.10 -13.45
N HIS B 94 19.46 21.13 -14.27
CA HIS B 94 20.60 21.21 -15.15
C HIS B 94 20.25 22.08 -16.37
N PRO B 95 21.20 22.89 -16.89
CA PRO B 95 22.59 23.11 -16.48
C PRO B 95 22.66 23.99 -15.22
N PRO B 96 23.75 23.98 -14.46
CA PRO B 96 23.93 24.96 -13.39
C PRO B 96 23.96 26.38 -13.97
N THR B 97 23.39 27.33 -13.23
CA THR B 97 23.38 28.72 -13.66
C THR B 97 23.80 29.61 -12.51
N PHE B 98 24.40 30.75 -12.88
CA PHE B 98 24.91 31.76 -11.98
C PHE B 98 24.22 33.09 -12.25
N GLY B 99 24.16 33.93 -11.21
CA GLY B 99 23.68 35.29 -11.39
C GLY B 99 24.78 36.14 -11.98
N GLN B 100 24.45 37.41 -12.22
CA GLN B 100 25.46 38.27 -12.85
C GLN B 100 26.54 38.68 -11.87
N GLY B 101 26.29 38.58 -10.56
CA GLY B 101 27.27 38.96 -9.57
C GLY B 101 27.07 40.33 -8.96
N THR B 102 27.38 40.47 -7.68
CA THR B 102 27.31 41.75 -6.97
C THR B 102 28.72 42.11 -6.57
N ARG B 103 29.18 43.27 -7.05
CA ARG B 103 30.52 43.77 -6.77
C ARG B 103 30.43 44.71 -5.59
N VAL B 104 30.95 44.30 -4.43
CA VAL B 104 30.87 45.11 -3.22
C VAL B 104 32.06 46.07 -3.19
N GLU B 105 31.78 47.37 -3.16
CA GLU B 105 32.78 48.43 -3.19
C GLU B 105 32.98 49.10 -1.83
N VAL B 106 34.18 49.66 -1.65
CA VAL B 106 34.54 50.39 -0.43
C VAL B 106 34.17 51.86 -0.64
N LYS B 107 33.40 52.46 0.26
CA LYS B 107 33.15 53.90 0.10
C LYS B 107 34.41 54.62 0.56
N ASN C 38 32.87 -18.77 -23.04
CA ASN C 38 31.41 -18.79 -23.01
C ASN C 38 30.89 -17.69 -22.11
N LEU C 39 29.68 -17.22 -22.39
CA LEU C 39 29.02 -16.20 -21.61
C LEU C 39 27.85 -16.82 -20.85
N TRP C 40 27.57 -16.25 -19.69
CA TRP C 40 26.55 -16.72 -18.76
C TRP C 40 25.57 -15.60 -18.48
N VAL C 41 24.34 -15.98 -18.14
CA VAL C 41 23.33 -14.99 -17.79
C VAL C 41 23.64 -14.42 -16.42
N THR C 42 23.74 -13.09 -16.32
CA THR C 42 23.93 -12.41 -15.05
C THR C 42 22.71 -11.55 -14.81
N VAL C 43 22.14 -11.67 -13.63
CA VAL C 43 20.93 -10.94 -13.25
C VAL C 43 21.33 -9.68 -12.49
N TYR C 44 20.77 -8.55 -12.91
CA TYR C 44 21.00 -7.26 -12.29
C TYR C 44 19.67 -6.73 -11.76
N TYR C 45 19.72 -6.11 -10.58
CA TYR C 45 18.56 -5.47 -9.97
C TYR C 45 18.97 -4.04 -9.63
N GLY C 46 18.17 -3.08 -10.10
CA GLY C 46 18.46 -1.67 -9.92
C GLY C 46 18.88 -1.11 -11.26
N VAL C 47 18.40 -1.73 -12.32
CA VAL C 47 18.77 -1.36 -13.68
C VAL C 47 18.02 -0.09 -14.08
N PRO C 48 18.69 0.96 -14.63
CA PRO C 48 17.97 2.20 -15.02
C PRO C 48 17.22 2.08 -16.34
N VAL C 49 16.20 1.22 -16.34
CA VAL C 49 15.38 0.94 -17.51
C VAL C 49 13.92 1.19 -17.17
N TRP C 50 13.20 1.76 -18.13
CA TRP C 50 11.81 2.12 -17.93
C TRP C 50 11.03 1.97 -19.22
N LYS C 51 9.76 1.63 -19.08
CA LYS C 51 8.83 1.51 -20.18
C LYS C 51 7.68 2.49 -20.00
N ASP C 52 7.06 2.90 -21.10
CA ASP C 52 5.90 3.78 -21.00
C ASP C 52 4.83 3.07 -20.19
N ALA C 53 4.15 3.81 -19.33
CA ALA C 53 3.11 3.21 -18.51
C ALA C 53 2.05 4.25 -18.18
N GLU C 54 0.86 3.74 -17.86
CA GLU C 54 -0.26 4.54 -17.42
C GLU C 54 -0.54 4.11 -15.99
N THR C 55 -0.51 5.07 -15.07
CA THR C 55 -0.75 4.78 -13.66
C THR C 55 -1.38 5.99 -13.02
N THR C 56 -2.10 5.74 -11.94
CA THR C 56 -2.72 6.81 -11.19
C THR C 56 -1.66 7.67 -10.51
N LEU C 57 -1.74 8.98 -10.72
CA LEU C 57 -0.85 9.94 -10.09
C LEU C 57 -1.53 10.58 -8.88
N PHE C 58 -0.73 11.00 -7.91
CA PHE C 58 -1.22 11.67 -6.71
C PHE C 58 -0.75 13.12 -6.74
N CYS C 59 -1.44 13.97 -5.96
CA CYS C 59 -1.15 15.43 -6.05
C CYS C 59 -0.41 15.98 -4.82
N ALA C 60 0.63 16.78 -5.04
CA ALA C 60 1.40 17.47 -4.01
C ALA C 60 0.90 18.90 -4.07
N SER C 61 0.84 19.57 -2.92
CA SER C 61 0.36 20.95 -2.87
C SER C 61 0.91 21.64 -1.63
N ASP C 62 0.71 22.96 -1.55
CA ASP C 62 1.20 23.73 -0.38
C ASP C 62 0.58 25.14 -0.41
N THR C 76 -6.95 21.84 -1.30
CA THR C 76 -7.92 20.81 -0.92
C THR C 76 -7.29 19.78 0.02
N HIS C 77 -8.10 18.79 0.40
CA HIS C 77 -7.65 17.68 1.25
C HIS C 77 -7.46 16.40 0.45
N ALA C 78 -7.83 16.40 -0.83
CA ALA C 78 -7.64 15.26 -1.72
C ALA C 78 -6.22 15.18 -2.24
N CYS C 79 -5.46 16.23 -1.94
CA CYS C 79 -4.06 16.34 -2.41
C CYS C 79 -3.12 16.09 -1.24
N VAL C 80 -1.83 15.92 -1.54
CA VAL C 80 -0.83 15.79 -0.48
C VAL C 80 -0.28 17.17 -0.09
N PRO C 81 -0.25 17.52 1.20
CA PRO C 81 0.37 18.78 1.64
C PRO C 81 1.89 18.66 1.68
N THR C 82 2.54 19.82 1.85
CA THR C 82 3.98 20.07 2.03
C THR C 82 4.79 20.30 0.76
N ASP C 83 4.16 20.35 -0.42
CA ASP C 83 4.79 20.75 -1.69
C ASP C 83 5.73 19.64 -2.16
N PRO C 84 6.03 19.52 -3.46
CA PRO C 84 7.06 18.58 -3.91
C PRO C 84 8.46 19.18 -3.90
N ASN C 85 9.45 18.32 -3.89
CA ASN C 85 10.81 18.80 -4.08
C ASN C 85 11.00 19.25 -5.53
N PRO C 86 11.52 20.45 -5.79
CA PRO C 86 11.75 20.88 -7.18
C PRO C 86 12.85 20.12 -7.88
N GLN C 87 13.73 19.44 -7.13
CA GLN C 87 14.94 18.88 -7.70
C GLN C 87 14.66 17.87 -8.79
N GLU C 88 15.51 17.91 -9.81
CA GLU C 88 15.43 17.06 -10.99
C GLU C 88 16.81 16.48 -11.26
N ILE C 89 16.82 15.25 -11.76
CA ILE C 89 18.03 14.55 -12.13
C ILE C 89 18.15 14.55 -13.65
N HIS C 90 19.24 15.12 -14.17
CA HIS C 90 19.43 15.18 -15.61
C HIS C 90 19.84 13.82 -16.13
N LEU C 91 19.19 13.38 -17.20
CA LEU C 91 19.47 12.09 -17.80
C LEU C 91 20.36 12.32 -19.02
N GLU C 92 21.67 12.36 -18.80
CA GLU C 92 22.61 12.65 -19.86
C GLU C 92 22.56 11.53 -20.90
N ASN C 93 22.57 11.91 -22.17
CA ASN C 93 22.58 11.00 -23.31
C ASN C 93 21.29 10.19 -23.43
N VAL C 94 20.23 10.58 -22.73
CA VAL C 94 18.93 9.93 -22.85
C VAL C 94 18.04 10.75 -23.77
N THR C 95 17.64 10.15 -24.88
CA THR C 95 16.72 10.76 -25.83
C THR C 95 15.42 9.97 -25.66
N GLU C 96 14.33 10.67 -25.35
CA GLU C 96 13.07 10.00 -25.03
C GLU C 96 11.98 10.52 -25.92
N GLU C 97 11.18 9.61 -26.47
CA GLU C 97 10.09 10.02 -27.36
C GLU C 97 8.88 10.42 -26.53
N PHE C 98 8.36 11.61 -26.79
CA PHE C 98 7.21 12.19 -26.13
C PHE C 98 6.07 12.36 -27.12
N ASN C 99 4.83 12.37 -26.60
CA ASN C 99 3.66 12.66 -27.44
C ASN C 99 2.63 13.34 -26.55
N MET C 100 2.51 14.67 -26.67
CA MET C 100 1.61 15.42 -25.79
C MET C 100 0.14 15.11 -26.05
N TRP C 101 -0.19 14.52 -27.22
CA TRP C 101 -1.57 14.22 -27.58
C TRP C 101 -2.01 12.83 -27.12
N LYS C 102 -1.08 12.04 -26.59
CA LYS C 102 -1.34 10.69 -26.10
C LYS C 102 -0.93 10.61 -24.63
N ASN C 103 -0.78 11.77 -23.98
CA ASN C 103 -0.30 11.85 -22.61
C ASN C 103 -1.45 11.58 -21.66
N ASN C 104 -1.41 10.41 -21.02
CA ASN C 104 -2.46 9.98 -20.10
C ASN C 104 -2.59 10.93 -18.91
N MET C 105 -1.54 11.73 -18.65
CA MET C 105 -1.57 12.64 -17.51
C MET C 105 -2.65 13.69 -17.72
N VAL C 106 -3.00 13.97 -18.98
CA VAL C 106 -4.01 14.97 -19.29
C VAL C 106 -5.37 14.41 -18.93
N GLU C 107 -5.63 13.15 -19.28
CA GLU C 107 -6.92 12.56 -18.94
C GLU C 107 -7.08 12.44 -17.44
N GLN C 108 -6.01 12.12 -16.70
CA GLN C 108 -6.19 12.08 -15.24
C GLN C 108 -6.38 13.48 -14.67
N MET C 109 -5.63 14.47 -15.14
CA MET C 109 -5.83 15.81 -14.60
C MET C 109 -7.24 16.30 -14.88
N HIS C 110 -7.79 15.99 -16.06
CA HIS C 110 -9.14 16.42 -16.38
C HIS C 110 -10.14 15.73 -15.47
N THR C 111 -9.98 14.41 -15.30
CA THR C 111 -10.89 13.64 -14.45
C THR C 111 -10.82 14.13 -13.00
N ASP C 112 -9.62 14.44 -12.52
CA ASP C 112 -9.45 14.87 -11.14
C ASP C 112 -10.00 16.27 -10.93
N ILE C 113 -9.85 17.16 -11.92
CA ILE C 113 -10.40 18.51 -11.76
C ILE C 113 -11.92 18.43 -11.71
N ILE C 114 -12.52 17.60 -12.57
CA ILE C 114 -13.98 17.45 -12.53
C ILE C 114 -14.40 16.86 -11.20
N SER C 115 -13.69 15.85 -10.70
CA SER C 115 -14.05 15.24 -9.44
C SER C 115 -13.94 16.23 -8.29
N LEU C 116 -12.90 17.07 -8.29
CA LEU C 116 -12.75 18.06 -7.23
C LEU C 116 -13.87 19.08 -7.29
N TRP C 117 -14.27 19.45 -8.51
CA TRP C 117 -15.41 20.35 -8.69
C TRP C 117 -16.67 19.74 -8.07
N ASP C 118 -16.97 18.50 -8.45
CA ASP C 118 -18.18 17.84 -7.95
C ASP C 118 -18.13 17.68 -6.44
N GLN C 119 -16.95 17.44 -5.88
CA GLN C 119 -16.86 17.27 -4.44
C GLN C 119 -16.80 18.60 -3.72
N SER C 120 -16.71 19.70 -4.47
CA SER C 120 -16.72 21.03 -3.89
C SER C 120 -18.12 21.61 -3.87
N LEU C 121 -18.97 21.20 -4.82
CA LEU C 121 -20.34 21.70 -4.87
C LEU C 121 -21.33 20.81 -4.13
N LYS C 122 -21.04 19.51 -4.01
CA LYS C 122 -21.92 18.55 -3.33
C LYS C 122 -22.51 19.02 -2.00
N PRO C 123 -21.75 19.56 -1.05
CA PRO C 123 -22.35 19.99 0.22
C PRO C 123 -22.97 21.38 0.19
N CYS C 124 -23.06 22.02 -0.97
CA CYS C 124 -23.55 23.39 -1.07
C CYS C 124 -25.06 23.37 -1.36
N VAL C 125 -25.69 24.52 -1.13
CA VAL C 125 -27.14 24.63 -1.28
C VAL C 125 -27.58 24.37 -2.72
N LYS C 126 -28.57 23.48 -2.87
CA LYS C 126 -29.14 23.13 -4.16
C LYS C 126 -30.36 24.01 -4.44
N LEU C 127 -30.36 24.69 -5.58
CA LEU C 127 -31.41 25.66 -5.90
C LEU C 127 -32.58 25.01 -6.64
N THR C 128 -33.26 24.09 -5.94
CA THR C 128 -34.41 23.40 -6.51
C THR C 128 -35.74 24.15 -6.31
N PRO C 129 -35.95 24.91 -5.23
CA PRO C 129 -37.24 25.61 -5.09
C PRO C 129 -37.32 26.91 -5.87
N LEU C 130 -36.30 27.23 -6.67
CA LEU C 130 -36.24 28.44 -7.48
C LEU C 130 -36.76 28.27 -8.89
N CYS C 131 -37.10 27.06 -9.31
CA CYS C 131 -37.61 26.86 -10.68
C CYS C 131 -39.11 27.11 -10.64
N VAL C 132 -39.43 28.41 -10.51
CA VAL C 132 -40.78 28.92 -10.37
C VAL C 132 -40.94 30.04 -11.40
N THR C 133 -42.20 30.43 -11.64
CA THR C 133 -42.44 31.54 -12.56
C THR C 133 -41.87 32.81 -11.95
N LEU C 134 -41.10 33.54 -12.74
CA LEU C 134 -40.55 34.83 -12.35
C LEU C 134 -41.33 35.92 -13.06
N GLN C 135 -41.57 37.03 -12.36
CA GLN C 135 -42.23 38.20 -12.94
C GLN C 135 -41.15 39.26 -13.09
N CYS C 136 -40.59 39.35 -14.29
CA CYS C 136 -39.39 40.12 -14.55
C CYS C 136 -39.72 41.37 -15.34
N THR C 137 -39.18 42.50 -14.91
CA THR C 137 -39.29 43.75 -15.65
C THR C 137 -37.89 44.24 -15.90
N ASN C 138 -37.73 45.18 -16.83
CA ASN C 138 -36.38 45.64 -17.11
C ASN C 138 -35.88 46.55 -16.01
N VAL C 139 -34.59 46.48 -15.76
CA VAL C 139 -33.94 47.43 -14.87
C VAL C 139 -33.64 48.65 -15.73
N THR C 140 -34.17 49.80 -15.33
CA THR C 140 -34.02 51.05 -16.06
C THR C 140 -33.23 52.09 -15.27
N ASN C 141 -32.62 51.70 -14.16
CA ASN C 141 -31.93 52.62 -13.28
C ASN C 141 -30.47 52.79 -13.71
N ASN C 142 -30.15 53.97 -14.25
CA ASN C 142 -28.80 54.30 -14.70
C ASN C 142 -28.22 53.29 -15.68
N ILE C 143 -28.98 52.94 -16.71
CA ILE C 143 -28.58 51.96 -17.70
C ILE C 143 -27.95 52.64 -18.91
N THR C 144 -26.75 52.21 -19.27
CA THR C 144 -26.05 52.66 -20.46
C THR C 144 -26.64 51.95 -21.69
N ASP C 145 -26.24 52.41 -22.88
CA ASP C 145 -26.84 51.87 -24.10
C ASP C 145 -26.63 50.37 -24.22
N ASP C 146 -25.40 49.94 -23.95
CA ASP C 146 -25.05 48.50 -24.02
C ASP C 146 -25.95 47.64 -23.13
N MET C 147 -26.30 48.13 -21.93
CA MET C 147 -26.87 47.21 -20.91
C MET C 147 -28.41 47.16 -20.96
N ARG C 148 -29.05 47.88 -21.87
CA ARG C 148 -30.52 47.83 -21.88
C ARG C 148 -30.96 46.40 -22.20
N GLY C 149 -31.74 45.81 -21.30
CA GLY C 149 -32.25 44.47 -21.44
C GLY C 149 -31.35 43.37 -20.91
N GLU C 150 -30.14 43.71 -20.46
CA GLU C 150 -29.21 42.68 -19.96
C GLU C 150 -29.54 42.24 -18.53
N LEU C 151 -30.13 43.11 -17.72
CA LEU C 151 -30.49 42.80 -16.35
C LEU C 151 -31.98 43.01 -16.19
N LYS C 152 -32.63 42.07 -15.53
CA LYS C 152 -34.05 42.17 -15.23
C LYS C 152 -34.29 41.99 -13.74
N ASN C 153 -35.26 42.75 -13.24
CA ASN C 153 -35.70 42.74 -11.85
C ASN C 153 -36.87 41.77 -11.75
N CYS C 154 -36.60 40.57 -11.21
CA CYS C 154 -37.54 39.47 -11.20
C CYS C 154 -38.10 39.25 -9.81
N SER C 155 -39.43 39.24 -9.70
CA SER C 155 -40.13 38.97 -8.45
C SER C 155 -40.66 37.55 -8.48
N PHE C 156 -40.65 36.90 -7.32
CA PHE C 156 -41.16 35.54 -7.21
C PHE C 156 -41.57 35.25 -5.77
N ASN C 157 -42.39 34.20 -5.62
CA ASN C 157 -42.85 33.73 -4.32
C ASN C 157 -41.98 32.58 -3.87
N MET C 158 -41.16 32.81 -2.86
CA MET C 158 -40.20 31.83 -2.37
C MET C 158 -40.69 31.30 -1.02
N THR C 159 -40.42 30.03 -0.78
CA THR C 159 -40.76 29.45 0.51
C THR C 159 -39.81 29.99 1.57
N THR C 160 -40.36 30.38 2.71
CA THR C 160 -39.60 30.92 3.82
C THR C 160 -39.16 29.76 4.72
N GLU C 161 -38.50 30.08 5.83
CA GLU C 161 -38.02 29.02 6.71
C GLU C 161 -39.16 28.14 7.23
N LEU C 162 -40.33 28.71 7.45
CA LEU C 162 -41.47 27.91 7.88
C LEU C 162 -42.00 27.17 6.68
N ARG C 163 -42.17 25.86 6.82
CA ARG C 163 -42.53 25.05 5.68
C ARG C 163 -43.97 25.28 5.23
N ASP C 164 -44.80 25.90 6.08
CA ASP C 164 -46.18 26.20 5.75
C ASP C 164 -46.42 27.64 5.32
N LYS C 165 -45.37 28.44 5.12
CA LYS C 165 -45.49 29.85 4.77
C LYS C 165 -44.66 30.20 3.54
N ARG C 166 -45.13 31.20 2.80
CA ARG C 166 -44.47 31.71 1.61
C ARG C 166 -44.22 33.20 1.80
N GLN C 167 -43.21 33.73 1.11
CA GLN C 167 -42.90 35.15 1.13
C GLN C 167 -42.60 35.61 -0.28
N LYS C 168 -42.91 36.88 -0.58
CA LYS C 168 -42.56 37.46 -1.87
C LYS C 168 -41.19 38.12 -1.79
N VAL C 169 -40.29 37.71 -2.67
CA VAL C 169 -38.92 38.21 -2.74
C VAL C 169 -38.65 38.59 -4.19
N HIS C 170 -37.57 39.35 -4.40
CA HIS C 170 -37.12 39.68 -5.74
C HIS C 170 -35.62 39.66 -5.80
N ALA C 171 -35.12 39.49 -7.03
CA ALA C 171 -33.70 39.41 -7.32
C ALA C 171 -33.45 39.96 -8.71
N LEU C 172 -32.22 40.38 -8.98
CA LEU C 172 -31.84 40.77 -10.32
C LEU C 172 -31.16 39.59 -10.97
N PHE C 173 -31.47 39.36 -12.24
CA PHE C 173 -30.85 38.31 -13.02
C PHE C 173 -30.33 38.84 -14.34
N TYR C 174 -29.29 38.21 -14.86
CA TYR C 174 -28.78 38.55 -16.16
C TYR C 174 -29.69 37.92 -17.19
N LYS C 175 -29.85 38.58 -18.34
CA LYS C 175 -30.69 38.03 -19.40
C LYS C 175 -30.30 36.59 -19.76
N LEU C 176 -29.01 36.30 -19.76
CA LEU C 176 -28.56 34.96 -20.15
C LEU C 176 -28.98 33.88 -19.17
N ASP C 177 -29.36 34.24 -17.94
CA ASP C 177 -29.74 33.27 -16.93
C ASP C 177 -31.22 32.96 -16.85
N ILE C 178 -32.07 33.66 -17.60
CA ILE C 178 -33.52 33.46 -17.57
C ILE C 178 -34.05 33.31 -18.99
N VAL C 179 -35.09 32.50 -19.14
CA VAL C 179 -35.75 32.31 -20.44
C VAL C 179 -37.27 32.51 -20.32
N PRO C 180 -37.94 32.96 -21.39
CA PRO C 180 -39.40 33.14 -21.34
C PRO C 180 -40.21 31.85 -21.30
N ILE C 181 -41.40 31.97 -20.70
CA ILE C 181 -42.38 30.88 -20.65
C ILE C 181 -43.31 30.90 -21.86
N ASN C 182 -43.68 32.08 -22.37
CA ASN C 182 -44.62 32.17 -23.48
C ASN C 182 -44.12 33.19 -24.50
N ASN C 186 -45.76 38.72 -21.33
CA ASN C 186 -46.46 38.36 -20.11
C ASN C 186 -45.60 38.57 -18.86
N THR C 187 -44.32 38.88 -19.02
CA THR C 187 -43.33 39.07 -17.96
C THR C 187 -42.95 37.75 -17.28
N SER C 188 -43.52 36.62 -17.70
CA SER C 188 -43.26 35.34 -17.06
C SER C 188 -41.97 34.74 -17.60
N TYR C 189 -41.00 34.55 -16.70
CA TYR C 189 -39.68 34.01 -16.99
C TYR C 189 -39.36 32.91 -15.97
N ARG C 190 -38.42 32.06 -16.34
CA ARG C 190 -37.87 31.05 -15.45
C ARG C 190 -36.36 31.02 -15.58
N LEU C 191 -35.70 30.48 -14.56
CA LEU C 191 -34.26 30.35 -14.64
C LEU C 191 -33.94 29.39 -15.78
N ILE C 192 -32.90 29.71 -16.56
CA ILE C 192 -32.57 28.90 -17.72
C ILE C 192 -32.22 27.47 -17.29
N ASN C 193 -32.81 26.51 -17.99
CA ASN C 193 -32.59 25.08 -17.74
C ASN C 193 -32.79 24.69 -16.28
N CYS C 194 -33.80 25.26 -15.62
CA CYS C 194 -34.05 24.90 -14.24
C CYS C 194 -34.92 23.65 -14.12
N ASN C 195 -35.57 23.22 -15.20
CA ASN C 195 -36.42 22.04 -15.20
C ASN C 195 -35.76 20.86 -15.89
N THR C 196 -34.60 21.07 -16.52
CA THR C 196 -33.88 20.06 -17.28
C THR C 196 -32.54 19.73 -16.63
N ALA C 197 -32.16 20.43 -15.56
CA ALA C 197 -30.88 20.24 -14.91
C ALA C 197 -31.01 20.60 -13.45
N ALA C 198 -30.14 20.01 -12.63
CA ALA C 198 -30.05 20.30 -11.22
C ALA C 198 -29.05 21.43 -11.01
N ILE C 199 -29.55 22.59 -10.59
CA ILE C 199 -28.72 23.77 -10.38
C ILE C 199 -28.30 23.79 -8.92
N THR C 200 -27.00 23.75 -8.68
CA THR C 200 -26.45 23.75 -7.32
C THR C 200 -25.75 25.08 -7.09
N GLN C 201 -26.05 25.74 -5.99
CA GLN C 201 -25.42 27.01 -5.69
C GLN C 201 -24.01 26.76 -5.16
N ALA C 202 -23.02 27.47 -5.68
CA ALA C 202 -21.69 27.36 -5.12
C ALA C 202 -21.66 28.03 -3.75
N CYS C 203 -20.89 27.46 -2.83
CA CYS C 203 -20.75 28.08 -1.52
C CYS C 203 -19.95 29.37 -1.63
N PRO C 204 -20.47 30.53 -1.18
CA PRO C 204 -19.70 31.78 -1.33
C PRO C 204 -18.35 31.77 -0.65
N LYS C 205 -18.12 30.89 0.31
CA LYS C 205 -16.85 30.85 1.02
C LYS C 205 -15.81 30.00 0.31
N VAL C 206 -16.18 29.32 -0.79
CA VAL C 206 -15.25 28.48 -1.53
C VAL C 206 -14.82 29.30 -2.74
N SER C 207 -13.52 29.52 -2.86
CA SER C 207 -12.98 30.33 -3.94
C SER C 207 -12.74 29.48 -5.18
N PHE C 208 -12.88 30.11 -6.34
CA PHE C 208 -12.62 29.48 -7.61
C PHE C 208 -11.24 29.85 -8.15
N GLU C 209 -10.44 30.54 -7.36
CA GLU C 209 -9.10 30.91 -7.79
C GLU C 209 -8.25 29.66 -8.00
N PRO C 210 -7.65 29.45 -9.18
CA PRO C 210 -6.84 28.25 -9.36
C PRO C 210 -5.57 28.30 -8.53
N ILE C 211 -5.27 27.16 -7.92
CA ILE C 211 -4.09 26.98 -7.07
C ILE C 211 -3.24 25.92 -7.74
N PRO C 212 -1.92 26.12 -7.90
CA PRO C 212 -1.11 25.12 -8.59
C PRO C 212 -1.14 23.76 -7.91
N ILE C 213 -1.33 22.73 -8.73
CA ILE C 213 -1.38 21.35 -8.29
C ILE C 213 -0.20 20.65 -8.92
N HIS C 214 0.58 19.93 -8.13
CA HIS C 214 1.73 19.19 -8.64
C HIS C 214 1.37 17.72 -8.77
N TYR C 215 1.57 17.13 -9.95
CA TYR C 215 1.28 15.71 -10.12
C TYR C 215 2.53 14.90 -9.91
N CYS C 216 2.42 13.87 -9.06
CA CYS C 216 3.52 13.07 -8.57
C CYS C 216 3.29 11.60 -8.88
N ALA C 217 4.37 10.92 -9.26
CA ALA C 217 4.36 9.50 -9.57
C ALA C 217 4.31 8.65 -8.31
N PRO C 218 3.60 7.51 -8.34
CA PRO C 218 3.74 6.53 -7.26
C PRO C 218 5.15 5.96 -7.27
N ALA C 219 5.61 5.48 -6.11
CA ALA C 219 6.93 4.89 -6.06
C ALA C 219 6.97 3.72 -7.03
N GLY C 220 8.08 3.59 -7.73
CA GLY C 220 8.27 2.58 -8.75
C GLY C 220 8.07 3.15 -10.14
N PHE C 221 7.53 4.37 -10.23
CA PHE C 221 7.28 5.13 -11.44
C PHE C 221 8.08 6.42 -11.36
N ALA C 222 8.27 7.07 -12.50
CA ALA C 222 8.98 8.34 -12.55
C ALA C 222 8.34 9.21 -13.61
N ILE C 223 8.46 10.54 -13.46
CA ILE C 223 7.96 11.47 -14.45
C ILE C 223 9.17 12.01 -15.19
N LEU C 224 9.18 11.86 -16.51
CA LEU C 224 10.27 12.36 -17.32
C LEU C 224 9.80 13.69 -17.89
N LYS C 225 10.68 14.69 -17.84
CA LYS C 225 10.41 16.02 -18.34
C LYS C 225 11.29 16.28 -19.54
N CYS C 226 10.68 16.88 -20.57
CA CYS C 226 11.39 17.27 -21.78
C CYS C 226 11.88 18.71 -21.62
N LYS C 227 13.19 18.89 -21.67
CA LYS C 227 13.83 20.18 -21.49
C LYS C 227 14.19 20.85 -22.80
N ASP C 228 13.83 20.27 -23.94
CA ASP C 228 14.17 20.82 -25.23
C ASP C 228 13.26 22.01 -25.50
N LYS C 229 13.87 23.19 -25.58
CA LYS C 229 13.15 24.45 -25.74
C LYS C 229 12.36 24.51 -27.04
N LYS C 230 12.72 23.66 -28.00
CA LYS C 230 12.02 23.65 -29.30
C LYS C 230 11.06 22.45 -29.35
N PHE C 231 10.88 21.75 -28.23
CA PHE C 231 10.03 20.56 -28.32
C PHE C 231 8.63 20.98 -28.77
N ASN C 232 8.16 20.34 -29.84
CA ASN C 232 6.89 20.68 -30.46
C ASN C 232 5.73 19.76 -30.10
N GLY C 233 5.88 18.95 -29.06
CA GLY C 233 4.81 18.09 -28.59
C GLY C 233 4.90 16.63 -28.98
N THR C 234 5.65 16.30 -30.03
CA THR C 234 5.81 14.90 -30.45
C THR C 234 7.27 14.65 -30.80
N GLY C 235 7.66 13.38 -30.71
CA GLY C 235 8.95 12.96 -31.19
C GLY C 235 10.04 12.92 -30.14
N PRO C 236 11.25 12.61 -30.58
CA PRO C 236 12.38 12.47 -29.64
C PRO C 236 12.73 13.79 -28.99
N CYS C 237 13.05 13.72 -27.71
CA CYS C 237 13.49 14.87 -26.92
C CYS C 237 14.91 14.54 -26.48
N PRO C 238 15.94 15.24 -26.99
CA PRO C 238 17.33 14.89 -26.64
C PRO C 238 17.78 15.34 -25.26
N SER C 239 16.99 16.13 -24.54
CA SER C 239 17.39 16.67 -23.24
C SER C 239 16.22 16.39 -22.31
N VAL C 240 16.40 15.36 -21.48
CA VAL C 240 15.35 14.82 -20.63
C VAL C 240 15.88 14.74 -19.20
N SER C 241 15.00 15.00 -18.24
CA SER C 241 15.36 14.84 -16.83
C SER C 241 14.23 14.09 -16.14
N THR C 242 14.55 13.44 -15.02
CA THR C 242 13.56 12.70 -14.25
C THR C 242 13.21 13.50 -13.00
N VAL C 243 11.90 13.64 -12.76
CA VAL C 243 11.36 14.34 -11.60
C VAL C 243 10.38 13.42 -10.90
N GLN C 244 10.14 13.73 -9.63
CA GLN C 244 9.13 13.05 -8.85
C GLN C 244 7.77 13.68 -9.06
N CYS C 245 7.73 14.99 -9.26
CA CYS C 245 6.50 15.76 -9.40
C CYS C 245 6.64 16.78 -10.51
N THR C 246 5.50 17.12 -11.12
CA THR C 246 5.47 18.18 -12.12
C THR C 246 5.56 19.54 -11.43
N HIS C 247 5.72 20.59 -12.24
CA HIS C 247 5.73 21.93 -11.70
C HIS C 247 4.33 22.28 -11.26
N GLY C 248 4.16 23.46 -10.66
CA GLY C 248 2.84 23.81 -10.19
C GLY C 248 2.02 24.27 -11.37
N ILE C 249 1.00 23.48 -11.69
CA ILE C 249 0.12 23.72 -12.83
C ILE C 249 -1.17 24.29 -12.27
N LYS C 250 -1.51 25.47 -12.73
CA LYS C 250 -2.70 26.13 -12.25
C LYS C 250 -3.92 25.57 -12.97
N PRO C 251 -4.97 25.14 -12.26
CA PRO C 251 -6.15 24.62 -12.99
C PRO C 251 -7.01 25.74 -13.54
N VAL C 252 -6.46 26.46 -14.50
CA VAL C 252 -7.16 27.60 -15.09
C VAL C 252 -8.15 27.06 -16.11
N VAL C 253 -9.38 27.55 -16.03
CA VAL C 253 -10.45 27.17 -16.93
C VAL C 253 -10.71 28.36 -17.84
N SER C 254 -10.51 28.17 -19.13
CA SER C 254 -10.74 29.24 -20.09
C SER C 254 -10.90 28.63 -21.48
N THR C 255 -11.44 29.44 -22.39
CA THR C 255 -11.51 29.08 -23.79
C THR C 255 -10.86 30.19 -24.62
N GLN C 256 -10.46 29.82 -25.84
CA GLN C 256 -9.86 30.71 -26.83
C GLN C 256 -8.48 31.22 -26.44
N LEU C 257 -8.38 31.86 -25.27
CA LEU C 257 -7.13 32.37 -24.73
C LEU C 257 -6.69 31.54 -23.53
N LEU C 258 -5.41 31.18 -23.50
CA LEU C 258 -4.84 30.45 -22.38
C LEU C 258 -4.31 31.48 -21.41
N LEU C 259 -4.80 31.47 -20.17
CA LEU C 259 -4.42 32.45 -19.17
C LEU C 259 -3.55 31.83 -18.08
N ASN C 260 -2.65 32.65 -17.55
CA ASN C 260 -1.81 32.32 -16.40
C ASN C 260 -1.08 30.99 -16.60
N GLY C 261 -0.61 30.73 -17.82
CA GLY C 261 0.13 29.53 -18.14
C GLY C 261 1.62 29.75 -18.22
N SER C 262 2.31 28.76 -18.80
CA SER C 262 3.74 28.81 -19.00
C SER C 262 4.05 29.47 -20.35
N LEU C 263 5.14 30.21 -20.39
CA LEU C 263 5.62 30.85 -21.61
C LEU C 263 6.70 30.02 -22.30
N ALA C 264 6.80 30.20 -23.62
CA ALA C 264 7.84 29.52 -24.40
C ALA C 264 9.20 30.06 -23.98
N GLU C 265 10.18 29.16 -23.88
CA GLU C 265 11.51 29.58 -23.47
C GLU C 265 12.19 30.50 -24.48
N GLU C 266 11.99 30.27 -25.78
CA GLU C 266 12.68 31.06 -26.80
C GLU C 266 11.74 31.82 -27.74
N GLU C 267 10.85 31.10 -28.40
CA GLU C 267 10.00 31.68 -29.44
C GLU C 267 8.63 31.01 -29.38
N VAL C 268 7.65 31.66 -29.99
CA VAL C 268 6.28 31.16 -29.99
C VAL C 268 6.23 29.77 -30.60
N MET C 269 5.56 28.85 -29.92
CA MET C 269 5.41 27.47 -30.37
C MET C 269 4.02 27.20 -30.93
N ILE C 270 3.98 26.56 -32.10
CA ILE C 270 2.75 26.15 -32.75
C ILE C 270 2.72 24.63 -32.63
N ARG C 271 1.78 24.08 -31.86
CA ARG C 271 1.70 22.65 -31.61
C ARG C 271 0.34 22.13 -32.05
N SER C 272 0.34 21.08 -32.86
CA SER C 272 -0.92 20.49 -33.30
C SER C 272 -0.72 19.01 -33.48
N LYS C 273 -1.81 18.25 -33.26
CA LYS C 273 -1.74 16.80 -33.39
C LYS C 273 -1.36 16.43 -34.81
N ASP C 274 -1.98 17.13 -35.77
CA ASP C 274 -1.70 16.96 -37.19
C ASP C 274 -1.99 18.34 -37.76
N ILE C 275 -0.93 19.10 -38.07
CA ILE C 275 -1.13 20.46 -38.54
C ILE C 275 -1.85 20.47 -39.88
N ARG C 276 -1.80 19.36 -40.61
CA ARG C 276 -2.41 19.28 -41.92
C ARG C 276 -3.85 18.80 -41.84
N ASN C 277 -4.34 18.48 -40.64
CA ASN C 277 -5.70 18.01 -40.41
C ASN C 277 -6.51 19.22 -39.98
N ASN C 278 -7.42 19.67 -40.84
CA ASN C 278 -8.15 20.90 -40.60
C ASN C 278 -8.98 20.85 -39.33
N ALA C 279 -9.38 19.65 -38.90
CA ALA C 279 -10.27 19.46 -37.76
C ALA C 279 -9.59 19.44 -36.41
N LYS C 280 -8.27 19.57 -36.34
CA LYS C 280 -7.55 19.52 -35.07
C LYS C 280 -7.27 20.92 -34.57
N ASN C 281 -7.13 21.04 -33.25
CA ASN C 281 -6.79 22.32 -32.65
C ASN C 281 -5.29 22.57 -32.70
N ILE C 282 -4.95 23.85 -32.77
CA ILE C 282 -3.58 24.33 -32.72
C ILE C 282 -3.40 25.05 -31.40
N LEU C 283 -2.42 24.64 -30.62
CA LEU C 283 -2.10 25.28 -29.36
C LEU C 283 -0.91 26.19 -29.63
N VAL C 284 -1.08 27.48 -29.37
CA VAL C 284 -0.04 28.48 -29.60
C VAL C 284 0.46 28.88 -28.22
N GLN C 285 1.75 28.68 -27.98
CA GLN C 285 2.36 29.02 -26.71
C GLN C 285 3.21 30.26 -26.92
N PHE C 286 2.89 31.33 -26.19
CA PHE C 286 3.59 32.60 -26.35
C PHE C 286 4.92 32.56 -25.61
N ASN C 287 5.88 33.35 -26.09
CA ASN C 287 7.14 33.52 -25.40
C ASN C 287 7.17 34.80 -24.58
N THR C 288 6.10 35.60 -24.62
CA THR C 288 5.93 36.81 -23.84
C THR C 288 4.47 36.82 -23.39
N PRO C 289 4.15 37.32 -22.20
CA PRO C 289 2.74 37.41 -21.84
C PRO C 289 2.11 38.63 -22.49
N VAL C 290 0.79 38.57 -22.69
CA VAL C 290 0.02 39.75 -23.07
C VAL C 290 -0.92 40.02 -21.90
N GLN C 291 -0.84 41.21 -21.31
CA GLN C 291 -1.65 41.49 -20.15
C GLN C 291 -3.07 41.90 -20.56
N ILE C 292 -4.06 41.28 -19.94
CA ILE C 292 -5.47 41.58 -20.17
C ILE C 292 -6.11 42.01 -18.85
N ASN C 293 -6.71 43.20 -18.84
CA ASN C 293 -7.35 43.78 -17.66
C ASN C 293 -8.86 43.66 -17.80
N CYS C 294 -9.48 42.79 -17.02
CA CYS C 294 -10.91 42.51 -17.10
C CYS C 294 -11.58 43.09 -15.88
N THR C 295 -12.77 43.67 -16.09
CA THR C 295 -13.51 44.27 -15.00
C THR C 295 -15.02 44.10 -15.14
N ARG C 296 -15.65 44.15 -13.97
CA ARG C 296 -17.10 44.14 -13.74
C ARG C 296 -17.33 45.44 -13.00
N PRO C 297 -17.53 46.55 -13.73
CA PRO C 297 -17.53 47.88 -13.09
C PRO C 297 -18.68 48.12 -12.14
N ASN C 298 -19.75 47.34 -12.22
CA ASN C 298 -20.90 47.57 -11.36
C ASN C 298 -20.59 47.25 -9.91
N ASN C 299 -21.08 48.10 -9.01
CA ASN C 299 -21.01 47.88 -7.58
C ASN C 299 -22.27 47.14 -7.14
N ASN C 300 -22.16 45.82 -7.02
CA ASN C 300 -23.29 44.95 -6.71
C ASN C 300 -23.37 44.69 -5.21
N THR C 301 -24.57 44.40 -4.76
CA THR C 301 -24.84 43.96 -3.40
C THR C 301 -25.32 42.52 -3.45
N ARG C 302 -25.21 41.84 -2.31
CA ARG C 302 -25.66 40.45 -2.19
C ARG C 302 -26.86 40.43 -1.26
N LYS C 303 -27.95 39.87 -1.75
CA LYS C 303 -29.22 39.75 -1.03
C LYS C 303 -29.39 38.30 -0.59
N SER C 304 -29.31 38.06 0.71
CA SER C 304 -29.39 36.70 1.24
C SER C 304 -30.86 36.34 1.47
N ILE C 305 -31.37 35.35 0.74
CA ILE C 305 -32.75 34.90 0.86
C ILE C 305 -32.71 33.52 1.50
N ARG C 306 -33.32 33.35 2.67
CA ARG C 306 -33.27 32.05 3.32
C ARG C 306 -34.28 31.17 2.61
N ILE C 307 -33.86 29.96 2.21
CA ILE C 307 -34.77 29.04 1.54
C ILE C 307 -34.97 27.76 2.32
N GLY C 308 -34.08 27.43 3.25
CA GLY C 308 -34.21 26.21 4.02
C GLY C 308 -33.63 26.31 5.42
N PRO C 309 -33.52 25.18 6.15
CA PRO C 309 -33.02 25.18 7.54
C PRO C 309 -31.53 25.50 7.56
N GLY C 310 -31.20 26.78 7.39
CA GLY C 310 -29.83 27.25 7.35
C GLY C 310 -29.20 27.30 5.98
N GLN C 311 -30.00 27.18 4.92
CA GLN C 311 -29.56 27.20 3.53
C GLN C 311 -30.02 28.52 2.91
N TRP C 312 -29.05 29.32 2.44
CA TRP C 312 -29.35 30.62 1.86
C TRP C 312 -29.11 30.60 0.36
N PHE C 313 -29.96 31.32 -0.36
CA PHE C 313 -29.79 31.63 -1.77
C PHE C 313 -29.20 33.03 -1.80
N TYR C 314 -28.12 33.22 -2.53
CA TYR C 314 -27.48 34.52 -2.60
C TYR C 314 -27.80 35.13 -3.95
N ALA C 315 -28.67 36.13 -3.92
CA ALA C 315 -29.22 36.81 -5.07
C ALA C 315 -28.50 38.13 -5.29
N THR C 316 -28.51 38.61 -6.52
CA THR C 316 -28.03 39.97 -6.71
C THR C 316 -29.09 40.86 -6.08
N GLY C 317 -28.67 41.76 -5.22
CA GLY C 317 -29.62 42.62 -4.52
C GLY C 317 -29.98 43.80 -5.39
N ASP C 318 -29.05 44.75 -5.46
CA ASP C 318 -29.21 45.92 -6.29
C ASP C 318 -27.81 46.33 -6.68
N ILE C 319 -27.72 47.39 -7.49
CA ILE C 319 -26.45 47.92 -7.96
C ILE C 319 -26.38 49.37 -7.51
N ILE C 320 -25.27 49.73 -6.89
CA ILE C 320 -25.07 51.07 -6.36
C ILE C 320 -24.37 51.88 -7.44
N GLY C 321 -24.99 52.99 -7.84
CA GLY C 321 -24.43 53.81 -8.89
C GLY C 321 -24.78 53.32 -10.27
N ASP C 322 -23.96 53.72 -11.24
CA ASP C 322 -24.23 53.45 -12.64
C ASP C 322 -24.09 51.96 -12.95
N ILE C 323 -24.86 51.52 -13.95
CA ILE C 323 -24.80 50.16 -14.49
C ILE C 323 -24.11 50.22 -15.85
N ARG C 324 -22.96 49.55 -15.95
CA ARG C 324 -22.09 49.57 -17.11
C ARG C 324 -21.71 48.13 -17.45
N GLN C 325 -21.41 47.88 -18.72
CA GLN C 325 -21.06 46.53 -19.13
C GLN C 325 -19.67 46.15 -18.67
N ALA C 326 -19.51 44.85 -18.40
CA ALA C 326 -18.19 44.31 -18.08
C ALA C 326 -17.35 44.31 -19.34
N HIS C 327 -16.04 44.47 -19.18
CA HIS C 327 -15.18 44.48 -20.36
C HIS C 327 -13.74 44.14 -20.00
N CYS C 328 -12.97 43.79 -21.03
CA CYS C 328 -11.54 43.53 -20.89
C CYS C 328 -10.73 44.38 -21.86
N ASN C 329 -9.59 44.89 -21.40
CA ASN C 329 -8.68 45.68 -22.23
C ASN C 329 -7.38 44.92 -22.44
N VAL C 330 -6.85 44.98 -23.66
CA VAL C 330 -5.49 44.54 -23.94
C VAL C 330 -4.77 45.65 -24.67
N SER C 331 -3.46 45.78 -24.45
CA SER C 331 -2.71 46.76 -25.20
C SER C 331 -2.78 46.41 -26.68
N LYS C 332 -3.11 47.39 -27.51
CA LYS C 332 -3.25 47.12 -28.94
C LYS C 332 -1.89 46.81 -29.56
N ALA C 333 -0.85 47.54 -29.16
CA ALA C 333 0.48 47.32 -29.72
C ALA C 333 1.03 45.97 -29.32
N THR C 334 0.83 45.58 -28.06
CA THR C 334 1.37 44.31 -27.60
C THR C 334 0.68 43.17 -28.31
N TRP C 335 -0.66 43.24 -28.42
CA TRP C 335 -1.41 42.20 -29.11
C TRP C 335 -0.99 42.10 -30.57
N ASN C 336 -0.81 43.24 -31.25
CA ASN C 336 -0.40 43.20 -32.65
C ASN C 336 1.00 42.60 -32.80
N GLU C 337 1.90 42.90 -31.86
CA GLU C 337 3.24 42.29 -31.91
C GLU C 337 3.16 40.78 -31.67
N THR C 338 2.30 40.38 -30.75
CA THR C 338 2.13 38.96 -30.44
C THR C 338 1.58 38.22 -31.65
N LEU C 339 0.59 38.80 -32.33
CA LEU C 339 0.08 38.13 -33.52
C LEU C 339 1.13 38.12 -34.62
N GLY C 340 1.97 39.16 -34.71
CA GLY C 340 3.02 39.12 -35.72
C GLY C 340 3.93 37.93 -35.48
N LYS C 341 4.22 37.64 -34.20
CA LYS C 341 5.04 36.47 -33.88
C LYS C 341 4.33 35.17 -34.23
N VAL C 342 3.02 35.12 -33.96
CA VAL C 342 2.23 33.92 -34.27
C VAL C 342 2.23 33.68 -35.77
N VAL C 343 2.06 34.75 -36.55
CA VAL C 343 2.04 34.63 -38.01
C VAL C 343 3.39 34.14 -38.49
N LYS C 344 4.48 34.69 -37.93
CA LYS C 344 5.82 34.26 -38.31
C LYS C 344 5.96 32.76 -38.14
N GLN C 345 5.41 32.23 -37.04
CA GLN C 345 5.53 30.79 -36.80
C GLN C 345 4.56 29.98 -37.67
N LEU C 346 3.35 30.49 -37.93
CA LEU C 346 2.40 29.77 -38.76
C LEU C 346 2.90 29.63 -40.19
N ARG C 347 3.58 30.66 -40.70
CA ARG C 347 4.10 30.57 -42.06
C ARG C 347 5.15 29.46 -42.21
N LYS C 348 5.72 28.98 -41.11
CA LYS C 348 6.68 27.88 -41.22
C LYS C 348 6.00 26.59 -41.64
N HIS C 349 4.68 26.50 -41.45
CA HIS C 349 3.90 25.31 -41.80
C HIS C 349 3.04 25.54 -43.03
N PHE C 350 2.59 26.78 -43.25
CA PHE C 350 1.67 27.08 -44.34
C PHE C 350 2.29 27.83 -45.52
N GLY C 351 3.55 28.23 -45.44
CA GLY C 351 4.26 28.89 -46.52
C GLY C 351 4.60 30.34 -46.25
N ASN C 352 5.80 30.75 -46.70
CA ASN C 352 6.28 32.11 -46.47
C ASN C 352 5.44 33.14 -47.21
N ASN C 353 4.84 32.77 -48.33
CA ASN C 353 4.03 33.68 -49.14
C ASN C 353 2.53 33.55 -48.88
N THR C 354 2.14 32.78 -47.87
CA THR C 354 0.75 32.55 -47.55
C THR C 354 0.24 33.68 -46.66
N ILE C 355 -0.94 34.19 -46.99
CA ILE C 355 -1.56 35.26 -46.20
C ILE C 355 -2.20 34.61 -44.99
N ILE C 356 -1.90 35.12 -43.80
CA ILE C 356 -2.46 34.58 -42.57
C ILE C 356 -3.54 35.54 -42.08
N ARG C 357 -4.78 35.06 -42.04
CA ARG C 357 -5.91 35.87 -41.62
C ARG C 357 -6.41 35.38 -40.27
N PHE C 358 -6.73 36.32 -39.37
CA PHE C 358 -7.36 36.02 -38.11
C PHE C 358 -8.79 36.52 -38.20
N ALA C 359 -9.72 35.71 -37.71
CA ALA C 359 -11.14 35.96 -37.73
C ALA C 359 -11.73 35.45 -36.43
N ASN C 360 -12.96 35.86 -36.12
CA ASN C 360 -13.59 35.43 -34.90
C ASN C 360 -14.21 34.04 -35.05
N SER C 361 -14.68 33.50 -33.93
CA SER C 361 -15.27 32.16 -33.92
C SER C 361 -16.49 32.08 -34.82
N SER C 362 -16.59 30.97 -35.56
CA SER C 362 -17.69 30.78 -36.50
C SER C 362 -19.02 30.49 -35.82
N GLY C 363 -19.02 30.12 -34.56
CA GLY C 363 -20.25 29.79 -33.86
C GLY C 363 -19.99 28.71 -32.82
N GLY C 364 -21.08 28.23 -32.24
CA GLY C 364 -21.02 27.22 -31.20
C GLY C 364 -21.54 27.74 -29.89
N ASP C 365 -21.27 26.97 -28.84
CA ASP C 365 -21.74 27.33 -27.51
C ASP C 365 -21.13 28.66 -27.09
N LEU C 366 -21.84 29.38 -26.23
CA LEU C 366 -21.33 30.66 -25.75
C LEU C 366 -19.95 30.50 -25.13
N GLU C 367 -19.73 29.36 -24.45
CA GLU C 367 -18.44 29.13 -23.82
C GLU C 367 -17.28 29.14 -24.79
N VAL C 368 -17.53 28.88 -26.09
CA VAL C 368 -16.47 28.84 -27.09
C VAL C 368 -16.55 29.96 -28.12
N THR C 369 -17.68 30.66 -28.24
CA THR C 369 -17.75 31.77 -29.17
C THR C 369 -17.15 33.02 -28.55
N THR C 370 -17.14 33.07 -27.22
CA THR C 370 -16.55 34.11 -26.41
C THR C 370 -15.38 33.53 -25.63
N HIS C 371 -14.61 34.42 -25.03
CA HIS C 371 -13.51 34.06 -24.14
C HIS C 371 -14.14 33.86 -22.76
N SER C 372 -14.22 32.60 -22.33
CA SER C 372 -14.84 32.26 -21.06
C SER C 372 -13.76 32.25 -19.99
N PHE C 373 -14.04 32.89 -18.86
CA PHE C 373 -13.12 32.81 -17.73
C PHE C 373 -13.81 33.23 -16.46
N ASN C 374 -13.26 32.80 -15.33
CA ASN C 374 -13.70 33.22 -14.01
C ASN C 374 -12.81 34.34 -13.47
N CYS C 375 -13.38 35.53 -13.34
CA CYS C 375 -12.69 36.73 -12.88
C CYS C 375 -13.26 37.15 -11.52
N GLY C 376 -12.56 36.80 -10.45
CA GLY C 376 -13.00 37.19 -9.13
C GLY C 376 -14.26 36.54 -8.65
N GLY C 377 -14.60 35.37 -9.18
CA GLY C 377 -15.82 34.69 -8.84
C GLY C 377 -16.95 34.89 -9.83
N GLU C 378 -16.82 35.84 -10.77
CA GLU C 378 -17.85 36.05 -11.78
C GLU C 378 -17.40 35.37 -13.06
N PHE C 379 -18.36 34.87 -13.84
CA PHE C 379 -18.05 34.19 -15.08
C PHE C 379 -18.29 35.10 -16.28
N PHE C 380 -17.18 35.50 -16.89
CA PHE C 380 -17.11 36.42 -18.02
C PHE C 380 -17.10 35.65 -19.32
N TYR C 381 -17.80 36.20 -20.31
CA TYR C 381 -17.90 35.70 -21.68
C TYR C 381 -17.58 36.86 -22.62
N CYS C 382 -16.30 37.06 -22.91
CA CYS C 382 -15.83 38.26 -23.59
C CYS C 382 -15.80 38.08 -25.10
N ASP C 383 -16.26 39.10 -25.82
CA ASP C 383 -16.31 39.06 -27.27
C ASP C 383 -14.93 39.42 -27.83
N THR C 384 -14.26 38.42 -28.39
CA THR C 384 -12.90 38.53 -28.89
C THR C 384 -12.87 38.86 -30.38
N SER C 385 -14.00 39.23 -30.97
CA SER C 385 -14.01 39.60 -32.38
C SER C 385 -13.13 40.81 -32.65
N GLY C 386 -12.84 41.61 -31.63
CA GLY C 386 -11.95 42.74 -31.76
C GLY C 386 -10.49 42.36 -31.66
N LEU C 387 -10.19 41.11 -31.28
CA LEU C 387 -8.83 40.63 -31.12
C LEU C 387 -8.36 39.83 -32.32
N PHE C 388 -9.27 39.08 -32.93
CA PHE C 388 -8.98 38.21 -34.06
C PHE C 388 -9.65 38.78 -35.30
N ASN C 389 -9.13 39.92 -35.76
CA ASN C 389 -9.71 40.64 -36.89
C ASN C 389 -8.57 41.30 -37.67
N SER C 390 -7.85 40.48 -38.44
CA SER C 390 -6.72 41.03 -39.17
C SER C 390 -6.34 40.14 -40.34
N THR C 391 -5.70 40.75 -41.34
CA THR C 391 -5.14 40.00 -42.46
C THR C 391 -3.67 40.38 -42.53
N TRP C 392 -2.80 39.37 -42.47
CA TRP C 392 -1.35 39.53 -42.48
C TRP C 392 -0.83 39.14 -43.86
N ILE C 393 -0.33 40.14 -44.57
CA ILE C 393 0.16 40.02 -45.94
C ILE C 393 1.64 39.67 -45.87
N SER C 394 2.07 38.78 -46.75
CA SER C 394 3.47 38.35 -46.74
C SER C 394 4.37 39.47 -47.26
N ASN C 407 0.11 53.16 -25.31
CA ASN C 407 -0.36 53.26 -26.68
C ASN C 407 -1.89 53.13 -26.58
N ASP C 408 -2.59 52.57 -27.57
CA ASP C 408 -4.02 52.41 -27.52
C ASP C 408 -4.36 51.04 -26.92
N SER C 409 -5.66 50.76 -26.78
CA SER C 409 -6.13 49.50 -26.21
C SER C 409 -7.26 48.95 -27.05
N ILE C 410 -7.43 47.63 -26.99
CA ILE C 410 -8.55 46.93 -27.59
C ILE C 410 -9.46 46.54 -26.44
N THR C 411 -10.71 47.01 -26.49
CA THR C 411 -11.71 46.73 -25.46
C THR C 411 -12.66 45.66 -25.98
N LEU C 412 -12.83 44.61 -25.19
CA LEU C 412 -13.67 43.47 -25.49
C LEU C 412 -14.92 43.51 -24.61
N PRO C 413 -16.13 43.66 -25.16
CA PRO C 413 -17.33 43.58 -24.31
C PRO C 413 -17.43 42.19 -23.70
N CYS C 414 -17.92 42.11 -22.46
CA CYS C 414 -18.06 40.83 -21.78
C CYS C 414 -19.46 40.70 -21.19
N ARG C 415 -20.03 39.52 -21.37
CA ARG C 415 -21.30 39.16 -20.80
C ARG C 415 -20.96 38.43 -19.50
N ILE C 416 -21.87 38.46 -18.53
CA ILE C 416 -21.65 37.72 -17.28
C ILE C 416 -22.83 36.79 -17.05
N LYS C 417 -22.53 35.57 -16.62
CA LYS C 417 -23.57 34.59 -16.28
C LYS C 417 -23.39 34.11 -14.85
N GLN C 418 -24.51 33.79 -14.21
CA GLN C 418 -24.49 33.13 -12.91
C GLN C 418 -24.77 31.64 -12.98
N ILE C 419 -25.48 31.15 -14.00
CA ILE C 419 -25.78 29.73 -14.12
C ILE C 419 -24.81 29.17 -15.14
N ILE C 420 -23.88 28.35 -14.66
CA ILE C 420 -22.75 27.86 -15.43
C ILE C 420 -22.90 26.36 -15.63
N ASN C 421 -22.83 25.90 -16.88
CA ASN C 421 -22.84 24.47 -17.16
C ASN C 421 -21.41 24.09 -17.57
N MET C 422 -20.58 23.86 -16.57
CA MET C 422 -19.17 23.60 -16.79
C MET C 422 -18.98 22.14 -17.16
N TRP C 423 -18.13 21.86 -18.14
CA TRP C 423 -17.83 20.52 -18.67
C TRP C 423 -18.96 19.98 -19.53
N GLN C 424 -19.98 20.78 -19.82
CA GLN C 424 -21.09 20.45 -20.72
C GLN C 424 -21.72 19.09 -20.38
N ARG C 425 -22.08 18.91 -19.12
CA ARG C 425 -22.70 17.66 -18.67
C ARG C 425 -24.21 17.78 -18.70
N ILE C 426 -24.88 16.65 -18.88
CA ILE C 426 -26.33 16.59 -18.96
C ILE C 426 -26.92 16.45 -17.55
N GLY C 427 -27.82 17.37 -17.21
CA GLY C 427 -28.52 17.32 -15.95
C GLY C 427 -27.85 18.01 -14.78
N GLN C 428 -26.75 18.72 -15.00
CA GLN C 428 -26.03 19.39 -13.92
C GLN C 428 -25.74 20.83 -14.31
N ALA C 429 -25.83 21.73 -13.33
CA ALA C 429 -25.47 23.12 -13.53
C ALA C 429 -25.09 23.70 -12.19
N MET C 430 -24.31 24.77 -12.21
CA MET C 430 -23.89 25.46 -11.00
C MET C 430 -24.34 26.91 -11.11
N TYR C 431 -24.76 27.46 -9.97
CA TYR C 431 -25.15 28.85 -9.84
C TYR C 431 -24.03 29.56 -9.10
N ALA C 432 -23.47 30.59 -9.71
CA ALA C 432 -22.39 31.34 -9.11
C ALA C 432 -22.98 32.47 -8.27
N PRO C 433 -22.76 32.51 -6.95
CA PRO C 433 -23.30 33.61 -6.17
C PRO C 433 -22.74 34.93 -6.65
N PRO C 434 -23.47 36.03 -6.49
CA PRO C 434 -22.91 37.33 -6.88
C PRO C 434 -21.78 37.71 -5.95
N ILE C 435 -20.83 38.45 -6.51
CA ILE C 435 -19.70 38.99 -5.78
C ILE C 435 -19.98 40.46 -5.54
N GLN C 436 -19.88 40.87 -4.29
CA GLN C 436 -20.20 42.22 -3.90
C GLN C 436 -19.08 43.16 -4.33
N GLY C 437 -19.44 44.42 -4.61
CA GLY C 437 -18.45 45.40 -5.00
C GLY C 437 -18.17 45.37 -6.49
N VAL C 438 -16.97 45.86 -6.83
CA VAL C 438 -16.52 46.02 -8.21
C VAL C 438 -15.35 45.07 -8.42
N ILE C 439 -15.36 44.33 -9.53
CA ILE C 439 -14.32 43.34 -9.81
C ILE C 439 -13.34 43.81 -10.85
N ARG C 440 -12.04 43.58 -10.61
CA ARG C 440 -10.98 43.96 -11.58
C ARG C 440 -9.81 42.99 -11.46
N CYS C 441 -9.56 42.16 -12.47
CA CYS C 441 -8.52 41.15 -12.44
C CYS C 441 -7.63 41.40 -13.64
N VAL C 442 -6.35 41.09 -13.47
CA VAL C 442 -5.37 41.20 -14.53
C VAL C 442 -4.81 39.81 -14.75
N SER C 443 -4.86 39.34 -15.99
CA SER C 443 -4.36 38.03 -16.35
C SER C 443 -3.30 38.17 -17.43
N ASN C 444 -2.47 37.16 -17.54
CA ASN C 444 -1.48 37.07 -18.61
C ASN C 444 -1.96 36.07 -19.63
N ILE C 445 -2.03 36.48 -20.88
CA ILE C 445 -2.37 35.60 -21.98
C ILE C 445 -1.04 34.98 -22.37
N THR C 446 -0.97 33.65 -22.26
CA THR C 446 0.24 32.89 -22.50
C THR C 446 0.09 31.97 -23.70
N GLY C 447 -1.02 32.07 -24.42
CA GLY C 447 -1.24 31.21 -25.56
C GLY C 447 -2.66 31.30 -26.07
N LEU C 448 -2.87 30.63 -27.19
CA LEU C 448 -4.13 30.61 -27.92
C LEU C 448 -4.51 29.18 -28.27
N ILE C 449 -5.81 28.95 -28.43
CA ILE C 449 -6.31 27.74 -29.07
C ILE C 449 -6.94 28.22 -30.37
N LEU C 450 -6.37 27.80 -31.49
CA LEU C 450 -6.82 28.22 -32.81
C LEU C 450 -7.22 27.01 -33.65
N THR C 451 -8.14 27.23 -34.57
CA THR C 451 -8.48 26.25 -35.59
C THR C 451 -8.37 26.93 -36.95
N ARG C 452 -8.18 26.14 -37.99
CA ARG C 452 -8.06 26.65 -39.34
C ARG C 452 -9.36 26.36 -40.11
N ASP C 453 -9.75 27.29 -40.97
CA ASP C 453 -10.96 27.10 -41.77
C ASP C 453 -10.77 26.07 -42.87
N GLY C 454 -9.60 26.02 -43.48
CA GLY C 454 -9.38 25.10 -44.58
C GLY C 454 -9.94 25.60 -45.89
N GLY C 455 -10.15 24.65 -46.80
CA GLY C 455 -10.61 24.91 -48.16
C GLY C 455 -11.78 25.87 -48.28
N SER C 459 -7.32 29.41 -51.68
CA SER C 459 -5.89 29.14 -51.89
C SER C 459 -5.05 30.37 -51.58
N THR C 460 -3.85 30.13 -51.05
CA THR C 460 -2.85 31.14 -50.71
C THR C 460 -3.18 31.94 -49.45
N THR C 461 -4.42 31.83 -48.93
CA THR C 461 -4.82 32.49 -47.69
C THR C 461 -5.37 31.46 -46.73
N GLU C 462 -4.90 31.50 -45.49
CA GLU C 462 -5.39 30.64 -44.42
C GLU C 462 -6.07 31.51 -43.38
N THR C 463 -7.18 31.04 -42.85
CA THR C 463 -7.94 31.76 -41.83
C THR C 463 -7.92 30.98 -40.53
N PHE C 464 -7.54 31.65 -39.44
CA PHE C 464 -7.46 31.05 -38.12
C PHE C 464 -8.50 31.70 -37.23
N ARG C 465 -9.21 30.89 -36.45
CA ARG C 465 -10.25 31.37 -35.55
C ARG C 465 -10.04 30.81 -34.15
N PRO C 466 -10.56 31.50 -33.12
CA PRO C 466 -10.45 30.97 -31.76
C PRO C 466 -11.32 29.74 -31.57
N SER C 467 -10.81 28.80 -30.79
CA SER C 467 -11.52 27.56 -30.49
C SER C 467 -11.35 27.28 -29.01
N GLY C 468 -11.69 26.06 -28.61
CA GLY C 468 -11.61 25.63 -27.22
C GLY C 468 -12.90 25.01 -26.79
N GLY C 469 -13.06 24.95 -25.47
CA GLY C 469 -14.22 24.38 -24.82
C GLY C 469 -13.93 23.04 -24.21
N ASP C 470 -12.93 22.35 -24.73
CA ASP C 470 -12.44 21.09 -24.18
C ASP C 470 -11.27 21.46 -23.29
N MET C 471 -11.44 21.39 -21.98
CA MET C 471 -10.40 21.85 -21.09
C MET C 471 -9.14 21.00 -21.17
N ARG C 472 -9.22 19.80 -21.74
CA ARG C 472 -8.02 18.97 -21.85
C ARG C 472 -6.96 19.70 -22.64
N ASP C 473 -7.39 20.51 -23.61
CA ASP C 473 -6.44 21.26 -24.43
C ASP C 473 -5.78 22.35 -23.62
N ASN C 474 -6.37 22.73 -22.49
CA ASN C 474 -5.75 23.71 -21.64
C ASN C 474 -4.73 23.00 -20.77
N TRP C 475 -5.15 21.91 -20.12
CA TRP C 475 -4.19 21.16 -19.30
C TRP C 475 -3.05 20.67 -20.18
N ARG C 476 -3.40 20.16 -21.36
CA ARG C 476 -2.42 19.67 -22.31
C ARG C 476 -1.37 20.72 -22.64
N SER C 477 -1.68 22.01 -22.48
CA SER C 477 -0.74 23.06 -22.84
C SER C 477 0.34 23.24 -21.78
N GLU C 478 0.15 22.63 -20.61
CA GLU C 478 1.09 22.62 -19.51
C GLU C 478 1.73 21.25 -19.38
N LEU C 479 0.91 20.21 -19.51
CA LEU C 479 1.37 18.83 -19.44
C LEU C 479 1.77 18.31 -20.82
N TYR C 480 2.68 19.05 -21.47
CA TYR C 480 3.17 18.65 -22.78
C TYR C 480 4.60 18.15 -22.71
N LYS C 481 5.34 18.56 -21.69
CA LYS C 481 6.73 18.24 -21.53
C LYS C 481 6.94 17.06 -20.59
N TYR C 482 5.87 16.47 -20.06
CA TYR C 482 5.95 15.38 -19.10
C TYR C 482 5.34 14.10 -19.64
N LYS C 483 5.94 12.99 -19.21
CA LYS C 483 5.38 11.66 -19.45
C LYS C 483 5.65 10.83 -18.20
N VAL C 484 4.81 9.83 -17.96
CA VAL C 484 4.97 8.92 -16.83
C VAL C 484 5.54 7.62 -17.37
N VAL C 485 6.58 7.12 -16.72
CA VAL C 485 7.18 5.84 -17.08
C VAL C 485 7.23 4.96 -15.85
N LYS C 486 7.31 3.66 -16.11
CA LYS C 486 7.41 2.62 -15.11
C LYS C 486 8.85 2.15 -15.10
N ILE C 487 9.41 2.00 -13.91
CA ILE C 487 10.79 1.60 -13.74
C ILE C 487 10.83 0.07 -13.74
N GLU C 488 11.78 -0.49 -14.49
CA GLU C 488 11.93 -1.94 -14.66
C GLU C 488 13.29 -2.29 -14.06
N PRO C 489 13.35 -2.47 -12.74
CA PRO C 489 14.66 -2.62 -12.07
C PRO C 489 15.40 -3.91 -12.37
N LEU C 490 14.73 -4.93 -12.91
CA LEU C 490 15.39 -6.19 -13.23
C LEU C 490 15.84 -6.24 -14.66
N GLY C 491 16.97 -6.89 -14.89
CA GLY C 491 17.44 -7.13 -16.24
C GLY C 491 18.48 -8.22 -16.21
N VAL C 492 18.75 -8.76 -17.39
CA VAL C 492 19.70 -9.85 -17.56
C VAL C 492 20.66 -9.47 -18.67
N ALA C 493 21.91 -9.87 -18.53
CA ALA C 493 22.88 -9.59 -19.57
C ALA C 493 24.01 -10.62 -19.52
N PRO C 494 24.65 -10.91 -20.65
CA PRO C 494 25.77 -11.85 -20.62
C PRO C 494 27.03 -11.29 -19.98
N THR C 495 27.65 -12.08 -19.13
CA THR C 495 28.95 -11.77 -18.55
C THR C 495 29.71 -13.07 -18.53
N ARG C 496 30.98 -13.04 -18.17
CA ARG C 496 31.73 -14.28 -18.05
C ARG C 496 31.69 -14.84 -16.63
N CYS C 497 30.92 -14.24 -15.73
CA CYS C 497 30.86 -14.67 -14.34
C CYS C 497 29.94 -15.88 -14.25
N LYS C 498 30.43 -16.95 -13.62
CA LYS C 498 29.69 -18.19 -13.46
C LYS C 498 29.49 -18.45 -11.97
N ARG C 499 28.29 -18.92 -11.61
CA ARG C 499 28.01 -19.24 -10.22
C ARG C 499 28.84 -20.44 -9.79
N ARG C 500 29.38 -20.37 -8.57
CA ARG C 500 30.21 -21.44 -8.03
C ARG C 500 31.38 -21.80 -8.95
N ALA D 6 19.80 13.24 -0.31
CA ALA D 6 18.43 12.78 -0.52
C ALA D 6 18.41 11.43 -1.22
N VAL D 7 17.41 10.61 -0.89
CA VAL D 7 17.28 9.30 -1.51
C VAL D 7 17.03 9.43 -3.01
N PHE D 8 16.34 10.50 -3.43
CA PHE D 8 16.07 10.71 -4.85
C PHE D 8 17.31 11.11 -5.63
N LEU D 9 18.33 11.64 -4.98
CA LEU D 9 19.48 12.17 -5.69
C LEU D 9 20.18 11.08 -6.49
N GLY D 10 20.41 11.36 -7.77
CA GLY D 10 21.08 10.45 -8.67
C GLY D 10 20.18 9.41 -9.30
N PHE D 11 18.88 9.46 -9.05
CA PHE D 11 17.96 8.46 -9.57
C PHE D 11 17.90 8.49 -11.09
N LEU D 12 18.25 7.36 -11.70
CA LEU D 12 18.32 7.18 -13.15
C LEU D 12 19.39 8.03 -13.81
N GLY D 13 20.33 8.58 -13.06
CA GLY D 13 21.37 9.39 -13.66
C GLY D 13 22.20 8.63 -14.67
N ALA D 14 22.37 7.34 -14.45
CA ALA D 14 23.15 6.45 -15.31
C ALA D 14 22.33 5.86 -16.45
N ALA D 15 21.06 6.28 -16.61
CA ALA D 15 20.21 5.71 -17.66
C ALA D 15 20.83 5.84 -19.04
N GLY D 16 21.55 6.92 -19.30
CA GLY D 16 22.18 7.11 -20.59
C GLY D 16 23.63 6.65 -20.63
N SER D 17 24.11 6.07 -19.53
CA SER D 17 25.49 5.62 -19.41
C SER D 17 25.58 4.21 -19.97
N THR D 18 26.80 3.72 -20.16
CA THR D 18 26.94 2.39 -20.70
C THR D 18 26.53 1.38 -19.64
N MET D 19 26.26 0.15 -20.08
CA MET D 19 25.81 -0.87 -19.15
C MET D 19 26.83 -1.12 -18.05
N GLY D 20 28.12 -1.08 -18.38
CA GLY D 20 29.12 -1.25 -17.34
C GLY D 20 29.08 -0.14 -16.33
N ALA D 21 29.15 1.12 -16.79
CA ALA D 21 29.12 2.25 -15.87
C ALA D 21 27.81 2.31 -15.10
N ALA D 22 26.71 1.93 -15.75
CA ALA D 22 25.43 2.01 -15.07
C ALA D 22 25.26 0.90 -14.07
N SER D 23 26.14 -0.10 -14.08
CA SER D 23 26.05 -1.20 -13.16
C SER D 23 26.66 -0.82 -11.83
N MET D 24 27.29 0.36 -11.75
CA MET D 24 27.87 0.85 -10.51
C MET D 24 26.89 1.70 -9.72
N THR D 25 25.64 1.84 -10.19
CA THR D 25 24.62 2.65 -9.55
C THR D 25 23.38 1.84 -9.20
N LEU D 26 23.55 0.54 -8.95
CA LEU D 26 22.37 -0.31 -8.79
C LEU D 26 21.60 0.02 -7.52
N THR D 27 22.27 0.59 -6.52
CA THR D 27 21.57 0.94 -5.28
C THR D 27 20.83 2.26 -5.41
N VAL D 28 21.19 3.08 -6.39
CA VAL D 28 20.56 4.37 -6.55
C VAL D 28 19.17 4.20 -7.14
N GLN D 29 19.00 3.28 -8.09
CA GLN D 29 17.71 3.01 -8.69
C GLN D 29 16.92 1.97 -7.91
N ALA D 30 17.50 1.37 -6.87
CA ALA D 30 16.81 0.37 -6.07
C ALA D 30 16.14 1.00 -4.86
N ARG D 31 16.81 1.98 -4.25
CA ARG D 31 16.36 2.63 -3.02
C ARG D 31 15.17 3.54 -3.26
N ASN D 32 14.83 3.84 -4.51
CA ASN D 32 13.71 4.70 -4.88
C ASN D 32 12.54 3.93 -5.48
N LEU D 33 12.54 2.60 -5.37
CA LEU D 33 11.48 1.79 -5.96
C LEU D 33 10.30 1.57 -5.04
N LEU D 34 10.52 1.64 -3.72
CA LEU D 34 9.49 1.33 -2.75
C LEU D 34 8.82 2.56 -2.18
N SER D 35 9.54 3.68 -2.06
CA SER D 35 9.00 4.89 -1.48
C SER D 35 9.80 6.11 -1.92
N THR D 58 -12.93 7.56 1.19
CA THR D 58 -13.22 8.22 -0.10
C THR D 58 -12.44 7.54 -1.22
N VAL D 59 -12.87 7.71 -2.47
CA VAL D 59 -12.10 7.14 -3.61
C VAL D 59 -10.74 7.84 -3.62
N TRP D 60 -10.73 9.14 -3.34
CA TRP D 60 -9.43 9.86 -3.23
C TRP D 60 -8.52 9.03 -2.32
N GLY D 61 -9.04 8.57 -1.18
CA GLY D 61 -8.23 7.77 -0.28
C GLY D 61 -7.91 6.40 -0.85
N ILE D 62 -8.88 5.83 -1.54
CA ILE D 62 -8.74 4.51 -2.16
C ILE D 62 -7.69 4.58 -3.25
N LYS D 63 -7.68 5.66 -4.02
CA LYS D 63 -6.68 5.81 -5.09
C LYS D 63 -5.27 5.84 -4.49
N GLN D 64 -5.08 6.53 -3.36
CA GLN D 64 -3.77 6.55 -2.71
C GLN D 64 -3.40 5.17 -2.17
N LEU D 65 -4.37 4.47 -1.58
CA LEU D 65 -4.05 3.14 -1.06
C LEU D 65 -3.71 2.19 -2.20
N GLN D 66 -4.39 2.30 -3.34
CA GLN D 66 -4.04 1.43 -4.46
C GLN D 66 -2.64 1.73 -4.94
N ALA D 67 -2.25 3.01 -5.02
CA ALA D 67 -0.90 3.32 -5.46
C ALA D 67 0.16 2.78 -4.49
N ARG D 68 -0.12 2.86 -3.19
CA ARG D 68 0.85 2.37 -2.21
C ARG D 68 0.94 0.86 -2.22
N VAL D 69 -0.21 0.19 -2.36
CA VAL D 69 -0.24 -1.26 -2.41
C VAL D 69 0.45 -1.72 -3.69
N LEU D 70 0.22 -1.04 -4.81
CA LEU D 70 0.86 -1.44 -6.06
C LEU D 70 2.38 -1.33 -5.95
N ALA D 71 2.88 -0.25 -5.35
CA ALA D 71 4.33 -0.13 -5.21
C ALA D 71 4.87 -1.32 -4.42
N VAL D 72 4.12 -1.71 -3.38
CA VAL D 72 4.50 -2.86 -2.56
C VAL D 72 4.44 -4.16 -3.37
N GLU D 73 3.36 -4.36 -4.13
CA GLU D 73 3.23 -5.59 -4.90
C GLU D 73 4.32 -5.71 -5.95
N ARG D 74 4.69 -4.62 -6.62
CA ARG D 74 5.71 -4.72 -7.65
C ARG D 74 7.06 -5.02 -7.02
N TYR D 75 7.36 -4.39 -5.88
CA TYR D 75 8.60 -4.67 -5.19
C TYR D 75 8.68 -6.15 -4.82
N LEU D 76 7.62 -6.67 -4.22
CA LEU D 76 7.64 -8.07 -3.79
C LEU D 76 7.68 -9.03 -4.97
N ARG D 77 7.05 -8.71 -6.09
CA ARG D 77 7.15 -9.63 -7.23
C ARG D 77 8.58 -9.71 -7.76
N ASP D 78 9.28 -8.56 -7.78
CA ASP D 78 10.66 -8.61 -8.24
C ASP D 78 11.54 -9.34 -7.24
N GLN D 79 11.28 -9.17 -5.94
CA GLN D 79 12.08 -9.87 -4.95
C GLN D 79 11.79 -11.37 -4.99
N GLN D 80 10.55 -11.75 -5.27
CA GLN D 80 10.21 -13.16 -5.38
C GLN D 80 10.94 -13.77 -6.56
N LEU D 81 11.01 -13.05 -7.68
CA LEU D 81 11.74 -13.58 -8.83
C LEU D 81 13.20 -13.77 -8.47
N LEU D 82 13.78 -12.82 -7.72
CA LEU D 82 15.17 -12.98 -7.32
C LEU D 82 15.34 -14.20 -6.42
N GLY D 83 14.36 -14.44 -5.54
CA GLY D 83 14.43 -15.63 -4.68
C GLY D 83 14.39 -16.92 -5.48
N ILE D 84 13.46 -17.01 -6.43
CA ILE D 84 13.28 -18.21 -7.24
C ILE D 84 14.54 -18.52 -8.03
N TRP D 85 15.24 -17.49 -8.49
CA TRP D 85 16.47 -17.65 -9.26
C TRP D 85 17.70 -17.87 -8.38
N GLY D 86 17.56 -17.82 -7.06
CA GLY D 86 18.69 -17.96 -6.17
C GLY D 86 19.51 -16.69 -6.04
N CYS D 87 18.92 -15.54 -6.32
CA CYS D 87 19.59 -14.25 -6.32
C CYS D 87 19.08 -13.33 -5.21
N SER D 88 18.41 -13.89 -4.19
CA SER D 88 17.84 -13.07 -3.13
C SER D 88 18.91 -12.28 -2.41
N GLY D 89 18.66 -10.99 -2.22
CA GLY D 89 19.55 -10.11 -1.51
C GLY D 89 20.71 -9.59 -2.33
N LYS D 90 20.78 -9.91 -3.62
CA LYS D 90 21.88 -9.52 -4.49
C LYS D 90 21.44 -8.49 -5.52
N LEU D 91 22.32 -7.55 -5.81
CA LEU D 91 22.12 -6.58 -6.88
C LEU D 91 22.72 -7.08 -8.19
N ILE D 92 23.81 -7.83 -8.09
CA ILE D 92 24.47 -8.48 -9.22
C ILE D 92 24.54 -9.94 -8.82
N CYS D 93 23.97 -10.81 -9.65
CA CYS D 93 23.90 -12.23 -9.37
C CYS D 93 24.35 -13.05 -10.57
N CYS D 94 25.32 -13.93 -10.33
CA CYS D 94 25.87 -14.78 -11.37
C CYS D 94 25.08 -16.07 -11.35
N THR D 95 24.87 -16.65 -12.54
CA THR D 95 24.08 -17.85 -12.68
C THR D 95 24.87 -18.90 -13.44
N ASN D 96 24.23 -20.05 -13.62
CA ASN D 96 24.76 -21.19 -14.37
C ASN D 96 24.00 -21.42 -15.66
N VAL D 97 23.28 -20.42 -16.15
CA VAL D 97 22.55 -20.53 -17.40
C VAL D 97 23.45 -19.99 -18.52
N PRO D 98 23.84 -20.80 -19.50
CA PRO D 98 24.68 -20.29 -20.58
C PRO D 98 23.92 -19.25 -21.39
N TRP D 99 24.65 -18.30 -21.96
CA TRP D 99 24.03 -17.33 -22.84
C TRP D 99 23.91 -17.95 -24.22
N ASN D 100 22.71 -17.88 -24.78
CA ASN D 100 22.41 -18.37 -26.12
C ASN D 100 22.62 -17.25 -27.13
N SER D 101 23.41 -17.53 -28.17
CA SER D 101 23.67 -16.53 -29.20
C SER D 101 22.41 -16.17 -29.98
N SER D 102 21.36 -16.96 -29.89
CA SER D 102 20.10 -16.62 -30.55
C SER D 102 19.40 -15.48 -29.83
N TRP D 103 19.76 -15.21 -28.57
CA TRP D 103 19.15 -14.12 -27.82
C TRP D 103 19.83 -12.81 -28.17
N SER D 104 21.16 -12.83 -28.21
CA SER D 104 21.98 -11.70 -28.63
C SER D 104 23.35 -12.25 -28.94
N ASN D 105 23.88 -11.92 -30.12
CA ASN D 105 25.19 -12.40 -30.55
C ASN D 105 26.25 -11.31 -30.42
N ARG D 106 25.97 -10.26 -29.65
CA ARG D 106 26.95 -9.21 -29.43
C ARG D 106 28.02 -9.70 -28.47
N ASN D 107 29.23 -9.16 -28.62
CA ASN D 107 30.31 -9.49 -27.71
C ASN D 107 30.26 -8.57 -26.49
N LEU D 108 31.16 -8.80 -25.54
CA LEU D 108 31.15 -8.03 -24.30
C LEU D 108 31.45 -6.55 -24.50
N SER D 109 32.30 -6.19 -25.47
CA SER D 109 32.58 -4.78 -25.68
C SER D 109 31.34 -4.07 -26.20
N GLU D 110 30.61 -4.70 -27.12
CA GLU D 110 29.41 -4.12 -27.68
C GLU D 110 28.31 -3.94 -26.63
N ILE D 111 28.21 -4.87 -25.68
CA ILE D 111 27.14 -4.81 -24.68
C ILE D 111 27.52 -3.94 -23.49
N TRP D 112 28.70 -4.13 -22.93
CA TRP D 112 29.05 -3.44 -21.69
C TRP D 112 29.70 -2.08 -21.91
N ASP D 113 30.45 -1.90 -22.98
CA ASP D 113 31.15 -0.63 -23.20
C ASP D 113 30.48 0.28 -24.22
N ASN D 114 29.76 -0.27 -25.21
CA ASN D 114 29.16 0.54 -26.26
C ASN D 114 27.63 0.55 -26.26
N MET D 115 26.98 0.14 -25.17
CA MET D 115 25.52 0.11 -25.15
C MET D 115 25.01 0.45 -23.75
N THR D 116 23.81 1.04 -23.70
CA THR D 116 23.12 1.37 -22.45
C THR D 116 22.09 0.29 -22.13
N TRP D 117 21.58 0.33 -20.90
CA TRP D 117 20.59 -0.67 -20.48
C TRP D 117 19.25 -0.52 -21.18
N LEU D 118 18.86 0.69 -21.59
CA LEU D 118 17.59 0.84 -22.31
C LEU D 118 17.66 0.17 -23.67
N GLN D 119 18.80 0.32 -24.35
CA GLN D 119 18.98 -0.29 -25.66
C GLN D 119 19.03 -1.80 -25.51
N TRP D 120 19.71 -2.28 -24.47
CA TRP D 120 19.78 -3.70 -24.22
C TRP D 120 18.39 -4.26 -23.97
N ASP D 121 17.62 -3.58 -23.12
CA ASP D 121 16.28 -4.08 -22.81
C ASP D 121 15.44 -4.18 -24.07
N LYS D 122 15.57 -3.18 -24.95
CA LYS D 122 14.81 -3.21 -26.20
C LYS D 122 15.21 -4.41 -27.04
N GLU D 123 16.51 -4.74 -27.07
CA GLU D 123 17.00 -5.88 -27.83
C GLU D 123 16.59 -7.23 -27.22
N ILE D 124 16.62 -7.37 -25.88
CA ILE D 124 16.42 -8.65 -25.21
C ILE D 124 15.00 -8.89 -24.68
N SER D 125 14.10 -7.91 -24.77
CA SER D 125 12.77 -8.10 -24.21
C SER D 125 12.05 -9.30 -24.84
N ASN D 126 12.35 -9.63 -26.09
CA ASN D 126 11.71 -10.78 -26.72
C ASN D 126 12.16 -12.10 -26.10
N TYR D 127 13.32 -12.12 -25.43
CA TYR D 127 13.89 -13.32 -24.85
C TYR D 127 13.89 -13.29 -23.34
N THR D 128 13.32 -12.24 -22.74
CA THR D 128 13.37 -12.11 -21.29
C THR D 128 12.61 -13.25 -20.60
N GLN D 129 11.45 -13.64 -21.13
CA GLN D 129 10.69 -14.70 -20.46
C GLN D 129 11.37 -16.05 -20.64
N ILE D 130 12.08 -16.23 -21.74
CA ILE D 130 12.81 -17.48 -21.96
C ILE D 130 13.94 -17.55 -20.94
N ILE D 131 14.66 -16.45 -20.76
CA ILE D 131 15.78 -16.41 -19.84
C ILE D 131 15.27 -16.65 -18.42
N TYR D 132 14.17 -16.00 -18.05
CA TYR D 132 13.63 -16.19 -16.70
C TYR D 132 13.21 -17.63 -16.49
N GLY D 133 12.61 -18.22 -17.52
CA GLY D 133 12.21 -19.61 -17.41
C GLY D 133 13.41 -20.51 -17.21
N LEU D 134 14.53 -20.20 -17.87
CA LEU D 134 15.73 -21.01 -17.69
C LEU D 134 16.34 -20.78 -16.31
N LEU D 135 16.29 -19.54 -15.81
CA LEU D 135 16.85 -19.23 -14.50
C LEU D 135 16.16 -20.04 -13.43
N GLU D 136 14.86 -20.27 -13.60
CA GLU D 136 14.13 -21.14 -12.68
C GLU D 136 14.36 -22.61 -12.99
N GLU D 137 14.06 -23.03 -14.23
CA GLU D 137 14.05 -24.44 -14.62
C GLU D 137 15.45 -25.03 -14.79
N SER D 138 16.40 -24.28 -15.34
CA SER D 138 17.70 -24.86 -15.65
C SER D 138 18.73 -24.77 -14.53
N GLN D 139 18.44 -24.10 -13.42
CA GLN D 139 19.45 -24.03 -12.37
C GLN D 139 18.99 -24.17 -10.93
N ASN D 140 18.28 -23.17 -10.42
CA ASN D 140 18.06 -23.13 -8.98
C ASN D 140 17.21 -24.29 -8.48
N GLN D 141 16.32 -24.79 -9.31
CA GLN D 141 15.54 -25.94 -8.88
C GLN D 141 16.44 -27.17 -8.83
N GLN D 142 17.48 -27.19 -9.65
CA GLN D 142 18.41 -28.30 -9.68
C GLN D 142 19.54 -28.03 -8.71
N GLU D 143 19.92 -26.76 -8.55
CA GLU D 143 21.02 -26.43 -7.66
C GLU D 143 20.62 -26.68 -6.23
N LYS D 144 19.40 -26.29 -5.85
CA LYS D 144 18.99 -26.49 -4.47
C LYS D 144 18.79 -27.95 -4.16
N ASN D 145 18.30 -28.73 -5.14
CA ASN D 145 18.13 -30.15 -4.92
C ASN D 145 19.48 -30.85 -4.84
N GLU D 146 20.50 -30.30 -5.50
CA GLU D 146 21.84 -30.88 -5.38
C GLU D 146 22.50 -30.45 -4.08
N GLN D 147 22.30 -29.20 -3.67
CA GLN D 147 22.87 -28.72 -2.42
C GLN D 147 22.26 -29.48 -1.27
N ASP D 148 21.00 -29.89 -1.43
CA ASP D 148 20.33 -30.71 -0.43
C ASP D 148 21.06 -32.03 -0.27
N LEU D 149 21.74 -32.50 -1.33
CA LEU D 149 22.43 -33.78 -1.31
C LEU D 149 23.91 -33.64 -0.99
N LEU D 150 24.49 -32.44 -1.14
CA LEU D 150 25.89 -32.28 -0.78
C LEU D 150 26.00 -32.07 0.72
N ALA D 151 25.04 -31.36 1.34
CA ALA D 151 25.05 -31.13 2.81
C ALA D 151 24.64 -32.41 3.52
N LEU D 152 24.17 -33.40 2.78
CA LEU D 152 23.71 -34.70 3.24
C LEU D 152 24.82 -35.65 3.64
N ASP D 153 26.00 -35.53 3.04
CA ASP D 153 27.06 -36.50 3.25
C ASP D 153 27.87 -36.15 4.49
N VAL E 2 53.70 1.18 -24.46
CA VAL E 2 53.62 0.59 -23.14
C VAL E 2 55.01 0.34 -22.61
N GLN E 3 55.27 0.80 -21.38
CA GLN E 3 56.53 0.57 -20.70
C GLN E 3 56.30 0.22 -19.24
N LEU E 4 56.94 -0.85 -18.79
CA LEU E 4 56.90 -1.27 -17.39
C LEU E 4 58.34 -1.31 -16.92
N VAL E 5 58.64 -0.58 -15.84
CA VAL E 5 59.99 -0.52 -15.28
C VAL E 5 59.97 -0.91 -13.80
N GLU E 6 60.63 -2.00 -13.46
CA GLU E 6 60.79 -2.42 -12.08
C GLU E 6 61.87 -1.53 -11.45
N THR E 7 61.62 -1.10 -10.22
CA THR E 7 62.59 -0.27 -9.47
C THR E 7 62.74 -0.88 -8.08
N GLY E 8 63.28 -2.10 -8.05
CA GLY E 8 63.35 -2.90 -6.85
C GLY E 8 64.68 -2.79 -6.13
N GLY E 9 64.92 -3.78 -5.27
CA GLY E 9 66.10 -3.83 -4.43
C GLY E 9 67.25 -4.65 -4.99
N GLY E 10 68.17 -4.97 -4.09
CA GLY E 10 69.39 -5.71 -4.39
C GLY E 10 69.55 -6.94 -3.53
N LEU E 11 70.58 -6.95 -2.67
CA LEU E 11 70.88 -8.09 -1.80
C LEU E 11 70.21 -7.92 -0.43
N VAL E 12 69.50 -8.95 -0.01
CA VAL E 12 68.81 -9.03 1.27
C VAL E 12 69.20 -10.33 1.95
N GLN E 13 69.27 -10.30 3.29
CA GLN E 13 69.62 -11.50 4.03
C GLN E 13 68.45 -12.49 4.11
N PRO E 14 68.72 -13.80 4.25
CA PRO E 14 67.63 -14.75 4.49
C PRO E 14 66.82 -14.36 5.71
N GLY E 15 65.50 -14.42 5.58
CA GLY E 15 64.60 -14.07 6.65
C GLY E 15 64.21 -12.60 6.68
N GLY E 16 64.80 -11.78 5.81
CA GLY E 16 64.53 -10.36 5.78
C GLY E 16 63.35 -10.07 4.88
N SER E 17 63.19 -8.79 4.55
CA SER E 17 62.08 -8.35 3.73
C SER E 17 62.56 -7.32 2.70
N LEU E 18 61.86 -7.29 1.57
CA LEU E 18 62.20 -6.38 0.48
C LEU E 18 60.94 -6.08 -0.33
N LYS E 19 60.70 -4.82 -0.67
CA LYS E 19 59.56 -4.46 -1.48
C LYS E 19 60.06 -4.03 -2.86
N LEU E 20 59.38 -4.50 -3.89
CA LEU E 20 59.62 -4.17 -5.29
C LEU E 20 58.52 -3.24 -5.78
N SER E 21 58.88 -2.27 -6.61
CA SER E 21 57.90 -1.41 -7.26
C SER E 21 58.06 -1.54 -8.77
N CYS E 22 56.96 -1.27 -9.47
CA CYS E 22 56.90 -1.24 -10.92
C CYS E 22 56.07 -0.06 -11.41
N ARG E 23 56.68 0.78 -12.25
CA ARG E 23 56.06 1.95 -12.86
C ARG E 23 55.61 1.62 -14.27
N ALA E 24 54.41 2.09 -14.60
CA ALA E 24 53.80 1.86 -15.90
C ALA E 24 53.58 3.17 -16.62
N SER E 25 53.71 3.14 -17.95
CA SER E 25 53.39 4.29 -18.77
C SER E 25 52.96 3.82 -20.14
N GLY E 26 52.27 4.70 -20.87
CA GLY E 26 51.84 4.43 -22.23
C GLY E 26 50.45 3.85 -22.37
N TYR E 27 49.77 3.60 -21.26
CA TYR E 27 48.42 3.04 -21.28
C TYR E 27 47.76 3.43 -19.96
N THR E 28 46.45 3.19 -19.88
CA THR E 28 45.75 3.46 -18.63
C THR E 28 46.04 2.31 -17.68
N PHE E 29 46.74 2.64 -16.59
CA PHE E 29 47.17 1.63 -15.62
C PHE E 29 46.00 0.89 -15.00
N SER E 30 44.99 1.64 -14.57
CA SER E 30 43.82 1.11 -13.88
C SER E 30 42.93 0.22 -14.73
N SER E 31 43.16 0.13 -16.03
CA SER E 31 42.34 -0.70 -16.90
C SER E 31 42.80 -2.15 -17.03
N PHE E 32 43.99 -2.50 -16.53
CA PHE E 32 44.51 -3.85 -16.73
C PHE E 32 44.93 -4.50 -15.42
N ALA E 33 44.73 -5.82 -15.37
CA ALA E 33 45.26 -6.62 -14.28
C ALA E 33 46.77 -6.75 -14.45
N MET E 34 47.47 -7.00 -13.35
CA MET E 34 48.92 -7.15 -13.40
C MET E 34 49.36 -8.30 -12.53
N SER E 35 50.57 -8.77 -12.79
CA SER E 35 51.14 -9.89 -12.08
C SER E 35 52.63 -9.74 -11.88
N TRP E 36 53.17 -10.55 -10.98
CA TRP E 36 54.60 -10.71 -10.80
C TRP E 36 54.94 -12.14 -11.15
N VAL E 37 56.00 -12.30 -11.95
CA VAL E 37 56.50 -13.59 -12.39
C VAL E 37 57.97 -13.68 -11.99
N ARG E 38 58.34 -14.79 -11.36
CA ARG E 38 59.70 -15.00 -10.87
C ARG E 38 60.45 -15.94 -11.81
N GLN E 39 61.73 -15.65 -12.07
CA GLN E 39 62.63 -16.53 -12.81
C GLN E 39 63.97 -16.69 -12.10
N ALA E 40 64.22 -17.87 -11.56
CA ALA E 40 65.48 -18.09 -10.85
C ALA E 40 66.63 -17.98 -11.87
N PRO E 41 67.84 -17.60 -11.43
CA PRO E 41 68.94 -17.37 -12.40
C PRO E 41 69.18 -18.46 -13.44
N GLY E 42 69.01 -19.74 -13.09
CA GLY E 42 69.20 -20.84 -14.02
C GLY E 42 67.96 -21.61 -14.40
N LYS E 43 66.77 -21.12 -14.08
CA LYS E 43 65.52 -21.84 -14.30
C LYS E 43 64.61 -21.06 -15.25
N GLY E 44 63.41 -21.60 -15.44
CA GLY E 44 62.40 -20.98 -16.28
C GLY E 44 61.55 -20.00 -15.49
N LEU E 45 60.43 -19.61 -16.09
CA LEU E 45 59.57 -18.62 -15.49
C LEU E 45 58.62 -19.29 -14.52
N GLU E 46 58.33 -18.59 -13.41
CA GLU E 46 57.35 -19.05 -12.43
C GLU E 46 56.41 -17.91 -12.08
N TRP E 47 55.10 -18.17 -12.09
CA TRP E 47 54.15 -17.15 -11.69
C TRP E 47 54.16 -17.04 -10.17
N VAL E 48 54.17 -15.81 -9.66
CA VAL E 48 54.19 -15.56 -8.22
C VAL E 48 52.87 -14.96 -7.74
N SER E 49 52.39 -13.89 -8.37
CA SER E 49 51.18 -13.28 -7.86
C SER E 49 50.43 -12.54 -8.96
N LEU E 50 49.14 -12.33 -8.70
CA LEU E 50 48.24 -11.65 -9.64
C LEU E 50 47.31 -10.72 -8.88
N ILE E 51 47.13 -9.50 -9.40
CA ILE E 51 46.21 -8.53 -8.83
C ILE E 51 45.31 -8.05 -9.96
N ASN E 52 44.04 -7.79 -9.63
CA ASN E 52 43.09 -7.31 -10.63
C ASN E 52 43.33 -5.83 -10.96
N ASP E 53 42.45 -5.27 -11.78
CA ASP E 53 42.63 -3.91 -12.26
C ASP E 53 42.38 -2.87 -11.16
N ARG E 54 41.40 -3.14 -10.28
CA ARG E 54 41.10 -2.21 -9.20
C ARG E 54 42.04 -2.36 -8.01
N GLY E 55 42.52 -3.57 -7.75
CA GLY E 55 43.42 -3.81 -6.64
C GLY E 55 42.75 -4.42 -5.42
N GLY E 56 41.51 -4.89 -5.54
CA GLY E 56 40.78 -5.47 -4.44
C GLY E 56 40.97 -6.96 -4.30
N LEU E 57 41.34 -7.64 -5.39
CA LEU E 57 41.50 -9.09 -5.39
C LEU E 57 42.95 -9.41 -5.68
N THR E 58 43.57 -10.18 -4.80
CA THR E 58 44.97 -10.58 -4.92
C THR E 58 45.07 -12.10 -4.82
N PHE E 59 45.94 -12.68 -5.63
CA PHE E 59 46.16 -14.12 -5.68
C PHE E 59 47.65 -14.36 -5.61
N TYR E 60 48.04 -15.45 -4.95
CA TYR E 60 49.45 -15.78 -4.80
C TYR E 60 49.69 -17.25 -5.06
N VAL E 61 50.90 -17.57 -5.52
CA VAL E 61 51.31 -18.97 -5.60
C VAL E 61 51.42 -19.48 -4.18
N ASP E 62 51.02 -20.74 -3.95
CA ASP E 62 50.99 -21.31 -2.60
C ASP E 62 52.30 -21.13 -1.85
N SER E 63 53.43 -21.20 -2.55
CA SER E 63 54.71 -21.08 -1.86
C SER E 63 54.96 -19.73 -1.21
N VAL E 64 54.19 -18.68 -1.54
CA VAL E 64 54.37 -17.36 -0.96
C VAL E 64 53.10 -16.79 -0.32
N LYS E 65 52.03 -17.58 -0.17
CA LYS E 65 50.76 -17.01 0.27
C LYS E 65 50.85 -16.26 1.60
N GLY E 66 51.65 -16.76 2.53
CA GLY E 66 51.77 -16.11 3.82
C GLY E 66 52.93 -15.14 3.94
N ARG E 67 53.67 -14.89 2.86
CA ARG E 67 54.87 -14.08 2.87
C ARG E 67 54.84 -12.87 1.96
N PHE E 68 54.17 -12.94 0.81
CA PHE E 68 54.17 -11.86 -0.17
C PHE E 68 52.82 -11.15 -0.17
N THR E 69 52.86 -9.84 -0.38
CA THR E 69 51.68 -9.01 -0.59
C THR E 69 51.80 -8.26 -1.89
N ILE E 70 50.79 -8.37 -2.76
CA ILE E 70 50.76 -7.65 -4.04
C ILE E 70 49.75 -6.53 -3.89
N SER E 71 50.13 -5.33 -4.32
CA SER E 71 49.23 -4.19 -4.21
C SER E 71 49.48 -3.26 -5.37
N ARG E 72 48.50 -2.40 -5.64
CA ARG E 72 48.55 -1.51 -6.78
C ARG E 72 47.89 -0.20 -6.40
N ASP E 73 48.51 0.91 -6.78
CA ASP E 73 47.96 2.24 -6.55
C ASP E 73 47.76 2.85 -7.94
N ASN E 74 46.48 2.94 -8.32
CA ASN E 74 46.08 3.37 -9.65
C ASN E 74 46.24 4.87 -9.83
N SER E 75 46.46 5.62 -8.75
CA SER E 75 46.65 7.06 -8.84
C SER E 75 48.12 7.41 -9.00
N LYS E 76 49.00 6.41 -8.91
CA LYS E 76 50.44 6.58 -9.05
C LYS E 76 51.00 5.68 -10.13
N ASN E 77 50.16 4.91 -10.84
CA ASN E 77 50.63 3.94 -11.82
C ASN E 77 51.70 3.03 -11.24
N THR E 78 51.51 2.58 -10.00
CA THR E 78 52.54 1.77 -9.37
C THR E 78 51.99 0.45 -8.87
N LEU E 79 52.69 -0.62 -9.23
CA LEU E 79 52.42 -1.97 -8.77
C LEU E 79 53.54 -2.28 -7.80
N SER E 80 53.25 -2.99 -6.72
CA SER E 80 54.33 -3.35 -5.82
C SER E 80 54.09 -4.71 -5.21
N LEU E 81 55.20 -5.32 -4.81
CA LEU E 81 55.20 -6.61 -4.14
C LEU E 81 56.05 -6.47 -2.89
N GLN E 82 55.45 -6.68 -1.73
CA GLN E 82 56.15 -6.62 -0.44
C GLN E 82 56.44 -8.06 -0.05
N MET E 83 57.72 -8.41 0.05
CA MET E 83 58.13 -9.76 0.38
C MET E 83 58.68 -9.78 1.80
N HIS E 84 58.23 -10.73 2.61
CA HIS E 84 58.72 -10.91 3.97
C HIS E 84 59.29 -12.31 4.09
N SER E 85 60.19 -12.48 5.07
CA SER E 85 60.80 -13.76 5.39
C SER E 85 61.38 -14.43 4.15
N LEU E 86 62.13 -13.66 3.36
CA LEU E 86 62.67 -14.20 2.11
C LEU E 86 63.58 -15.39 2.38
N ARG E 87 63.34 -16.44 1.58
CA ARG E 87 64.13 -17.68 1.75
C ARG E 87 65.15 -17.80 0.62
N ASP E 88 66.02 -18.79 0.71
CA ASP E 88 67.05 -19.02 -0.29
C ASP E 88 66.45 -19.43 -1.63
N GLY E 89 65.29 -20.08 -1.61
CA GLY E 89 64.64 -20.46 -2.84
C GLY E 89 64.02 -19.31 -3.62
N ASP E 90 64.02 -18.10 -3.05
CA ASP E 90 63.45 -16.91 -3.69
C ASP E 90 64.46 -16.03 -4.44
N THR E 91 65.73 -16.42 -4.58
CA THR E 91 66.64 -15.59 -5.37
C THR E 91 66.21 -15.71 -6.83
N ALA E 92 65.96 -14.57 -7.47
CA ALA E 92 65.46 -14.62 -8.84
C ALA E 92 65.33 -13.22 -9.44
N VAL E 93 65.12 -13.19 -10.75
CA VAL E 93 64.67 -11.97 -11.41
C VAL E 93 63.15 -11.93 -11.31
N TYR E 94 62.62 -10.82 -10.83
CA TYR E 94 61.18 -10.61 -10.64
C TYR E 94 60.68 -9.61 -11.69
N TYR E 95 59.81 -10.09 -12.58
CA TYR E 95 59.27 -9.28 -13.65
C TYR E 95 57.85 -8.86 -13.26
N CYS E 96 57.50 -7.62 -13.57
CA CYS E 96 56.13 -7.17 -13.46
C CYS E 96 55.53 -7.28 -14.86
N ALA E 97 54.24 -7.60 -14.94
CA ALA E 97 53.63 -7.71 -16.25
C ALA E 97 52.17 -7.29 -16.23
N THR E 98 51.72 -6.84 -17.39
CA THR E 98 50.35 -6.43 -17.64
C THR E 98 49.64 -7.61 -18.27
N GLY E 99 48.50 -7.96 -17.70
CA GLY E 99 47.64 -9.04 -18.11
C GLY E 99 47.60 -10.13 -17.06
N GLY E 100 46.85 -11.18 -17.37
CA GLY E 100 46.65 -12.31 -16.49
C GLY E 100 45.26 -12.40 -15.91
N MET E 101 44.43 -11.36 -16.07
CA MET E 101 43.07 -11.37 -15.56
C MET E 101 42.32 -10.21 -16.21
N SER E 102 41.00 -10.30 -16.17
CA SER E 102 40.14 -9.24 -16.66
C SER E 102 38.84 -9.32 -15.90
N SER E 103 38.01 -8.29 -16.06
CA SER E 103 36.74 -8.24 -15.35
C SER E 103 35.74 -9.14 -16.05
N ALA E 104 34.58 -9.33 -15.43
CA ALA E 104 33.58 -10.22 -16.00
C ALA E 104 32.88 -9.58 -17.18
N LEU E 105 33.08 -8.29 -17.41
CA LEU E 105 32.44 -7.56 -18.48
C LEU E 105 33.40 -7.35 -19.64
N GLN E 106 34.60 -7.95 -19.56
CA GLN E 106 35.67 -7.83 -20.54
C GLN E 106 36.02 -9.21 -21.07
N SER E 107 36.68 -9.24 -22.22
CA SER E 107 37.15 -10.51 -22.76
C SER E 107 38.22 -11.10 -21.85
N SER E 108 38.32 -12.43 -21.86
CA SER E 108 39.32 -13.10 -21.03
C SER E 108 40.71 -12.67 -21.46
N LYS E 109 41.60 -12.51 -20.48
CA LYS E 109 43.00 -12.16 -20.74
C LYS E 109 43.92 -13.06 -19.91
N TYR E 110 43.81 -14.37 -20.10
CA TYR E 110 44.60 -15.31 -19.31
C TYR E 110 45.96 -15.52 -19.99
N TYR E 111 46.70 -14.41 -20.07
CA TYR E 111 48.02 -14.33 -20.68
C TYR E 111 48.65 -13.06 -20.14
N PHE E 112 49.97 -12.95 -20.28
CA PHE E 112 50.70 -11.78 -19.81
C PHE E 112 51.07 -10.97 -21.05
N ASP E 113 50.35 -9.85 -21.24
CA ASP E 113 50.43 -9.09 -22.47
C ASP E 113 51.70 -8.26 -22.59
N PHE E 114 52.13 -7.60 -21.51
CA PHE E 114 53.35 -6.78 -21.53
C PHE E 114 54.23 -7.10 -20.35
N TRP E 115 55.55 -7.05 -20.56
CA TRP E 115 56.52 -7.36 -19.52
C TRP E 115 57.53 -6.23 -19.32
N GLY E 116 57.98 -6.06 -18.08
CA GLY E 116 59.08 -5.16 -17.79
C GLY E 116 60.38 -5.94 -17.98
N GLN E 117 61.51 -5.28 -17.66
CA GLN E 117 62.85 -5.91 -17.87
C GLN E 117 63.23 -6.79 -16.67
N GLY E 118 62.73 -6.49 -15.48
CA GLY E 118 63.02 -7.30 -14.31
C GLY E 118 63.99 -6.79 -13.27
N ALA E 119 63.61 -6.91 -12.01
CA ALA E 119 64.44 -6.54 -10.87
C ALA E 119 65.17 -7.81 -10.42
N LEU E 120 66.44 -7.69 -10.04
CA LEU E 120 67.17 -8.85 -9.54
C LEU E 120 67.18 -8.84 -8.02
N VAL E 121 66.60 -9.87 -7.42
CA VAL E 121 66.50 -10.01 -5.97
C VAL E 121 67.40 -11.17 -5.58
N THR E 122 68.39 -10.90 -4.73
CA THR E 122 69.31 -11.91 -4.24
C THR E 122 69.09 -12.00 -2.74
N VAL E 123 68.87 -13.22 -2.26
CA VAL E 123 68.58 -13.46 -0.84
C VAL E 123 69.86 -13.93 -0.16
N ALA F 3 54.61 -27.92 -12.91
CA ALA F 3 55.20 -27.38 -14.13
C ALA F 3 54.79 -28.20 -15.35
N LEU F 4 54.94 -27.62 -16.52
CA LEU F 4 54.67 -28.27 -17.79
C LEU F 4 55.97 -28.79 -18.39
N THR F 5 55.86 -29.85 -19.19
CA THR F 5 57.01 -30.48 -19.84
C THR F 5 57.18 -29.97 -21.27
N GLN F 6 58.40 -29.54 -21.59
CA GLN F 6 58.79 -29.08 -22.91
C GLN F 6 60.08 -29.80 -23.29
N PRO F 7 60.29 -30.14 -24.56
CA PRO F 7 61.57 -30.73 -24.93
C PRO F 7 62.65 -29.68 -25.02
N PRO F 8 63.79 -29.86 -24.36
CA PRO F 8 64.91 -28.92 -24.59
C PRO F 8 65.58 -29.15 -25.93
N SER F 9 66.38 -28.14 -26.33
CA SER F 9 67.26 -28.23 -27.49
C SER F 9 66.52 -28.57 -28.79
N VAL F 10 65.52 -27.77 -29.11
CA VAL F 10 64.78 -27.90 -30.36
C VAL F 10 65.58 -27.13 -31.40
N SER F 11 65.72 -27.67 -32.62
CA SER F 11 66.53 -26.99 -33.61
C SER F 11 66.08 -27.34 -35.03
N GLY F 12 66.62 -26.57 -35.97
CA GLY F 12 66.43 -26.78 -37.39
C GLY F 12 67.28 -25.80 -38.17
N SER F 13 67.33 -26.00 -39.48
CA SER F 13 68.13 -25.14 -40.35
C SER F 13 67.38 -23.86 -40.70
N PRO F 14 68.09 -22.79 -41.07
CA PRO F 14 67.41 -21.57 -41.53
C PRO F 14 66.45 -21.84 -42.68
N GLY F 15 65.26 -21.25 -42.58
CA GLY F 15 64.24 -21.39 -43.60
C GLY F 15 63.29 -22.55 -43.41
N GLN F 16 63.59 -23.47 -42.48
CA GLN F 16 62.77 -24.64 -42.21
C GLN F 16 61.81 -24.33 -41.07
N SER F 17 60.94 -25.29 -40.76
CA SER F 17 60.01 -25.17 -39.65
C SER F 17 60.34 -26.16 -38.53
N VAL F 18 60.01 -25.74 -37.31
CA VAL F 18 60.16 -26.55 -36.12
C VAL F 18 58.89 -26.44 -35.27
N THR F 19 58.72 -27.42 -34.37
CA THR F 19 57.67 -27.36 -33.36
C THR F 19 58.27 -27.56 -31.98
N ILE F 20 57.66 -26.89 -31.00
CA ILE F 20 57.98 -27.00 -29.59
C ILE F 20 56.74 -27.52 -28.87
N SER F 21 56.87 -28.67 -28.20
CA SER F 21 55.76 -29.28 -27.49
C SER F 21 55.72 -28.81 -26.05
N CYS F 22 54.51 -28.77 -25.50
CA CYS F 22 54.23 -28.43 -24.11
C CYS F 22 53.24 -29.46 -23.57
N THR F 23 53.67 -30.31 -22.64
CA THR F 23 52.83 -31.37 -22.11
C THR F 23 52.45 -31.08 -20.66
N GLY F 24 51.16 -31.10 -20.41
CA GLY F 24 50.57 -30.87 -19.10
C GLY F 24 49.57 -31.97 -18.80
N THR F 25 48.71 -31.78 -17.80
CA THR F 25 47.66 -32.74 -17.47
C THR F 25 46.32 -32.18 -17.91
N SER F 26 45.25 -32.93 -17.62
CA SER F 26 43.93 -32.52 -18.05
C SER F 26 43.46 -31.27 -17.33
N SER F 27 43.99 -31.02 -16.13
CA SER F 27 43.63 -29.83 -15.35
C SER F 27 44.43 -28.61 -15.77
N ASP F 28 45.42 -28.80 -16.66
CA ASP F 28 46.32 -27.74 -17.07
C ASP F 28 46.07 -27.31 -18.50
N ILE F 29 46.17 -28.22 -19.47
CA ILE F 29 46.05 -27.91 -20.87
C ILE F 29 44.71 -28.37 -21.43
N GLY F 30 44.29 -29.56 -21.05
CA GLY F 30 43.05 -30.14 -21.57
C GLY F 30 41.80 -29.37 -21.21
N SER F 31 41.71 -28.87 -19.97
CA SER F 31 40.51 -28.18 -19.52
C SER F 31 40.38 -26.73 -19.97
N TYR F 32 41.48 -26.03 -20.27
CA TYR F 32 41.42 -24.61 -20.59
C TYR F 32 42.10 -24.30 -21.91
N ASN F 33 41.44 -23.50 -22.74
CA ASN F 33 42.01 -23.04 -24.01
C ASN F 33 42.71 -21.71 -23.80
N TYR F 34 43.63 -21.67 -22.83
CA TYR F 34 44.39 -20.47 -22.48
C TYR F 34 45.85 -20.89 -22.32
N VAL F 35 46.46 -21.35 -23.41
CA VAL F 35 47.86 -21.77 -23.36
C VAL F 35 48.66 -20.81 -24.24
N SER F 36 49.32 -19.87 -23.61
CA SER F 36 50.10 -18.85 -24.29
C SER F 36 51.54 -19.32 -24.45
N TRP F 37 52.28 -18.68 -25.35
CA TRP F 37 53.70 -18.93 -25.57
C TRP F 37 54.49 -17.64 -25.54
N TYR F 38 55.68 -17.72 -24.93
CA TYR F 38 56.59 -16.58 -24.79
C TYR F 38 57.96 -16.91 -25.36
N GLN F 39 58.61 -15.88 -25.90
CA GLN F 39 59.96 -15.95 -26.46
C GLN F 39 60.87 -15.05 -25.65
N GLN F 40 61.85 -15.63 -24.96
CA GLN F 40 62.77 -14.91 -24.08
C GLN F 40 64.18 -14.96 -24.64
N HIS F 41 64.69 -13.81 -25.08
CA HIS F 41 66.08 -13.75 -25.52
C HIS F 41 66.97 -13.62 -24.27
N PRO F 42 68.11 -14.32 -24.21
CA PRO F 42 68.95 -14.25 -22.99
C PRO F 42 69.21 -12.83 -22.51
N GLY F 43 69.01 -12.61 -21.21
CA GLY F 43 69.24 -11.31 -20.63
C GLY F 43 68.09 -10.35 -20.79
N LYS F 44 67.02 -10.74 -21.49
CA LYS F 44 65.89 -9.89 -21.79
C LYS F 44 64.60 -10.50 -21.23
N ALA F 45 63.60 -9.65 -21.06
CA ALA F 45 62.30 -10.12 -20.63
C ALA F 45 61.61 -10.97 -21.70
N PRO F 46 60.78 -11.93 -21.31
CA PRO F 46 60.05 -12.69 -22.32
C PRO F 46 59.02 -11.82 -23.04
N LYS F 47 58.86 -12.06 -24.32
CA LYS F 47 57.85 -11.40 -25.14
C LYS F 47 56.69 -12.35 -25.36
N LEU F 48 55.47 -11.84 -25.33
CA LEU F 48 54.33 -12.68 -25.64
C LEU F 48 54.30 -12.89 -27.15
N MET F 49 54.27 -14.16 -27.55
CA MET F 49 54.23 -14.54 -28.95
C MET F 49 52.87 -15.09 -29.34
N ILE F 50 52.28 -15.93 -28.50
CA ILE F 50 51.00 -16.54 -28.77
C ILE F 50 50.16 -16.39 -27.50
N TYR F 51 48.89 -16.05 -27.65
CA TYR F 51 47.98 -16.00 -26.52
C TYR F 51 46.79 -16.84 -26.92
N ASP F 52 46.08 -17.37 -25.91
CA ASP F 52 45.01 -18.32 -26.18
C ASP F 52 45.64 -19.50 -26.91
N VAL F 53 44.86 -20.47 -27.39
CA VAL F 53 45.52 -21.59 -28.04
C VAL F 53 46.11 -21.17 -29.37
N THR F 54 45.36 -20.37 -30.16
CA THR F 54 45.75 -20.03 -31.53
C THR F 54 45.99 -18.55 -31.85
N GLN F 55 45.89 -17.61 -30.90
CA GLN F 55 45.93 -16.21 -31.27
C GLN F 55 47.33 -15.61 -31.16
N ARG F 56 47.59 -14.59 -32.04
CA ARG F 56 48.85 -13.84 -32.04
C ARG F 56 48.66 -12.39 -31.60
N PRO F 57 49.57 -11.82 -30.79
CA PRO F 57 49.51 -10.38 -30.54
C PRO F 57 49.84 -9.57 -31.79
N SER F 58 49.31 -8.35 -31.85
CA SER F 58 49.69 -7.46 -32.94
C SER F 58 51.19 -7.19 -32.81
N GLY F 59 51.89 -7.14 -33.94
CA GLY F 59 53.31 -6.92 -33.94
C GLY F 59 54.12 -8.18 -34.09
N VAL F 60 53.47 -9.34 -33.95
CA VAL F 60 54.08 -10.65 -34.10
C VAL F 60 53.83 -11.14 -35.52
N SER F 61 54.89 -11.59 -36.19
CA SER F 61 54.82 -12.03 -37.57
C SER F 61 54.04 -13.33 -37.67
N ASP F 62 53.67 -13.66 -38.91
CA ASP F 62 52.82 -14.81 -39.19
C ASP F 62 53.61 -16.11 -39.29
N ARG F 63 54.90 -16.09 -38.96
CA ARG F 63 55.70 -17.30 -38.93
C ARG F 63 55.45 -18.13 -37.69
N PHE F 64 54.78 -17.57 -36.68
CA PHE F 64 54.49 -18.25 -35.43
C PHE F 64 53.03 -18.65 -35.40
N SER F 65 52.77 -19.87 -34.97
CA SER F 65 51.40 -20.35 -34.81
C SER F 65 51.38 -21.35 -33.66
N GLY F 66 50.18 -21.62 -33.12
CA GLY F 66 50.03 -22.59 -32.07
C GLY F 66 48.84 -23.50 -32.33
N SER F 67 48.77 -24.56 -31.53
CA SER F 67 47.66 -25.50 -31.59
C SER F 67 47.65 -26.31 -30.31
N LYS F 68 46.55 -27.03 -30.10
CA LYS F 68 46.42 -27.94 -28.97
C LYS F 68 45.75 -29.23 -29.45
N SER F 69 46.21 -30.35 -28.92
CA SER F 69 45.62 -31.66 -29.16
C SER F 69 45.61 -32.43 -27.85
N GLY F 70 44.42 -32.72 -27.34
CA GLY F 70 44.32 -33.41 -26.06
C GLY F 70 44.94 -32.55 -24.97
N ASN F 71 45.90 -33.11 -24.27
CA ASN F 71 46.58 -32.42 -23.18
C ASN F 71 47.94 -31.89 -23.60
N THR F 72 48.23 -31.88 -24.91
CA THR F 72 49.49 -31.39 -25.44
C THR F 72 49.27 -30.14 -26.27
N ALA F 73 50.00 -29.08 -25.98
CA ALA F 73 49.93 -27.83 -26.71
C ALA F 73 51.23 -27.73 -27.47
N SER F 74 51.22 -27.05 -28.61
CA SER F 74 52.47 -26.87 -29.33
C SER F 74 52.50 -25.53 -30.04
N LEU F 75 53.73 -25.08 -30.27
CA LEU F 75 54.04 -23.88 -31.04
C LEU F 75 54.83 -24.32 -32.26
N THR F 76 54.50 -23.74 -33.40
CA THR F 76 55.18 -24.02 -34.66
C THR F 76 55.76 -22.72 -35.17
N ILE F 77 57.02 -22.79 -35.59
CA ILE F 77 57.72 -21.66 -36.20
C ILE F 77 58.04 -22.11 -37.61
N SER F 78 57.61 -21.33 -38.60
CA SER F 78 57.80 -21.64 -40.01
C SER F 78 58.68 -20.58 -40.67
N GLY F 79 59.86 -20.99 -41.12
CA GLY F 79 60.81 -20.07 -41.72
C GLY F 79 61.84 -19.54 -40.74
N LEU F 80 62.54 -20.44 -40.05
CA LEU F 80 63.49 -20.06 -39.01
C LEU F 80 64.52 -19.04 -39.49
N GLN F 81 64.71 -18.02 -38.67
CA GLN F 81 65.69 -16.96 -38.87
C GLN F 81 66.79 -17.09 -37.83
N ALA F 82 67.95 -16.51 -38.14
CA ALA F 82 69.05 -16.50 -37.18
C ALA F 82 68.69 -15.74 -35.91
N ASP F 83 67.68 -14.87 -35.95
CA ASP F 83 67.27 -14.05 -34.83
C ASP F 83 66.24 -14.74 -33.93
N ASP F 84 65.92 -16.01 -34.20
CA ASP F 84 64.96 -16.78 -33.43
C ASP F 84 65.60 -17.59 -32.31
N GLU F 85 66.90 -17.40 -32.04
CA GLU F 85 67.55 -18.16 -30.98
C GLU F 85 67.11 -17.58 -29.64
N ALA F 86 66.27 -18.33 -28.93
CA ALA F 86 65.66 -17.85 -27.70
C ALA F 86 65.16 -19.04 -26.89
N ASP F 87 64.87 -18.76 -25.62
CA ASP F 87 64.22 -19.72 -24.74
C ASP F 87 62.71 -19.54 -24.87
N TYR F 88 62.03 -20.58 -25.34
CA TYR F 88 60.58 -20.54 -25.52
C TYR F 88 59.92 -21.21 -24.33
N TYR F 89 58.83 -20.60 -23.86
CA TYR F 89 58.07 -21.11 -22.74
C TYR F 89 56.60 -21.19 -23.11
N CYS F 90 55.93 -22.20 -22.56
CA CYS F 90 54.48 -22.30 -22.61
C CYS F 90 53.95 -21.92 -21.25
N SER F 91 52.77 -21.33 -21.21
CA SER F 91 52.12 -20.98 -19.95
C SER F 91 50.65 -21.30 -20.04
N ALA F 92 50.17 -22.16 -19.15
CA ALA F 92 48.77 -22.58 -19.15
C ALA F 92 48.06 -22.06 -17.91
N TYR F 93 46.82 -21.62 -18.11
CA TYR F 93 45.95 -21.30 -17.00
C TYR F 93 45.48 -22.62 -16.39
N ALA F 94 45.58 -22.76 -15.06
CA ALA F 94 45.25 -24.01 -14.40
C ALA F 94 44.22 -23.85 -13.28
N GLY F 95 43.28 -22.93 -13.44
CA GLY F 95 42.21 -22.77 -12.46
C GLY F 95 42.49 -21.71 -11.41
N ARG F 96 41.64 -21.74 -10.38
CA ARG F 96 41.65 -20.72 -9.35
C ARG F 96 42.67 -21.01 -8.24
N GLN F 97 43.06 -22.27 -8.05
CA GLN F 97 44.03 -22.58 -7.01
C GLN F 97 45.45 -22.35 -7.50
N THR F 98 45.71 -22.74 -8.75
CA THR F 98 47.00 -22.58 -9.42
C THR F 98 46.70 -21.76 -10.65
N PHE F 99 46.96 -20.44 -10.62
CA PHE F 99 46.53 -19.63 -11.75
C PHE F 99 47.33 -19.91 -13.01
N TYR F 100 48.66 -19.81 -12.94
CA TYR F 100 49.46 -20.05 -14.14
C TYR F 100 50.59 -21.00 -13.84
N ILE F 101 50.81 -21.91 -14.77
CA ILE F 101 51.90 -22.87 -14.72
C ILE F 101 52.73 -22.70 -15.98
N PHE F 102 54.03 -22.52 -15.81
CA PHE F 102 54.94 -22.39 -16.92
C PHE F 102 55.70 -23.70 -17.11
N GLY F 103 56.09 -23.96 -18.34
CA GLY F 103 56.94 -25.10 -18.65
C GLY F 103 58.40 -24.74 -18.51
N GLY F 104 59.25 -25.71 -18.79
CA GLY F 104 60.67 -25.47 -18.74
C GLY F 104 61.07 -24.70 -19.98
N GLY F 105 62.23 -24.05 -19.97
CA GLY F 105 62.62 -23.34 -21.16
C GLY F 105 63.10 -24.28 -22.23
N THR F 106 62.77 -23.95 -23.48
CA THR F 106 63.22 -24.67 -24.66
C THR F 106 64.18 -23.79 -25.43
N ARG F 107 65.43 -24.22 -25.53
CA ARG F 107 66.40 -23.43 -26.27
C ARG F 107 66.19 -23.76 -27.74
N LEU F 108 65.98 -22.74 -28.56
CA LEU F 108 65.85 -22.92 -30.00
C LEU F 108 67.15 -22.48 -30.64
N THR F 109 67.74 -23.35 -31.46
CA THR F 109 68.96 -23.03 -32.18
C THR F 109 68.66 -23.11 -33.67
N VAL F 110 69.38 -22.29 -34.44
CA VAL F 110 69.15 -22.19 -35.88
C VAL F 110 70.50 -22.25 -36.57
N ASN G 38 19.62 -40.04 12.54
CA ASN G 38 20.14 -38.71 12.23
C ASN G 38 19.29 -37.97 11.21
N LEU G 39 18.05 -37.65 11.59
CA LEU G 39 17.16 -36.86 10.75
C LEU G 39 17.14 -35.44 11.31
N TRP G 40 17.00 -34.49 10.39
CA TRP G 40 17.02 -33.08 10.68
C TRP G 40 15.78 -32.42 10.11
N VAL G 41 15.36 -31.32 10.73
CA VAL G 41 14.21 -30.56 10.23
C VAL G 41 14.63 -29.82 8.97
N THR G 42 13.88 -30.03 7.88
CA THR G 42 14.09 -29.30 6.64
C THR G 42 12.84 -28.50 6.37
N VAL G 43 13.03 -27.22 6.09
CA VAL G 43 11.94 -26.28 5.84
C VAL G 43 11.68 -26.22 4.34
N TYR G 44 10.41 -26.38 3.96
CA TYR G 44 9.99 -26.32 2.56
C TYR G 44 8.98 -25.19 2.43
N TYR G 45 9.14 -24.38 1.39
CA TYR G 45 8.23 -23.29 1.09
C TYR G 45 7.72 -23.50 -0.33
N GLY G 46 6.40 -23.50 -0.49
CA GLY G 46 5.77 -23.76 -1.77
C GLY G 46 5.13 -25.13 -1.69
N VAL G 47 4.77 -25.53 -0.48
CA VAL G 47 4.20 -26.85 -0.23
C VAL G 47 2.74 -26.87 -0.67
N PRO G 48 2.28 -27.91 -1.44
CA PRO G 48 0.87 -27.95 -1.89
C PRO G 48 -0.11 -28.40 -0.81
N VAL G 49 -0.25 -27.57 0.23
CA VAL G 49 -1.11 -27.83 1.37
C VAL G 49 -2.06 -26.66 1.54
N TRP G 50 -3.30 -26.98 1.90
CA TRP G 50 -4.30 -25.95 2.11
C TRP G 50 -5.22 -26.36 3.25
N LYS G 51 -5.93 -25.36 3.77
CA LYS G 51 -6.93 -25.53 4.82
C LYS G 51 -8.17 -24.76 4.44
N ASP G 52 -9.31 -25.19 4.98
CA ASP G 52 -10.55 -24.47 4.73
C ASP G 52 -10.39 -23.03 5.22
N ALA G 53 -10.94 -22.08 4.47
CA ALA G 53 -10.81 -20.68 4.85
C ALA G 53 -12.03 -19.89 4.40
N GLU G 54 -12.29 -18.81 5.12
CA GLU G 54 -13.36 -17.87 4.81
C GLU G 54 -12.66 -16.55 4.50
N THR G 55 -12.65 -16.15 3.22
CA THR G 55 -11.99 -14.91 2.83
C THR G 55 -12.88 -14.11 1.91
N THR G 56 -12.37 -12.93 1.54
CA THR G 56 -13.06 -12.03 0.62
C THR G 56 -12.75 -12.43 -0.81
N LEU G 57 -13.79 -12.66 -1.60
CA LEU G 57 -13.63 -12.99 -3.01
C LEU G 57 -13.99 -11.75 -3.83
N PHE G 58 -13.38 -11.63 -5.00
CA PHE G 58 -13.67 -10.51 -5.91
C PHE G 58 -14.25 -11.12 -7.18
N CYS G 59 -14.62 -10.29 -8.15
CA CYS G 59 -15.19 -10.80 -9.39
C CYS G 59 -14.32 -10.50 -10.61
N ALA G 60 -14.53 -11.34 -11.61
CA ALA G 60 -14.05 -11.17 -12.96
C ALA G 60 -15.23 -11.31 -13.91
N SER G 61 -15.18 -10.61 -15.04
CA SER G 61 -16.21 -10.76 -16.06
C SER G 61 -15.67 -10.40 -17.43
N ASP G 62 -16.07 -11.17 -18.43
CA ASP G 62 -15.63 -10.94 -19.80
C ASP G 62 -16.32 -9.71 -20.37
N HIS G 71 -23.63 -0.36 -18.78
CA HIS G 71 -23.87 -0.54 -17.36
C HIS G 71 -24.98 -1.52 -17.05
N ASN G 72 -24.89 -2.11 -15.86
CA ASN G 72 -25.87 -3.06 -15.37
C ASN G 72 -25.96 -2.89 -13.86
N VAL G 73 -26.98 -3.52 -13.28
CA VAL G 73 -27.23 -3.42 -11.85
C VAL G 73 -26.05 -3.95 -11.04
N TRP G 74 -25.42 -5.01 -11.52
CA TRP G 74 -24.39 -5.67 -10.75
C TRP G 74 -23.03 -5.03 -10.93
N ALA G 75 -22.96 -3.88 -11.61
CA ALA G 75 -21.74 -3.11 -11.79
C ALA G 75 -20.60 -4.00 -12.25
N THR G 76 -20.88 -4.77 -13.29
CA THR G 76 -19.90 -5.73 -13.75
C THR G 76 -18.70 -5.04 -14.39
N HIS G 77 -18.80 -3.75 -14.70
CA HIS G 77 -17.66 -3.03 -15.24
C HIS G 77 -16.58 -2.82 -14.18
N ALA G 78 -16.91 -3.03 -12.91
CA ALA G 78 -15.96 -2.95 -11.81
C ALA G 78 -15.18 -4.25 -11.63
N CYS G 79 -15.52 -5.30 -12.37
CA CYS G 79 -14.84 -6.58 -12.26
C CYS G 79 -13.56 -6.52 -13.08
N VAL G 80 -12.60 -7.36 -12.71
CA VAL G 80 -11.35 -7.42 -13.46
C VAL G 80 -11.63 -8.22 -14.74
N PRO G 81 -10.78 -8.13 -15.77
CA PRO G 81 -10.94 -9.03 -16.91
C PRO G 81 -10.73 -10.48 -16.49
N THR G 82 -11.39 -11.38 -17.21
CA THR G 82 -11.22 -12.80 -16.94
C THR G 82 -9.98 -13.31 -17.65
N ASP G 83 -9.55 -14.48 -17.26
CA ASP G 83 -8.44 -15.12 -17.95
C ASP G 83 -8.94 -15.57 -19.32
N PRO G 84 -8.33 -15.12 -20.42
CA PRO G 84 -8.79 -15.56 -21.75
C PRO G 84 -8.82 -17.07 -21.93
N ASN G 85 -8.04 -17.81 -21.13
CA ASN G 85 -7.96 -19.26 -21.22
C ASN G 85 -7.86 -19.79 -19.78
N PRO G 86 -8.99 -19.87 -19.06
CA PRO G 86 -8.93 -20.22 -17.64
C PRO G 86 -8.22 -21.55 -17.40
N GLN G 87 -7.46 -21.60 -16.32
CA GLN G 87 -6.66 -22.78 -16.00
C GLN G 87 -7.32 -23.60 -14.90
N GLU G 88 -7.99 -24.67 -15.28
CA GLU G 88 -8.60 -25.61 -14.35
C GLU G 88 -7.58 -26.73 -14.25
N ILE G 89 -7.03 -26.95 -13.07
CA ILE G 89 -5.96 -27.91 -12.86
C ILE G 89 -6.48 -29.07 -12.05
N HIS G 90 -6.51 -30.26 -12.66
CA HIS G 90 -7.02 -31.44 -11.98
C HIS G 90 -6.06 -31.85 -10.88
N LEU G 91 -6.61 -32.09 -9.68
CA LEU G 91 -5.80 -32.50 -8.54
C LEU G 91 -5.93 -34.02 -8.43
N GLU G 92 -5.12 -34.71 -9.23
CA GLU G 92 -5.23 -36.17 -9.29
C GLU G 92 -4.85 -36.76 -7.93
N ASN G 93 -5.62 -37.77 -7.52
CA ASN G 93 -5.45 -38.46 -6.25
C ASN G 93 -5.75 -37.58 -5.05
N VAL G 94 -6.45 -36.47 -5.24
CA VAL G 94 -6.89 -35.58 -4.16
C VAL G 94 -8.39 -35.75 -3.96
N THR G 95 -8.77 -36.14 -2.75
CA THR G 95 -10.17 -36.28 -2.36
C THR G 95 -10.43 -35.22 -1.31
N GLU G 96 -11.45 -34.38 -1.55
CA GLU G 96 -11.77 -33.29 -0.63
C GLU G 96 -13.19 -33.42 -0.11
N GLU G 97 -13.44 -32.91 1.09
CA GLU G 97 -14.78 -32.90 1.64
C GLU G 97 -15.44 -31.57 1.33
N PHE G 98 -16.59 -31.64 0.66
CA PHE G 98 -17.38 -30.49 0.26
C PHE G 98 -18.67 -30.44 1.06
N ASN G 99 -19.22 -29.25 1.24
CA ASN G 99 -20.52 -29.12 1.90
C ASN G 99 -21.19 -27.85 1.36
N MET G 100 -22.11 -28.04 0.42
CA MET G 100 -22.75 -26.90 -0.24
C MET G 100 -23.66 -26.12 0.71
N TRP G 101 -24.06 -26.71 1.84
CA TRP G 101 -25.00 -26.06 2.73
C TRP G 101 -24.34 -25.08 3.69
N LYS G 102 -23.03 -25.22 3.92
CA LYS G 102 -22.27 -24.32 4.79
C LYS G 102 -21.28 -23.51 3.95
N ASN G 103 -21.42 -23.55 2.64
CA ASN G 103 -20.49 -22.91 1.73
C ASN G 103 -20.58 -21.40 1.89
N ASN G 104 -19.50 -20.80 2.37
CA ASN G 104 -19.52 -19.36 2.66
C ASN G 104 -19.56 -18.52 1.39
N MET G 105 -19.35 -19.15 0.22
CA MET G 105 -19.41 -18.42 -1.02
C MET G 105 -20.84 -17.99 -1.32
N VAL G 106 -21.82 -18.70 -0.77
CA VAL G 106 -23.22 -18.39 -1.02
C VAL G 106 -23.61 -17.15 -0.25
N GLU G 107 -23.22 -17.09 1.03
CA GLU G 107 -23.52 -15.91 1.83
C GLU G 107 -22.78 -14.70 1.29
N GLN G 108 -21.55 -14.91 0.79
CA GLN G 108 -20.80 -13.78 0.27
C GLN G 108 -21.40 -13.29 -1.04
N MET G 109 -21.81 -14.20 -1.93
CA MET G 109 -22.46 -13.76 -3.16
C MET G 109 -23.77 -13.06 -2.86
N HIS G 110 -24.55 -13.58 -1.89
CA HIS G 110 -25.81 -12.94 -1.57
C HIS G 110 -25.57 -11.51 -1.11
N THR G 111 -24.58 -11.33 -0.22
CA THR G 111 -24.24 -10.01 0.28
C THR G 111 -23.84 -9.10 -0.87
N ASP G 112 -23.04 -9.62 -1.81
CA ASP G 112 -22.63 -8.81 -2.95
C ASP G 112 -23.84 -8.38 -3.77
N ILE G 113 -24.79 -9.29 -4.00
CA ILE G 113 -25.95 -8.94 -4.80
C ILE G 113 -26.75 -7.83 -4.13
N ILE G 114 -26.88 -7.91 -2.79
CA ILE G 114 -27.64 -6.88 -2.09
C ILE G 114 -26.94 -5.54 -2.19
N SER G 115 -25.61 -5.52 -1.97
CA SER G 115 -24.89 -4.27 -2.00
C SER G 115 -24.88 -3.67 -3.40
N LEU G 116 -24.78 -4.52 -4.43
CA LEU G 116 -24.79 -4.01 -5.80
C LEU G 116 -26.15 -3.43 -6.13
N TRP G 117 -27.21 -4.10 -5.70
CA TRP G 117 -28.56 -3.63 -5.93
C TRP G 117 -28.74 -2.25 -5.31
N ASP G 118 -28.30 -2.10 -4.05
CA ASP G 118 -28.47 -0.83 -3.37
C ASP G 118 -27.68 0.29 -4.02
N GLN G 119 -26.43 0.05 -4.43
CA GLN G 119 -25.71 1.17 -5.04
C GLN G 119 -26.24 1.45 -6.44
N SER G 120 -26.85 0.45 -7.10
CA SER G 120 -27.44 0.69 -8.40
C SER G 120 -28.65 1.61 -8.30
N LEU G 121 -29.51 1.37 -7.30
CA LEU G 121 -30.69 2.22 -7.17
C LEU G 121 -30.43 3.55 -6.47
N LYS G 122 -29.42 3.64 -5.60
CA LYS G 122 -29.09 4.87 -4.87
C LYS G 122 -29.13 6.16 -5.71
N PRO G 123 -28.48 6.26 -6.87
CA PRO G 123 -28.54 7.52 -7.64
C PRO G 123 -29.77 7.70 -8.50
N CYS G 124 -30.77 6.82 -8.42
CA CYS G 124 -31.92 6.90 -9.31
C CYS G 124 -33.04 7.74 -8.68
N VAL G 125 -33.96 8.17 -9.54
CA VAL G 125 -35.06 9.04 -9.14
C VAL G 125 -35.96 8.38 -8.11
N LYS G 126 -36.26 9.10 -7.03
CA LYS G 126 -37.15 8.65 -5.98
C LYS G 126 -38.57 8.99 -6.41
N LEU G 127 -39.53 8.18 -5.95
CA LEU G 127 -40.94 8.39 -6.29
C LEU G 127 -41.80 8.83 -5.11
N THR G 128 -41.24 9.51 -4.12
CA THR G 128 -42.05 9.98 -3.00
C THR G 128 -43.17 10.93 -3.41
N PRO G 129 -43.03 11.78 -4.45
CA PRO G 129 -44.17 12.63 -4.85
C PRO G 129 -45.40 11.87 -5.35
N LEU G 130 -45.32 10.58 -5.64
CA LEU G 130 -46.47 9.82 -6.13
C LEU G 130 -47.31 9.20 -5.03
N CYS G 131 -46.96 9.36 -3.75
CA CYS G 131 -47.78 8.78 -2.68
C CYS G 131 -48.90 9.78 -2.40
N VAL G 132 -49.81 9.87 -3.36
CA VAL G 132 -50.93 10.80 -3.36
C VAL G 132 -52.18 10.01 -3.67
N THR G 133 -53.33 10.63 -3.41
CA THR G 133 -54.59 9.98 -3.75
C THR G 133 -54.70 9.87 -5.27
N LEU G 134 -55.03 8.67 -5.74
CA LEU G 134 -55.24 8.41 -7.15
C LEU G 134 -56.74 8.26 -7.39
N GLN G 135 -57.19 8.72 -8.55
CA GLN G 135 -58.57 8.52 -8.99
C GLN G 135 -58.51 7.53 -10.15
N CYS G 136 -58.92 6.30 -9.90
CA CYS G 136 -58.72 5.19 -10.83
C CYS G 136 -60.05 4.67 -11.36
N THR G 137 -60.06 4.38 -12.66
CA THR G 137 -61.19 3.71 -13.31
C THR G 137 -60.67 2.47 -14.02
N ASN G 138 -61.60 1.66 -14.53
CA ASN G 138 -61.20 0.44 -15.23
C ASN G 138 -60.81 0.76 -16.66
N VAL G 139 -59.81 0.05 -17.16
CA VAL G 139 -59.48 0.09 -18.58
C VAL G 139 -60.44 -0.83 -19.30
N THR G 140 -61.14 -0.32 -20.32
CA THR G 140 -62.09 -1.10 -21.08
C THR G 140 -61.78 -1.18 -22.57
N ASN G 141 -60.58 -0.71 -22.95
CA ASN G 141 -60.21 -0.67 -24.39
C ASN G 141 -59.73 -2.05 -24.87
N ASN G 142 -60.55 -2.75 -25.65
CA ASN G 142 -60.17 -4.04 -26.22
C ASN G 142 -59.55 -5.00 -25.21
N ILE G 143 -60.17 -5.10 -24.05
CA ILE G 143 -59.69 -5.96 -22.97
C ILE G 143 -60.35 -7.33 -23.05
N THR G 144 -59.54 -8.37 -22.82
CA THR G 144 -60.03 -9.75 -22.81
C THR G 144 -60.79 -10.02 -21.51
N ASP G 145 -61.48 -11.16 -21.45
CA ASP G 145 -62.25 -11.51 -20.25
C ASP G 145 -61.36 -11.72 -19.03
N ASP G 146 -60.09 -12.08 -19.22
CA ASP G 146 -59.22 -12.29 -18.07
C ASP G 146 -58.62 -10.97 -17.59
N MET G 147 -58.37 -10.02 -18.49
CA MET G 147 -57.82 -8.71 -18.12
C MET G 147 -58.93 -7.75 -17.72
N ARG G 148 -59.72 -8.14 -16.71
CA ARG G 148 -60.82 -7.33 -16.19
C ARG G 148 -60.51 -6.96 -14.75
N GLY G 149 -60.09 -5.70 -14.55
CA GLY G 149 -59.68 -5.21 -13.26
C GLY G 149 -58.18 -5.27 -13.03
N GLU G 150 -57.45 -5.94 -13.92
CA GLU G 150 -56.01 -6.07 -13.77
C GLU G 150 -55.27 -4.76 -13.98
N LEU G 151 -55.75 -3.88 -14.85
CA LEU G 151 -55.08 -2.63 -15.17
C LEU G 151 -56.03 -1.47 -14.95
N LYS G 152 -55.59 -0.48 -14.16
CA LYS G 152 -56.39 0.67 -13.78
C LYS G 152 -55.84 1.94 -14.41
N ASN G 153 -56.74 2.79 -14.93
CA ASN G 153 -56.36 4.09 -15.50
C ASN G 153 -56.53 5.12 -14.38
N CYS G 154 -55.41 5.51 -13.79
CA CYS G 154 -55.38 6.35 -12.59
C CYS G 154 -54.88 7.74 -12.93
N SER G 155 -55.63 8.74 -12.46
CA SER G 155 -55.28 10.14 -12.61
C SER G 155 -54.84 10.70 -11.25
N PHE G 156 -53.91 11.65 -11.29
CA PHE G 156 -53.44 12.28 -10.07
C PHE G 156 -52.89 13.66 -10.38
N ASN G 157 -52.78 14.47 -9.32
CA ASN G 157 -52.26 15.83 -9.40
C ASN G 157 -50.82 15.83 -8.92
N MET G 158 -49.90 16.10 -9.84
CA MET G 158 -48.47 16.11 -9.56
C MET G 158 -47.87 17.38 -10.12
N THR G 159 -46.77 17.84 -9.53
CA THR G 159 -46.13 19.04 -10.03
C THR G 159 -45.53 18.78 -11.39
N THR G 160 -45.23 19.87 -12.10
CA THR G 160 -44.66 19.82 -13.44
C THR G 160 -43.30 20.53 -13.48
N GLU G 161 -42.98 21.15 -14.62
CA GLU G 161 -41.68 21.77 -14.81
C GLU G 161 -41.39 22.81 -13.74
N LEU G 162 -42.40 23.56 -13.32
CA LEU G 162 -42.25 24.57 -12.27
C LEU G 162 -42.76 24.03 -10.94
N ARG G 163 -42.14 24.49 -9.85
CA ARG G 163 -42.49 24.01 -8.53
C ARG G 163 -43.90 24.42 -8.08
N ASP G 164 -44.39 25.57 -8.55
CA ASP G 164 -45.72 26.01 -8.16
C ASP G 164 -46.82 25.46 -9.04
N LYS G 165 -46.52 25.20 -10.31
CA LYS G 165 -47.51 24.74 -11.25
C LYS G 165 -47.75 23.25 -11.08
N ARG G 166 -49.01 22.84 -11.09
CA ARG G 166 -49.41 21.45 -10.99
C ARG G 166 -50.19 21.04 -12.23
N GLN G 167 -50.11 19.76 -12.57
CA GLN G 167 -50.88 19.19 -13.67
C GLN G 167 -51.57 17.91 -13.23
N LYS G 168 -52.71 17.67 -13.87
CA LYS G 168 -53.42 16.41 -13.74
C LYS G 168 -52.82 15.49 -14.78
N VAL G 169 -52.25 14.38 -14.34
CA VAL G 169 -51.55 13.44 -15.21
C VAL G 169 -52.20 12.07 -15.01
N HIS G 170 -51.95 11.17 -15.95
CA HIS G 170 -52.55 9.85 -15.94
C HIS G 170 -51.49 8.78 -16.16
N ALA G 171 -51.75 7.60 -15.62
CA ALA G 171 -50.91 6.43 -15.83
C ALA G 171 -51.77 5.18 -15.71
N LEU G 172 -51.33 4.10 -16.37
CA LEU G 172 -52.00 2.81 -16.23
C LEU G 172 -51.18 1.93 -15.29
N PHE G 173 -51.76 1.58 -14.15
CA PHE G 173 -51.08 0.80 -13.14
C PHE G 173 -51.70 -0.59 -13.01
N TYR G 174 -50.89 -1.57 -12.63
CA TYR G 174 -51.41 -2.90 -12.44
C TYR G 174 -52.17 -2.95 -11.12
N LYS G 175 -53.21 -3.77 -11.06
CA LYS G 175 -53.99 -3.93 -9.83
C LYS G 175 -53.12 -4.26 -8.63
N LEU G 176 -52.08 -5.08 -8.82
CA LEU G 176 -51.24 -5.49 -7.71
C LEU G 176 -50.38 -4.37 -7.14
N ASP G 177 -50.26 -3.25 -7.84
CA ASP G 177 -49.48 -2.11 -7.38
C ASP G 177 -50.32 -1.06 -6.67
N ILE G 178 -51.63 -1.24 -6.59
CA ILE G 178 -52.56 -0.28 -6.02
C ILE G 178 -53.37 -0.92 -4.91
N VAL G 179 -53.50 -0.20 -3.79
CA VAL G 179 -54.31 -0.60 -2.65
C VAL G 179 -55.40 0.45 -2.45
N PRO G 180 -56.67 0.08 -2.22
CA PRO G 180 -57.70 1.09 -1.96
C PRO G 180 -57.39 1.90 -0.71
N ILE G 181 -57.78 3.18 -0.75
CA ILE G 181 -57.63 4.02 0.42
C ILE G 181 -58.78 3.78 1.40
N ASN G 182 -59.99 3.66 0.88
CA ASN G 182 -61.20 3.43 1.68
C ASN G 182 -61.82 2.10 1.28
N ASN G 186 -65.25 4.23 -3.52
CA ASN G 186 -65.37 5.61 -3.96
C ASN G 186 -64.25 6.02 -4.92
N THR G 187 -63.57 5.06 -5.55
CA THR G 187 -62.55 5.29 -6.58
C THR G 187 -61.24 5.86 -6.04
N SER G 188 -61.12 6.14 -4.74
CA SER G 188 -59.87 6.67 -4.21
C SER G 188 -58.91 5.53 -3.89
N TYR G 189 -57.74 5.58 -4.52
CA TYR G 189 -56.70 4.59 -4.44
C TYR G 189 -55.33 5.22 -4.17
N ARG G 190 -54.39 4.39 -3.67
CA ARG G 190 -53.01 4.81 -3.51
C ARG G 190 -52.09 3.68 -3.96
N LEU G 191 -50.83 4.02 -4.24
CA LEU G 191 -49.87 3.00 -4.63
C LEU G 191 -49.55 2.13 -3.43
N ILE G 192 -49.34 0.83 -3.69
CA ILE G 192 -49.13 -0.12 -2.61
C ILE G 192 -47.89 0.24 -1.79
N ASN G 193 -48.09 0.33 -0.47
CA ASN G 193 -47.03 0.65 0.50
C ASN G 193 -46.33 1.98 0.19
N CYS G 194 -47.02 2.95 -0.41
CA CYS G 194 -46.32 4.17 -0.77
C CYS G 194 -45.94 5.01 0.45
N ASN G 195 -46.56 4.76 1.60
CA ASN G 195 -46.31 5.51 2.82
C ASN G 195 -45.49 4.74 3.84
N THR G 196 -45.23 3.46 3.60
CA THR G 196 -44.50 2.60 4.53
C THR G 196 -43.16 2.14 3.95
N ALA G 197 -42.96 2.31 2.65
CA ALA G 197 -41.74 1.95 1.96
C ALA G 197 -41.33 3.11 1.07
N ALA G 198 -40.03 3.33 0.96
CA ALA G 198 -39.51 4.36 0.08
C ALA G 198 -39.33 3.72 -1.29
N ILE G 199 -40.19 4.11 -2.23
CA ILE G 199 -40.19 3.54 -3.56
C ILE G 199 -39.18 4.33 -4.38
N THR G 200 -38.20 3.63 -4.96
CA THR G 200 -37.17 4.23 -5.79
C THR G 200 -37.40 3.76 -7.20
N GLN G 201 -37.38 4.69 -8.15
CA GLN G 201 -37.55 4.30 -9.55
C GLN G 201 -36.23 3.75 -10.05
N ALA G 202 -36.26 2.61 -10.71
CA ALA G 202 -35.02 2.09 -11.27
C ALA G 202 -34.64 2.97 -12.46
N CYS G 203 -33.35 3.15 -12.65
CA CYS G 203 -32.91 3.90 -13.81
C CYS G 203 -33.19 3.12 -15.09
N PRO G 204 -33.93 3.68 -16.06
CA PRO G 204 -34.22 2.92 -17.30
C PRO G 204 -33.00 2.50 -18.10
N LYS G 205 -31.85 3.12 -17.86
CA LYS G 205 -30.62 2.85 -18.58
C LYS G 205 -29.75 1.79 -17.95
N VAL G 206 -30.12 1.26 -16.79
CA VAL G 206 -29.33 0.26 -16.10
C VAL G 206 -30.03 -1.07 -16.33
N SER G 207 -29.37 -1.95 -17.07
CA SER G 207 -29.95 -3.22 -17.48
C SER G 207 -30.13 -4.17 -16.32
N PHE G 208 -31.22 -4.94 -16.37
CA PHE G 208 -31.53 -6.00 -15.42
C PHE G 208 -31.20 -7.36 -16.00
N GLU G 209 -30.50 -7.42 -17.13
CA GLU G 209 -30.14 -8.70 -17.74
C GLU G 209 -29.00 -9.33 -16.96
N PRO G 210 -29.15 -10.54 -16.40
CA PRO G 210 -28.06 -11.17 -15.67
C PRO G 210 -26.81 -11.33 -16.53
N ILE G 211 -25.67 -10.92 -15.98
CA ILE G 211 -24.38 -11.02 -16.65
C ILE G 211 -23.53 -11.98 -15.82
N PRO G 212 -22.87 -12.98 -16.42
CA PRO G 212 -22.10 -13.94 -15.62
C PRO G 212 -21.04 -13.25 -14.75
N ILE G 213 -20.95 -13.71 -13.51
CA ILE G 213 -19.97 -13.22 -12.55
C ILE G 213 -19.07 -14.38 -12.20
N HIS G 214 -17.76 -14.19 -12.32
CA HIS G 214 -16.80 -15.22 -11.99
C HIS G 214 -16.19 -14.85 -10.64
N TYR G 215 -16.37 -15.68 -9.61
CA TYR G 215 -15.80 -15.35 -8.31
C TYR G 215 -14.37 -15.84 -8.21
N CYS G 216 -13.46 -14.93 -7.88
CA CYS G 216 -12.03 -15.14 -7.90
C CYS G 216 -11.47 -15.00 -6.50
N ALA G 217 -10.55 -15.90 -6.15
CA ALA G 217 -9.88 -15.93 -4.86
C ALA G 217 -8.72 -14.92 -4.81
N PRO G 218 -8.43 -14.38 -3.62
CA PRO G 218 -7.19 -13.60 -3.45
C PRO G 218 -5.98 -14.49 -3.65
N ALA G 219 -4.86 -13.86 -4.05
CA ALA G 219 -3.63 -14.65 -4.19
C ALA G 219 -3.32 -15.25 -2.83
N GLY G 220 -2.87 -16.50 -2.84
CA GLY G 220 -2.59 -17.23 -1.63
C GLY G 220 -3.75 -18.13 -1.23
N PHE G 221 -4.88 -17.99 -1.92
CA PHE G 221 -6.10 -18.76 -1.74
C PHE G 221 -6.40 -19.42 -3.09
N ALA G 222 -7.24 -20.45 -3.08
CA ALA G 222 -7.60 -21.14 -4.31
C ALA G 222 -9.05 -21.61 -4.19
N ILE G 223 -9.72 -21.79 -5.33
CA ILE G 223 -11.07 -22.32 -5.32
C ILE G 223 -10.97 -23.76 -5.82
N LEU G 224 -11.52 -24.69 -5.06
CA LEU G 224 -11.50 -26.09 -5.47
C LEU G 224 -12.88 -26.41 -6.03
N LYS G 225 -12.90 -27.08 -7.17
CA LYS G 225 -14.10 -27.47 -7.87
C LYS G 225 -14.25 -28.98 -7.78
N CYS G 226 -15.47 -29.43 -7.49
CA CYS G 226 -15.80 -30.84 -7.41
C CYS G 226 -16.26 -31.30 -8.79
N LYS G 227 -15.54 -32.27 -9.35
CA LYS G 227 -15.78 -32.81 -10.68
C LYS G 227 -16.55 -34.12 -10.66
N ASP G 228 -17.02 -34.55 -9.49
CA ASP G 228 -17.77 -35.80 -9.38
C ASP G 228 -19.18 -35.53 -9.90
N LYS G 229 -19.51 -36.17 -11.02
CA LYS G 229 -20.77 -35.93 -11.71
C LYS G 229 -21.98 -36.34 -10.88
N LYS G 230 -21.78 -37.19 -9.86
CA LYS G 230 -22.82 -37.67 -8.96
C LYS G 230 -22.76 -37.01 -7.59
N PHE G 231 -21.99 -35.94 -7.43
CA PHE G 231 -21.86 -35.29 -6.14
C PHE G 231 -23.20 -34.69 -5.71
N ASN G 232 -23.63 -35.05 -4.50
CA ASN G 232 -24.94 -34.66 -3.98
C ASN G 232 -24.91 -33.46 -3.03
N GLY G 233 -23.81 -32.70 -3.00
CA GLY G 233 -23.70 -31.51 -2.19
C GLY G 233 -22.95 -31.63 -0.88
N THR G 234 -22.77 -32.83 -0.36
CA THR G 234 -22.03 -33.01 0.88
C THR G 234 -21.11 -34.22 0.75
N GLY G 235 -20.06 -34.22 1.56
CA GLY G 235 -19.21 -35.37 1.68
C GLY G 235 -18.02 -35.39 0.74
N PRO G 236 -17.30 -36.52 0.75
CA PRO G 236 -16.09 -36.65 -0.07
C PRO G 236 -16.36 -36.48 -1.55
N CYS G 237 -15.41 -35.84 -2.23
CA CYS G 237 -15.43 -35.63 -3.68
C CYS G 237 -14.11 -36.21 -4.16
N PRO G 238 -14.12 -37.42 -4.76
CA PRO G 238 -12.86 -38.05 -5.18
C PRO G 238 -12.19 -37.43 -6.40
N SER G 239 -12.85 -36.51 -7.10
CA SER G 239 -12.31 -35.89 -8.31
C SER G 239 -12.45 -34.39 -8.14
N VAL G 240 -11.33 -33.75 -7.81
CA VAL G 240 -11.25 -32.35 -7.46
C VAL G 240 -10.22 -31.68 -8.34
N SER G 241 -10.49 -30.44 -8.73
CA SER G 241 -9.55 -29.62 -9.49
C SER G 241 -9.49 -28.26 -8.82
N THR G 242 -8.38 -27.55 -9.01
CA THR G 242 -8.27 -26.20 -8.47
C THR G 242 -8.43 -25.21 -9.60
N VAL G 243 -9.16 -24.12 -9.32
CA VAL G 243 -9.39 -23.07 -10.30
C VAL G 243 -9.03 -21.73 -9.69
N GLN G 244 -8.75 -20.81 -10.63
CA GLN G 244 -8.50 -19.41 -10.35
C GLN G 244 -9.78 -18.72 -9.94
N CYS G 245 -10.88 -19.05 -10.62
CA CYS G 245 -12.17 -18.42 -10.43
C CYS G 245 -13.26 -19.44 -10.74
N THR G 246 -14.49 -19.12 -10.34
CA THR G 246 -15.64 -19.95 -10.65
C THR G 246 -16.06 -19.76 -12.10
N HIS G 247 -16.98 -20.60 -12.56
CA HIS G 247 -17.51 -20.41 -13.90
C HIS G 247 -18.38 -19.16 -13.88
N GLY G 248 -18.86 -18.77 -15.05
CA GLY G 248 -19.66 -17.55 -15.03
C GLY G 248 -21.03 -17.92 -14.53
N ILE G 249 -21.40 -17.32 -13.39
CA ILE G 249 -22.69 -17.55 -12.74
C ILE G 249 -23.55 -16.34 -13.02
N LYS G 250 -24.69 -16.54 -13.67
CA LYS G 250 -25.56 -15.41 -13.94
C LYS G 250 -26.40 -15.14 -12.70
N PRO G 251 -26.44 -13.90 -12.19
CA PRO G 251 -27.26 -13.66 -10.99
C PRO G 251 -28.74 -13.59 -11.34
N VAL G 252 -29.28 -14.74 -11.76
CA VAL G 252 -30.68 -14.82 -12.14
C VAL G 252 -31.47 -14.92 -10.85
N VAL G 253 -32.47 -14.05 -10.72
CA VAL G 253 -33.32 -14.00 -9.54
C VAL G 253 -34.68 -14.54 -9.93
N SER G 254 -35.03 -15.69 -9.36
CA SER G 254 -36.30 -16.35 -9.65
C SER G 254 -36.70 -17.19 -8.46
N THR G 255 -37.96 -17.62 -8.45
CA THR G 255 -38.48 -18.53 -7.45
C THR G 255 -39.09 -19.74 -8.14
N GLN G 256 -39.21 -20.83 -7.39
CA GLN G 256 -39.82 -22.09 -7.81
C GLN G 256 -39.05 -22.81 -8.90
N LEU G 257 -38.82 -22.13 -10.02
CA LEU G 257 -38.06 -22.66 -11.13
C LEU G 257 -36.72 -21.94 -11.22
N LEU G 258 -35.66 -22.70 -11.47
CA LEU G 258 -34.34 -22.13 -11.66
C LEU G 258 -34.18 -21.93 -13.15
N LEU G 259 -34.03 -20.67 -13.59
CA LEU G 259 -33.95 -20.36 -15.01
C LEU G 259 -32.51 -20.11 -15.40
N ASN G 260 -32.11 -20.67 -16.54
CA ASN G 260 -30.74 -20.55 -17.05
C ASN G 260 -29.78 -21.19 -16.04
N GLY G 261 -28.49 -21.17 -16.32
CA GLY G 261 -27.51 -21.78 -15.43
C GLY G 261 -27.13 -23.20 -15.79
N SER G 262 -26.51 -23.87 -14.82
CA SER G 262 -25.89 -25.18 -15.06
C SER G 262 -26.87 -26.34 -15.00
N LEU G 263 -26.68 -27.29 -15.90
CA LEU G 263 -27.38 -28.56 -15.97
C LEU G 263 -26.54 -29.70 -15.40
N ALA G 264 -27.22 -30.73 -14.90
CA ALA G 264 -26.51 -31.91 -14.39
C ALA G 264 -25.83 -32.62 -15.55
N GLU G 265 -24.61 -33.11 -15.30
CA GLU G 265 -23.86 -33.76 -16.37
C GLU G 265 -24.48 -35.09 -16.83
N GLU G 266 -25.01 -35.90 -15.90
CA GLU G 266 -25.53 -37.22 -16.27
C GLU G 266 -27.02 -37.42 -16.00
N GLU G 267 -27.50 -37.03 -14.83
CA GLU G 267 -28.88 -37.31 -14.47
C GLU G 267 -29.36 -36.25 -13.48
N VAL G 268 -30.68 -36.19 -13.32
CA VAL G 268 -31.28 -35.23 -12.41
C VAL G 268 -30.75 -35.46 -11.01
N MET G 269 -30.31 -34.39 -10.36
CA MET G 269 -29.76 -34.46 -9.00
C MET G 269 -30.75 -33.90 -8.00
N ILE G 270 -30.96 -34.64 -6.91
CA ILE G 270 -31.82 -34.23 -5.81
C ILE G 270 -30.89 -33.92 -4.64
N ARG G 271 -30.78 -32.64 -4.27
CA ARG G 271 -29.86 -32.22 -3.22
C ARG G 271 -30.65 -31.53 -2.11
N SER G 272 -30.42 -31.94 -0.87
CA SER G 272 -31.11 -31.32 0.25
C SER G 272 -30.18 -31.35 1.46
N LYS G 273 -30.43 -30.42 2.38
CA LYS G 273 -29.61 -30.36 3.59
C LYS G 273 -29.85 -31.60 4.43
N ASP G 274 -31.11 -32.00 4.56
CA ASP G 274 -31.49 -33.21 5.28
C ASP G 274 -32.78 -33.66 4.59
N ILE G 275 -32.67 -34.71 3.76
CA ILE G 275 -33.81 -35.13 2.96
C ILE G 275 -34.94 -35.64 3.85
N ARG G 276 -34.65 -36.06 5.08
CA ARG G 276 -35.67 -36.58 5.98
C ARG G 276 -36.37 -35.47 6.76
N ASN G 277 -35.90 -34.23 6.65
CA ASN G 277 -36.46 -33.08 7.33
C ASN G 277 -37.33 -32.34 6.33
N ASN G 278 -38.65 -32.41 6.49
CA ASN G 278 -39.53 -31.84 5.49
C ASN G 278 -39.58 -30.31 5.52
N ALA G 279 -38.87 -29.67 6.45
CA ALA G 279 -38.82 -28.22 6.52
C ALA G 279 -37.68 -27.63 5.69
N LYS G 280 -36.85 -28.47 5.08
CA LYS G 280 -35.72 -28.04 4.28
C LYS G 280 -36.14 -28.04 2.82
N ASN G 281 -35.46 -27.23 2.02
CA ASN G 281 -35.75 -27.18 0.60
C ASN G 281 -34.95 -28.25 -0.12
N ILE G 282 -35.50 -28.70 -1.23
CA ILE G 282 -34.87 -29.68 -2.12
C ILE G 282 -34.53 -28.95 -3.39
N LEU G 283 -33.26 -28.97 -3.78
CA LEU G 283 -32.81 -28.35 -5.01
C LEU G 283 -32.67 -29.47 -6.03
N VAL G 284 -33.43 -29.36 -7.11
CA VAL G 284 -33.47 -30.37 -8.16
C VAL G 284 -32.72 -29.77 -9.34
N GLN G 285 -31.64 -30.43 -9.77
CA GLN G 285 -30.85 -29.96 -10.89
C GLN G 285 -31.16 -30.85 -12.09
N PHE G 286 -31.60 -30.24 -13.18
CA PHE G 286 -31.99 -30.97 -14.38
C PHE G 286 -30.76 -31.34 -15.20
N ASN G 287 -30.84 -32.47 -15.91
CA ASN G 287 -29.78 -32.86 -16.83
C ASN G 287 -30.06 -32.37 -18.24
N THR G 288 -31.32 -32.06 -18.54
CA THR G 288 -31.79 -31.58 -19.82
C THR G 288 -32.58 -30.30 -19.56
N PRO G 289 -32.40 -29.25 -20.37
CA PRO G 289 -33.17 -28.03 -20.10
C PRO G 289 -34.61 -28.20 -20.52
N VAL G 290 -35.51 -27.48 -19.84
CA VAL G 290 -36.90 -27.38 -20.29
C VAL G 290 -37.09 -25.95 -20.74
N GLN G 291 -37.44 -25.75 -22.01
CA GLN G 291 -37.57 -24.39 -22.52
C GLN G 291 -38.91 -23.81 -22.10
N ILE G 292 -38.89 -22.57 -21.59
CA ILE G 292 -40.08 -21.84 -21.20
C ILE G 292 -40.10 -20.51 -21.96
N ASN G 293 -41.17 -20.30 -22.74
CA ASN G 293 -41.34 -19.12 -23.58
C ASN G 293 -42.33 -18.18 -22.90
N CYS G 294 -41.85 -17.05 -22.38
CA CYS G 294 -42.67 -16.12 -21.62
C CYS G 294 -42.85 -14.84 -22.41
N THR G 295 -44.05 -14.25 -22.32
CA THR G 295 -44.34 -13.03 -23.05
C THR G 295 -45.27 -12.12 -22.27
N ARG G 296 -45.15 -10.84 -22.63
CA ARG G 296 -45.97 -9.73 -22.16
C ARG G 296 -46.51 -9.17 -23.48
N PRO G 297 -47.65 -9.72 -23.96
CA PRO G 297 -48.10 -9.44 -25.33
C PRO G 297 -48.51 -8.02 -25.60
N ASN G 298 -48.76 -7.22 -24.57
CA ASN G 298 -49.23 -5.86 -24.81
C ASN G 298 -48.11 -4.98 -25.36
N ASN G 299 -48.48 -4.12 -26.31
CA ASN G 299 -47.57 -3.14 -26.90
C ASN G 299 -47.68 -1.87 -26.06
N ASN G 300 -46.75 -1.72 -25.13
CA ASN G 300 -46.76 -0.62 -24.17
C ASN G 300 -45.98 0.57 -24.70
N THR G 301 -46.32 1.73 -24.13
CA THR G 301 -45.65 2.99 -24.40
C THR G 301 -45.16 3.51 -23.05
N ARG G 302 -44.19 4.41 -23.08
CA ARG G 302 -43.66 5.01 -21.85
C ARG G 302 -43.93 6.51 -21.86
N LYS G 303 -44.69 6.97 -20.88
CA LYS G 303 -45.09 8.38 -20.74
C LYS G 303 -44.18 9.01 -19.69
N SER G 304 -43.25 9.83 -20.13
CA SER G 304 -42.26 10.42 -19.23
C SER G 304 -42.80 11.74 -18.67
N ILE G 305 -43.07 11.76 -17.36
CA ILE G 305 -43.68 12.89 -16.64
C ILE G 305 -42.63 13.56 -15.74
N ARG G 306 -42.39 14.86 -15.92
CA ARG G 306 -41.36 15.53 -15.13
C ARG G 306 -41.70 15.49 -13.64
N ILE G 307 -40.74 15.03 -12.84
CA ILE G 307 -40.90 14.93 -11.40
C ILE G 307 -39.94 15.81 -10.63
N GLY G 308 -38.85 16.26 -11.24
CA GLY G 308 -37.88 17.07 -10.56
C GLY G 308 -36.90 17.67 -11.55
N PRO G 309 -35.84 18.38 -11.06
CA PRO G 309 -34.90 19.08 -11.94
C PRO G 309 -34.11 18.06 -12.75
N GLY G 310 -34.56 17.82 -13.99
CA GLY G 310 -33.90 16.82 -14.82
C GLY G 310 -34.28 15.40 -14.50
N GLN G 311 -35.34 15.19 -13.69
CA GLN G 311 -35.77 13.88 -13.23
C GLN G 311 -37.16 13.61 -13.79
N TRP G 312 -37.36 12.40 -14.31
CA TRP G 312 -38.65 12.00 -14.86
C TRP G 312 -39.18 10.75 -14.17
N PHE G 313 -40.50 10.71 -14.00
CA PHE G 313 -41.25 9.53 -13.60
C PHE G 313 -41.72 8.88 -14.90
N TYR G 314 -41.47 7.60 -15.06
CA TYR G 314 -41.86 6.91 -16.28
C TYR G 314 -43.11 6.07 -16.05
N ALA G 315 -44.23 6.52 -16.61
CA ALA G 315 -45.52 5.89 -16.47
C ALA G 315 -45.76 4.98 -17.67
N THR G 316 -46.67 4.02 -17.50
CA THR G 316 -46.98 3.10 -18.59
C THR G 316 -47.72 3.76 -19.75
N GLY G 317 -48.17 5.01 -19.61
CA GLY G 317 -48.80 5.67 -20.74
C GLY G 317 -50.04 4.92 -21.20
N ASP G 318 -50.13 4.66 -22.50
CA ASP G 318 -51.23 3.97 -23.12
C ASP G 318 -50.72 2.68 -23.75
N ILE G 319 -51.64 1.74 -23.96
CA ILE G 319 -51.34 0.46 -24.61
C ILE G 319 -51.85 0.55 -26.04
N ILE G 320 -50.98 0.20 -26.97
CA ILE G 320 -51.29 0.22 -28.40
C ILE G 320 -51.90 -1.13 -28.72
N GLY G 321 -53.04 -1.13 -29.42
CA GLY G 321 -53.69 -2.39 -29.72
C GLY G 321 -54.55 -2.85 -28.56
N ASP G 322 -54.73 -4.17 -28.46
CA ASP G 322 -55.63 -4.71 -27.44
C ASP G 322 -54.82 -5.06 -26.18
N ILE G 323 -55.52 -5.48 -25.12
CA ILE G 323 -54.90 -5.82 -23.84
C ILE G 323 -55.15 -7.28 -23.50
N ARG G 324 -54.08 -8.08 -23.48
CA ARG G 324 -54.14 -9.52 -23.24
C ARG G 324 -53.24 -9.84 -22.05
N GLN G 325 -53.49 -10.98 -21.43
CA GLN G 325 -52.73 -11.40 -20.25
C GLN G 325 -51.37 -11.98 -20.62
N ALA G 326 -50.36 -11.62 -19.82
CA ALA G 326 -49.03 -12.17 -19.98
C ALA G 326 -49.04 -13.65 -19.65
N HIS G 327 -48.18 -14.42 -20.31
CA HIS G 327 -48.19 -15.85 -20.06
C HIS G 327 -46.87 -16.50 -20.43
N CYS G 328 -46.68 -17.73 -19.91
CA CYS G 328 -45.52 -18.55 -20.24
C CYS G 328 -45.96 -19.91 -20.76
N ASN G 329 -45.29 -20.43 -21.78
CA ASN G 329 -45.58 -21.75 -22.32
C ASN G 329 -44.41 -22.69 -22.10
N VAL G 330 -44.72 -23.95 -21.75
CA VAL G 330 -43.73 -25.02 -21.77
C VAL G 330 -44.31 -26.19 -22.55
N SER G 331 -43.45 -27.00 -23.17
CA SER G 331 -43.95 -28.19 -23.84
C SER G 331 -44.46 -29.20 -22.83
N LYS G 332 -45.63 -29.81 -23.10
CA LYS G 332 -46.14 -30.84 -22.19
C LYS G 332 -45.24 -32.06 -22.16
N ALA G 333 -44.72 -32.47 -23.33
CA ALA G 333 -43.91 -33.68 -23.36
C ALA G 333 -42.58 -33.46 -22.65
N THR G 334 -41.97 -32.29 -22.84
CA THR G 334 -40.67 -32.06 -22.22
C THR G 334 -40.83 -31.97 -20.71
N TRP G 335 -41.84 -31.23 -20.26
CA TRP G 335 -42.09 -31.09 -18.83
C TRP G 335 -42.43 -32.43 -18.19
N ASN G 336 -43.29 -33.23 -18.85
CA ASN G 336 -43.66 -34.52 -18.27
C ASN G 336 -42.48 -35.48 -18.23
N GLU G 337 -41.60 -35.43 -19.23
CA GLU G 337 -40.40 -36.26 -19.21
C GLU G 337 -39.48 -35.82 -18.09
N THR G 338 -39.39 -34.50 -17.88
CA THR G 338 -38.55 -33.95 -16.82
C THR G 338 -39.09 -34.38 -15.46
N LEU G 339 -40.41 -34.30 -15.26
CA LEU G 339 -40.95 -34.72 -13.98
C LEU G 339 -40.78 -36.22 -13.81
N GLY G 340 -40.87 -37.01 -14.88
CA GLY G 340 -40.65 -38.44 -14.73
C GLY G 340 -39.25 -38.69 -14.21
N LYS G 341 -38.27 -37.93 -14.70
CA LYS G 341 -36.91 -38.05 -14.21
C LYS G 341 -36.80 -37.64 -12.74
N VAL G 342 -37.49 -36.56 -12.37
CA VAL G 342 -37.44 -36.08 -10.99
C VAL G 342 -38.04 -37.11 -10.06
N VAL G 343 -39.15 -37.72 -10.45
CA VAL G 343 -39.80 -38.74 -9.63
C VAL G 343 -38.89 -39.94 -9.49
N LYS G 344 -38.26 -40.37 -10.59
CA LYS G 344 -37.36 -41.52 -10.54
C LYS G 344 -36.23 -41.24 -9.55
N GLN G 345 -35.76 -40.00 -9.47
CA GLN G 345 -34.69 -39.68 -8.53
C GLN G 345 -35.21 -39.52 -7.10
N LEU G 346 -36.41 -38.99 -6.91
CA LEU G 346 -36.98 -38.86 -5.57
C LEU G 346 -37.23 -40.22 -4.94
N ARG G 347 -37.63 -41.20 -5.76
CA ARG G 347 -37.86 -42.53 -5.23
C ARG G 347 -36.60 -43.15 -4.65
N LYS G 348 -35.41 -42.64 -5.01
CA LYS G 348 -34.18 -43.16 -4.46
C LYS G 348 -34.04 -42.82 -2.99
N HIS G 349 -34.84 -41.88 -2.47
CA HIS G 349 -34.78 -41.44 -1.09
C HIS G 349 -36.10 -41.70 -0.37
N PHE G 350 -37.16 -42.02 -1.11
CA PHE G 350 -38.53 -42.04 -0.60
C PHE G 350 -39.19 -43.40 -0.71
N GLY G 351 -38.61 -44.33 -1.45
CA GLY G 351 -39.15 -45.67 -1.67
C GLY G 351 -39.60 -45.90 -3.10
N ASN G 352 -39.31 -47.11 -3.60
CA ASN G 352 -39.59 -47.47 -4.98
C ASN G 352 -41.08 -47.71 -5.25
N ASN G 353 -41.89 -47.81 -4.20
CA ASN G 353 -43.33 -48.04 -4.30
C ASN G 353 -44.12 -46.87 -3.71
N THR G 354 -43.47 -45.72 -3.53
CA THR G 354 -44.10 -44.54 -2.97
C THR G 354 -44.64 -43.69 -4.10
N ILE G 355 -45.85 -43.17 -3.90
CA ILE G 355 -46.48 -42.30 -4.89
C ILE G 355 -45.92 -40.91 -4.71
N ILE G 356 -45.43 -40.31 -5.80
CA ILE G 356 -44.86 -38.97 -5.77
C ILE G 356 -45.86 -38.03 -6.42
N ARG G 357 -46.39 -37.11 -5.63
CA ARG G 357 -47.38 -36.14 -6.08
C ARG G 357 -46.75 -34.76 -6.16
N PHE G 358 -47.07 -34.03 -7.23
CA PHE G 358 -46.68 -32.64 -7.37
C PHE G 358 -47.96 -31.83 -7.22
N ALA G 359 -47.83 -30.70 -6.52
CA ALA G 359 -48.92 -29.80 -6.21
C ALA G 359 -48.38 -28.38 -6.24
N ASN G 360 -49.28 -27.41 -6.28
CA ASN G 360 -48.87 -26.02 -6.32
C ASN G 360 -48.55 -25.53 -4.91
N SER G 361 -47.98 -24.32 -4.84
CA SER G 361 -47.61 -23.76 -3.55
C SER G 361 -48.83 -23.62 -2.64
N SER G 362 -48.63 -23.97 -1.37
CA SER G 362 -49.70 -23.93 -0.38
C SER G 362 -50.09 -22.52 0.02
N GLY G 363 -49.27 -21.52 -0.31
CA GLY G 363 -49.54 -20.14 0.04
C GLY G 363 -48.27 -19.42 0.44
N GLY G 364 -48.37 -18.11 0.72
CA GLY G 364 -47.22 -17.31 1.08
C GLY G 364 -47.20 -16.02 0.30
N ASP G 365 -46.02 -15.40 0.28
CA ASP G 365 -45.85 -14.15 -0.45
C ASP G 365 -46.08 -14.41 -1.93
N LEU G 366 -46.50 -13.38 -2.65
CA LEU G 366 -46.72 -13.53 -4.08
C LEU G 366 -45.46 -14.01 -4.78
N GLU G 367 -44.30 -13.53 -4.32
CA GLU G 367 -43.04 -13.94 -4.93
C GLU G 367 -42.79 -15.44 -4.80
N VAL G 368 -43.42 -16.09 -3.84
CA VAL G 368 -43.21 -17.50 -3.55
C VAL G 368 -44.34 -18.36 -4.12
N THR G 369 -45.59 -17.87 -4.01
CA THR G 369 -46.71 -18.65 -4.52
C THR G 369 -46.68 -18.76 -6.03
N THR G 370 -46.14 -17.75 -6.70
CA THR G 370 -45.97 -17.71 -8.14
C THR G 370 -44.49 -17.87 -8.50
N HIS G 371 -44.25 -18.09 -9.78
CA HIS G 371 -42.92 -18.14 -10.35
C HIS G 371 -42.53 -16.71 -10.69
N SER G 372 -41.62 -16.15 -9.91
CA SER G 372 -41.18 -14.78 -10.08
C SER G 372 -39.97 -14.76 -10.99
N PHE G 373 -39.97 -13.83 -11.94
CA PHE G 373 -38.79 -13.66 -12.79
C PHE G 373 -38.84 -12.29 -13.45
N ASN G 374 -37.74 -11.95 -14.09
CA ASN G 374 -37.58 -10.69 -14.80
C ASN G 374 -37.18 -10.90 -16.26
N CYS G 375 -38.00 -10.41 -17.18
CA CYS G 375 -37.75 -10.47 -18.63
C CYS G 375 -37.72 -9.08 -19.24
N GLY G 376 -36.51 -8.62 -19.55
CA GLY G 376 -36.36 -7.33 -20.19
C GLY G 376 -36.68 -6.16 -19.32
N GLY G 377 -36.64 -6.34 -18.02
CA GLY G 377 -37.01 -5.29 -17.09
C GLY G 377 -38.41 -5.40 -16.56
N GLU G 378 -39.25 -6.29 -17.11
CA GLU G 378 -40.60 -6.47 -16.58
C GLU G 378 -40.59 -7.65 -15.61
N PHE G 379 -41.31 -7.49 -14.49
CA PHE G 379 -41.39 -8.52 -13.46
C PHE G 379 -42.69 -9.31 -13.55
N PHE G 380 -42.52 -10.60 -13.82
CA PHE G 380 -43.58 -11.58 -14.05
C PHE G 380 -43.78 -12.42 -12.80
N TYR G 381 -45.04 -12.73 -12.51
CA TYR G 381 -45.50 -13.58 -11.41
C TYR G 381 -46.44 -14.64 -12.00
N CYS G 382 -45.87 -15.76 -12.44
CA CYS G 382 -46.61 -16.75 -13.21
C CYS G 382 -47.21 -17.83 -12.33
N ASP G 383 -48.44 -18.22 -12.65
CA ASP G 383 -49.15 -19.25 -11.90
C ASP G 383 -48.72 -20.61 -12.41
N THR G 384 -47.98 -21.34 -11.57
CA THR G 384 -47.40 -22.63 -11.91
C THR G 384 -48.29 -23.79 -11.49
N SER G 385 -49.55 -23.52 -11.12
CA SER G 385 -50.46 -24.60 -10.76
C SER G 385 -50.68 -25.57 -11.90
N GLY G 386 -50.43 -25.14 -13.14
CA GLY G 386 -50.53 -26.01 -14.29
C GLY G 386 -49.29 -26.85 -14.51
N LEU G 387 -48.22 -26.59 -13.76
CA LEU G 387 -46.95 -27.33 -13.95
C LEU G 387 -46.79 -28.37 -12.83
N PHE G 388 -47.21 -28.03 -11.63
CA PHE G 388 -47.08 -28.90 -10.46
C PHE G 388 -48.45 -29.47 -10.11
N ASN G 389 -48.98 -30.31 -10.99
CA ASN G 389 -50.33 -30.86 -10.81
C ASN G 389 -50.32 -32.28 -11.36
N SER G 390 -49.76 -33.22 -10.60
CA SER G 390 -49.68 -34.58 -11.10
C SER G 390 -49.50 -35.57 -9.96
N THR G 391 -49.90 -36.81 -10.21
CA THR G 391 -49.64 -37.92 -9.29
C THR G 391 -48.94 -39.01 -10.06
N TRP G 392 -47.76 -39.39 -9.59
CA TRP G 392 -46.90 -40.41 -10.21
C TRP G 392 -46.96 -41.66 -9.35
N ILE G 393 -47.57 -42.71 -9.88
CA ILE G 393 -47.82 -43.96 -9.16
C ILE G 393 -46.82 -44.98 -9.68
N SER G 394 -46.09 -45.61 -8.76
CA SER G 394 -45.05 -46.56 -9.15
C SER G 394 -45.65 -47.71 -9.95
N ASN G 395 -44.96 -48.10 -11.01
CA ASN G 395 -45.40 -49.17 -11.90
C ASN G 395 -44.30 -49.40 -12.93
N ASN G 407 -45.82 -30.57 -30.16
CA ASN G 407 -47.03 -31.33 -29.85
C ASN G 407 -48.08 -30.42 -29.20
N ASP G 408 -47.89 -30.11 -27.91
CA ASP G 408 -48.83 -29.29 -27.16
C ASP G 408 -48.03 -28.53 -26.11
N SER G 409 -48.69 -27.67 -25.34
CA SER G 409 -48.01 -26.87 -24.35
C SER G 409 -48.91 -26.55 -23.16
N ILE G 410 -48.26 -26.19 -22.05
CA ILE G 410 -48.90 -25.79 -20.81
C ILE G 410 -48.73 -24.28 -20.75
N THR G 411 -49.85 -23.55 -20.70
CA THR G 411 -49.83 -22.10 -20.62
C THR G 411 -50.04 -21.72 -19.16
N LEU G 412 -49.13 -20.91 -18.64
CA LEU G 412 -49.14 -20.41 -17.27
C LEU G 412 -49.56 -18.96 -17.28
N PRO G 413 -50.72 -18.59 -16.71
CA PRO G 413 -51.08 -17.17 -16.64
C PRO G 413 -50.06 -16.44 -15.77
N CYS G 414 -49.74 -15.21 -16.17
CA CYS G 414 -48.79 -14.41 -15.43
C CYS G 414 -49.34 -13.02 -15.17
N ARG G 415 -49.04 -12.50 -13.98
CA ARG G 415 -49.34 -11.12 -13.63
C ARG G 415 -48.04 -10.34 -13.68
N ILE G 416 -48.17 -9.04 -13.88
CA ILE G 416 -47.03 -8.14 -13.99
C ILE G 416 -47.12 -7.12 -12.88
N LYS G 417 -45.99 -6.79 -12.27
CA LYS G 417 -45.95 -5.75 -11.25
C LYS G 417 -44.89 -4.73 -11.58
N GLN G 418 -45.15 -3.48 -11.21
CA GLN G 418 -44.15 -2.42 -11.33
C GLN G 418 -43.50 -2.07 -10.01
N ILE G 419 -44.21 -2.22 -8.89
CA ILE G 419 -43.69 -1.90 -7.57
C ILE G 419 -43.35 -3.23 -6.90
N ILE G 420 -42.07 -3.51 -6.68
CA ILE G 420 -41.63 -4.80 -6.18
C ILE G 420 -40.77 -4.53 -4.97
N ASN G 421 -40.59 -5.55 -4.15
CA ASN G 421 -39.68 -5.46 -3.00
C ASN G 421 -38.86 -6.74 -2.98
N MET G 422 -37.66 -6.67 -3.54
CA MET G 422 -36.76 -7.80 -3.61
C MET G 422 -35.93 -7.86 -2.34
N TRP G 423 -35.62 -9.07 -1.88
CA TRP G 423 -34.82 -9.36 -0.69
C TRP G 423 -35.54 -9.05 0.61
N GLN G 424 -36.86 -8.95 0.55
CA GLN G 424 -37.76 -8.78 1.69
C GLN G 424 -37.26 -7.76 2.72
N ARG G 425 -36.86 -6.59 2.24
CA ARG G 425 -36.36 -5.55 3.12
C ARG G 425 -37.49 -4.62 3.55
N ILE G 426 -37.43 -4.16 4.78
CA ILE G 426 -38.46 -3.28 5.37
C ILE G 426 -38.09 -1.83 5.10
N GLY G 427 -39.04 -1.09 4.51
CA GLY G 427 -38.87 0.32 4.24
C GLY G 427 -38.29 0.67 2.88
N GLN G 428 -38.00 -0.32 2.04
CA GLN G 428 -37.43 -0.10 0.71
C GLN G 428 -38.28 -0.81 -0.33
N ALA G 429 -38.49 -0.15 -1.46
CA ALA G 429 -39.20 -0.75 -2.56
C ALA G 429 -38.68 -0.12 -3.84
N MET G 430 -38.86 -0.84 -4.94
CA MET G 430 -38.42 -0.38 -6.25
C MET G 430 -39.62 -0.34 -7.19
N TYR G 431 -39.62 0.68 -8.05
CA TYR G 431 -40.58 0.82 -9.12
C TYR G 431 -39.87 0.45 -10.41
N ALA G 432 -40.37 -0.58 -11.09
CA ALA G 432 -39.78 -1.01 -12.34
C ALA G 432 -40.35 -0.16 -13.46
N PRO G 433 -39.54 0.60 -14.21
CA PRO G 433 -40.11 1.47 -15.22
C PRO G 433 -40.71 0.64 -16.35
N PRO G 434 -41.69 1.19 -17.08
CA PRO G 434 -42.26 0.44 -18.20
C PRO G 434 -41.25 0.18 -19.29
N ILE G 435 -41.43 -0.96 -19.95
CA ILE G 435 -40.65 -1.35 -21.11
C ILE G 435 -41.56 -1.18 -22.32
N GLN G 436 -41.10 -0.43 -23.30
CA GLN G 436 -41.94 -0.13 -24.46
C GLN G 436 -41.98 -1.34 -25.39
N GLY G 437 -43.08 -1.46 -26.12
CA GLY G 437 -43.23 -2.56 -27.06
C GLY G 437 -43.80 -3.78 -26.39
N VAL G 438 -43.49 -4.93 -26.99
CA VAL G 438 -44.03 -6.23 -26.60
C VAL G 438 -42.83 -7.06 -26.17
N ILE G 439 -42.96 -7.77 -25.05
CA ILE G 439 -41.85 -8.56 -24.51
C ILE G 439 -42.05 -10.03 -24.82
N ARG G 440 -40.99 -10.64 -25.34
CA ARG G 440 -40.90 -12.08 -25.52
C ARG G 440 -39.51 -12.43 -25.04
N CYS G 441 -39.43 -13.44 -24.18
CA CYS G 441 -38.16 -13.94 -23.67
C CYS G 441 -38.27 -15.45 -23.66
N VAL G 442 -37.17 -16.12 -23.97
CA VAL G 442 -37.12 -17.58 -23.90
C VAL G 442 -35.99 -17.94 -22.96
N SER G 443 -36.33 -18.65 -21.89
CA SER G 443 -35.38 -19.06 -20.88
C SER G 443 -35.52 -20.56 -20.79
N ASN G 444 -34.51 -21.24 -20.27
CA ASN G 444 -34.67 -22.65 -19.95
C ASN G 444 -34.58 -22.88 -18.45
N ILE G 445 -35.39 -23.85 -18.04
CA ILE G 445 -35.46 -24.31 -16.66
C ILE G 445 -34.39 -25.37 -16.51
N THR G 446 -33.49 -25.13 -15.56
CA THR G 446 -32.35 -25.97 -15.26
C THR G 446 -32.52 -26.65 -13.91
N GLY G 447 -33.63 -26.44 -13.23
CA GLY G 447 -33.85 -27.03 -11.92
C GLY G 447 -35.07 -26.45 -11.25
N LEU G 448 -35.39 -27.04 -10.11
CA LEU G 448 -36.54 -26.69 -9.29
C LEU G 448 -36.13 -26.49 -7.84
N ILE G 449 -36.91 -25.69 -7.13
CA ILE G 449 -36.84 -25.61 -5.67
C ILE G 449 -38.15 -26.22 -5.19
N LEU G 450 -38.07 -27.36 -4.53
CA LEU G 450 -39.23 -28.10 -4.04
C LEU G 450 -39.21 -28.16 -2.52
N THR G 451 -40.39 -28.27 -1.93
CA THR G 451 -40.53 -28.50 -0.51
C THR G 451 -41.49 -29.68 -0.33
N ARG G 452 -41.21 -30.53 0.65
CA ARG G 452 -42.03 -31.71 0.91
C ARG G 452 -43.02 -31.41 2.02
N ASP G 453 -44.24 -31.94 1.87
CA ASP G 453 -45.25 -31.75 2.92
C ASP G 453 -44.96 -32.58 4.15
N GLY G 454 -44.47 -33.80 3.96
CA GLY G 454 -44.24 -34.69 5.08
C GLY G 454 -45.52 -34.97 5.82
N GLY G 455 -45.50 -34.79 7.15
CA GLY G 455 -46.69 -35.03 7.94
C GLY G 455 -47.00 -36.49 8.21
N SER G 456 -45.98 -37.35 8.24
CA SER G 456 -46.11 -38.80 8.47
C SER G 456 -47.17 -39.20 9.50
N SER G 459 -46.95 -42.96 4.97
CA SER G 459 -48.30 -42.79 4.43
C SER G 459 -48.41 -43.24 2.96
N THR G 460 -47.32 -43.77 2.40
CA THR G 460 -47.26 -44.29 1.03
C THR G 460 -47.27 -43.23 -0.06
N THR G 461 -47.61 -41.98 0.27
CA THR G 461 -47.64 -40.87 -0.68
C THR G 461 -46.87 -39.69 -0.13
N GLU G 462 -46.03 -39.10 -0.97
CA GLU G 462 -45.30 -37.88 -0.63
C GLU G 462 -45.78 -36.81 -1.59
N THR G 463 -45.94 -35.58 -1.09
CA THR G 463 -46.38 -34.46 -1.90
C THR G 463 -45.28 -33.41 -1.92
N PHE G 464 -44.93 -32.96 -3.11
CA PHE G 464 -43.90 -31.96 -3.32
C PHE G 464 -44.55 -30.73 -3.92
N ARG G 465 -44.19 -29.57 -3.41
CA ARG G 465 -44.72 -28.31 -3.88
C ARG G 465 -43.56 -27.41 -4.26
N PRO G 466 -43.76 -26.46 -5.16
CA PRO G 466 -42.68 -25.51 -5.45
C PRO G 466 -42.48 -24.59 -4.25
N SER G 467 -41.26 -24.11 -4.11
CA SER G 467 -40.93 -23.16 -3.05
C SER G 467 -39.94 -22.15 -3.59
N GLY G 468 -39.34 -21.38 -2.70
CA GLY G 468 -38.39 -20.36 -3.08
C GLY G 468 -38.56 -19.15 -2.21
N GLY G 469 -37.93 -18.05 -2.65
CA GLY G 469 -37.97 -16.79 -1.96
C GLY G 469 -36.69 -16.46 -1.25
N ASP G 470 -35.84 -17.45 -0.99
CA ASP G 470 -34.53 -17.27 -0.39
C ASP G 470 -33.56 -17.44 -1.53
N MET G 471 -33.01 -16.34 -2.02
CA MET G 471 -32.20 -16.40 -3.22
C MET G 471 -30.88 -17.10 -2.98
N ARG G 472 -30.46 -17.29 -1.72
CA ARG G 472 -29.26 -18.05 -1.45
C ARG G 472 -29.35 -19.41 -2.14
N ASP G 473 -30.56 -19.98 -2.18
CA ASP G 473 -30.75 -21.31 -2.76
C ASP G 473 -30.49 -21.24 -4.26
N ASN G 474 -30.71 -20.08 -4.87
CA ASN G 474 -30.44 -19.97 -6.29
C ASN G 474 -28.94 -19.91 -6.50
N TRP G 475 -28.24 -19.14 -5.67
CA TRP G 475 -26.80 -19.09 -5.79
C TRP G 475 -26.19 -20.42 -5.38
N ARG G 476 -26.74 -21.01 -4.32
CA ARG G 476 -26.24 -22.29 -3.83
C ARG G 476 -26.35 -23.35 -4.90
N SER G 477 -27.39 -23.28 -5.74
CA SER G 477 -27.58 -24.26 -6.80
C SER G 477 -26.48 -24.20 -7.86
N GLU G 478 -25.71 -23.12 -7.89
CA GLU G 478 -24.57 -22.96 -8.77
C GLU G 478 -23.26 -23.09 -8.01
N LEU G 479 -23.20 -22.51 -6.82
CA LEU G 479 -22.03 -22.57 -5.96
C LEU G 479 -22.12 -23.79 -5.03
N TYR G 480 -22.29 -24.97 -5.63
CA TYR G 480 -22.38 -26.20 -4.87
C TYR G 480 -21.15 -27.06 -5.07
N LYS G 481 -20.44 -26.88 -6.18
CA LYS G 481 -19.28 -27.66 -6.52
C LYS G 481 -17.99 -26.94 -6.16
N TYR G 482 -18.07 -25.76 -5.54
CA TYR G 482 -16.91 -24.95 -5.20
C TYR G 482 -16.77 -24.77 -3.70
N LYS G 483 -15.51 -24.71 -3.29
CA LYS G 483 -15.14 -24.34 -1.92
C LYS G 483 -13.89 -23.48 -2.01
N VAL G 484 -13.72 -22.58 -1.04
CA VAL G 484 -12.55 -21.72 -0.98
C VAL G 484 -11.61 -22.27 0.07
N VAL G 485 -10.33 -22.41 -0.28
CA VAL G 485 -9.31 -22.86 0.65
C VAL G 485 -8.18 -21.84 0.64
N LYS G 486 -7.37 -21.86 1.69
CA LYS G 486 -6.20 -21.03 1.81
C LYS G 486 -5.00 -21.94 1.67
N ILE G 487 -3.96 -21.42 1.07
CA ILE G 487 -2.74 -22.16 0.82
C ILE G 487 -1.81 -21.98 2.00
N GLU G 488 -1.20 -23.08 2.43
CA GLU G 488 -0.27 -23.09 3.56
C GLU G 488 1.07 -23.54 2.97
N PRO G 489 1.78 -22.62 2.30
CA PRO G 489 2.96 -23.03 1.52
C PRO G 489 4.17 -23.39 2.35
N LEU G 490 4.18 -23.10 3.64
CA LEU G 490 5.33 -23.32 4.50
C LEU G 490 5.09 -24.57 5.34
N GLY G 491 6.09 -25.43 5.40
CA GLY G 491 5.99 -26.64 6.20
C GLY G 491 7.37 -27.20 6.44
N VAL G 492 7.42 -28.21 7.30
CA VAL G 492 8.67 -28.84 7.70
C VAL G 492 8.54 -30.35 7.57
N ALA G 493 9.68 -31.01 7.35
CA ALA G 493 9.69 -32.46 7.28
C ALA G 493 11.08 -32.97 7.58
N PRO G 494 11.22 -34.20 8.11
CA PRO G 494 12.57 -34.73 8.33
C PRO G 494 13.27 -35.15 7.05
N THR G 495 14.55 -34.83 6.97
CA THR G 495 15.42 -35.28 5.90
C THR G 495 16.76 -35.60 6.56
N ARG G 496 17.69 -36.17 5.81
CA ARG G 496 19.02 -36.39 6.37
C ARG G 496 19.97 -35.23 6.10
N CYS G 497 19.47 -34.14 5.51
CA CYS G 497 20.31 -33.00 5.15
C CYS G 497 20.53 -32.13 6.38
N LYS G 498 21.79 -31.83 6.66
CA LYS G 498 22.19 -31.02 7.80
C LYS G 498 22.81 -29.73 7.30
N ARG G 499 22.48 -28.61 7.93
CA ARG G 499 23.05 -27.33 7.57
C ARG G 499 24.55 -27.31 7.87
N LEU H 9 1.10 -31.46 -12.50
CA LEU H 9 1.63 -30.30 -13.22
C LEU H 9 0.66 -29.12 -13.09
N GLY H 10 1.19 -27.97 -12.69
CA GLY H 10 0.39 -26.76 -12.49
C GLY H 10 0.21 -26.49 -11.01
N PHE H 11 -0.44 -25.37 -10.72
CA PHE H 11 -0.63 -24.95 -9.34
C PHE H 11 -1.41 -26.02 -8.58
N LEU H 12 -0.82 -26.49 -7.49
CA LEU H 12 -1.35 -27.55 -6.64
C LEU H 12 -1.49 -28.89 -7.38
N GLY H 13 -0.91 -29.03 -8.57
CA GLY H 13 -1.04 -30.27 -9.32
C GLY H 13 -0.47 -31.46 -8.57
N ALA H 14 0.56 -31.22 -7.77
CA ALA H 14 1.24 -32.24 -7.00
C ALA H 14 0.60 -32.46 -5.64
N ALA H 15 -0.54 -31.81 -5.35
CA ALA H 15 -1.17 -31.95 -4.04
C ALA H 15 -1.49 -33.40 -3.72
N GLY H 16 -1.83 -34.20 -4.72
CA GLY H 16 -2.10 -35.61 -4.49
C GLY H 16 -0.89 -36.48 -4.65
N SER H 17 0.28 -35.90 -4.94
CA SER H 17 1.52 -36.62 -5.16
C SER H 17 2.20 -36.84 -3.82
N THR H 18 3.22 -37.68 -3.83
CA THR H 18 3.93 -37.95 -2.59
C THR H 18 4.76 -36.72 -2.24
N MET H 19 5.20 -36.67 -0.98
CA MET H 19 5.99 -35.51 -0.55
C MET H 19 7.25 -35.37 -1.39
N GLY H 20 7.90 -36.48 -1.74
CA GLY H 20 9.08 -36.40 -2.56
C GLY H 20 8.80 -35.78 -3.92
N ALA H 21 7.82 -36.34 -4.63
CA ALA H 21 7.47 -35.83 -5.95
C ALA H 21 6.93 -34.41 -5.86
N ALA H 22 6.19 -34.11 -4.79
CA ALA H 22 5.61 -32.79 -4.60
C ALA H 22 6.65 -31.72 -4.26
N SER H 23 7.81 -32.11 -3.72
CA SER H 23 8.85 -31.16 -3.39
C SER H 23 9.49 -30.54 -4.63
N MET H 24 9.23 -31.07 -5.82
CA MET H 24 9.79 -30.56 -7.06
C MET H 24 8.99 -29.42 -7.68
N THR H 25 7.84 -29.03 -7.10
CA THR H 25 6.97 -28.00 -7.63
C THR H 25 6.85 -26.80 -6.68
N LEU H 26 7.87 -26.62 -5.85
CA LEU H 26 7.79 -25.55 -4.86
C LEU H 26 7.67 -24.19 -5.52
N THR H 27 8.26 -24.01 -6.70
CA THR H 27 8.12 -22.71 -7.35
C THR H 27 6.77 -22.55 -7.99
N VAL H 28 6.11 -23.68 -8.26
CA VAL H 28 4.81 -23.65 -8.90
C VAL H 28 3.82 -23.10 -7.91
N GLN H 29 3.95 -23.53 -6.65
CA GLN H 29 3.06 -22.99 -5.64
C GLN H 29 3.53 -21.62 -5.16
N ALA H 30 4.85 -21.43 -4.97
CA ALA H 30 5.38 -20.17 -4.46
C ALA H 30 5.06 -18.98 -5.36
N ARG H 31 5.09 -19.16 -6.68
CA ARG H 31 4.87 -18.05 -7.61
C ARG H 31 3.42 -17.61 -7.69
N ASN H 32 2.49 -18.34 -7.10
CA ASN H 32 1.08 -18.02 -7.10
C ASN H 32 0.59 -17.47 -5.76
N LEU H 33 1.51 -17.07 -4.88
CA LEU H 33 1.12 -16.52 -3.58
C LEU H 33 0.96 -15.01 -3.60
N LEU H 34 1.61 -14.31 -4.53
CA LEU H 34 1.48 -12.87 -4.69
C LEU H 34 0.48 -12.47 -5.75
N SER H 35 0.27 -13.30 -6.77
CA SER H 35 -0.63 -12.96 -7.86
C SER H 35 -0.98 -14.20 -8.68
N VAL H 59 -18.56 -1.74 -3.66
CA VAL H 59 -18.52 -3.16 -4.01
C VAL H 59 -17.59 -3.30 -5.19
N TRP H 60 -16.70 -4.30 -5.12
CA TRP H 60 -15.72 -4.68 -6.14
C TRP H 60 -14.50 -3.75 -6.13
N GLY H 61 -14.44 -2.78 -5.22
CA GLY H 61 -13.36 -1.80 -5.21
C GLY H 61 -12.58 -1.96 -3.92
N ILE H 62 -13.28 -2.04 -2.80
CA ILE H 62 -12.61 -2.12 -1.51
C ILE H 62 -12.31 -3.59 -1.21
N LYS H 63 -13.11 -4.50 -1.77
CA LYS H 63 -12.87 -5.93 -1.58
C LYS H 63 -11.57 -6.35 -2.25
N GLN H 64 -11.26 -5.75 -3.40
CA GLN H 64 -10.02 -6.13 -4.07
C GLN H 64 -8.83 -5.54 -3.35
N LEU H 65 -8.99 -4.32 -2.81
CA LEU H 65 -7.87 -3.71 -2.11
C LEU H 65 -7.56 -4.51 -0.86
N GLN H 66 -8.59 -4.95 -0.14
CA GLN H 66 -8.35 -5.77 1.05
C GLN H 66 -7.79 -7.13 0.67
N ALA H 67 -8.25 -7.71 -0.44
CA ALA H 67 -7.71 -9.00 -0.88
C ALA H 67 -6.23 -8.88 -1.21
N ARG H 68 -5.84 -7.76 -1.81
CA ARG H 68 -4.44 -7.56 -2.17
C ARG H 68 -3.59 -7.34 -0.93
N VAL H 69 -4.11 -6.57 0.03
CA VAL H 69 -3.36 -6.35 1.25
C VAL H 69 -3.23 -7.65 2.02
N LEU H 70 -4.29 -8.46 2.08
CA LEU H 70 -4.23 -9.72 2.80
C LEU H 70 -3.20 -10.65 2.17
N ALA H 71 -3.18 -10.73 0.84
CA ALA H 71 -2.19 -11.59 0.19
C ALA H 71 -0.77 -11.15 0.54
N VAL H 72 -0.56 -9.83 0.59
CA VAL H 72 0.77 -9.31 0.92
C VAL H 72 1.12 -9.61 2.38
N GLU H 73 0.20 -9.39 3.33
CA GLU H 73 0.54 -9.65 4.72
C GLU H 73 0.82 -11.13 4.97
N ARG H 74 0.05 -12.03 4.34
CA ARG H 74 0.32 -13.44 4.58
C ARG H 74 1.66 -13.83 3.98
N TYR H 75 1.97 -13.30 2.80
CA TYR H 75 3.25 -13.57 2.17
C TYR H 75 4.38 -13.11 3.07
N LEU H 76 4.29 -11.89 3.59
CA LEU H 76 5.36 -11.36 4.41
C LEU H 76 5.49 -12.10 5.73
N ARG H 77 4.40 -12.58 6.31
CA ARG H 77 4.56 -13.35 7.55
C ARG H 77 5.32 -14.63 7.29
N ASP H 78 5.07 -15.28 6.14
CA ASP H 78 5.83 -16.49 5.84
C ASP H 78 7.28 -16.17 5.52
N GLN H 79 7.51 -15.05 4.83
CA GLN H 79 8.88 -14.68 4.52
C GLN H 79 9.64 -14.28 5.78
N GLN H 80 8.97 -13.65 6.73
CA GLN H 80 9.61 -13.30 7.99
C GLN H 80 10.01 -14.56 8.73
N LEU H 81 9.14 -15.58 8.72
CA LEU H 81 9.50 -16.83 9.38
C LEU H 81 10.72 -17.45 8.70
N LEU H 82 10.76 -17.42 7.37
CA LEU H 82 11.92 -17.98 6.68
C LEU H 82 13.18 -17.18 7.02
N GLY H 83 13.05 -15.86 7.12
CA GLY H 83 14.18 -15.01 7.46
C GLY H 83 14.75 -15.31 8.83
N ILE H 84 13.89 -15.33 9.85
CA ILE H 84 14.36 -15.55 11.22
C ILE H 84 14.87 -16.96 11.45
N TRP H 85 14.62 -17.90 10.53
CA TRP H 85 15.16 -19.24 10.61
C TRP H 85 16.45 -19.39 9.79
N GLY H 86 16.91 -18.34 9.13
CA GLY H 86 18.08 -18.42 8.28
C GLY H 86 17.81 -19.06 6.94
N CYS H 87 16.56 -19.03 6.49
CA CYS H 87 16.11 -19.67 5.25
C CYS H 87 15.67 -18.65 4.22
N SER H 88 16.08 -17.38 4.36
CA SER H 88 15.66 -16.36 3.42
C SER H 88 16.17 -16.64 2.02
N GLY H 89 15.27 -16.50 1.04
CA GLY H 89 15.60 -16.69 -0.35
C GLY H 89 15.62 -18.12 -0.80
N LYS H 90 15.22 -19.06 0.06
CA LYS H 90 15.23 -20.48 -0.24
C LYS H 90 13.84 -21.08 -0.15
N LEU H 91 13.60 -22.07 -1.00
CA LEU H 91 12.40 -22.89 -0.98
C LEU H 91 12.64 -24.21 -0.26
N ILE H 92 13.88 -24.70 -0.28
CA ILE H 92 14.29 -25.90 0.45
C ILE H 92 15.44 -25.41 1.33
N CYS H 93 15.30 -25.57 2.64
CA CYS H 93 16.29 -25.08 3.59
C CYS H 93 16.65 -26.13 4.63
N CYS H 94 17.92 -26.51 4.67
CA CYS H 94 18.42 -27.49 5.62
C CYS H 94 18.77 -26.75 6.91
N THR H 95 18.55 -27.42 8.03
CA THR H 95 18.79 -26.81 9.34
C THR H 95 19.67 -27.73 10.19
N ASN H 96 20.02 -27.22 11.38
CA ASN H 96 20.73 -27.95 12.41
C ASN H 96 19.83 -28.35 13.57
N VAL H 97 18.52 -28.40 13.36
CA VAL H 97 17.59 -28.84 14.39
C VAL H 97 17.36 -30.34 14.18
N PRO H 98 17.68 -31.21 15.14
CA PRO H 98 17.47 -32.64 14.93
C PRO H 98 15.99 -32.94 14.95
N TRP H 99 15.59 -33.99 14.24
CA TRP H 99 14.20 -34.40 14.26
C TRP H 99 13.96 -35.24 15.51
N ASN H 100 12.92 -34.89 16.25
CA ASN H 100 12.51 -35.60 17.45
C ASN H 100 11.50 -36.67 17.06
N SER H 101 11.78 -37.91 17.49
CA SER H 101 10.89 -39.03 17.19
C SER H 101 9.52 -38.87 17.83
N SER H 102 9.39 -37.96 18.81
CA SER H 102 8.10 -37.70 19.43
C SER H 102 7.19 -36.91 18.51
N TRP H 103 7.75 -36.21 17.52
CA TRP H 103 6.95 -35.45 16.57
C TRP H 103 6.34 -36.39 15.53
N SER H 104 7.15 -37.33 15.04
CA SER H 104 6.70 -38.38 14.14
C SER H 104 7.79 -39.44 14.15
N ASN H 105 7.40 -40.71 14.31
CA ASN H 105 8.35 -41.81 14.38
C ASN H 105 8.43 -42.57 13.06
N ARG H 106 7.93 -42.00 11.98
CA ARG H 106 8.02 -42.64 10.68
C ARG H 106 9.45 -42.54 10.14
N ASN H 107 9.81 -43.52 9.32
CA ASN H 107 11.08 -43.48 8.62
C ASN H 107 10.90 -42.63 7.36
N LEU H 108 12.00 -42.41 6.62
CA LEU H 108 11.92 -41.57 5.42
C LEU H 108 11.07 -42.19 4.32
N SER H 109 11.07 -43.52 4.17
CA SER H 109 10.30 -44.14 3.10
C SER H 109 8.81 -43.87 3.25
N GLU H 110 8.31 -43.89 4.47
CA GLU H 110 6.88 -43.70 4.73
C GLU H 110 6.47 -42.24 4.80
N ILE H 111 7.41 -41.30 4.65
CA ILE H 111 7.12 -39.88 4.64
C ILE H 111 7.25 -39.32 3.24
N TRP H 112 8.34 -39.64 2.56
CA TRP H 112 8.65 -39.05 1.27
C TRP H 112 8.07 -39.84 0.12
N ASP H 113 8.07 -41.18 0.22
CA ASP H 113 7.61 -42.02 -0.88
C ASP H 113 6.17 -42.49 -0.74
N ASN H 114 5.68 -42.69 0.50
CA ASN H 114 4.33 -43.21 0.72
C ASN H 114 3.41 -42.21 1.45
N MET H 115 3.66 -40.91 1.34
CA MET H 115 2.79 -39.93 2.00
C MET H 115 2.77 -38.64 1.20
N THR H 116 1.65 -37.91 1.29
CA THR H 116 1.48 -36.61 0.67
C THR H 116 1.69 -35.51 1.70
N TRP H 117 1.84 -34.27 1.22
CA TRP H 117 2.04 -33.16 2.15
C TRP H 117 0.80 -32.83 2.97
N LEU H 118 -0.40 -33.10 2.45
CA LEU H 118 -1.60 -32.84 3.23
C LEU H 118 -1.67 -33.77 4.43
N GLN H 119 -1.27 -35.03 4.22
CA GLN H 119 -1.28 -36.00 5.30
C GLN H 119 -0.22 -35.65 6.32
N TRP H 120 0.98 -35.26 5.87
CA TRP H 120 2.03 -34.87 6.79
C TRP H 120 1.59 -33.67 7.61
N ASP H 121 1.03 -32.65 6.95
CA ASP H 121 0.60 -31.45 7.65
C ASP H 121 -0.39 -31.80 8.74
N LYS H 122 -1.30 -32.73 8.44
CA LYS H 122 -2.26 -33.16 9.45
C LYS H 122 -1.58 -33.89 10.60
N GLU H 123 -0.66 -34.81 10.25
CA GLU H 123 0.02 -35.64 11.25
C GLU H 123 0.85 -34.87 12.27
N ILE H 124 1.55 -33.81 11.85
CA ILE H 124 2.41 -33.05 12.77
C ILE H 124 1.91 -31.64 13.07
N SER H 125 0.63 -31.32 12.88
CA SER H 125 0.20 -29.96 13.17
C SER H 125 0.40 -29.60 14.64
N ASN H 126 0.27 -30.60 15.53
CA ASN H 126 0.40 -30.36 16.97
C ASN H 126 1.80 -29.97 17.38
N TYR H 127 2.80 -30.24 16.54
CA TYR H 127 4.19 -29.99 16.86
C TYR H 127 4.76 -28.87 16.02
N THR H 128 3.94 -28.24 15.15
CA THR H 128 4.48 -27.24 14.24
C THR H 128 5.08 -26.06 14.98
N GLN H 129 4.41 -25.59 16.03
CA GLN H 129 4.94 -24.42 16.70
C GLN H 129 6.17 -24.77 17.52
N ILE H 130 6.27 -26.03 17.96
CA ILE H 130 7.45 -26.43 18.70
C ILE H 130 8.64 -26.37 17.77
N ILE H 131 8.44 -26.90 16.56
CA ILE H 131 9.52 -26.94 15.59
C ILE H 131 9.91 -25.50 15.25
N TYR H 132 8.92 -24.64 15.06
CA TYR H 132 9.23 -23.26 14.70
C TYR H 132 10.03 -22.59 15.79
N GLY H 133 9.68 -22.85 17.06
CA GLY H 133 10.45 -22.24 18.13
C GLY H 133 11.89 -22.70 18.11
N LEU H 134 12.09 -24.00 17.88
CA LEU H 134 13.45 -24.51 17.84
C LEU H 134 14.20 -23.92 16.66
N LEU H 135 13.50 -23.75 15.53
CA LEU H 135 14.17 -23.17 14.37
C LEU H 135 14.58 -21.75 14.67
N GLU H 136 13.73 -20.99 15.34
CA GLU H 136 14.10 -19.63 15.68
C GLU H 136 15.29 -19.61 16.61
N GLU H 137 15.32 -20.50 17.62
CA GLU H 137 16.40 -20.46 18.60
C GLU H 137 17.74 -20.91 18.04
N SER H 138 17.80 -22.05 17.37
CA SER H 138 19.12 -22.57 16.96
C SER H 138 19.57 -22.17 15.57
N GLN H 139 18.68 -21.74 14.70
CA GLN H 139 19.05 -21.46 13.31
C GLN H 139 19.30 -19.99 13.07
N ASN H 140 19.24 -19.18 14.12
CA ASN H 140 19.45 -17.77 13.97
C ASN H 140 20.13 -17.22 15.21
N GLN H 141 19.45 -17.31 16.37
CA GLN H 141 19.99 -16.65 17.54
C GLN H 141 21.37 -17.20 17.93
N GLN H 142 21.51 -18.53 17.90
CA GLN H 142 22.81 -19.13 18.21
C GLN H 142 23.78 -19.10 17.03
N GLU H 143 23.29 -19.47 15.84
CA GLU H 143 24.13 -19.53 14.67
C GLU H 143 24.70 -18.17 14.30
N LYS H 144 23.88 -17.12 14.40
CA LYS H 144 24.39 -15.81 13.98
C LYS H 144 25.39 -15.26 14.97
N ASN H 145 25.23 -15.54 16.26
CA ASN H 145 26.26 -15.07 17.19
C ASN H 145 27.53 -15.86 16.98
N GLU H 146 27.41 -17.14 16.61
CA GLU H 146 28.61 -17.93 16.35
C GLU H 146 29.32 -17.40 15.11
N GLN H 147 28.56 -17.02 14.08
CA GLN H 147 29.16 -16.45 12.87
C GLN H 147 29.75 -15.08 13.17
N ASP H 148 29.11 -14.34 14.08
CA ASP H 148 29.57 -13.02 14.49
C ASP H 148 30.92 -13.15 15.17
N LEU H 149 31.15 -14.25 15.89
CA LEU H 149 32.42 -14.48 16.57
C LEU H 149 33.47 -15.09 15.65
N LEU H 150 33.06 -15.92 14.69
CA LEU H 150 34.01 -16.52 13.74
C LEU H 150 34.56 -15.52 12.75
N ALA H 151 33.95 -14.33 12.64
CA ALA H 151 34.43 -13.32 11.73
C ALA H 151 35.59 -12.51 12.31
N LEU H 152 36.03 -12.91 13.51
CA LEU H 152 37.18 -12.25 14.19
C LEU H 152 38.22 -13.32 14.44
N ASP H 153 37.78 -14.55 14.68
CA ASP H 153 38.62 -15.67 14.96
C ASP H 153 37.90 -16.94 14.56
N VAL I 2 17.70 -58.42 -9.91
CA VAL I 2 18.47 -57.28 -10.41
C VAL I 2 19.66 -57.79 -11.19
N GLN I 3 19.95 -57.18 -12.34
CA GLN I 3 21.10 -57.57 -13.14
C GLN I 3 21.71 -56.34 -13.81
N LEU I 4 23.04 -56.24 -13.76
CA LEU I 4 23.78 -55.19 -14.45
C LEU I 4 24.80 -55.79 -15.41
N VAL I 5 24.64 -55.54 -16.71
CA VAL I 5 25.53 -56.09 -17.74
C VAL I 5 26.39 -54.97 -18.30
N GLU I 6 27.70 -55.09 -18.11
CA GLU I 6 28.68 -54.08 -18.48
C GLU I 6 29.40 -54.51 -19.76
N THR I 7 29.47 -53.61 -20.73
CA THR I 7 30.19 -53.82 -21.98
C THR I 7 31.15 -52.67 -22.23
N GLY I 8 32.06 -52.92 -23.14
CA GLY I 8 33.06 -51.95 -23.54
C GLY I 8 34.31 -52.69 -23.98
N GLY I 9 35.31 -51.92 -24.40
CA GLY I 9 36.53 -52.53 -24.88
C GLY I 9 37.35 -53.07 -23.73
N GLY I 10 38.22 -54.03 -24.05
CA GLY I 10 39.13 -54.58 -23.05
C GLY I 10 40.61 -54.32 -23.23
N LEU I 11 41.00 -53.54 -24.24
CA LEU I 11 42.42 -53.29 -24.43
C LEU I 11 42.59 -51.95 -25.14
N VAL I 12 43.38 -51.06 -24.54
CA VAL I 12 43.69 -49.75 -25.09
C VAL I 12 45.18 -49.53 -24.93
N GLN I 13 45.74 -48.69 -25.80
CA GLN I 13 47.15 -48.33 -25.64
C GLN I 13 47.28 -47.29 -24.53
N PRO I 14 48.44 -47.22 -23.84
CA PRO I 14 48.63 -46.15 -22.87
C PRO I 14 48.44 -44.78 -23.51
N GLY I 15 47.73 -43.91 -22.79
CA GLY I 15 47.45 -42.58 -23.31
C GLY I 15 46.18 -42.54 -24.16
N GLY I 16 45.52 -43.67 -24.37
CA GLY I 16 44.33 -43.75 -25.19
C GLY I 16 43.08 -43.43 -24.39
N SER I 17 41.93 -43.76 -25.00
CA SER I 17 40.62 -43.45 -24.42
C SER I 17 39.67 -44.63 -24.58
N LEU I 18 38.97 -44.95 -23.49
CA LEU I 18 38.05 -46.09 -23.45
C LEU I 18 36.78 -45.74 -22.69
N LYS I 19 35.63 -46.16 -23.22
CA LYS I 19 34.36 -45.94 -22.56
C LYS I 19 33.76 -47.29 -22.16
N LEU I 20 33.29 -47.38 -20.93
CA LEU I 20 32.57 -48.54 -20.44
C LEU I 20 31.12 -48.15 -20.24
N SER I 21 30.20 -49.07 -20.44
CA SER I 21 28.81 -48.74 -20.18
C SER I 21 28.09 -50.00 -19.72
N CYS I 22 27.26 -49.83 -18.69
CA CYS I 22 26.53 -50.99 -18.11
C CYS I 22 25.03 -50.73 -18.00
N ARG I 23 24.20 -51.65 -18.51
CA ARG I 23 22.74 -51.58 -18.47
C ARG I 23 22.23 -52.34 -17.27
N ALA I 24 21.29 -51.72 -16.56
CA ALA I 24 20.69 -52.25 -15.35
C ALA I 24 19.24 -52.61 -15.63
N SER I 25 18.78 -53.70 -15.00
CA SER I 25 17.37 -54.06 -15.06
C SER I 25 16.99 -54.73 -13.75
N GLY I 26 15.68 -54.77 -13.51
CA GLY I 26 15.11 -55.39 -12.32
C GLY I 26 14.79 -54.43 -11.21
N TYR I 27 15.10 -53.14 -11.37
CA TYR I 27 14.83 -52.12 -10.36
C TYR I 27 14.73 -50.80 -11.10
N THR I 28 14.23 -49.77 -10.41
CA THR I 28 14.15 -48.46 -11.02
C THR I 28 15.54 -47.82 -10.99
N PHE I 29 16.10 -47.59 -12.19
CA PHE I 29 17.46 -47.08 -12.30
C PHE I 29 17.58 -45.68 -11.67
N SER I 30 16.63 -44.80 -11.97
CA SER I 30 16.66 -43.41 -11.51
C SER I 30 16.51 -43.26 -10.00
N SER I 31 16.17 -44.32 -9.26
CA SER I 31 16.02 -44.23 -7.82
C SER I 31 17.29 -44.50 -7.02
N PHE I 32 18.37 -44.96 -7.67
CA PHE I 32 19.59 -45.34 -6.98
C PHE I 32 20.81 -44.61 -7.52
N ALA I 33 21.74 -44.34 -6.61
CA ALA I 33 23.05 -43.84 -6.98
C ALA I 33 23.86 -44.99 -7.58
N MET I 34 24.84 -44.65 -8.41
CA MET I 34 25.67 -45.66 -9.05
C MET I 34 27.14 -45.34 -8.81
N SER I 35 27.95 -46.39 -8.72
CA SER I 35 29.38 -46.27 -8.52
C SER I 35 30.14 -47.16 -9.48
N TRP I 36 31.41 -46.83 -9.69
CA TRP I 36 32.36 -47.70 -10.37
C TRP I 36 33.44 -48.05 -9.37
N VAL I 37 33.75 -49.35 -9.29
CA VAL I 37 34.77 -49.90 -8.41
C VAL I 37 35.67 -50.77 -9.27
N ARG I 38 36.99 -50.72 -9.06
CA ARG I 38 37.90 -51.52 -9.86
C ARG I 38 38.77 -52.38 -8.97
N GLN I 39 39.21 -53.50 -9.54
CA GLN I 39 40.11 -54.44 -8.89
C GLN I 39 41.27 -54.78 -9.82
N ALA I 40 42.49 -54.41 -9.42
CA ALA I 40 43.64 -54.74 -10.26
C ALA I 40 43.73 -56.27 -10.29
N PRO I 41 44.28 -56.87 -11.36
CA PRO I 41 44.33 -58.34 -11.43
C PRO I 41 44.88 -59.03 -10.19
N GLY I 42 45.85 -58.44 -9.49
CA GLY I 42 46.42 -59.01 -8.29
C GLY I 42 46.11 -58.32 -6.99
N LYS I 43 45.16 -57.37 -6.96
CA LYS I 43 44.88 -56.56 -5.78
C LYS I 43 43.42 -56.72 -5.37
N GLY I 44 43.04 -55.94 -4.35
CA GLY I 44 41.68 -55.91 -3.84
C GLY I 44 40.87 -54.85 -4.55
N LEU I 45 39.72 -54.52 -3.97
CA LEU I 45 38.81 -53.58 -4.59
C LEU I 45 39.22 -52.15 -4.26
N GLU I 46 39.10 -51.26 -5.24
CA GLU I 46 39.33 -49.84 -5.05
C GLU I 46 38.15 -49.06 -5.62
N TRP I 47 37.61 -48.12 -4.84
CA TRP I 47 36.52 -47.30 -5.35
C TRP I 47 37.07 -46.30 -6.34
N VAL I 48 36.38 -46.15 -7.47
CA VAL I 48 36.79 -45.25 -8.55
C VAL I 48 35.91 -44.01 -8.64
N SER I 49 34.59 -44.19 -8.72
CA SER I 49 33.72 -43.03 -8.90
C SER I 49 32.32 -43.28 -8.37
N LEU I 50 31.60 -42.18 -8.12
CA LEU I 50 30.24 -42.20 -7.63
C LEU I 50 29.41 -41.13 -8.33
N ILE I 51 28.21 -41.48 -8.77
CA ILE I 51 27.26 -40.55 -9.37
C ILE I 51 25.95 -40.70 -8.60
N ASN I 52 25.25 -39.59 -8.37
CA ASN I 52 23.99 -39.65 -7.62
C ASN I 52 22.88 -40.23 -8.49
N ASP I 53 21.66 -40.24 -7.95
CA ASP I 53 20.53 -40.84 -8.66
C ASP I 53 20.08 -39.99 -9.84
N ARG I 54 20.26 -38.67 -9.77
CA ARG I 54 19.86 -37.80 -10.86
C ARG I 54 20.93 -37.63 -11.91
N GLY I 55 22.20 -37.73 -11.53
CA GLY I 55 23.32 -37.59 -12.44
C GLY I 55 24.04 -36.26 -12.39
N GLY I 56 23.52 -35.27 -11.65
CA GLY I 56 24.17 -33.98 -11.59
C GLY I 56 25.38 -33.88 -10.69
N LEU I 57 25.59 -34.85 -9.79
CA LEU I 57 26.69 -34.83 -8.84
C LEU I 57 27.58 -36.04 -9.04
N THR I 58 28.87 -35.79 -9.31
CA THR I 58 29.83 -36.84 -9.56
C THR I 58 31.01 -36.65 -8.60
N PHE I 59 31.56 -37.76 -8.14
CA PHE I 59 32.70 -37.77 -7.23
C PHE I 59 33.69 -38.78 -7.77
N TYR I 60 34.99 -38.50 -7.61
CA TYR I 60 36.03 -39.40 -8.11
C TYR I 60 37.12 -39.61 -7.07
N VAL I 61 37.79 -40.76 -7.15
CA VAL I 61 38.99 -40.97 -6.36
C VAL I 61 40.07 -40.07 -6.95
N ASP I 62 40.88 -39.47 -6.09
CA ASP I 62 41.90 -38.49 -6.57
C ASP I 62 42.72 -39.06 -7.73
N SER I 63 43.13 -40.34 -7.65
CA SER I 63 44.03 -40.86 -8.68
C SER I 63 43.46 -40.78 -10.09
N VAL I 64 42.14 -40.58 -10.24
CA VAL I 64 41.48 -40.48 -11.53
C VAL I 64 40.67 -39.20 -11.67
N LYS I 65 40.75 -38.29 -10.69
CA LYS I 65 39.81 -37.18 -10.60
C LYS I 65 39.80 -36.32 -11.85
N GLY I 66 40.95 -36.12 -12.48
CA GLY I 66 41.00 -35.31 -13.68
C GLY I 66 40.98 -36.09 -14.98
N ARG I 67 40.80 -37.41 -14.93
CA ARG I 67 40.88 -38.24 -16.13
C ARG I 67 39.61 -38.99 -16.45
N PHE I 68 38.82 -39.38 -15.46
CA PHE I 68 37.62 -40.17 -15.67
C PHE I 68 36.40 -39.26 -15.54
N THR I 69 35.38 -39.55 -16.34
CA THR I 69 34.08 -38.91 -16.24
C THR I 69 33.01 -39.97 -16.06
N ILE I 70 32.17 -39.82 -15.04
CA ILE I 70 31.08 -40.74 -14.77
C ILE I 70 29.80 -40.05 -15.21
N SER I 71 28.94 -40.78 -15.92
CA SER I 71 27.69 -40.20 -16.38
C SER I 71 26.64 -41.29 -16.42
N ARG I 72 25.38 -40.87 -16.42
CA ARG I 72 24.27 -41.80 -16.49
C ARG I 72 23.18 -41.18 -17.34
N ASP I 73 22.36 -42.05 -17.93
CA ASP I 73 21.20 -41.64 -18.70
C ASP I 73 20.04 -42.47 -18.18
N ASN I 74 19.14 -41.81 -17.44
CA ASN I 74 18.05 -42.48 -16.76
C ASN I 74 16.94 -42.88 -17.71
N SER I 75 16.97 -42.41 -18.96
CA SER I 75 15.94 -42.77 -19.91
C SER I 75 16.26 -44.09 -20.60
N LYS I 76 17.51 -44.54 -20.52
CA LYS I 76 17.97 -45.76 -21.14
C LYS I 76 18.48 -46.75 -20.10
N ASN I 77 18.38 -46.42 -18.81
CA ASN I 77 18.93 -47.26 -17.74
C ASN I 77 20.39 -47.56 -18.00
N THR I 78 21.15 -46.54 -18.40
CA THR I 78 22.56 -46.73 -18.77
C THR I 78 23.50 -45.91 -17.90
N LEU I 79 24.53 -46.57 -17.38
CA LEU I 79 25.61 -45.97 -16.61
C LEU I 79 26.83 -46.05 -17.51
N SER I 80 27.65 -45.01 -17.56
CA SER I 80 28.87 -45.09 -18.36
C SER I 80 30.00 -44.34 -17.69
N LEU I 81 31.21 -44.76 -18.06
CA LEU I 81 32.47 -44.18 -17.58
C LEU I 81 33.36 -43.91 -18.79
N GLN I 82 33.74 -42.64 -18.98
CA GLN I 82 34.61 -42.19 -20.06
C GLN I 82 36.00 -42.03 -19.46
N MET I 83 36.95 -42.84 -19.92
CA MET I 83 38.31 -42.88 -19.39
C MET I 83 39.31 -42.30 -20.37
N HIS I 84 39.94 -41.18 -20.01
CA HIS I 84 40.96 -40.54 -20.82
C HIS I 84 42.32 -40.75 -20.16
N SER I 85 43.39 -40.64 -20.96
CA SER I 85 44.77 -40.71 -20.47
C SER I 85 45.01 -41.92 -19.57
N LEU I 86 44.57 -43.09 -20.00
CA LEU I 86 44.70 -44.29 -19.18
C LEU I 86 46.17 -44.56 -18.86
N ARG I 87 46.43 -44.85 -17.58
CA ARG I 87 47.75 -45.08 -17.03
C ARG I 87 47.96 -46.57 -16.80
N ASP I 88 49.23 -46.96 -16.60
CA ASP I 88 49.53 -48.37 -16.37
C ASP I 88 48.87 -48.85 -15.08
N GLY I 89 48.69 -47.96 -14.11
CA GLY I 89 48.04 -48.24 -12.85
C GLY I 89 46.55 -48.49 -12.96
N ASP I 90 45.96 -48.23 -14.13
CA ASP I 90 44.52 -48.40 -14.34
C ASP I 90 44.12 -49.78 -14.87
N THR I 91 45.04 -50.73 -15.04
CA THR I 91 44.62 -52.04 -15.49
C THR I 91 43.83 -52.69 -14.37
N ALA I 92 42.59 -53.09 -14.65
CA ALA I 92 41.76 -53.65 -13.59
C ALA I 92 40.47 -54.18 -14.19
N VAL I 93 39.77 -55.01 -13.42
CA VAL I 93 38.40 -55.36 -13.74
C VAL I 93 37.53 -54.29 -13.10
N TYR I 94 36.72 -53.62 -13.90
CA TYR I 94 35.83 -52.58 -13.45
C TYR I 94 34.44 -53.15 -13.27
N TYR I 95 33.73 -52.71 -12.23
CA TYR I 95 32.36 -53.12 -11.99
C TYR I 95 31.51 -51.87 -11.78
N CYS I 96 30.28 -51.91 -12.31
CA CYS I 96 29.27 -50.91 -11.98
C CYS I 96 28.60 -51.50 -10.75
N ALA I 97 28.22 -50.65 -9.81
CA ALA I 97 27.49 -51.13 -8.65
C ALA I 97 26.47 -50.09 -8.26
N THR I 98 25.36 -50.58 -7.71
CA THR I 98 24.28 -49.73 -7.27
C THR I 98 24.56 -49.34 -5.83
N GLY I 99 24.39 -48.05 -5.54
CA GLY I 99 24.59 -47.52 -4.21
C GLY I 99 25.86 -46.70 -4.12
N GLY I 100 26.12 -46.26 -2.91
CA GLY I 100 27.22 -45.37 -2.58
C GLY I 100 26.76 -44.06 -2.01
N MET I 101 25.50 -43.70 -2.22
CA MET I 101 24.90 -42.51 -1.65
C MET I 101 23.41 -42.63 -1.94
N SER I 102 22.65 -41.69 -1.40
CA SER I 102 21.22 -41.64 -1.63
C SER I 102 20.80 -40.19 -1.46
N SER I 103 19.57 -39.91 -1.86
CA SER I 103 19.11 -38.53 -1.74
C SER I 103 18.77 -38.24 -0.29
N ALA I 104 18.48 -36.97 -0.01
CA ALA I 104 18.23 -36.57 1.36
C ALA I 104 16.87 -37.05 1.83
N LEU I 105 16.03 -37.55 0.92
CA LEU I 105 14.70 -38.00 1.21
C LEU I 105 14.65 -39.52 1.34
N GLN I 106 15.80 -40.19 1.23
CA GLN I 106 15.96 -41.64 1.27
C GLN I 106 16.85 -42.03 2.43
N SER I 107 16.75 -43.29 2.84
CA SER I 107 17.63 -43.82 3.86
C SER I 107 19.07 -43.85 3.35
N SER I 108 20.03 -43.78 4.27
CA SER I 108 21.43 -43.80 3.88
C SER I 108 21.74 -45.10 3.15
N LYS I 109 22.55 -44.99 2.09
CA LYS I 109 22.98 -46.16 1.31
C LYS I 109 24.50 -46.12 1.10
N TYR I 110 25.27 -46.06 2.18
CA TYR I 110 26.72 -45.96 2.04
C TYR I 110 27.34 -47.36 1.91
N TYR I 111 26.92 -48.05 0.87
CA TYR I 111 27.36 -49.40 0.57
C TYR I 111 27.00 -49.67 -0.89
N PHE I 112 27.56 -50.74 -1.44
CA PHE I 112 27.28 -51.15 -2.81
C PHE I 112 26.49 -52.45 -2.73
N ASP I 113 25.20 -52.39 -3.07
CA ASP I 113 24.33 -53.56 -2.90
C ASP I 113 24.29 -54.47 -4.11
N PHE I 114 24.01 -53.94 -5.29
CA PHE I 114 23.91 -54.76 -6.49
C PHE I 114 25.17 -54.54 -7.33
N TRP I 115 25.90 -55.62 -7.60
CA TRP I 115 27.13 -55.60 -8.36
C TRP I 115 26.92 -56.22 -9.75
N GLY I 116 27.62 -55.68 -10.75
CA GLY I 116 27.53 -56.19 -12.10
C GLY I 116 28.52 -57.31 -12.38
N GLN I 117 28.47 -57.79 -13.63
CA GLN I 117 29.33 -58.90 -14.07
C GLN I 117 30.79 -58.47 -14.11
N GLY I 118 31.05 -57.23 -14.48
CA GLY I 118 32.39 -56.66 -14.59
C GLY I 118 32.98 -56.81 -15.97
N ALA I 119 34.05 -56.05 -16.19
CA ALA I 119 34.79 -56.09 -17.46
C ALA I 119 36.25 -55.83 -17.17
N LEU I 120 37.13 -56.57 -17.84
CA LEU I 120 38.58 -56.41 -17.65
C LEU I 120 39.13 -55.40 -18.65
N VAL I 121 39.81 -54.37 -18.14
CA VAL I 121 40.44 -53.35 -18.95
C VAL I 121 41.95 -53.46 -18.76
N THR I 122 42.64 -53.74 -19.88
CA THR I 122 44.09 -53.86 -19.97
C THR I 122 44.63 -52.65 -20.72
N VAL I 123 45.68 -52.02 -20.19
CA VAL I 123 46.35 -50.92 -20.88
C VAL I 123 47.74 -51.42 -21.29
N SER I 124 47.97 -51.49 -22.60
CA SER I 124 49.21 -52.06 -23.13
C SER I 124 49.25 -51.91 -24.64
N ALA J 3 43.85 -47.14 2.53
CA ALA J 3 43.29 -48.49 2.58
C ALA J 3 43.20 -48.96 4.02
N LEU J 4 42.34 -49.95 4.26
CA LEU J 4 42.15 -50.55 5.57
C LEU J 4 43.03 -51.79 5.65
N THR J 5 43.40 -52.16 6.87
CA THR J 5 44.25 -53.33 7.12
C THR J 5 43.42 -54.50 7.66
N GLN J 6 43.29 -55.56 6.84
CA GLN J 6 42.62 -56.80 7.17
C GLN J 6 43.65 -57.92 7.22
N PRO J 7 43.53 -58.91 8.10
CA PRO J 7 44.55 -59.98 8.12
C PRO J 7 44.39 -60.85 6.89
N PRO J 8 45.48 -61.25 6.22
CA PRO J 8 45.34 -62.15 5.07
C PRO J 8 45.45 -63.62 5.43
N SER J 9 44.94 -64.45 4.53
CA SER J 9 45.05 -65.92 4.62
C SER J 9 44.50 -66.48 5.92
N VAL J 10 43.37 -65.94 6.38
CA VAL J 10 42.67 -66.49 7.55
C VAL J 10 42.11 -67.84 7.13
N SER J 11 41.67 -68.66 8.08
CA SER J 11 41.21 -70.00 7.76
C SER J 11 40.50 -70.61 8.96
N GLY J 12 39.67 -71.61 8.67
CA GLY J 12 38.88 -72.28 9.70
C GLY J 12 38.55 -73.69 9.28
N SER J 13 37.49 -74.27 9.84
CA SER J 13 37.09 -75.64 9.53
C SER J 13 35.57 -75.73 9.61
N PRO J 14 34.96 -76.73 8.96
CA PRO J 14 33.49 -76.80 8.90
C PRO J 14 32.81 -76.81 10.26
N GLY J 15 31.76 -75.99 10.39
CA GLY J 15 30.95 -75.88 11.59
C GLY J 15 31.47 -74.97 12.68
N GLN J 16 32.67 -74.42 12.55
CA GLN J 16 33.29 -73.57 13.56
C GLN J 16 33.09 -72.10 13.19
N SER J 17 33.53 -71.22 14.08
CA SER J 17 33.43 -69.78 13.88
C SER J 17 34.80 -69.18 13.59
N VAL J 18 34.82 -68.22 12.67
CA VAL J 18 36.01 -67.45 12.34
C VAL J 18 35.62 -65.98 12.36
N THR J 19 36.61 -65.10 12.53
CA THR J 19 36.40 -63.67 12.43
C THR J 19 37.45 -63.06 11.52
N ILE J 20 37.07 -62.00 10.82
CA ILE J 20 37.96 -61.21 9.98
C ILE J 20 37.91 -59.78 10.51
N SER J 21 39.07 -59.26 10.93
CA SER J 21 39.11 -57.90 11.45
C SER J 21 39.40 -56.92 10.33
N CYS J 22 39.07 -55.65 10.58
CA CYS J 22 39.36 -54.55 9.66
C CYS J 22 39.59 -53.30 10.51
N THR J 23 40.83 -52.88 10.67
CA THR J 23 41.14 -51.74 11.54
C THR J 23 41.55 -50.56 10.67
N GLY J 24 40.94 -49.41 10.94
CA GLY J 24 41.16 -48.18 10.21
C GLY J 24 41.46 -47.02 11.14
N THR J 25 41.39 -45.81 10.61
CA THR J 25 41.67 -44.61 11.38
C THR J 25 40.37 -44.12 12.03
N SER J 26 40.52 -43.12 12.92
CA SER J 26 39.35 -42.53 13.56
C SER J 26 38.44 -41.85 12.56
N SER J 27 39.01 -41.31 11.48
CA SER J 27 38.19 -40.69 10.45
C SER J 27 37.51 -41.71 9.55
N ASP J 28 38.18 -42.81 9.21
CA ASP J 28 37.60 -43.76 8.27
C ASP J 28 36.57 -44.68 8.90
N ILE J 29 36.87 -45.26 10.06
CA ILE J 29 35.96 -46.17 10.76
C ILE J 29 35.43 -45.57 12.05
N GLY J 30 36.27 -44.89 12.83
CA GLY J 30 35.84 -44.39 14.11
C GLY J 30 34.83 -43.27 14.04
N SER J 31 34.72 -42.60 12.89
CA SER J 31 33.82 -41.45 12.76
C SER J 31 32.45 -41.80 12.15
N TYR J 32 32.32 -42.91 11.43
CA TYR J 32 31.05 -43.24 10.77
C TYR J 32 30.70 -44.70 10.99
N ASN J 33 29.43 -44.97 11.27
CA ASN J 33 28.94 -46.34 11.41
C ASN J 33 28.47 -46.86 10.05
N TYR J 34 29.39 -46.87 9.07
CA TYR J 34 29.11 -47.33 7.71
C TYR J 34 30.26 -48.21 7.23
N VAL J 35 30.47 -49.37 7.85
CA VAL J 35 31.54 -50.27 7.42
C VAL J 35 30.88 -51.56 6.92
N SER J 36 30.81 -51.68 5.60
CA SER J 36 30.19 -52.81 4.94
C SER J 36 31.23 -53.91 4.70
N TRP J 37 30.73 -55.13 4.44
CA TRP J 37 31.58 -56.26 4.09
C TRP J 37 31.07 -56.93 2.82
N TYR J 38 32.02 -57.38 1.98
CA TYR J 38 31.73 -58.05 0.72
C TYR J 38 32.41 -59.40 0.64
N GLN J 39 31.75 -60.35 -0.04
CA GLN J 39 32.26 -61.70 -0.29
C GLN J 39 32.44 -61.88 -1.79
N GLN J 40 33.69 -62.04 -2.24
CA GLN J 40 34.04 -62.20 -3.65
C GLN J 40 34.60 -63.59 -3.89
N HIS J 41 33.88 -64.41 -4.65
CA HIS J 41 34.43 -65.72 -5.00
C HIS J 41 35.34 -65.49 -6.20
N PRO J 42 36.46 -66.23 -6.32
CA PRO J 42 37.33 -66.02 -7.49
C PRO J 42 36.57 -66.14 -8.81
N GLY J 43 36.80 -65.17 -9.69
CA GLY J 43 36.17 -65.14 -10.99
C GLY J 43 34.82 -64.46 -11.04
N LYS J 44 34.26 -64.08 -9.88
CA LYS J 44 32.95 -63.45 -9.78
C LYS J 44 33.06 -62.07 -9.16
N ALA J 45 32.03 -61.26 -9.41
CA ALA J 45 31.93 -59.95 -8.79
C ALA J 45 31.66 -60.08 -7.29
N PRO J 46 32.11 -59.13 -6.47
CA PRO J 46 31.78 -59.19 -5.05
C PRO J 46 30.28 -59.11 -4.78
N LYS J 47 29.85 -59.83 -3.75
CA LYS J 47 28.49 -59.80 -3.26
C LYS J 47 28.46 -59.03 -1.94
N LEU J 48 27.42 -58.24 -1.72
CA LEU J 48 27.30 -57.55 -0.45
C LEU J 48 26.82 -58.54 0.60
N MET J 49 27.55 -58.61 1.71
CA MET J 49 27.22 -59.50 2.82
C MET J 49 26.74 -58.75 4.04
N ILE J 50 27.37 -57.61 4.35
CA ILE J 50 27.02 -56.79 5.50
C ILE J 50 27.00 -55.34 5.06
N TYR J 51 25.97 -54.59 5.48
CA TYR J 51 25.89 -53.17 5.19
C TYR J 51 25.67 -52.51 6.53
N ASP J 52 26.19 -51.28 6.69
CA ASP J 52 26.15 -50.63 7.99
C ASP J 52 27.07 -51.45 8.87
N VAL J 53 27.19 -51.14 10.15
CA VAL J 53 28.12 -51.92 10.95
C VAL J 53 27.58 -53.34 11.18
N THR J 54 26.30 -53.48 11.54
CA THR J 54 25.72 -54.76 11.92
C THR J 54 24.59 -55.30 11.04
N GLN J 55 24.22 -54.64 9.95
CA GLN J 55 23.03 -55.04 9.21
C GLN J 55 23.34 -55.99 8.06
N ARG J 56 22.35 -56.84 7.69
CA ARG J 56 22.52 -57.83 6.63
C ARG J 56 21.57 -57.57 5.47
N PRO J 57 21.99 -57.76 4.22
CA PRO J 57 21.05 -57.71 3.10
C PRO J 57 20.11 -58.91 3.15
N SER J 58 18.95 -58.76 2.53
CA SER J 58 18.06 -59.90 2.39
C SER J 58 18.75 -60.92 1.50
N GLY J 59 18.58 -62.21 1.82
CA GLY J 59 19.17 -63.29 1.07
C GLY J 59 20.47 -63.79 1.68
N VAL J 60 21.00 -63.08 2.68
CA VAL J 60 22.22 -63.45 3.39
C VAL J 60 21.80 -64.10 4.70
N SER J 61 22.41 -65.25 5.00
CA SER J 61 22.10 -65.99 6.21
C SER J 61 22.66 -65.32 7.45
N ASP J 62 22.13 -65.74 8.61
CA ASP J 62 22.49 -65.19 9.92
C ASP J 62 23.89 -65.57 10.36
N ARG J 63 24.56 -66.46 9.63
CA ARG J 63 25.93 -66.84 9.95
C ARG J 63 26.89 -65.66 9.84
N PHE J 64 26.59 -64.68 8.99
CA PHE J 64 27.45 -63.52 8.79
C PHE J 64 26.92 -62.39 9.67
N SER J 65 27.76 -61.93 10.61
CA SER J 65 27.36 -60.89 11.56
C SER J 65 28.47 -59.89 11.76
N GLY J 66 28.15 -58.59 11.58
CA GLY J 66 29.14 -57.55 11.73
C GLY J 66 29.15 -56.96 13.13
N SER J 67 30.27 -56.33 13.47
CA SER J 67 30.39 -55.60 14.71
C SER J 67 31.51 -54.58 14.58
N LYS J 68 31.56 -53.64 15.53
CA LYS J 68 32.61 -52.65 15.58
C LYS J 68 32.93 -52.32 17.03
N SER J 69 34.20 -52.08 17.30
CA SER J 69 34.67 -51.62 18.59
C SER J 69 35.79 -50.63 18.33
N GLY J 70 35.66 -49.43 18.88
CA GLY J 70 36.67 -48.42 18.63
C GLY J 70 36.74 -48.11 17.15
N ASN J 71 37.94 -48.24 16.60
CA ASN J 71 38.20 -47.99 15.19
C ASN J 71 38.34 -49.29 14.39
N THR J 72 37.96 -50.43 14.97
CA THR J 72 38.10 -51.73 14.30
C THR J 72 36.75 -52.40 14.11
N ALA J 73 36.48 -52.80 12.88
CA ALA J 73 35.28 -53.51 12.47
C ALA J 73 35.63 -54.99 12.41
N SER J 74 34.62 -55.84 12.55
CA SER J 74 34.86 -57.27 12.48
C SER J 74 33.66 -57.98 11.87
N LEU J 75 33.95 -58.97 11.04
CA LEU J 75 32.95 -59.85 10.45
C LEU J 75 33.11 -61.22 11.08
N THR J 76 32.05 -61.73 11.69
CA THR J 76 32.05 -63.05 12.30
C THR J 76 31.25 -63.97 11.40
N ILE J 77 31.85 -65.11 11.07
CA ILE J 77 31.20 -66.14 10.26
C ILE J 77 31.13 -67.38 11.16
N SER J 78 29.94 -67.66 11.67
CA SER J 78 29.74 -68.79 12.56
C SER J 78 29.19 -69.94 11.73
N GLY J 79 29.36 -71.16 12.22
CA GLY J 79 28.77 -72.27 11.48
C GLY J 79 29.45 -72.40 10.13
N LEU J 80 30.77 -72.18 10.07
CA LEU J 80 31.52 -72.13 8.81
C LEU J 80 31.24 -73.34 7.92
N GLN J 81 30.93 -73.03 6.67
CA GLN J 81 30.63 -74.00 5.63
C GLN J 81 31.78 -74.07 4.63
N ALA J 82 31.87 -75.20 3.93
CA ALA J 82 32.86 -75.35 2.87
C ALA J 82 32.68 -74.30 1.77
N ASP J 83 31.44 -73.86 1.54
CA ASP J 83 31.10 -72.92 0.48
C ASP J 83 31.45 -71.48 0.84
N ASP J 84 32.03 -71.24 2.01
CA ASP J 84 32.42 -69.91 2.45
C ASP J 84 33.83 -69.53 2.04
N GLU J 85 34.54 -70.36 1.28
CA GLU J 85 35.87 -69.99 0.83
C GLU J 85 35.77 -68.83 -0.15
N ALA J 86 36.38 -67.69 0.19
CA ALA J 86 36.21 -66.51 -0.65
C ALA J 86 37.17 -65.42 -0.20
N ASP J 87 37.30 -64.39 -1.03
CA ASP J 87 38.00 -63.17 -0.67
C ASP J 87 37.02 -62.19 -0.02
N TYR J 88 37.26 -61.86 1.25
CA TYR J 88 36.39 -60.96 1.99
C TYR J 88 37.03 -59.58 2.05
N TYR J 89 36.21 -58.54 1.85
CA TYR J 89 36.67 -57.16 1.89
C TYR J 89 35.82 -56.35 2.85
N CYS J 90 36.45 -55.37 3.50
CA CYS J 90 35.75 -54.36 4.27
C CYS J 90 35.77 -53.08 3.45
N SER J 91 34.73 -52.26 3.62
CA SER J 91 34.68 -50.96 2.97
C SER J 91 34.08 -49.95 3.94
N ALA J 92 34.82 -48.87 4.18
CA ALA J 92 34.38 -47.84 5.11
C ALA J 92 34.12 -46.55 4.35
N TYR J 93 33.09 -45.83 4.79
CA TYR J 93 32.82 -44.50 4.29
C TYR J 93 33.76 -43.53 4.98
N ALA J 94 34.56 -42.79 4.21
CA ALA J 94 35.59 -41.94 4.78
C ALA J 94 35.21 -40.46 4.88
N GLY J 95 34.23 -39.97 4.14
CA GLY J 95 33.87 -38.57 4.18
C GLY J 95 33.49 -38.04 2.82
N ARG J 96 33.44 -36.71 2.72
CA ARG J 96 33.04 -36.04 1.49
C ARG J 96 34.21 -35.93 0.52
N GLN J 97 35.43 -35.81 1.04
CA GLN J 97 36.61 -35.67 0.18
C GLN J 97 37.05 -37.04 -0.32
N THR J 98 36.95 -38.04 0.54
CA THR J 98 37.26 -39.42 0.24
C THR J 98 35.97 -40.15 0.56
N PHE J 99 35.38 -40.82 -0.43
CA PHE J 99 34.11 -41.48 -0.19
C PHE J 99 34.25 -42.87 0.39
N TYR J 100 34.92 -43.78 -0.30
CA TYR J 100 35.06 -45.14 0.20
C TYR J 100 36.51 -45.56 0.19
N ILE J 101 36.87 -46.25 1.25
CA ILE J 101 38.19 -46.84 1.41
C ILE J 101 37.99 -48.33 1.63
N PHE J 102 38.68 -49.13 0.83
CA PHE J 102 38.63 -50.58 0.95
C PHE J 102 39.90 -51.09 1.59
N GLY J 103 39.77 -52.23 2.26
CA GLY J 103 40.93 -52.93 2.79
C GLY J 103 41.47 -53.89 1.76
N GLY J 104 42.49 -54.62 2.15
CA GLY J 104 43.03 -55.62 1.25
C GLY J 104 42.13 -56.82 1.35
N GLY J 105 42.27 -57.76 0.43
CA GLY J 105 41.41 -58.92 0.50
C GLY J 105 41.90 -59.89 1.54
N THR J 106 40.95 -60.55 2.19
CA THR J 106 41.20 -61.63 3.13
C THR J 106 40.78 -62.93 2.48
N ARG J 107 41.73 -63.82 2.24
CA ARG J 107 41.41 -65.09 1.61
C ARG J 107 41.02 -66.04 2.73
N LEU J 108 39.75 -66.38 2.78
CA LEU J 108 39.21 -67.26 3.80
C LEU J 108 39.11 -68.64 3.17
N THR J 109 39.78 -69.61 3.78
CA THR J 109 39.78 -71.00 3.37
C THR J 109 39.11 -71.82 4.47
N VAL J 110 38.76 -73.05 4.15
CA VAL J 110 38.02 -73.91 5.08
C VAL J 110 38.76 -75.22 5.22
N ASN K 38 40.12 -0.65 15.77
CA ASN K 38 39.78 -1.37 14.55
C ASN K 38 38.38 -1.97 14.64
N LEU K 39 37.38 -1.10 14.74
CA LEU K 39 35.99 -1.49 14.82
C LEU K 39 35.29 -1.30 13.48
N TRP K 40 34.27 -2.11 13.25
CA TRP K 40 33.49 -2.14 12.01
C TRP K 40 32.02 -1.91 12.31
N VAL K 41 31.32 -1.35 11.33
CA VAL K 41 29.88 -1.13 11.46
C VAL K 41 29.16 -2.47 11.40
N THR K 42 28.33 -2.76 12.39
CA THR K 42 27.51 -3.96 12.37
C THR K 42 26.06 -3.52 12.39
N VAL K 43 25.26 -4.08 11.50
CA VAL K 43 23.85 -3.75 11.36
C VAL K 43 23.05 -4.73 12.19
N TYR K 44 22.17 -4.21 13.04
CA TYR K 44 21.31 -5.00 13.90
C TYR K 44 19.86 -4.65 13.57
N TYR K 45 19.04 -5.67 13.31
CA TYR K 45 17.64 -5.48 12.99
C TYR K 45 16.80 -6.10 14.09
N GLY K 46 15.92 -5.31 14.66
CA GLY K 46 15.08 -5.71 15.76
C GLY K 46 15.51 -5.10 17.08
N VAL K 47 16.19 -3.96 17.06
CA VAL K 47 16.66 -3.34 18.29
C VAL K 47 15.49 -2.69 19.02
N PRO K 48 15.42 -2.74 20.36
CA PRO K 48 14.29 -2.14 21.11
C PRO K 48 14.41 -0.62 21.20
N VAL K 49 14.26 0.04 20.05
CA VAL K 49 14.38 1.49 19.94
C VAL K 49 13.10 2.03 19.34
N TRP K 50 12.66 3.18 19.86
CA TRP K 50 11.47 3.83 19.36
C TRP K 50 11.61 5.32 19.49
N LYS K 51 10.75 6.04 18.75
CA LYS K 51 10.67 7.49 18.86
C LYS K 51 9.20 7.89 18.92
N ASP K 52 8.92 9.07 19.45
CA ASP K 52 7.54 9.54 19.50
C ASP K 52 6.98 9.61 18.08
N ALA K 53 5.70 9.23 17.94
CA ALA K 53 5.07 9.24 16.62
C ALA K 53 3.60 9.54 16.75
N GLU K 54 3.02 10.00 15.65
CA GLU K 54 1.59 10.19 15.48
C GLU K 54 1.18 9.35 14.28
N THR K 55 0.36 8.32 14.52
CA THR K 55 -0.08 7.43 13.45
C THR K 55 -1.56 7.15 13.62
N THR K 56 -2.09 6.36 12.68
CA THR K 56 -3.49 5.98 12.69
C THR K 56 -3.66 4.82 13.66
N LEU K 57 -4.54 4.99 14.65
CA LEU K 57 -4.85 3.97 15.63
C LEU K 57 -6.22 3.41 15.30
N PHE K 58 -6.41 2.12 15.54
CA PHE K 58 -7.69 1.49 15.25
C PHE K 58 -8.37 1.04 16.54
N CYS K 59 -9.60 0.56 16.39
CA CYS K 59 -10.44 0.13 17.49
C CYS K 59 -10.51 -1.38 17.68
N ALA K 60 -10.43 -1.78 18.95
CA ALA K 60 -10.77 -3.13 19.36
C ALA K 60 -11.87 -3.05 20.40
N SER K 61 -12.73 -4.09 20.42
CA SER K 61 -13.81 -4.19 21.39
C SER K 61 -14.07 -5.67 21.67
N ASP K 62 -14.68 -5.94 22.82
CA ASP K 62 -15.03 -7.31 23.17
C ASP K 62 -16.21 -7.78 22.33
N ASN K 72 -25.05 0.64 17.44
CA ASN K 72 -24.51 1.55 18.42
C ASN K 72 -23.85 2.75 17.74
N VAL K 73 -23.95 3.93 18.36
CA VAL K 73 -23.39 5.16 17.80
C VAL K 73 -21.89 5.01 17.54
N TRP K 74 -21.17 4.30 18.40
CA TRP K 74 -19.72 4.21 18.28
C TRP K 74 -19.25 3.12 17.33
N ALA K 75 -20.18 2.42 16.68
CA ALA K 75 -19.89 1.35 15.72
C ALA K 75 -18.87 0.35 16.24
N THR K 76 -19.10 -0.14 17.46
CA THR K 76 -18.12 -1.08 18.01
C THR K 76 -18.18 -2.43 17.31
N HIS K 77 -19.21 -2.68 16.50
CA HIS K 77 -19.29 -3.92 15.73
C HIS K 77 -18.27 -3.95 14.60
N ALA K 78 -17.73 -2.79 14.22
CA ALA K 78 -16.73 -2.68 13.17
C ALA K 78 -15.32 -2.82 13.71
N CYS K 79 -15.16 -2.98 15.02
CA CYS K 79 -13.86 -3.05 15.65
C CYS K 79 -13.38 -4.50 15.65
N VAL K 80 -12.06 -4.67 15.71
CA VAL K 80 -11.48 -6.01 15.75
C VAL K 80 -11.72 -6.59 17.14
N PRO K 81 -11.76 -7.91 17.31
CA PRO K 81 -11.88 -8.45 18.67
C PRO K 81 -10.63 -8.16 19.48
N THR K 82 -10.83 -7.97 20.77
CA THR K 82 -9.71 -7.78 21.68
C THR K 82 -9.00 -9.10 21.97
N ASP K 83 -7.80 -8.98 22.47
CA ASP K 83 -7.01 -10.14 22.86
C ASP K 83 -7.50 -10.61 24.23
N PRO K 84 -8.01 -11.84 24.37
CA PRO K 84 -8.56 -12.27 25.67
C PRO K 84 -7.53 -12.31 26.79
N ASN K 85 -6.24 -12.28 26.47
CA ASN K 85 -5.16 -12.31 27.46
C ASN K 85 -4.16 -11.21 27.11
N PRO K 86 -4.50 -9.94 27.37
CA PRO K 86 -3.67 -8.81 26.93
C PRO K 86 -2.25 -8.91 27.46
N GLN K 87 -1.30 -8.49 26.64
CA GLN K 87 0.13 -8.56 26.98
C GLN K 87 0.66 -7.17 27.34
N GLU K 88 0.71 -6.88 28.63
CA GLU K 88 1.27 -5.62 29.14
C GLU K 88 2.68 -6.00 29.56
N ILE K 89 3.68 -5.37 28.96
CA ILE K 89 5.07 -5.72 29.18
C ILE K 89 5.79 -4.61 29.92
N HIS K 90 6.23 -4.88 31.15
CA HIS K 90 6.93 -3.90 31.94
C HIS K 90 8.31 -3.66 31.35
N LEU K 91 8.70 -2.39 31.23
CA LEU K 91 10.02 -2.03 30.71
C LEU K 91 10.90 -1.59 31.85
N GLU K 92 11.76 -2.49 32.35
CA GLU K 92 12.60 -2.14 33.48
C GLU K 92 13.66 -1.14 33.04
N ASN K 93 13.98 -0.19 33.91
CA ASN K 93 15.03 0.81 33.67
C ASN K 93 14.73 1.69 32.47
N VAL K 94 13.47 1.78 32.06
CA VAL K 94 13.05 2.66 30.98
C VAL K 94 12.26 3.81 31.58
N THR K 95 12.75 5.02 31.39
CA THR K 95 12.10 6.24 31.85
C THR K 95 11.71 7.00 30.60
N GLU K 96 10.42 7.31 30.45
CA GLU K 96 9.94 8.01 29.25
C GLU K 96 9.31 9.33 29.62
N GLU K 97 9.38 10.30 28.71
CA GLU K 97 8.75 11.58 28.95
C GLU K 97 7.36 11.57 28.35
N PHE K 98 6.37 11.91 29.17
CA PHE K 98 4.97 11.95 28.79
C PHE K 98 4.46 13.39 28.85
N ASN K 99 3.44 13.69 28.05
CA ASN K 99 2.78 14.99 28.11
C ASN K 99 1.31 14.80 27.72
N MET K 100 0.42 14.74 28.73
CA MET K 100 -0.99 14.46 28.46
C MET K 100 -1.66 15.58 27.67
N TRP K 101 -1.09 16.78 27.67
CA TRP K 101 -1.67 17.94 26.98
C TRP K 101 -1.17 18.07 25.55
N LYS K 102 -0.26 17.20 25.13
CA LYS K 102 0.31 17.19 23.79
C LYS K 102 0.20 15.76 23.27
N ASN K 103 -0.79 15.03 23.77
CA ASN K 103 -1.02 13.64 23.41
C ASN K 103 -1.91 13.62 22.17
N ASN K 104 -1.35 13.18 21.05
CA ASN K 104 -2.10 13.24 19.79
C ASN K 104 -3.21 12.18 19.75
N MET K 105 -3.29 11.32 20.78
CA MET K 105 -4.33 10.32 20.83
C MET K 105 -5.64 10.96 21.23
N VAL K 106 -5.58 12.11 21.90
CA VAL K 106 -6.79 12.76 22.37
C VAL K 106 -7.48 13.39 21.17
N GLU K 107 -6.71 14.06 20.31
CA GLU K 107 -7.27 14.65 19.11
C GLU K 107 -7.75 13.58 18.16
N GLN K 108 -7.04 12.44 18.08
CA GLN K 108 -7.52 11.38 17.20
C GLN K 108 -8.81 10.77 17.73
N MET K 109 -8.90 10.57 19.05
CA MET K 109 -10.13 10.04 19.61
C MET K 109 -11.28 11.01 19.40
N HIS K 110 -11.05 12.31 19.62
CA HIS K 110 -12.12 13.29 19.45
C HIS K 110 -12.64 13.24 18.03
N THR K 111 -11.72 13.19 17.06
CA THR K 111 -12.10 13.13 15.65
C THR K 111 -12.91 11.87 15.38
N ASP K 112 -12.47 10.73 15.94
CA ASP K 112 -13.19 9.48 15.70
C ASP K 112 -14.58 9.51 16.32
N ILE K 113 -14.72 10.10 17.50
CA ILE K 113 -16.03 10.16 18.15
C ILE K 113 -16.98 11.01 17.31
N ILE K 114 -16.50 12.14 16.80
CA ILE K 114 -17.38 12.97 15.96
C ILE K 114 -17.73 12.22 14.67
N SER K 115 -16.74 11.58 14.04
CA SER K 115 -17.01 10.86 12.80
C SER K 115 -18.00 9.73 13.00
N LEU K 116 -17.91 9.04 14.15
CA LEU K 116 -18.86 7.98 14.44
C LEU K 116 -20.26 8.53 14.68
N TRP K 117 -20.33 9.65 15.39
CA TRP K 117 -21.60 10.32 15.64
C TRP K 117 -22.30 10.65 14.32
N ASP K 118 -21.53 11.23 13.40
CA ASP K 118 -22.13 11.62 12.13
C ASP K 118 -22.48 10.42 11.28
N GLN K 119 -21.65 9.38 11.25
CA GLN K 119 -22.04 8.27 10.39
C GLN K 119 -23.27 7.57 10.96
N SER K 120 -23.46 7.66 12.29
CA SER K 120 -24.64 7.05 12.91
C SER K 120 -25.89 7.90 12.75
N LEU K 121 -25.75 9.18 12.36
CA LEU K 121 -26.91 10.04 12.15
C LEU K 121 -27.25 10.23 10.68
N LYS K 122 -26.25 10.13 9.80
CA LYS K 122 -26.44 10.31 8.35
C LYS K 122 -27.63 9.57 7.76
N PRO K 123 -27.87 8.29 8.05
CA PRO K 123 -29.02 7.60 7.49
C PRO K 123 -30.33 7.79 8.24
N CYS K 124 -30.38 8.65 9.25
CA CYS K 124 -31.57 8.79 10.07
C CYS K 124 -32.47 9.90 9.54
N VAL K 125 -33.72 9.89 10.02
CA VAL K 125 -34.77 10.78 9.55
C VAL K 125 -34.46 12.25 9.83
N LYS K 126 -34.61 13.08 8.80
CA LYS K 126 -34.42 14.52 8.90
C LYS K 126 -35.74 15.10 9.39
N LEU K 127 -35.66 16.17 10.20
CA LEU K 127 -36.86 16.81 10.71
C LEU K 127 -37.15 18.16 10.06
N THR K 128 -36.65 18.41 8.85
CA THR K 128 -36.98 19.65 8.14
C THR K 128 -38.49 19.90 8.07
N PRO K 129 -39.34 18.92 7.73
CA PRO K 129 -40.79 19.19 7.69
C PRO K 129 -41.39 19.62 9.02
N LEU K 130 -40.71 19.41 10.14
CA LEU K 130 -41.26 19.82 11.43
C LEU K 130 -41.10 21.31 11.68
N CYS K 131 -40.34 22.02 10.84
CA CYS K 131 -40.07 23.43 11.11
C CYS K 131 -41.23 24.25 10.59
N VAL K 132 -42.30 24.24 11.37
CA VAL K 132 -43.56 24.91 11.09
C VAL K 132 -43.92 25.69 12.34
N THR K 133 -44.89 26.58 12.22
CA THR K 133 -45.37 27.29 13.39
C THR K 133 -46.09 26.29 14.29
N LEU K 134 -45.81 26.36 15.58
CA LEU K 134 -46.46 25.53 16.58
C LEU K 134 -47.42 26.40 17.37
N GLN K 135 -48.57 25.83 17.72
CA GLN K 135 -49.54 26.49 18.58
C GLN K 135 -49.46 25.75 19.91
N CYS K 136 -48.79 26.36 20.88
CA CYS K 136 -48.45 25.70 22.12
C CYS K 136 -49.21 26.31 23.27
N THR K 137 -49.73 25.47 24.16
CA THR K 137 -50.34 25.93 25.40
C THR K 137 -49.61 25.26 26.55
N ASN K 138 -49.89 25.71 27.76
CA ASN K 138 -49.21 25.14 28.92
C ASN K 138 -49.85 23.81 29.28
N VAL K 139 -49.02 22.86 29.68
CA VAL K 139 -49.53 21.61 30.23
C VAL K 139 -49.80 21.89 31.70
N THR K 140 -50.99 21.53 32.17
CA THR K 140 -51.35 21.69 33.57
C THR K 140 -51.75 20.39 34.25
N ASN K 141 -51.81 19.28 33.52
CA ASN K 141 -52.37 18.04 34.07
C ASN K 141 -51.41 17.35 35.03
N ASN K 142 -51.76 17.35 36.31
CA ASN K 142 -50.98 16.75 37.39
C ASN K 142 -49.54 17.25 37.46
N ILE K 143 -49.32 18.54 37.24
CA ILE K 143 -48.00 19.15 37.31
C ILE K 143 -47.78 19.82 38.66
N THR K 144 -46.63 19.52 39.27
CA THR K 144 -46.21 20.13 40.51
C THR K 144 -45.62 21.50 40.22
N ASP K 145 -45.36 22.27 41.29
CA ASP K 145 -44.88 23.64 41.09
C ASP K 145 -43.54 23.67 40.38
N ASP K 146 -42.67 22.69 40.65
CA ASP K 146 -41.34 22.68 40.04
C ASP K 146 -41.37 22.47 38.53
N MET K 147 -42.44 21.89 37.98
CA MET K 147 -42.57 21.60 36.55
C MET K 147 -43.51 22.54 35.81
N ARG K 148 -43.97 23.62 36.42
CA ARG K 148 -44.89 24.49 35.71
C ARG K 148 -44.13 25.26 34.65
N GLY K 149 -44.61 25.19 33.41
CA GLY K 149 -43.99 25.86 32.29
C GLY K 149 -42.89 25.08 31.61
N GLU K 150 -42.49 23.93 32.16
CA GLU K 150 -41.41 23.14 31.56
C GLU K 150 -41.85 22.38 30.33
N LEU K 151 -43.13 21.99 30.26
CA LEU K 151 -43.69 21.24 29.14
C LEU K 151 -44.82 22.03 28.52
N LYS K 152 -44.87 22.03 27.19
CA LYS K 152 -45.94 22.69 26.44
C LYS K 152 -46.57 21.69 25.50
N ASN K 153 -47.90 21.79 25.36
CA ASN K 153 -48.68 20.95 24.47
C ASN K 153 -48.83 21.72 23.16
N CYS K 154 -48.04 21.33 22.15
CA CYS K 154 -47.92 22.04 20.89
C CYS K 154 -48.61 21.27 19.78
N SER K 155 -49.48 21.97 19.05
CA SER K 155 -50.17 21.39 17.90
C SER K 155 -49.65 22.05 16.63
N PHE K 156 -49.63 21.30 15.54
CA PHE K 156 -49.12 21.80 14.28
C PHE K 156 -49.73 21.03 13.12
N ASN K 157 -49.61 21.63 11.94
CA ASN K 157 -50.10 21.07 10.69
C ASN K 157 -48.96 20.33 10.00
N MET K 158 -49.09 19.01 9.94
CA MET K 158 -48.10 18.10 9.40
C MET K 158 -48.68 17.34 8.22
N THR K 159 -47.85 17.09 7.20
CA THR K 159 -48.32 16.32 6.06
C THR K 159 -48.68 14.92 6.55
N THR K 160 -49.82 14.41 6.08
CA THR K 160 -50.26 13.09 6.49
C THR K 160 -49.51 12.07 5.64
N GLU K 161 -49.89 10.80 5.72
CA GLU K 161 -49.14 9.76 5.02
C GLU K 161 -49.13 9.99 3.51
N LEU K 162 -50.15 10.64 2.96
CA LEU K 162 -50.16 11.05 1.57
C LEU K 162 -49.55 12.43 1.46
N ARG K 163 -48.88 12.69 0.33
CA ARG K 163 -48.19 13.97 0.16
C ARG K 163 -49.10 15.13 -0.21
N ASP K 164 -50.37 14.88 -0.52
CA ASP K 164 -51.30 15.96 -0.89
C ASP K 164 -52.03 16.55 0.31
N LYS K 165 -52.66 15.69 1.11
CA LYS K 165 -53.43 16.11 2.27
C LYS K 165 -52.55 16.40 3.47
N ARG K 166 -53.02 17.32 4.31
CA ARG K 166 -52.36 17.67 5.56
C ARG K 166 -53.28 17.30 6.72
N GLN K 167 -52.70 17.05 7.89
CA GLN K 167 -53.42 16.68 9.09
C GLN K 167 -52.88 17.46 10.29
N LYS K 168 -53.73 17.65 11.29
CA LYS K 168 -53.33 18.30 12.54
C LYS K 168 -52.87 17.26 13.54
N VAL K 169 -51.67 17.45 14.08
CA VAL K 169 -51.05 16.56 15.05
C VAL K 169 -50.59 17.41 16.22
N HIS K 170 -50.28 16.74 17.34
CA HIS K 170 -49.74 17.47 18.49
C HIS K 170 -48.72 16.61 19.22
N ALA K 171 -47.86 17.28 19.97
CA ALA K 171 -46.80 16.66 20.74
C ALA K 171 -46.46 17.54 21.93
N LEU K 172 -45.82 16.96 22.94
CA LEU K 172 -45.34 17.76 24.06
C LEU K 172 -43.87 18.08 23.84
N PHE K 173 -43.51 19.33 24.11
CA PHE K 173 -42.12 19.77 24.00
C PHE K 173 -41.63 20.41 25.29
N TYR K 174 -40.33 20.29 25.53
CA TYR K 174 -39.69 20.94 26.66
C TYR K 174 -39.46 22.40 26.31
N LYS K 175 -39.53 23.29 27.32
CA LYS K 175 -39.35 24.70 27.02
C LYS K 175 -37.98 25.02 26.42
N LEU K 176 -36.97 24.20 26.67
CA LEU K 176 -35.65 24.48 26.12
C LEU K 176 -35.57 24.24 24.63
N ASP K 177 -36.55 23.55 24.05
CA ASP K 177 -36.59 23.27 22.62
C ASP K 177 -37.53 24.20 21.87
N ILE K 178 -38.25 25.07 22.57
CA ILE K 178 -39.29 25.92 22.00
C ILE K 178 -38.91 27.38 22.22
N VAL K 179 -38.94 28.16 21.14
CA VAL K 179 -38.62 29.58 21.15
C VAL K 179 -39.82 30.36 20.66
N PRO K 180 -40.24 31.46 21.32
CA PRO K 180 -41.35 32.25 20.78
C PRO K 180 -41.02 32.82 19.40
N ILE K 181 -42.05 32.92 18.55
CA ILE K 181 -41.85 33.57 17.26
C ILE K 181 -41.91 35.09 17.43
N ASN K 182 -42.86 35.57 18.24
CA ASN K 182 -43.02 37.00 18.46
C ASN K 182 -43.63 37.24 19.84
N ASN K 186 -47.48 35.11 22.93
CA ASN K 186 -48.53 35.13 21.91
C ASN K 186 -49.03 33.73 21.53
N THR K 187 -48.47 32.69 22.16
CA THR K 187 -48.81 31.28 21.96
C THR K 187 -48.26 30.71 20.64
N SER K 188 -47.74 31.54 19.75
CA SER K 188 -47.14 31.06 18.51
C SER K 188 -45.65 30.82 18.76
N TYR K 189 -45.24 29.57 18.61
CA TYR K 189 -43.87 29.13 18.90
C TYR K 189 -43.27 28.37 17.72
N ARG K 190 -41.93 28.30 17.73
CA ARG K 190 -41.13 27.58 16.75
C ARG K 190 -40.11 26.76 17.52
N LEU K 191 -39.55 25.75 16.89
CA LEU K 191 -38.49 24.99 17.55
C LEU K 191 -37.25 25.87 17.69
N ILE K 192 -36.46 25.62 18.74
CA ILE K 192 -35.23 26.39 18.91
C ILE K 192 -34.29 26.07 17.77
N ASN K 193 -33.70 27.11 17.17
CA ASN K 193 -32.76 26.99 16.06
C ASN K 193 -33.36 26.12 14.96
N CYS K 194 -34.65 26.33 14.71
CA CYS K 194 -35.41 25.55 13.70
C CYS K 194 -35.01 25.95 12.28
N ASN K 195 -34.77 27.23 12.05
CA ASN K 195 -34.50 27.79 10.74
C ASN K 195 -33.05 28.13 10.52
N THR K 196 -32.18 27.87 11.49
CA THR K 196 -30.78 28.18 11.39
C THR K 196 -29.91 26.92 11.44
N ALA K 197 -30.53 25.74 11.57
CA ALA K 197 -29.77 24.50 11.67
C ALA K 197 -30.60 23.36 11.11
N ALA K 198 -29.90 22.32 10.66
CA ALA K 198 -30.51 21.08 10.20
C ALA K 198 -30.62 20.10 11.35
N ILE K 199 -31.83 19.89 11.83
CA ILE K 199 -32.10 19.02 12.96
C ILE K 199 -32.31 17.62 12.39
N THR K 200 -31.51 16.66 12.87
CA THR K 200 -31.58 15.27 12.44
C THR K 200 -32.10 14.43 13.60
N GLN K 201 -33.09 13.59 13.34
CA GLN K 201 -33.61 12.73 14.39
C GLN K 201 -32.68 11.54 14.54
N ALA K 202 -32.29 11.21 15.77
CA ALA K 202 -31.48 10.03 15.97
C ALA K 202 -32.34 8.79 15.75
N CYS K 203 -31.73 7.75 15.21
CA CYS K 203 -32.45 6.51 15.04
C CYS K 203 -32.74 5.87 16.41
N PRO K 204 -34.00 5.59 16.77
CA PRO K 204 -34.26 4.99 18.09
C PRO K 204 -33.62 3.64 18.31
N LYS K 205 -33.23 2.94 17.26
CA LYS K 205 -32.63 1.62 17.34
C LYS K 205 -31.12 1.64 17.50
N VAL K 206 -30.49 2.82 17.50
CA VAL K 206 -29.04 2.95 17.64
C VAL K 206 -28.78 3.51 19.03
N SER K 207 -28.16 2.69 19.88
CA SER K 207 -27.92 3.00 21.28
C SER K 207 -26.86 4.08 21.47
N PHE K 208 -27.06 4.92 22.50
CA PHE K 208 -26.10 5.94 22.91
C PHE K 208 -25.29 5.52 24.12
N GLU K 209 -25.39 4.26 24.54
CA GLU K 209 -24.67 3.80 25.72
C GLU K 209 -23.18 3.65 25.43
N PRO K 210 -22.28 4.31 26.17
CA PRO K 210 -20.84 4.11 25.94
C PRO K 210 -20.42 2.66 26.12
N ILE K 211 -19.65 2.17 25.17
CA ILE K 211 -19.07 0.84 25.18
C ILE K 211 -17.56 1.04 25.17
N PRO K 212 -16.80 0.41 26.07
CA PRO K 212 -15.35 0.67 26.10
C PRO K 212 -14.70 0.42 24.75
N ILE K 213 -13.91 1.40 24.31
CA ILE K 213 -13.19 1.35 23.05
C ILE K 213 -11.70 1.25 23.36
N HIS K 214 -11.07 0.17 22.91
CA HIS K 214 -9.63 0.02 23.08
C HIS K 214 -9.00 0.59 21.83
N TYR K 215 -7.95 1.41 21.99
CA TYR K 215 -7.22 1.92 20.84
C TYR K 215 -5.95 1.13 20.68
N CYS K 216 -5.83 0.61 19.48
CA CYS K 216 -4.76 -0.33 19.14
C CYS K 216 -3.84 0.28 18.12
N ALA K 217 -2.55 -0.02 18.25
CA ALA K 217 -1.60 0.60 17.35
C ALA K 217 -1.18 -0.32 16.20
N PRO K 218 -0.92 0.23 15.02
CA PRO K 218 -0.50 -0.60 13.88
C PRO K 218 0.77 -1.34 14.22
N ALA K 219 0.98 -2.50 13.60
CA ALA K 219 2.22 -3.21 13.84
C ALA K 219 3.37 -2.29 13.42
N GLY K 220 4.44 -2.32 14.18
CA GLY K 220 5.58 -1.46 13.95
C GLY K 220 5.55 -0.25 14.87
N PHE K 221 4.42 -0.03 15.56
CA PHE K 221 4.18 1.02 16.52
C PHE K 221 3.81 0.36 17.84
N ALA K 222 3.92 1.11 18.93
CA ALA K 222 3.56 0.59 20.24
C ALA K 222 3.00 1.72 21.08
N ILE K 223 2.13 1.38 22.03
CA ILE K 223 1.60 2.35 22.98
C ILE K 223 2.31 2.10 24.30
N LEU K 224 2.93 3.13 24.85
CA LEU K 224 3.60 3.01 26.13
C LEU K 224 2.67 3.59 27.19
N LYS K 225 2.55 2.86 28.31
CA LYS K 225 1.71 3.24 29.44
C LYS K 225 2.60 3.63 30.61
N CYS K 226 2.20 4.70 31.30
CA CYS K 226 2.86 5.16 32.51
C CYS K 226 2.19 4.50 33.71
N LYS K 227 2.95 3.73 34.47
CA LYS K 227 2.46 3.01 35.63
C LYS K 227 2.75 3.74 36.94
N ASP K 228 3.27 4.97 36.87
CA ASP K 228 3.59 5.76 38.05
C ASP K 228 2.29 6.34 38.61
N LYS K 229 1.91 5.88 39.80
CA LYS K 229 0.65 6.24 40.42
C LYS K 229 0.54 7.73 40.79
N LYS K 230 1.67 8.44 40.85
CA LYS K 230 1.75 9.86 41.17
C LYS K 230 2.00 10.72 39.93
N PHE K 231 1.90 10.14 38.74
CA PHE K 231 2.17 10.91 37.52
C PHE K 231 1.12 12.00 37.37
N ASN K 232 1.60 13.24 37.19
CA ASN K 232 0.73 14.41 37.13
C ASN K 232 0.45 14.88 35.70
N GLY K 233 0.74 14.07 34.68
CA GLY K 233 0.46 14.38 33.31
C GLY K 233 1.63 14.85 32.46
N THR K 234 2.71 15.34 33.05
CA THR K 234 3.86 15.78 32.27
C THR K 234 5.14 15.27 32.92
N GLY K 235 6.18 15.15 32.10
CA GLY K 235 7.49 14.86 32.61
C GLY K 235 7.84 13.38 32.59
N PRO K 236 9.00 13.06 33.16
CA PRO K 236 9.49 11.67 33.11
C PRO K 236 8.60 10.74 33.93
N CYS K 237 8.47 9.52 33.44
CA CYS K 237 7.74 8.44 34.08
C CYS K 237 8.75 7.31 34.22
N PRO K 238 9.24 7.03 35.44
CA PRO K 238 10.27 5.99 35.61
C PRO K 238 9.75 4.57 35.52
N SER K 239 8.44 4.37 35.43
CA SER K 239 7.83 3.04 35.39
C SER K 239 6.89 3.02 34.20
N VAL K 240 7.37 2.42 33.11
CA VAL K 240 6.72 2.42 31.81
C VAL K 240 6.55 0.98 31.38
N SER K 241 5.43 0.68 30.72
CA SER K 241 5.18 -0.65 30.16
C SER K 241 4.69 -0.51 28.73
N THR K 242 4.94 -1.55 27.94
CA THR K 242 4.49 -1.58 26.55
C THR K 242 3.15 -2.30 26.43
N VAL K 243 2.19 -1.65 25.79
CA VAL K 243 0.87 -2.21 25.54
C VAL K 243 0.56 -2.11 24.06
N GLN K 244 -0.03 -3.17 23.52
CA GLN K 244 -0.45 -3.10 22.13
C GLN K 244 -1.57 -2.07 22.02
N CYS K 245 -2.49 -2.18 22.98
CA CYS K 245 -3.65 -1.27 22.98
C CYS K 245 -3.97 -0.75 24.38
N THR K 246 -4.65 0.38 24.46
CA THR K 246 -5.17 1.00 25.66
C THR K 246 -6.33 0.22 26.24
N HIS K 247 -6.50 0.34 27.55
CA HIS K 247 -7.64 -0.24 28.23
C HIS K 247 -8.93 0.29 27.60
N GLY K 248 -10.06 -0.30 27.98
CA GLY K 248 -11.27 0.13 27.33
C GLY K 248 -11.69 1.45 27.90
N ILE K 249 -11.75 2.45 27.02
CA ILE K 249 -12.13 3.81 27.37
C ILE K 249 -13.57 4.02 26.90
N LYS K 250 -14.45 4.27 27.83
CA LYS K 250 -15.84 4.47 27.47
C LYS K 250 -16.00 5.89 26.93
N PRO K 251 -16.61 6.06 25.74
CA PRO K 251 -16.78 7.44 25.25
C PRO K 251 -17.92 8.15 25.97
N VAL K 252 -17.72 8.38 27.26
CA VAL K 252 -18.72 9.05 28.08
C VAL K 252 -18.62 10.53 27.77
N VAL K 253 -19.75 11.12 27.43
CA VAL K 253 -19.81 12.53 27.08
C VAL K 253 -20.55 13.24 28.21
N SER K 254 -19.84 14.07 28.98
CA SER K 254 -20.43 14.78 30.10
C SER K 254 -19.63 16.06 30.30
N THR K 255 -20.20 16.98 31.07
CA THR K 255 -19.50 18.21 31.46
C THR K 255 -19.45 18.32 32.98
N GLN K 256 -18.50 19.11 33.46
CA GLN K 256 -18.30 19.40 34.88
C GLN K 256 -17.85 18.19 35.69
N LEU K 257 -18.64 17.12 35.66
CA LEU K 257 -18.34 15.88 36.35
C LEU K 257 -17.97 14.82 35.32
N LEU K 258 -16.93 14.06 35.62
CA LEU K 258 -16.50 12.96 34.75
C LEU K 258 -17.21 11.73 35.29
N LEU K 259 -18.09 11.14 34.49
CA LEU K 259 -18.89 10.00 34.93
C LEU K 259 -18.28 8.73 34.39
N ASN K 260 -18.26 7.69 35.22
CA ASN K 260 -17.68 6.40 34.86
C ASN K 260 -16.20 6.59 34.52
N GLY K 261 -15.52 5.56 34.06
CA GLY K 261 -14.10 5.66 33.77
C GLY K 261 -13.22 5.24 34.93
N SER K 262 -11.93 5.55 34.79
CA SER K 262 -10.93 5.05 35.74
C SER K 262 -10.79 5.97 36.96
N LEU K 263 -10.22 5.39 38.02
CA LEU K 263 -9.96 6.05 39.30
C LEU K 263 -8.47 6.14 39.58
N ALA K 264 -8.10 7.13 40.41
CA ALA K 264 -6.73 7.28 40.83
C ALA K 264 -6.35 6.07 41.69
N GLU K 265 -5.09 5.64 41.59
CA GLU K 265 -4.67 4.47 42.34
C GLU K 265 -4.37 4.74 43.82
N GLU K 266 -3.88 5.94 44.17
CA GLU K 266 -3.50 6.21 45.56
C GLU K 266 -4.18 7.45 46.15
N GLU K 267 -4.07 8.60 45.51
CA GLU K 267 -4.60 9.85 46.04
C GLU K 267 -5.22 10.62 44.89
N VAL K 268 -6.10 11.56 45.25
CA VAL K 268 -6.76 12.35 44.23
C VAL K 268 -5.68 13.12 43.47
N MET K 269 -5.75 13.07 42.14
CA MET K 269 -4.74 13.71 41.29
C MET K 269 -5.28 15.02 40.73
N ILE K 270 -4.46 16.07 40.83
CA ILE K 270 -4.77 17.38 40.29
C ILE K 270 -3.82 17.58 39.11
N ARG K 271 -4.37 17.62 37.90
CA ARG K 271 -3.56 17.72 36.69
C ARG K 271 -3.97 18.94 35.88
N SER K 272 -3.01 19.80 35.54
CA SER K 272 -3.31 20.98 34.74
C SER K 272 -2.11 21.28 33.86
N LYS K 273 -2.37 21.89 32.70
CA LYS K 273 -1.28 22.20 31.79
C LYS K 273 -0.32 23.17 32.45
N ASP K 274 -0.87 24.17 33.12
CA ASP K 274 -0.08 25.15 33.85
C ASP K 274 -0.96 25.55 35.03
N ILE K 275 -0.63 25.05 36.22
CA ILE K 275 -1.48 25.27 37.39
C ILE K 275 -1.49 26.74 37.76
N ARG K 276 -0.50 27.51 37.34
CA ARG K 276 -0.40 28.91 37.70
C ARG K 276 -1.15 29.80 36.71
N ASN K 277 -1.70 29.23 35.65
CA ASN K 277 -2.45 29.93 34.61
C ASN K 277 -3.93 29.67 34.86
N ASN K 278 -4.67 30.68 35.31
CA ASN K 278 -6.05 30.44 35.69
C ASN K 278 -6.99 30.31 34.49
N ALA K 279 -6.49 30.41 33.26
CA ALA K 279 -7.30 30.22 32.06
C ALA K 279 -7.32 28.77 31.59
N LYS K 280 -6.59 27.88 32.24
CA LYS K 280 -6.50 26.47 31.86
C LYS K 280 -7.41 25.65 32.77
N ASN K 281 -7.81 24.49 32.29
CA ASN K 281 -8.64 23.61 33.09
C ASN K 281 -7.78 22.73 33.98
N ILE K 282 -8.37 22.35 35.10
CA ILE K 282 -7.79 21.43 36.06
C ILE K 282 -8.62 20.16 36.03
N LEU K 283 -7.97 19.03 35.78
CA LEU K 283 -8.63 17.74 35.78
C LEU K 283 -8.35 17.08 37.12
N VAL K 284 -9.40 16.75 37.84
CA VAL K 284 -9.31 16.15 39.16
C VAL K 284 -9.72 14.71 39.00
N GLN K 285 -8.83 13.78 39.36
CA GLN K 285 -9.09 12.35 39.26
C GLN K 285 -9.27 11.80 40.66
N PHE K 286 -10.44 11.21 40.93
CA PHE K 286 -10.77 10.72 42.25
C PHE K 286 -10.15 9.36 42.53
N ASN K 287 -9.85 9.11 43.80
CA ASN K 287 -9.36 7.79 44.19
C ASN K 287 -10.52 6.81 44.23
N THR K 288 -11.67 7.25 44.77
CA THR K 288 -12.86 6.44 44.93
C THR K 288 -14.02 7.15 44.23
N PRO K 289 -15.01 6.42 43.71
CA PRO K 289 -16.11 7.09 43.02
C PRO K 289 -17.10 7.71 43.99
N VAL K 290 -17.79 8.76 43.52
CA VAL K 290 -18.94 9.28 44.23
C VAL K 290 -20.14 8.82 43.41
N GLN K 291 -21.04 8.07 44.01
CA GLN K 291 -22.15 7.53 43.23
C GLN K 291 -23.20 8.62 43.04
N ILE K 292 -23.69 8.75 41.80
CA ILE K 292 -24.74 9.71 41.46
C ILE K 292 -25.91 8.96 40.83
N ASN K 293 -27.10 9.12 41.42
CA ASN K 293 -28.32 8.45 40.99
C ASN K 293 -29.23 9.47 40.29
N CYS K 294 -29.36 9.34 38.97
CA CYS K 294 -30.10 10.29 38.16
C CYS K 294 -31.38 9.65 37.65
N THR K 295 -32.49 10.39 37.71
CA THR K 295 -33.75 9.89 37.22
C THR K 295 -34.57 10.93 36.48
N ARG K 296 -35.46 10.40 35.64
CA ARG K 296 -36.45 11.10 34.84
C ARG K 296 -37.77 10.47 35.25
N PRO K 297 -38.38 10.95 36.38
CA PRO K 297 -39.52 10.28 37.04
C PRO K 297 -40.84 10.57 36.35
N ASN K 298 -40.92 10.25 35.06
CA ASN K 298 -42.14 10.50 34.28
C ASN K 298 -42.36 9.32 33.35
N ASN K 299 -43.52 8.67 33.50
CA ASN K 299 -43.82 7.48 32.70
C ASN K 299 -44.30 7.96 31.33
N ASN K 300 -43.33 8.27 30.48
CA ASN K 300 -43.57 8.87 29.18
C ASN K 300 -44.04 7.85 28.14
N THR K 301 -44.87 8.32 27.24
CA THR K 301 -45.32 7.59 26.07
C THR K 301 -44.65 8.22 24.87
N ARG K 302 -44.70 7.54 23.72
CA ARG K 302 -44.15 8.07 22.48
C ARG K 302 -45.16 7.90 21.35
N LYS K 303 -45.23 8.89 20.47
CA LYS K 303 -46.10 8.85 19.29
C LYS K 303 -45.24 8.84 18.05
N SER K 304 -45.70 8.14 17.01
CA SER K 304 -45.01 8.13 15.74
C SER K 304 -45.87 8.93 14.77
N ILE K 305 -45.33 10.07 14.32
CA ILE K 305 -45.99 10.97 13.38
C ILE K 305 -45.31 10.80 12.03
N ARG K 306 -46.04 10.36 11.01
CA ARG K 306 -45.36 10.06 9.76
C ARG K 306 -44.88 11.33 9.07
N ILE K 307 -43.63 11.30 8.60
CA ILE K 307 -43.05 12.43 7.87
C ILE K 307 -43.12 12.19 6.37
N GLY K 308 -42.88 10.96 5.96
CA GLY K 308 -42.86 10.58 4.58
C GLY K 308 -42.76 9.08 4.51
N PRO K 309 -42.70 8.53 3.30
CA PRO K 309 -42.66 7.08 3.15
C PRO K 309 -41.55 6.42 3.94
N GLY K 310 -41.90 5.46 4.79
CA GLY K 310 -40.91 4.73 5.54
C GLY K 310 -40.29 5.44 6.73
N GLN K 311 -40.76 6.63 7.11
CA GLN K 311 -40.12 7.37 8.20
C GLN K 311 -41.11 8.11 9.10
N TRP K 312 -40.79 8.10 10.39
CA TRP K 312 -41.61 8.68 11.44
C TRP K 312 -40.83 9.68 12.28
N PHE K 313 -41.55 10.69 12.76
CA PHE K 313 -41.08 11.60 13.80
C PHE K 313 -41.53 10.99 15.12
N TYR K 314 -40.63 10.89 16.08
CA TYR K 314 -40.97 10.32 17.37
C TYR K 314 -41.23 11.45 18.36
N ALA K 315 -42.50 11.64 18.68
CA ALA K 315 -42.99 12.72 19.52
C ALA K 315 -43.10 12.23 20.96
N THR K 316 -43.09 13.19 21.89
CA THR K 316 -43.15 12.91 23.32
C THR K 316 -44.48 12.35 23.79
N GLY K 317 -45.50 12.29 22.94
CA GLY K 317 -46.75 11.68 23.37
C GLY K 317 -47.37 12.41 24.54
N ASP K 318 -47.58 11.67 25.62
CA ASP K 318 -48.16 12.21 26.83
C ASP K 318 -47.47 11.51 27.99
N ILE K 319 -47.83 11.90 29.21
CA ILE K 319 -47.21 11.36 30.41
C ILE K 319 -48.28 10.68 31.24
N ILE K 320 -48.00 9.43 31.61
CA ILE K 320 -48.92 8.65 32.44
C ILE K 320 -48.63 9.01 33.89
N GLY K 321 -49.67 9.39 34.63
CA GLY K 321 -49.49 9.77 36.01
C GLY K 321 -49.04 11.22 36.13
N ASP K 322 -48.56 11.55 37.33
CA ASP K 322 -48.18 12.93 37.60
C ASP K 322 -46.82 13.25 36.99
N ILE K 323 -46.59 14.55 36.78
CA ILE K 323 -45.37 15.06 36.16
C ILE K 323 -44.47 15.70 37.21
N ARG K 324 -43.24 15.17 37.34
CA ARG K 324 -42.26 15.61 38.33
C ARG K 324 -40.96 15.92 37.60
N GLN K 325 -40.13 16.74 38.22
CA GLN K 325 -38.87 17.16 37.62
C GLN K 325 -37.78 16.11 37.75
N ALA K 326 -36.99 15.97 36.67
CA ALA K 326 -35.84 15.09 36.67
C ALA K 326 -34.81 15.60 37.66
N HIS K 327 -34.08 14.68 38.28
CA HIS K 327 -33.09 15.11 39.28
C HIS K 327 -32.03 14.05 39.47
N CYS K 328 -30.91 14.47 40.06
CA CYS K 328 -29.83 13.57 40.44
C CYS K 328 -29.52 13.71 41.91
N ASN K 329 -29.27 12.58 42.58
CA ASN K 329 -28.91 12.58 43.99
C ASN K 329 -27.46 12.11 44.13
N VAL K 330 -26.74 12.71 45.06
CA VAL K 330 -25.45 12.20 45.49
C VAL K 330 -25.49 12.10 47.01
N SER K 331 -24.68 11.21 47.58
CA SER K 331 -24.59 11.16 49.03
C SER K 331 -23.92 12.44 49.51
N LYS K 332 -24.52 13.07 50.51
CA LYS K 332 -23.97 14.34 51.01
C LYS K 332 -22.64 14.10 51.72
N ALA K 333 -22.57 13.05 52.53
CA ALA K 333 -21.33 12.76 53.26
C ALA K 333 -20.21 12.36 52.32
N THR K 334 -20.53 11.57 51.29
CA THR K 334 -19.49 11.11 50.37
C THR K 334 -18.97 12.29 49.56
N TRP K 335 -19.88 13.14 49.09
CA TRP K 335 -19.46 14.31 48.32
C TRP K 335 -18.59 15.22 49.16
N ASN K 336 -18.99 15.46 50.41
CA ASN K 336 -18.20 16.35 51.26
C ASN K 336 -16.82 15.75 51.53
N GLU K 337 -16.76 14.44 51.75
CA GLU K 337 -15.47 13.78 51.96
C GLU K 337 -14.60 13.91 50.72
N THR K 338 -15.20 13.71 49.55
CA THR K 338 -14.46 13.79 48.30
C THR K 338 -13.92 15.19 48.08
N LEU K 339 -14.73 16.22 48.36
CA LEU K 339 -14.21 17.56 48.22
C LEU K 339 -13.11 17.82 49.24
N GLY K 340 -13.23 17.26 50.45
CA GLY K 340 -12.16 17.45 51.42
C GLY K 340 -10.85 16.91 50.87
N LYS K 341 -10.92 15.78 50.17
CA LYS K 341 -9.72 15.21 49.54
C LYS K 341 -9.20 16.10 48.42
N VAL K 342 -10.12 16.66 47.62
CA VAL K 342 -9.72 17.53 46.53
C VAL K 342 -9.05 18.78 47.09
N VAL K 343 -9.61 19.33 48.15
CA VAL K 343 -9.05 20.52 48.78
C VAL K 343 -7.67 20.23 49.35
N LYS K 344 -7.51 19.08 50.01
CA LYS K 344 -6.20 18.72 50.54
C LYS K 344 -5.17 18.69 49.40
N GLN K 345 -5.57 18.18 48.24
CA GLN K 345 -4.63 18.14 47.11
C GLN K 345 -4.44 19.51 46.49
N LEU K 346 -5.48 20.35 46.46
CA LEU K 346 -5.35 21.70 45.94
C LEU K 346 -4.42 22.53 46.82
N ARG K 347 -4.45 22.31 48.15
CA ARG K 347 -3.57 23.03 49.06
C ARG K 347 -2.19 22.39 49.12
N LYS K 348 -1.60 22.22 47.94
CA LYS K 348 -0.24 21.78 47.69
C LYS K 348 0.42 22.69 46.67
N HIS K 349 -0.36 23.36 45.83
CA HIS K 349 0.05 24.24 44.75
C HIS K 349 -0.19 25.68 45.12
N PHE K 350 -1.29 25.93 45.83
CA PHE K 350 -1.76 27.27 46.17
C PHE K 350 -1.44 27.69 47.60
N GLY K 351 -0.74 26.86 48.36
CA GLY K 351 -0.35 27.18 49.72
C GLY K 351 -1.16 26.42 50.77
N ASN K 352 -0.53 26.20 51.92
CA ASN K 352 -1.13 25.46 53.03
C ASN K 352 -2.16 26.28 53.80
N ASN K 353 -2.05 27.62 53.77
CA ASN K 353 -2.92 28.51 54.51
C ASN K 353 -3.88 29.29 53.59
N THR K 354 -4.16 28.74 52.42
CA THR K 354 -5.05 29.35 51.44
C THR K 354 -6.44 28.73 51.60
N ILE K 355 -7.45 29.58 51.58
CA ILE K 355 -8.83 29.13 51.69
C ILE K 355 -9.26 28.66 50.31
N ILE K 356 -9.83 27.45 50.23
CA ILE K 356 -10.28 26.90 48.96
C ILE K 356 -11.79 26.95 48.93
N ARG K 357 -12.35 27.64 47.94
CA ARG K 357 -13.78 27.82 47.82
C ARG K 357 -14.30 27.23 46.52
N PHE K 358 -15.43 26.55 46.61
CA PHE K 358 -16.13 26.00 45.45
C PHE K 358 -17.39 26.81 45.22
N ALA K 359 -17.66 27.09 43.95
CA ALA K 359 -18.79 27.89 43.50
C ALA K 359 -19.29 27.29 42.20
N ASN K 360 -20.50 27.67 41.80
CA ASN K 360 -21.08 27.15 40.58
C ASN K 360 -20.51 27.88 39.36
N SER K 361 -20.88 27.38 38.19
CA SER K 361 -20.37 27.95 36.94
C SER K 361 -20.79 29.41 36.78
N SER K 362 -19.85 30.22 36.29
CA SER K 362 -20.07 31.64 36.11
C SER K 362 -21.01 32.00 34.97
N GLY K 363 -21.28 31.07 34.05
CA GLY K 363 -22.16 31.36 32.93
C GLY K 363 -21.70 30.63 31.68
N GLY K 364 -22.30 31.02 30.57
CA GLY K 364 -22.03 30.40 29.28
C GLY K 364 -23.13 29.46 28.84
N ASP K 365 -22.76 28.55 27.94
CA ASP K 365 -23.72 27.65 27.33
C ASP K 365 -24.36 26.75 28.36
N LEU K 366 -25.61 26.34 28.09
CA LEU K 366 -26.31 25.43 29.00
C LEU K 366 -25.51 24.15 29.21
N GLU K 367 -24.85 23.66 28.16
CA GLU K 367 -24.08 22.43 28.27
C GLU K 367 -22.92 22.57 29.24
N VAL K 368 -22.49 23.80 29.53
CA VAL K 368 -21.35 24.07 30.39
C VAL K 368 -21.79 24.54 31.77
N THR K 369 -22.83 25.38 31.85
CA THR K 369 -23.25 25.90 33.15
C THR K 369 -23.86 24.79 34.00
N THR K 370 -24.46 23.80 33.37
CA THR K 370 -25.03 22.64 34.03
C THR K 370 -24.16 21.41 33.74
N HIS K 371 -24.44 20.35 34.47
CA HIS K 371 -23.81 19.06 34.26
C HIS K 371 -24.64 18.35 33.20
N SER K 372 -24.11 18.27 31.99
CA SER K 372 -24.84 17.66 30.89
C SER K 372 -24.42 16.20 30.82
N PHE K 373 -25.37 15.33 30.49
CA PHE K 373 -25.02 13.93 30.27
C PHE K 373 -26.14 13.21 29.54
N ASN K 374 -25.78 12.06 28.99
CA ASN K 374 -26.71 11.16 28.29
C ASN K 374 -27.04 9.97 29.18
N CYS K 375 -28.28 9.91 29.66
CA CYS K 375 -28.78 8.86 30.55
C CYS K 375 -29.78 8.01 29.77
N GLY K 376 -29.30 6.94 29.17
CA GLY K 376 -30.15 6.06 28.40
C GLY K 376 -30.67 6.65 27.13
N GLY K 377 -29.97 7.64 26.58
CA GLY K 377 -30.41 8.35 25.41
C GLY K 377 -31.19 9.61 25.73
N GLU K 378 -31.51 9.83 27.01
CA GLU K 378 -32.24 11.00 27.48
C GLU K 378 -31.19 12.00 27.98
N PHE K 379 -31.21 13.22 27.46
CA PHE K 379 -30.18 14.19 27.79
C PHE K 379 -30.58 15.09 28.96
N PHE K 380 -29.81 14.98 30.04
CA PHE K 380 -30.00 15.67 31.31
C PHE K 380 -29.07 16.86 31.41
N TYR K 381 -29.58 17.96 31.99
CA TYR K 381 -28.84 19.20 32.27
C TYR K 381 -29.06 19.58 33.73
N CYS K 382 -28.21 19.05 34.61
CA CYS K 382 -28.40 19.11 36.05
C CYS K 382 -27.72 20.33 36.67
N ASP K 383 -28.41 20.95 37.62
CA ASP K 383 -27.92 22.13 38.32
C ASP K 383 -27.00 21.68 39.45
N THR K 384 -25.71 21.96 39.30
CA THR K 384 -24.67 21.49 40.22
C THR K 384 -24.31 22.55 41.25
N SER K 385 -25.10 23.61 41.40
CA SER K 385 -24.80 24.61 42.41
C SER K 385 -24.92 24.05 43.81
N GLY K 386 -25.59 22.91 43.98
CA GLY K 386 -25.68 22.26 45.27
C GLY K 386 -24.46 21.45 45.62
N LEU K 387 -23.56 21.25 44.64
CA LEU K 387 -22.33 20.49 44.84
C LEU K 387 -21.12 21.39 45.02
N PHE K 388 -21.08 22.52 44.34
CA PHE K 388 -19.95 23.44 44.38
C PHE K 388 -20.43 24.70 45.08
N ASN K 389 -20.54 24.62 46.40
CA ASN K 389 -21.05 25.69 47.25
C ASN K 389 -20.42 25.48 48.62
N SER K 390 -19.13 25.80 48.74
CA SER K 390 -18.48 25.56 50.02
C SER K 390 -17.23 26.40 50.15
N THR K 391 -16.86 26.70 51.41
CA THR K 391 -15.60 27.36 51.71
C THR K 391 -14.86 26.48 52.70
N TRP K 392 -13.63 26.11 52.35
CA TRP K 392 -12.77 25.24 53.12
C TRP K 392 -11.69 26.11 53.73
N ILE K 393 -11.71 26.17 55.06
CA ILE K 393 -10.85 27.03 55.87
C ILE K 393 -9.58 26.24 56.13
N SER K 394 -8.44 26.94 56.17
CA SER K 394 -7.16 26.26 56.40
C SER K 394 -7.09 25.57 57.75
N ASN K 395 -7.94 25.96 58.71
CA ASN K 395 -7.95 25.34 60.03
C ASN K 395 -8.16 23.83 59.95
N ASN K 407 -26.18 8.59 54.62
CA ASN K 407 -27.14 9.23 55.52
C ASN K 407 -28.02 10.21 54.75
N ASP K 408 -27.55 11.45 54.56
CA ASP K 408 -28.30 12.48 53.86
C ASP K 408 -27.89 12.48 52.39
N SER K 409 -28.49 13.34 51.59
CA SER K 409 -28.18 13.41 50.16
C SER K 409 -28.37 14.83 49.66
N ILE K 410 -27.73 15.11 48.52
CA ILE K 410 -27.81 16.38 47.82
C ILE K 410 -28.57 16.11 46.53
N THR K 411 -29.69 16.81 46.35
CA THR K 411 -30.52 16.66 45.16
C THR K 411 -30.24 17.83 44.22
N LEU K 412 -29.91 17.49 42.98
CA LEU K 412 -29.61 18.43 41.91
C LEU K 412 -30.79 18.49 40.95
N PRO K 413 -31.51 19.61 40.83
CA PRO K 413 -32.58 19.66 39.83
C PRO K 413 -31.98 19.53 38.44
N CYS K 414 -32.70 18.84 37.55
CA CYS K 414 -32.25 18.67 36.18
C CYS K 414 -33.34 19.06 35.21
N ARG K 415 -32.94 19.64 34.08
CA ARG K 415 -33.85 19.91 32.97
C ARG K 415 -33.55 18.93 31.84
N ILE K 416 -34.57 18.69 31.03
CA ILE K 416 -34.49 17.77 29.90
C ILE K 416 -34.81 18.55 28.64
N LYS K 417 -34.06 18.28 27.58
CA LYS K 417 -34.31 18.85 26.26
C LYS K 417 -33.97 17.79 25.22
N GLN K 418 -34.69 17.83 24.10
CA GLN K 418 -34.49 16.87 23.02
C GLN K 418 -33.63 17.35 21.87
N ILE K 419 -33.53 18.65 21.64
CA ILE K 419 -32.74 19.20 20.54
C ILE K 419 -31.43 19.70 21.12
N ILE K 420 -30.33 19.05 20.76
CA ILE K 420 -29.02 19.34 21.34
C ILE K 420 -28.06 19.62 20.17
N ASN K 421 -26.96 20.30 20.50
CA ASN K 421 -25.92 20.65 19.53
C ASN K 421 -24.59 20.18 20.08
N MET K 422 -24.27 18.92 19.85
CA MET K 422 -23.04 18.37 20.37
C MET K 422 -21.88 18.83 19.48
N TRP K 423 -20.70 19.00 20.08
CA TRP K 423 -19.48 19.44 19.38
C TRP K 423 -19.56 20.91 18.98
N GLN K 424 -20.61 21.64 19.40
CA GLN K 424 -20.77 23.07 19.18
C GLN K 424 -20.55 23.47 17.71
N ARG K 425 -21.22 22.75 16.80
CA ARG K 425 -21.07 22.99 15.37
C ARG K 425 -22.18 23.90 14.87
N ILE K 426 -21.91 24.53 13.73
CA ILE K 426 -22.84 25.45 13.06
C ILE K 426 -23.63 24.71 11.98
N GLY K 427 -24.95 24.77 12.08
CA GLY K 427 -25.83 24.20 11.08
C GLY K 427 -26.24 22.77 11.29
N GLN K 428 -25.84 22.14 12.39
CA GLN K 428 -26.18 20.76 12.66
C GLN K 428 -26.73 20.64 14.07
N ALA K 429 -27.80 19.87 14.22
CA ALA K 429 -28.38 19.61 15.52
C ALA K 429 -29.02 18.24 15.47
N MET K 430 -29.21 17.64 16.64
CA MET K 430 -29.81 16.32 16.72
C MET K 430 -31.00 16.38 17.67
N TYR K 431 -32.04 15.64 17.30
CA TYR K 431 -33.26 15.51 18.08
C TYR K 431 -33.22 14.15 18.76
N ALA K 432 -33.27 14.15 20.09
CA ALA K 432 -33.21 12.92 20.85
C ALA K 432 -34.62 12.35 20.95
N PRO K 433 -34.91 11.18 20.36
CA PRO K 433 -36.26 10.65 20.41
C PRO K 433 -36.67 10.41 21.85
N PRO K 434 -37.97 10.49 22.16
CA PRO K 434 -38.39 10.14 23.51
C PRO K 434 -38.12 8.68 23.81
N ILE K 435 -37.89 8.41 25.08
CA ILE K 435 -37.72 7.06 25.59
C ILE K 435 -38.92 6.84 26.50
N GLN K 436 -39.67 5.76 26.28
CA GLN K 436 -40.86 5.55 27.08
C GLN K 436 -40.51 4.99 28.46
N GLY K 437 -41.41 5.24 29.40
CA GLY K 437 -41.24 4.77 30.76
C GLY K 437 -40.48 5.78 31.60
N VAL K 438 -39.87 5.27 32.66
CA VAL K 438 -39.19 6.07 33.67
C VAL K 438 -37.71 5.74 33.58
N ILE K 439 -36.87 6.77 33.57
CA ILE K 439 -35.43 6.58 33.40
C ILE K 439 -34.70 6.66 34.73
N ARG K 440 -33.81 5.71 34.96
CA ARG K 440 -32.92 5.68 36.12
C ARG K 440 -31.53 5.24 35.69
N CYS K 441 -30.52 6.01 36.08
CA CYS K 441 -29.11 5.72 35.84
C CYS K 441 -28.37 5.84 37.17
N VAL K 442 -27.41 4.95 37.40
CA VAL K 442 -26.50 5.06 38.54
C VAL K 442 -25.09 5.11 37.96
N SER K 443 -24.40 6.22 38.19
CA SER K 443 -23.08 6.45 37.62
C SER K 443 -22.05 6.71 38.71
N ASN K 444 -20.79 6.50 38.35
CA ASN K 444 -19.65 6.80 39.21
C ASN K 444 -19.07 8.14 38.80
N ILE K 445 -18.97 9.08 39.74
CA ILE K 445 -18.28 10.33 39.49
C ILE K 445 -16.83 10.02 39.82
N THR K 446 -15.98 10.06 38.81
CA THR K 446 -14.59 9.66 38.91
C THR K 446 -13.65 10.86 38.83
N GLY K 447 -14.18 12.07 38.66
CA GLY K 447 -13.33 13.23 38.55
C GLY K 447 -14.14 14.47 38.22
N LEU K 448 -13.43 15.59 38.19
CA LEU K 448 -13.99 16.90 37.95
C LEU K 448 -13.19 17.65 36.91
N ILE K 449 -13.85 18.57 36.21
CA ILE K 449 -13.19 19.57 35.39
C ILE K 449 -13.45 20.89 36.10
N LEU K 450 -12.40 21.52 36.61
CA LEU K 450 -12.48 22.76 37.36
C LEU K 450 -11.68 23.87 36.68
N THR K 451 -12.11 25.10 36.91
CA THR K 451 -11.33 26.28 36.56
C THR K 451 -11.16 27.10 37.83
N ARG K 452 -10.17 27.98 37.81
CA ARG K 452 -9.86 28.87 38.93
C ARG K 452 -10.12 30.30 38.51
N ASP K 453 -10.66 31.10 39.43
CA ASP K 453 -10.92 32.49 39.10
C ASP K 453 -9.63 33.30 39.00
N GLY K 454 -8.68 33.03 39.89
CA GLY K 454 -7.39 33.70 39.85
C GLY K 454 -7.44 35.14 40.32
N GLY K 455 -8.16 35.98 39.57
CA GLY K 455 -8.25 37.40 39.90
C GLY K 455 -9.12 37.66 41.12
N THR K 460 -5.83 35.46 49.08
CA THR K 460 -5.92 34.58 50.23
C THR K 460 -6.95 33.47 50.02
N THR K 461 -7.87 33.67 49.08
CA THR K 461 -8.91 32.71 48.74
C THR K 461 -8.83 32.39 47.25
N GLU K 462 -8.81 31.10 46.93
CA GLU K 462 -8.81 30.61 45.56
C GLU K 462 -10.16 29.97 45.30
N THR K 463 -10.94 30.57 44.41
CA THR K 463 -12.28 30.08 44.09
C THR K 463 -12.19 29.17 42.87
N PHE K 464 -12.77 27.98 43.00
CA PHE K 464 -12.80 26.98 41.94
C PHE K 464 -14.24 26.77 41.49
N ARG K 465 -14.44 26.64 40.19
CA ARG K 465 -15.77 26.46 39.63
C ARG K 465 -15.76 25.30 38.64
N PRO K 466 -16.89 24.62 38.46
CA PRO K 466 -16.94 23.56 37.45
C PRO K 466 -16.88 24.14 36.05
N SER K 467 -16.29 23.39 35.13
CA SER K 467 -16.22 23.80 33.72
C SER K 467 -16.42 22.57 32.85
N GLY K 468 -16.05 22.68 31.59
CA GLY K 468 -16.27 21.58 30.66
C GLY K 468 -16.45 22.14 29.25
N GLY K 469 -17.31 21.48 28.51
CA GLY K 469 -17.59 21.85 27.13
C GLY K 469 -16.67 21.21 26.12
N ASP K 470 -15.36 21.33 26.33
CA ASP K 470 -14.39 20.75 25.41
C ASP K 470 -14.23 19.30 25.81
N MET K 471 -14.78 18.41 24.98
CA MET K 471 -14.81 16.99 25.33
C MET K 471 -13.44 16.36 25.29
N ARG K 472 -12.44 17.02 24.70
CA ARG K 472 -11.11 16.45 24.65
C ARG K 472 -10.56 16.21 26.04
N ASP K 473 -11.00 17.02 27.01
CA ASP K 473 -10.54 16.84 28.38
C ASP K 473 -11.06 15.54 28.94
N ASN K 474 -12.28 15.14 28.57
CA ASN K 474 -12.83 13.89 29.09
C ASN K 474 -12.00 12.75 28.55
N TRP K 475 -11.63 12.82 27.26
CA TRP K 475 -10.81 11.73 26.74
C TRP K 475 -9.41 11.88 27.29
N ARG K 476 -8.91 13.10 27.39
CA ARG K 476 -7.57 13.33 27.91
C ARG K 476 -7.42 12.73 29.30
N SER K 477 -8.49 12.79 30.10
CA SER K 477 -8.47 12.29 31.47
C SER K 477 -8.31 10.78 31.52
N GLU K 478 -8.51 10.09 30.40
CA GLU K 478 -8.33 8.66 30.29
C GLU K 478 -7.06 8.32 29.53
N LEU K 479 -6.70 9.15 28.55
CA LEU K 479 -5.53 8.93 27.71
C LEU K 479 -4.27 9.53 28.30
N TYR K 480 -4.33 10.10 29.50
CA TYR K 480 -3.19 10.77 30.10
C TYR K 480 -2.00 9.85 30.33
N LYS K 481 -2.23 8.55 30.48
CA LYS K 481 -1.16 7.61 30.78
C LYS K 481 -0.57 6.93 29.55
N TYR K 482 -1.05 7.24 28.35
CA TYR K 482 -0.60 6.58 27.13
C TYR K 482 0.06 7.55 26.16
N LYS K 483 1.07 7.02 25.47
CA LYS K 483 1.69 7.73 24.36
C LYS K 483 1.94 6.73 23.24
N VAL K 484 1.90 7.19 22.00
CA VAL K 484 2.17 6.37 20.83
C VAL K 484 3.60 6.60 20.39
N VAL K 485 4.34 5.51 20.17
CA VAL K 485 5.70 5.57 19.67
C VAL K 485 5.77 4.67 18.44
N LYS K 486 6.79 4.89 17.63
CA LYS K 486 7.07 4.07 16.47
C LYS K 486 8.35 3.32 16.76
N ILE K 487 8.42 2.08 16.28
CA ILE K 487 9.57 1.21 16.50
C ILE K 487 10.54 1.41 15.35
N GLU K 488 11.82 1.51 15.69
CA GLU K 488 12.89 1.70 14.73
C GLU K 488 13.86 0.53 14.89
N PRO K 489 13.50 -0.64 14.36
CA PRO K 489 14.25 -1.87 14.65
C PRO K 489 15.61 -1.94 14.00
N LEU K 490 15.92 -1.08 13.05
CA LEU K 490 17.17 -1.14 12.30
C LEU K 490 18.15 -0.12 12.85
N GLY K 491 19.27 -0.61 13.40
CA GLY K 491 20.29 0.24 13.97
C GLY K 491 21.67 -0.27 13.60
N VAL K 492 22.68 0.55 13.87
CA VAL K 492 24.06 0.23 13.59
C VAL K 492 24.90 0.49 14.84
N ALA K 493 25.95 -0.31 15.01
CA ALA K 493 26.84 -0.09 16.14
C ALA K 493 28.21 -0.69 15.85
N PRO K 494 29.28 -0.15 16.43
CA PRO K 494 30.60 -0.76 16.22
C PRO K 494 30.78 -2.09 16.93
N THR K 495 31.39 -3.03 16.23
CA THR K 495 31.79 -4.33 16.78
C THR K 495 33.13 -4.66 16.16
N ARG K 496 33.72 -5.78 16.54
CA ARG K 496 34.95 -6.22 15.92
C ARG K 496 34.70 -7.17 14.76
N CYS K 497 33.45 -7.31 14.34
CA CYS K 497 33.05 -8.27 13.32
C CYS K 497 33.18 -7.64 11.94
N LYS K 498 33.99 -8.27 11.07
CA LYS K 498 34.20 -7.80 9.72
C LYS K 498 33.55 -8.80 8.78
N ARG K 499 33.07 -8.31 7.64
CA ARG K 499 32.48 -9.19 6.65
C ARG K 499 33.54 -9.99 5.91
N LEU L 9 11.37 -11.83 28.12
CA LEU L 9 11.15 -10.42 28.42
C LEU L 9 10.03 -9.80 27.58
N GLY L 10 9.61 -10.49 26.51
CA GLY L 10 8.58 -9.97 25.64
C GLY L 10 9.02 -8.74 24.84
N PHE L 11 8.10 -8.29 23.99
CA PHE L 11 8.32 -7.18 23.08
C PHE L 11 8.81 -5.93 23.81
N LEU L 12 9.95 -5.43 23.37
CA LEU L 12 10.65 -4.27 23.93
C LEU L 12 11.08 -4.46 25.38
N GLY L 13 11.01 -5.69 25.91
CA GLY L 13 11.40 -5.91 27.30
C GLY L 13 12.85 -5.55 27.57
N ALA L 14 13.70 -5.69 26.56
CA ALA L 14 15.12 -5.41 26.66
C ALA L 14 15.45 -3.94 26.40
N ALA L 15 14.44 -3.09 26.21
CA ALA L 15 14.68 -1.68 25.91
C ALA L 15 15.54 -1.02 26.97
N GLY L 16 15.41 -1.42 28.24
CA GLY L 16 16.22 -0.87 29.30
C GLY L 16 17.48 -1.65 29.56
N SER L 17 17.74 -2.70 28.78
CA SER L 17 18.90 -3.55 28.94
C SER L 17 20.06 -2.92 28.21
N THR L 18 21.27 -3.42 28.48
CA THR L 18 22.40 -2.87 27.76
C THR L 18 22.34 -3.35 26.32
N MET L 19 23.09 -2.69 25.43
CA MET L 19 23.04 -3.07 24.03
C MET L 19 23.43 -4.53 23.82
N GLY L 20 24.43 -4.99 24.56
CA GLY L 20 24.85 -6.36 24.44
C GLY L 20 23.73 -7.31 24.77
N ALA L 21 23.16 -7.18 25.97
CA ALA L 21 22.07 -8.06 26.39
C ALA L 21 20.86 -7.94 25.47
N ALA L 22 20.60 -6.74 24.99
CA ALA L 22 19.45 -6.50 24.12
C ALA L 22 19.65 -7.13 22.74
N SER L 23 20.90 -7.33 22.30
CA SER L 23 21.12 -7.90 20.98
C SER L 23 20.72 -9.38 20.85
N MET L 24 20.45 -10.09 21.95
CA MET L 24 20.03 -11.50 21.88
C MET L 24 18.52 -11.66 21.80
N THR L 25 17.76 -10.57 21.77
CA THR L 25 16.30 -10.62 21.71
C THR L 25 15.76 -10.00 20.43
N LEU L 26 16.58 -9.91 19.38
CA LEU L 26 16.17 -9.21 18.17
C LEU L 26 14.92 -9.82 17.53
N THR L 27 14.75 -11.14 17.64
CA THR L 27 13.58 -11.76 17.03
C THR L 27 12.31 -11.39 17.78
N VAL L 28 12.43 -10.97 19.03
CA VAL L 28 11.26 -10.64 19.81
C VAL L 28 10.60 -9.40 19.23
N GLN L 29 11.42 -8.42 18.84
CA GLN L 29 10.89 -7.21 18.23
C GLN L 29 10.55 -7.47 16.76
N ALA L 30 11.38 -8.27 16.08
CA ALA L 30 11.13 -8.52 14.66
C ALA L 30 9.77 -9.16 14.42
N ARG L 31 9.36 -10.08 15.30
CA ARG L 31 8.07 -10.75 15.13
C ARG L 31 6.88 -9.81 15.23
N ASN L 32 7.05 -8.65 15.86
CA ASN L 32 5.97 -7.71 16.11
C ASN L 32 5.96 -6.52 15.16
N LEU L 33 6.68 -6.59 14.05
CA LEU L 33 6.69 -5.52 13.07
C LEU L 33 5.61 -5.68 12.02
N LEU L 34 5.15 -6.90 11.76
CA LEU L 34 4.09 -7.18 10.81
C LEU L 34 2.72 -7.34 11.45
N SER L 35 2.66 -7.84 12.69
CA SER L 35 1.39 -8.07 13.35
C SER L 35 1.58 -8.25 14.85
N THR L 58 -17.49 2.21 7.76
CA THR L 58 -16.64 3.27 7.23
C THR L 58 -15.59 3.63 8.27
N VAL L 59 -16.04 4.17 9.41
CA VAL L 59 -15.12 4.53 10.48
C VAL L 59 -14.77 3.25 11.23
N TRP L 60 -13.47 3.02 11.39
CA TRP L 60 -12.78 1.84 11.93
C TRP L 60 -12.46 0.84 10.82
N GLY L 61 -13.02 1.02 9.62
CA GLY L 61 -12.76 0.16 8.49
C GLY L 61 -11.57 0.74 7.74
N ILE L 62 -11.71 2.02 7.41
CA ILE L 62 -10.66 2.74 6.68
C ILE L 62 -9.39 2.80 7.51
N LYS L 63 -9.52 3.11 8.80
CA LYS L 63 -8.35 3.21 9.66
C LYS L 63 -7.63 1.87 9.78
N GLN L 64 -8.38 0.76 9.77
CA GLN L 64 -7.76 -0.55 9.86
C GLN L 64 -6.94 -0.84 8.61
N LEU L 65 -7.48 -0.49 7.45
CA LEU L 65 -6.76 -0.76 6.21
C LEU L 65 -5.52 0.11 6.12
N GLN L 66 -5.65 1.37 6.55
CA GLN L 66 -4.50 2.27 6.51
C GLN L 66 -3.41 1.78 7.45
N ALA L 67 -3.80 1.28 8.63
CA ALA L 67 -2.82 0.75 9.58
C ALA L 67 -2.09 -0.44 8.99
N ARG L 68 -2.82 -1.29 8.26
CA ARG L 68 -2.20 -2.48 7.67
C ARG L 68 -1.22 -2.10 6.57
N VAL L 69 -1.61 -1.14 5.74
CA VAL L 69 -0.74 -0.71 4.65
C VAL L 69 0.50 -0.04 5.21
N LEU L 70 0.34 0.82 6.22
CA LEU L 70 1.50 1.49 6.79
C LEU L 70 2.47 0.50 7.41
N ALA L 71 1.95 -0.50 8.13
CA ALA L 71 2.84 -1.48 8.74
C ALA L 71 3.64 -2.23 7.67
N VAL L 72 3.00 -2.56 6.54
CA VAL L 72 3.70 -3.26 5.47
C VAL L 72 4.76 -2.37 4.86
N GLU L 73 4.42 -1.11 4.55
CA GLU L 73 5.39 -0.21 3.93
C GLU L 73 6.62 0.03 4.81
N ARG L 74 6.42 0.21 6.12
CA ARG L 74 7.60 0.45 6.96
C ARG L 74 8.45 -0.80 7.11
N TYR L 75 7.81 -1.97 7.22
CA TYR L 75 8.57 -3.21 7.30
C TYR L 75 9.44 -3.35 6.06
N LEU L 76 8.83 -3.15 4.89
CA LEU L 76 9.57 -3.31 3.66
C LEU L 76 10.63 -2.23 3.48
N ARG L 77 10.43 -1.03 4.01
CA ARG L 77 11.49 -0.03 3.88
C ARG L 77 12.74 -0.51 4.59
N ASP L 78 12.55 -1.12 5.78
CA ASP L 78 13.71 -1.64 6.48
C ASP L 78 14.31 -2.84 5.76
N GLN L 79 13.46 -3.68 5.17
CA GLN L 79 14.00 -4.84 4.46
C GLN L 79 14.74 -4.41 3.21
N GLN L 80 14.27 -3.34 2.55
CA GLN L 80 14.93 -2.83 1.36
C GLN L 80 16.32 -2.33 1.73
N LEU L 81 16.43 -1.63 2.87
CA LEU L 81 17.75 -1.18 3.28
C LEU L 81 18.65 -2.37 3.60
N LEU L 82 18.11 -3.41 4.25
CA LEU L 82 18.96 -4.57 4.53
C LEU L 82 19.42 -5.23 3.24
N GLY L 83 18.54 -5.27 2.23
CA GLY L 83 18.91 -5.82 0.94
C GLY L 83 20.05 -5.05 0.31
N ILE L 84 19.91 -3.72 0.25
CA ILE L 84 20.92 -2.85 -0.37
C ILE L 84 22.28 -3.00 0.33
N TRP L 85 22.29 -3.20 1.65
CA TRP L 85 23.55 -3.33 2.38
C TRP L 85 24.12 -4.74 2.33
N GLY L 86 23.43 -5.69 1.72
CA GLY L 86 23.88 -7.07 1.70
C GLY L 86 23.56 -7.81 2.98
N CYS L 87 22.54 -7.37 3.70
CA CYS L 87 22.14 -7.91 4.99
C CYS L 87 20.80 -8.63 4.91
N SER L 88 20.34 -8.98 3.71
CA SER L 88 19.03 -9.61 3.55
C SER L 88 19.00 -10.96 4.27
N GLY L 89 17.93 -11.18 5.02
CA GLY L 89 17.71 -12.43 5.70
C GLY L 89 18.46 -12.57 7.00
N LYS L 90 19.15 -11.53 7.45
CA LYS L 90 19.94 -11.56 8.67
C LYS L 90 19.47 -10.48 9.62
N LEU L 91 19.52 -10.77 10.93
CA LEU L 91 19.23 -9.77 11.95
C LEU L 91 20.49 -9.13 12.47
N ILE L 92 21.62 -9.85 12.43
CA ILE L 92 22.93 -9.33 12.80
C ILE L 92 23.74 -9.48 11.53
N CYS L 93 24.22 -8.36 11.01
CA CYS L 93 24.94 -8.33 9.75
C CYS L 93 26.24 -7.57 9.93
N CYS L 94 27.35 -8.22 9.57
CA CYS L 94 28.67 -7.63 9.67
C CYS L 94 28.97 -6.99 8.34
N THR L 95 29.76 -5.92 8.37
CA THR L 95 30.01 -5.13 7.17
C THR L 95 31.50 -4.96 6.95
N ASN L 96 31.82 -4.33 5.82
CA ASN L 96 33.18 -3.96 5.43
C ASN L 96 33.41 -2.46 5.58
N VAL L 97 32.57 -1.77 6.32
CA VAL L 97 32.69 -0.33 6.55
C VAL L 97 33.35 -0.12 7.90
N PRO L 98 34.53 0.49 7.98
CA PRO L 98 35.19 0.67 9.27
C PRO L 98 34.45 1.71 10.09
N TRP L 99 34.56 1.62 11.40
CA TRP L 99 33.93 2.62 12.26
C TRP L 99 34.84 3.83 12.34
N ASN L 100 34.26 4.99 12.07
CA ASN L 100 34.96 6.27 12.13
C ASN L 100 34.82 6.82 13.54
N SER L 101 35.97 7.13 14.16
CA SER L 101 35.95 7.61 15.54
C SER L 101 35.21 8.93 15.70
N SER L 102 34.93 9.66 14.60
CA SER L 102 34.16 10.88 14.72
C SER L 102 32.68 10.59 14.94
N TRP L 103 32.22 9.39 14.58
CA TRP L 103 30.83 9.02 14.80
C TRP L 103 30.60 8.76 16.28
N SER L 104 31.55 8.09 16.92
CA SER L 104 31.58 7.86 18.35
C SER L 104 32.97 7.34 18.70
N ASN L 105 33.58 7.89 19.75
CA ASN L 105 34.91 7.49 20.19
C ASN L 105 34.86 6.60 21.41
N ARG L 106 33.71 5.99 21.71
CA ARG L 106 33.59 5.09 22.83
C ARG L 106 34.23 3.74 22.52
N ASN L 107 34.72 3.08 23.57
CA ASN L 107 35.22 1.72 23.45
C ASN L 107 34.04 0.75 23.60
N LEU L 108 34.29 -0.52 23.26
CA LEU L 108 33.25 -1.52 23.27
C LEU L 108 32.66 -1.73 24.66
N SER L 109 33.47 -1.62 25.72
CA SER L 109 32.95 -1.80 27.06
C SER L 109 32.01 -0.68 27.49
N GLU L 110 32.04 0.45 26.80
CA GLU L 110 31.18 1.59 27.08
C GLU L 110 29.98 1.67 26.14
N ILE L 111 29.84 0.71 25.23
CA ILE L 111 28.76 0.68 24.26
C ILE L 111 27.92 -0.56 24.54
N TRP L 112 28.52 -1.73 24.44
CA TRP L 112 27.78 -2.97 24.54
C TRP L 112 27.47 -3.35 25.98
N ASP L 113 28.35 -3.00 26.92
CA ASP L 113 28.19 -3.38 28.31
C ASP L 113 27.55 -2.31 29.19
N ASN L 114 27.72 -1.01 28.86
CA ASN L 114 27.26 0.06 29.74
C ASN L 114 26.36 1.08 29.02
N MET L 115 25.63 0.68 27.99
CA MET L 115 24.73 1.61 27.30
C MET L 115 23.56 0.83 26.75
N THR L 116 22.40 1.49 26.64
CA THR L 116 21.21 0.90 26.03
C THR L 116 21.12 1.33 24.57
N TRP L 117 20.24 0.67 23.81
CA TRP L 117 20.09 1.04 22.41
C TRP L 117 19.40 2.39 22.23
N LEU L 118 18.56 2.80 23.18
CA LEU L 118 17.93 4.11 23.09
C LEU L 118 18.96 5.21 23.24
N GLN L 119 19.90 5.02 24.17
CA GLN L 119 20.94 6.01 24.37
C GLN L 119 21.86 6.05 23.17
N TRP L 120 22.17 4.88 22.61
CA TRP L 120 23.02 4.82 21.43
C TRP L 120 22.36 5.52 20.25
N ASP L 121 21.06 5.28 20.05
CA ASP L 121 20.35 5.93 18.96
C ASP L 121 20.39 7.43 19.16
N LYS L 122 20.29 7.88 20.41
CA LYS L 122 20.39 9.31 20.67
C LYS L 122 21.78 9.83 20.30
N GLU L 123 22.80 9.02 20.60
CA GLU L 123 24.18 9.37 20.27
C GLU L 123 24.48 9.33 18.78
N ILE L 124 24.00 8.31 18.07
CA ILE L 124 24.17 8.20 16.62
C ILE L 124 22.87 8.58 15.93
N SER L 125 22.78 9.86 15.56
CA SER L 125 21.60 10.44 14.94
C SER L 125 22.08 11.21 13.72
N ASN L 126 22.97 12.17 13.97
CA ASN L 126 23.58 12.98 12.92
C ASN L 126 24.40 12.17 11.94
N TYR L 127 24.83 10.95 12.32
CA TYR L 127 25.69 10.11 11.50
C TYR L 127 24.98 8.92 10.89
N THR L 128 23.67 8.77 11.09
CA THR L 128 22.96 7.62 10.57
C THR L 128 22.94 7.62 9.04
N GLN L 129 22.71 8.77 8.42
CA GLN L 129 22.66 8.79 6.96
C GLN L 129 24.04 8.62 6.35
N ILE L 130 25.09 9.07 7.04
CA ILE L 130 26.44 8.87 6.53
C ILE L 130 26.76 7.38 6.53
N ILE L 131 26.45 6.71 7.64
CA ILE L 131 26.72 5.29 7.75
C ILE L 131 25.92 4.52 6.72
N TYR L 132 24.64 4.88 6.54
CA TYR L 132 23.82 4.15 5.57
C TYR L 132 24.36 4.35 4.15
N GLY L 133 24.79 5.57 3.83
CA GLY L 133 25.36 5.81 2.51
C GLY L 133 26.63 5.02 2.30
N LEU L 134 27.47 4.91 3.34
CA LEU L 134 28.70 4.13 3.23
C LEU L 134 28.39 2.64 3.12
N LEU L 135 27.38 2.15 3.83
CA LEU L 135 27.03 0.75 3.71
C LEU L 135 26.54 0.44 2.31
N GLU L 136 25.80 1.38 1.73
CA GLU L 136 25.30 1.24 0.37
C GLU L 136 26.42 1.27 -0.67
N GLU L 137 27.38 2.21 -0.52
CA GLU L 137 28.47 2.34 -1.49
C GLU L 137 29.62 1.36 -1.28
N SER L 138 30.12 1.25 -0.06
CA SER L 138 31.37 0.52 0.17
C SER L 138 31.18 -0.99 0.12
N GLN L 139 29.95 -1.47 0.24
CA GLN L 139 29.65 -2.89 0.23
C GLN L 139 28.33 -3.11 -0.49
N ASN L 140 28.18 -4.34 -0.97
CA ASN L 140 27.05 -4.78 -1.75
C ASN L 140 26.92 -4.02 -3.08
N GLN L 141 27.88 -3.15 -3.42
CA GLN L 141 27.92 -2.50 -4.71
C GLN L 141 29.34 -2.76 -5.20
N GLN L 142 30.33 -2.21 -4.50
CA GLN L 142 31.71 -2.50 -4.83
C GLN L 142 32.01 -3.97 -4.53
N GLU L 143 31.48 -4.47 -3.42
CA GLU L 143 31.67 -5.87 -3.04
C GLU L 143 31.06 -6.81 -4.07
N LYS L 144 29.90 -6.47 -4.62
CA LYS L 144 29.30 -7.40 -5.56
C LYS L 144 30.05 -7.37 -6.88
N ASN L 145 30.58 -6.21 -7.27
CA ASN L 145 31.40 -6.20 -8.47
C ASN L 145 32.65 -7.02 -8.24
N GLU L 146 33.20 -6.94 -7.02
CA GLU L 146 34.40 -7.73 -6.71
C GLU L 146 34.10 -9.22 -6.70
N GLN L 147 32.94 -9.63 -6.19
CA GLN L 147 32.57 -11.04 -6.22
C GLN L 147 32.26 -11.48 -7.65
N ASP L 148 31.72 -10.56 -8.45
CA ASP L 148 31.42 -10.84 -9.85
C ASP L 148 32.72 -11.14 -10.58
N LEU L 149 33.79 -10.42 -10.24
CA LEU L 149 35.09 -10.68 -10.83
C LEU L 149 35.78 -11.90 -10.22
N LEU L 150 35.61 -12.12 -8.92
CA LEU L 150 36.29 -13.25 -8.28
C LEU L 150 35.71 -14.57 -8.78
N ALA L 151 34.40 -14.61 -9.00
CA ALA L 151 33.71 -15.82 -9.45
C ALA L 151 33.89 -16.06 -10.95
N LEU L 152 34.62 -15.16 -11.60
CA LEU L 152 34.93 -15.21 -13.02
C LEU L 152 35.98 -16.26 -13.36
N ASP L 153 36.96 -16.43 -12.48
CA ASP L 153 38.07 -17.31 -12.76
C ASP L 153 37.70 -18.76 -12.49
N VAL M 2 40.74 -14.25 41.18
CA VAL M 2 40.37 -15.36 40.32
C VAL M 2 41.08 -16.62 40.77
N GLN M 3 40.33 -17.72 40.81
CA GLN M 3 40.85 -19.04 41.19
C GLN M 3 40.41 -20.06 40.15
N LEU M 4 41.38 -20.79 39.58
CA LEU M 4 41.14 -21.84 38.59
C LEU M 4 41.80 -23.12 39.11
N VAL M 5 41.02 -24.18 39.28
CA VAL M 5 41.53 -25.46 39.80
C VAL M 5 41.13 -26.63 38.92
N GLU M 6 42.12 -27.32 38.36
CA GLU M 6 41.87 -28.55 37.60
C GLU M 6 41.64 -29.69 38.59
N THR M 7 40.65 -30.55 38.28
CA THR M 7 40.33 -31.70 39.13
C THR M 7 40.43 -33.02 38.36
N GLY M 8 41.16 -33.02 37.25
CA GLY M 8 41.27 -34.19 36.40
C GLY M 8 42.27 -35.20 36.91
N GLY M 9 42.39 -36.31 36.17
CA GLY M 9 43.28 -37.38 36.52
C GLY M 9 44.69 -37.11 36.02
N GLY M 10 45.60 -38.04 36.32
CA GLY M 10 46.99 -37.87 35.93
C GLY M 10 47.78 -39.09 35.47
N LEU M 11 47.13 -40.22 35.24
CA LEU M 11 47.86 -41.40 34.77
C LEU M 11 46.94 -42.26 33.92
N VAL M 12 47.33 -42.49 32.67
CA VAL M 12 46.57 -43.29 31.72
C VAL M 12 47.54 -44.17 30.97
N GLN M 13 47.03 -45.32 30.46
CA GLN M 13 47.84 -46.15 29.59
C GLN M 13 47.73 -45.65 28.15
N PRO M 14 48.74 -45.86 27.30
CA PRO M 14 48.61 -45.43 25.89
C PRO M 14 47.36 -46.04 25.25
N GLY M 15 46.64 -45.20 24.50
CA GLY M 15 45.42 -45.64 23.86
C GLY M 15 44.17 -45.46 24.71
N GLY M 16 44.32 -45.05 25.97
CA GLY M 16 43.21 -44.87 26.87
C GLY M 16 42.62 -43.48 26.73
N SER M 17 41.76 -43.12 27.69
CA SER M 17 41.09 -41.83 27.62
C SER M 17 40.86 -41.24 28.99
N LEU M 18 41.10 -39.93 29.12
CA LEU M 18 40.92 -39.20 30.37
C LEU M 18 40.04 -37.98 30.14
N LYS M 19 39.36 -37.53 31.21
CA LYS M 19 38.63 -36.27 31.16
C LYS M 19 39.10 -35.38 32.31
N LEU M 20 39.60 -34.19 31.97
CA LEU M 20 40.08 -33.21 32.94
C LEU M 20 39.09 -32.07 33.12
N SER M 21 38.54 -31.95 34.32
CA SER M 21 37.60 -30.89 34.64
C SER M 21 38.39 -29.77 35.29
N CYS M 22 37.88 -28.55 35.18
CA CYS M 22 38.42 -27.37 35.81
C CYS M 22 37.29 -26.52 36.35
N ARG M 23 37.42 -26.13 37.61
CA ARG M 23 36.49 -25.27 38.31
C ARG M 23 37.06 -23.87 38.30
N ALA M 24 36.19 -22.87 38.22
CA ALA M 24 36.62 -21.47 38.23
C ALA M 24 35.73 -20.65 39.13
N SER M 25 36.35 -19.66 39.79
CA SER M 25 35.61 -18.74 40.65
C SER M 25 36.35 -17.41 40.69
N GLY M 26 35.65 -16.39 41.17
CA GLY M 26 36.17 -15.06 41.33
C GLY M 26 35.87 -14.11 40.19
N TYR M 27 35.17 -14.59 39.15
CA TYR M 27 34.81 -13.81 37.98
C TYR M 27 33.57 -14.47 37.40
N THR M 28 32.91 -13.78 36.48
CA THR M 28 31.76 -14.40 35.82
C THR M 28 32.32 -15.37 34.78
N PHE M 29 32.03 -16.66 34.97
CA PHE M 29 32.57 -17.69 34.09
C PHE M 29 32.11 -17.51 32.66
N SER M 30 30.82 -17.26 32.47
CA SER M 30 30.21 -17.11 31.14
C SER M 30 30.69 -15.88 30.38
N SER M 31 31.45 -14.97 30.99
CA SER M 31 31.96 -13.80 30.30
C SER M 31 33.32 -13.98 29.64
N PHE M 32 34.02 -15.08 29.89
CA PHE M 32 35.37 -15.30 29.38
C PHE M 32 35.49 -16.57 28.55
N ALA M 33 36.32 -16.50 27.53
CA ALA M 33 36.72 -17.68 26.77
C ALA M 33 37.72 -18.46 27.61
N MET M 34 37.81 -19.77 27.37
CA MET M 34 38.73 -20.62 28.12
C MET M 34 39.61 -21.40 27.16
N SER M 35 40.83 -21.67 27.58
CA SER M 35 41.78 -22.44 26.79
C SER M 35 42.47 -23.50 27.64
N TRP M 36 42.96 -24.54 26.97
CA TRP M 36 43.87 -25.50 27.59
C TRP M 36 45.22 -25.34 26.93
N VAL M 37 46.25 -25.19 27.78
CA VAL M 37 47.65 -25.05 27.36
C VAL M 37 48.47 -26.15 28.00
N ARG M 38 49.27 -26.88 27.21
CA ARG M 38 50.01 -28.04 27.72
C ARG M 38 51.50 -27.74 27.70
N GLN M 39 52.20 -28.21 28.73
CA GLN M 39 53.64 -28.08 28.89
C GLN M 39 54.27 -29.42 29.19
N ALA M 40 55.03 -29.97 28.24
CA ALA M 40 55.67 -31.25 28.48
C ALA M 40 56.66 -31.07 29.63
N PRO M 41 56.97 -32.13 30.40
CA PRO M 41 57.88 -31.97 31.55
C PRO M 41 59.19 -31.24 31.25
N GLY M 42 59.78 -31.42 30.07
CA GLY M 42 61.02 -30.76 29.71
C GLY M 42 60.92 -29.68 28.66
N LYS M 43 59.73 -29.25 28.29
CA LYS M 43 59.51 -28.30 27.19
C LYS M 43 58.81 -27.04 27.71
N GLY M 44 58.51 -26.15 26.77
CA GLY M 44 57.81 -24.92 27.04
C GLY M 44 56.31 -25.13 26.92
N LEU M 45 55.59 -24.02 26.76
CA LEU M 45 54.14 -24.07 26.73
C LEU M 45 53.67 -24.34 25.31
N GLU M 46 52.59 -25.10 25.18
CA GLU M 46 51.93 -25.35 23.89
C GLU M 46 50.44 -25.13 24.03
N TRP M 47 49.85 -24.37 23.11
CA TRP M 47 48.41 -24.18 23.14
C TRP M 47 47.78 -25.45 22.60
N VAL M 48 46.72 -25.93 23.27
CA VAL M 48 46.02 -27.15 22.87
C VAL M 48 44.63 -26.85 22.35
N SER M 49 43.83 -26.09 23.10
CA SER M 49 42.47 -25.87 22.67
C SER M 49 41.92 -24.55 23.19
N LEU M 50 40.87 -24.08 22.51
CA LEU M 50 40.19 -22.84 22.84
C LEU M 50 38.69 -23.03 22.70
N ILE M 51 37.92 -22.56 23.67
CA ILE M 51 36.46 -22.57 23.62
C ILE M 51 36.02 -21.14 23.92
N ASN M 52 34.97 -20.69 23.23
CA ASN M 52 34.50 -19.34 23.47
C ASN M 52 33.72 -19.26 24.78
N ASP M 53 33.18 -18.08 25.06
CA ASP M 53 32.50 -17.84 26.32
C ASP M 53 31.16 -18.56 26.39
N ARG M 54 30.48 -18.75 25.25
CA ARG M 54 29.20 -19.46 25.26
C ARG M 54 29.37 -20.97 25.22
N GLY M 55 30.41 -21.46 24.54
CA GLY M 55 30.67 -22.88 24.43
C GLY M 55 30.36 -23.46 23.06
N GLY M 56 29.75 -22.69 22.15
CA GLY M 56 29.43 -23.20 20.83
C GLY M 56 30.59 -23.32 19.87
N LEU M 57 31.66 -22.56 20.07
CA LEU M 57 32.81 -22.58 19.16
C LEU M 57 34.01 -23.17 19.86
N THR M 58 34.57 -24.24 19.29
CA THR M 58 35.72 -24.92 19.83
C THR M 58 36.79 -24.96 18.76
N PHE M 59 38.05 -24.79 19.16
CA PHE M 59 39.19 -24.83 18.25
C PHE M 59 40.26 -25.69 18.88
N TYR M 60 41.04 -26.37 18.05
CA TYR M 60 42.09 -27.27 18.53
C TYR M 60 43.38 -27.08 17.76
N VAL M 61 44.49 -27.43 18.40
CA VAL M 61 45.76 -27.54 17.70
C VAL M 61 45.69 -28.78 16.83
N ASP M 62 46.30 -28.70 15.63
CA ASP M 62 46.23 -29.79 14.66
C ASP M 62 46.63 -31.14 15.26
N SER M 63 47.63 -31.16 16.16
CA SER M 63 48.11 -32.43 16.68
C SER M 63 47.06 -33.15 17.52
N VAL M 64 45.99 -32.49 17.96
CA VAL M 64 44.94 -33.09 18.76
C VAL M 64 43.56 -32.90 18.14
N LYS M 65 43.48 -32.34 16.92
CA LYS M 65 42.22 -31.88 16.37
C LYS M 65 41.17 -32.99 16.27
N GLY M 66 41.58 -34.21 15.96
CA GLY M 66 40.65 -35.31 15.83
C GLY M 66 40.51 -36.19 17.05
N ARG M 67 41.13 -35.83 18.17
CA ARG M 67 41.17 -36.66 19.38
C ARG M 67 40.60 -35.99 20.62
N PHE M 68 40.76 -34.68 20.78
CA PHE M 68 40.35 -33.99 22.00
C PHE M 68 39.03 -33.26 21.78
N THR M 69 38.21 -33.20 22.83
CA THR M 69 36.99 -32.41 22.84
C THR M 69 37.01 -31.44 24.02
N ILE M 70 36.82 -30.15 23.75
CA ILE M 70 36.76 -29.12 24.78
C ILE M 70 35.30 -28.71 24.94
N SER M 71 34.84 -28.64 26.19
CA SER M 71 33.45 -28.25 26.43
C SER M 71 33.38 -27.46 27.73
N ARG M 72 32.30 -26.71 27.88
CA ARG M 72 32.13 -25.82 29.02
C ARG M 72 30.67 -25.81 29.45
N ASP M 73 30.45 -25.84 30.75
CA ASP M 73 29.12 -25.75 31.35
C ASP M 73 29.10 -24.45 32.14
N ASN M 74 28.36 -23.46 31.65
CA ASN M 74 28.35 -22.14 32.25
C ASN M 74 27.43 -22.06 33.46
N SER M 75 26.66 -23.11 33.74
CA SER M 75 25.77 -23.11 34.90
C SER M 75 26.50 -23.63 36.12
N LYS M 76 27.45 -24.54 35.91
CA LYS M 76 28.25 -25.14 36.96
C LYS M 76 29.67 -24.58 37.00
N ASN M 77 29.94 -23.53 36.21
CA ASN M 77 31.26 -22.89 36.16
C ASN M 77 32.37 -23.92 35.94
N THR M 78 32.15 -24.86 35.02
CA THR M 78 33.11 -25.95 34.80
C THR M 78 33.53 -26.05 33.34
N LEU M 79 34.84 -26.16 33.14
CA LEU M 79 35.46 -26.39 31.85
C LEU M 79 35.94 -27.82 31.84
N SER M 80 35.88 -28.51 30.70
CA SER M 80 36.48 -29.83 30.67
C SER M 80 37.08 -30.14 29.32
N LEU M 81 38.09 -31.01 29.35
CA LEU M 81 38.76 -31.52 28.15
C LEU M 81 38.76 -33.04 28.18
N GLN M 82 38.12 -33.65 27.19
CA GLN M 82 38.10 -35.10 27.03
C GLN M 82 39.19 -35.48 26.03
N MET M 83 40.16 -36.30 26.45
CA MET M 83 41.29 -36.70 25.60
C MET M 83 41.25 -38.19 25.31
N HIS M 84 40.89 -38.56 24.08
CA HIS M 84 40.84 -39.95 23.67
C HIS M 84 42.15 -40.29 22.97
N SER M 85 42.48 -41.58 22.95
CA SER M 85 43.66 -42.12 22.25
C SER M 85 44.94 -41.36 22.62
N LEU M 86 45.16 -41.17 23.91
CA LEU M 86 46.32 -40.43 24.39
C LEU M 86 47.62 -41.09 23.95
N ARG M 87 48.54 -40.27 23.47
CA ARG M 87 49.84 -40.69 22.96
C ARG M 87 50.92 -40.38 23.99
N ASP M 88 52.09 -41.00 23.81
CA ASP M 88 53.19 -40.72 24.72
C ASP M 88 53.59 -39.26 24.65
N GLY M 89 53.40 -38.63 23.49
CA GLY M 89 53.68 -37.23 23.25
C GLY M 89 52.74 -36.29 23.98
N ASP M 90 51.68 -36.81 24.59
CA ASP M 90 50.70 -36.02 25.30
C ASP M 90 50.98 -35.89 26.80
N THR M 91 52.10 -36.43 27.28
CA THR M 91 52.44 -36.27 28.69
C THR M 91 52.78 -34.81 28.93
N ALA M 92 52.10 -34.17 29.88
CA ALA M 92 52.31 -32.74 30.10
C ALA M 92 51.50 -32.26 31.28
N VAL M 93 51.81 -31.04 31.73
CA VAL M 93 50.94 -30.30 32.63
C VAL M 93 49.95 -29.54 31.75
N TYR M 94 48.67 -29.67 32.06
CA TYR M 94 47.58 -29.02 31.33
C TYR M 94 46.96 -27.93 32.20
N TYR M 95 47.05 -26.68 31.72
CA TYR M 95 46.56 -25.52 32.43
C TYR M 95 45.24 -25.09 31.79
N CYS M 96 44.20 -24.93 32.63
CA CYS M 96 42.89 -24.46 32.16
C CYS M 96 42.86 -22.94 32.15
N ALA M 97 43.75 -22.39 31.33
CA ALA M 97 43.92 -20.95 31.24
C ALA M 97 42.67 -20.26 30.70
N THR M 98 42.43 -19.05 31.19
CA THR M 98 41.30 -18.21 30.79
C THR M 98 41.78 -17.20 29.75
N GLY M 99 41.01 -17.07 28.68
CA GLY M 99 41.30 -16.16 27.59
C GLY M 99 41.63 -16.92 26.33
N GLY M 100 41.99 -16.15 25.30
CA GLY M 100 42.30 -16.67 23.98
C GLY M 100 41.43 -16.10 22.88
N MET M 101 40.29 -15.52 23.22
CA MET M 101 39.43 -14.87 22.25
C MET M 101 38.36 -14.13 23.02
N SER M 102 37.68 -13.21 22.33
CA SER M 102 36.57 -12.47 22.89
C SER M 102 35.46 -12.39 21.86
N SER M 103 34.28 -12.05 22.33
CA SER M 103 33.16 -11.87 21.42
C SER M 103 33.34 -10.57 20.65
N ALA M 104 32.50 -10.38 19.63
CA ALA M 104 32.60 -9.18 18.81
C ALA M 104 32.22 -7.93 19.58
N LEU M 105 31.57 -8.09 20.74
CA LEU M 105 31.08 -6.97 21.52
C LEU M 105 32.04 -6.65 22.67
N GLN M 106 33.15 -7.38 22.77
CA GLN M 106 34.16 -7.26 23.82
C GLN M 106 35.50 -6.87 23.21
N SER M 107 36.39 -6.33 24.04
CA SER M 107 37.74 -6.06 23.58
C SER M 107 38.44 -7.39 23.29
N SER M 108 39.42 -7.35 22.40
CA SER M 108 40.10 -8.56 21.94
C SER M 108 41.06 -9.10 23.00
N LYS M 109 40.72 -10.28 23.54
CA LYS M 109 41.53 -10.96 24.55
C LYS M 109 42.42 -12.03 23.94
N TYR M 110 43.39 -11.64 23.11
CA TYR M 110 44.25 -12.65 22.48
C TYR M 110 45.48 -12.93 23.36
N TYR M 111 45.17 -13.33 24.60
CA TYR M 111 46.18 -13.62 25.60
C TYR M 111 45.50 -14.45 26.68
N PHE M 112 46.31 -15.09 27.53
CA PHE M 112 45.79 -15.89 28.63
C PHE M 112 46.08 -15.12 29.92
N ASP M 113 45.03 -14.58 30.55
CA ASP M 113 45.24 -13.72 31.71
C ASP M 113 45.17 -14.42 33.05
N PHE M 114 44.57 -15.61 33.15
CA PHE M 114 44.53 -16.35 34.41
C PHE M 114 44.93 -17.80 34.17
N TRP M 115 45.76 -18.32 35.07
CA TRP M 115 46.28 -19.69 35.01
C TRP M 115 46.20 -20.28 36.41
N GLY M 116 46.23 -21.61 36.51
CA GLY M 116 46.31 -22.16 37.84
C GLY M 116 46.29 -23.66 38.10
N GLN M 117 47.24 -24.16 38.92
CA GLN M 117 47.20 -25.56 39.38
C GLN M 117 47.15 -26.60 38.26
N GLY M 118 47.82 -26.36 37.14
CA GLY M 118 47.81 -27.34 36.04
C GLY M 118 47.85 -28.81 36.41
N ALA M 119 46.97 -29.63 35.82
CA ALA M 119 46.99 -31.07 36.07
C ALA M 119 48.14 -31.71 35.32
N LEU M 120 48.84 -32.66 35.95
CA LEU M 120 49.92 -33.37 35.29
C LEU M 120 49.37 -34.72 34.83
N VAL M 121 49.45 -34.97 33.53
CA VAL M 121 48.96 -36.19 32.89
C VAL M 121 50.15 -36.94 32.31
N THR M 122 50.32 -38.18 32.76
CA THR M 122 51.35 -39.09 32.28
C THR M 122 50.70 -40.19 31.46
N VAL M 123 51.24 -40.43 30.27
CA VAL M 123 50.78 -41.49 29.38
C VAL M 123 51.87 -42.55 29.36
N SER M 124 51.57 -43.73 29.90
CA SER M 124 52.54 -44.81 30.07
C SER M 124 51.89 -46.00 30.75
N ALA N 3 56.71 -22.91 16.27
CA ALA N 3 57.20 -22.28 17.48
C ALA N 3 57.94 -20.98 17.15
N LEU N 4 58.11 -20.13 18.14
CA LEU N 4 58.87 -18.89 18.01
C LEU N 4 60.27 -19.13 18.57
N THR N 5 61.22 -18.33 18.13
CA THR N 5 62.61 -18.45 18.58
C THR N 5 62.95 -17.37 19.61
N GLN N 6 63.47 -17.81 20.76
CA GLN N 6 63.94 -16.97 21.84
C GLN N 6 65.36 -17.37 22.21
N PRO N 7 66.20 -16.42 22.64
CA PRO N 7 67.54 -16.82 23.10
C PRO N 7 67.46 -17.51 24.45
N PRO N 8 68.06 -18.69 24.62
CA PRO N 8 68.15 -19.29 25.95
C PRO N 8 69.13 -18.56 26.86
N SER N 9 68.90 -18.76 28.16
CA SER N 9 69.82 -18.33 29.22
C SER N 9 70.21 -16.84 29.15
N VAL N 10 69.21 -15.98 29.05
CA VAL N 10 69.47 -14.54 29.18
C VAL N 10 69.90 -14.30 30.63
N SER N 11 70.92 -13.45 30.80
CA SER N 11 71.48 -13.21 32.13
C SER N 11 71.74 -11.73 32.37
N GLY N 12 72.01 -11.43 33.63
CA GLY N 12 72.36 -10.09 34.06
C GLY N 12 72.45 -10.08 35.57
N SER N 13 73.01 -8.98 36.09
CA SER N 13 73.19 -8.80 37.52
C SER N 13 72.10 -7.89 38.07
N PRO N 14 71.79 -7.99 39.38
CA PRO N 14 70.73 -7.15 39.94
C PRO N 14 70.92 -5.66 39.67
N GLY N 15 69.83 -5.02 39.26
CA GLY N 15 69.78 -3.60 38.98
C GLY N 15 69.97 -3.24 37.52
N GLN N 16 70.55 -4.12 36.71
CA GLN N 16 70.74 -3.82 35.30
C GLN N 16 69.46 -4.18 34.55
N SER N 17 69.30 -3.62 33.35
CA SER N 17 68.22 -4.04 32.47
C SER N 17 68.67 -5.19 31.57
N VAL N 18 67.71 -6.03 31.19
CA VAL N 18 67.92 -7.09 30.20
C VAL N 18 66.81 -7.07 29.17
N THR N 19 67.10 -7.63 28.00
CA THR N 19 66.12 -7.77 26.93
C THR N 19 66.04 -9.23 26.52
N ILE N 20 64.82 -9.76 26.46
CA ILE N 20 64.54 -11.11 25.99
C ILE N 20 63.83 -10.96 24.65
N SER N 21 64.48 -11.36 23.56
CA SER N 21 63.87 -11.20 22.25
C SER N 21 63.03 -12.44 21.92
N CYS N 22 62.17 -12.29 20.93
CA CYS N 22 61.32 -13.36 20.41
C CYS N 22 61.13 -13.11 18.92
N THR N 23 61.69 -13.97 18.08
CA THR N 23 61.62 -13.79 16.64
C THR N 23 60.66 -14.82 16.05
N GLY N 24 59.71 -14.32 15.25
CA GLY N 24 58.73 -15.14 14.57
C GLY N 24 58.76 -14.85 13.09
N THR N 25 57.73 -15.27 12.35
CA THR N 25 57.65 -15.02 10.92
C THR N 25 56.65 -13.91 10.62
N SER N 26 56.42 -13.68 9.33
CA SER N 26 55.55 -12.61 8.87
C SER N 26 54.12 -12.79 9.35
N SER N 27 53.66 -14.04 9.47
CA SER N 27 52.29 -14.33 9.89
C SER N 27 52.09 -14.39 11.40
N ASP N 28 53.15 -14.61 12.19
CA ASP N 28 52.95 -14.78 13.62
C ASP N 28 53.06 -13.48 14.40
N ILE N 29 54.11 -12.70 14.15
CA ILE N 29 54.37 -11.47 14.88
C ILE N 29 54.20 -10.23 14.00
N GLY N 30 54.67 -10.31 12.76
CA GLY N 30 54.60 -9.15 11.87
C GLY N 30 53.20 -8.77 11.43
N SER N 31 52.25 -9.71 11.50
CA SER N 31 50.89 -9.45 11.03
C SER N 31 49.94 -8.95 12.12
N TYR N 32 50.20 -9.24 13.39
CA TYR N 32 49.27 -8.86 14.45
C TYR N 32 50.02 -8.32 15.65
N ASN N 33 49.44 -7.32 16.32
CA ASN N 33 50.01 -6.79 17.56
C ASN N 33 49.45 -7.55 18.77
N TYR N 34 49.65 -8.87 18.78
CA TYR N 34 49.15 -9.72 19.85
C TYR N 34 50.28 -10.67 20.21
N VAL N 35 51.29 -10.17 20.93
CA VAL N 35 52.44 -10.97 21.34
C VAL N 35 52.55 -10.79 22.84
N SER N 36 51.97 -11.71 23.60
CA SER N 36 51.98 -11.63 25.04
C SER N 36 53.24 -12.27 25.59
N TRP N 37 53.57 -11.96 26.84
CA TRP N 37 54.70 -12.55 27.54
C TRP N 37 54.27 -13.10 28.89
N TYR N 38 54.82 -14.27 29.24
CA TYR N 38 54.53 -14.97 30.49
C TYR N 38 55.82 -15.24 31.26
N GLN N 39 55.72 -15.21 32.59
CA GLN N 39 56.82 -15.53 33.51
C GLN N 39 56.43 -16.77 34.29
N GLN N 40 57.15 -17.88 34.10
CA GLN N 40 56.85 -19.14 34.78
C GLN N 40 57.97 -19.56 35.74
N HIS N 41 57.70 -19.49 37.06
CA HIS N 41 58.68 -19.96 38.02
C HIS N 41 58.58 -21.48 38.04
N PRO N 42 59.68 -22.20 38.34
CA PRO N 42 59.66 -23.66 38.40
C PRO N 42 58.55 -24.20 39.32
N GLY N 43 57.71 -25.10 38.81
CA GLY N 43 56.68 -25.73 39.60
C GLY N 43 55.35 -24.98 39.71
N LYS N 44 55.26 -23.76 39.16
CA LYS N 44 54.07 -22.90 39.20
C LYS N 44 53.54 -22.67 37.80
N ALA N 45 52.25 -22.33 37.72
CA ALA N 45 51.65 -21.95 36.45
C ALA N 45 52.16 -20.59 35.96
N PRO N 46 52.28 -20.39 34.64
CA PRO N 46 52.69 -19.07 34.14
C PRO N 46 51.74 -17.95 34.53
N LYS N 47 52.30 -16.78 34.83
CA LYS N 47 51.52 -15.58 35.12
C LYS N 47 51.70 -14.66 33.91
N LEU N 48 50.65 -13.96 33.52
CA LEU N 48 50.75 -13.01 32.41
C LEU N 48 51.45 -11.73 32.83
N MET N 49 52.47 -11.34 32.05
CA MET N 49 53.25 -10.11 32.25
C MET N 49 53.00 -9.06 31.21
N ILE N 50 52.90 -9.43 29.94
CA ILE N 50 52.67 -8.46 28.86
C ILE N 50 51.60 -9.04 27.96
N TYR N 51 50.73 -8.18 27.43
CA TYR N 51 49.73 -8.61 26.48
C TYR N 51 49.68 -7.57 25.38
N ASP N 52 49.04 -7.93 24.27
CA ASP N 52 49.07 -7.13 23.03
C ASP N 52 50.56 -7.02 22.75
N VAL N 53 51.14 -5.84 22.59
CA VAL N 53 52.57 -5.68 22.40
C VAL N 53 53.20 -4.91 23.56
N THR N 54 52.59 -3.77 23.94
CA THR N 54 53.13 -2.87 24.94
C THR N 54 52.25 -2.77 26.19
N GLN N 55 51.20 -3.59 26.30
CA GLN N 55 50.27 -3.47 27.41
C GLN N 55 50.69 -4.38 28.55
N ARG N 56 50.38 -3.95 29.78
CA ARG N 56 50.77 -4.67 30.98
C ARG N 56 49.56 -4.90 31.89
N PRO N 57 49.36 -6.12 32.42
CA PRO N 57 48.24 -6.33 33.34
C PRO N 57 48.42 -5.54 34.62
N SER N 58 47.30 -5.22 35.27
CA SER N 58 47.38 -4.59 36.57
C SER N 58 48.02 -5.59 37.51
N GLY N 59 48.87 -5.10 38.42
CA GLY N 59 49.55 -5.98 39.35
C GLY N 59 50.94 -6.36 38.91
N VAL N 60 51.32 -6.02 37.68
CA VAL N 60 52.63 -6.30 37.12
C VAL N 60 53.45 -5.01 37.17
N SER N 61 54.64 -5.10 37.76
CA SER N 61 55.50 -3.96 37.97
C SER N 61 55.92 -3.30 36.66
N ASP N 62 56.12 -1.98 36.74
CA ASP N 62 56.50 -1.14 35.60
C ASP N 62 57.81 -1.59 34.96
N ARG N 63 58.62 -2.38 35.67
CA ARG N 63 59.90 -2.86 35.18
C ARG N 63 59.78 -3.73 33.94
N PHE N 64 58.62 -4.36 33.71
CA PHE N 64 58.39 -5.24 32.57
C PHE N 64 57.72 -4.42 31.48
N SER N 65 58.41 -4.22 30.35
CA SER N 65 57.89 -3.40 29.26
C SER N 65 58.16 -4.07 27.92
N GLY N 66 57.08 -4.35 27.17
CA GLY N 66 57.20 -5.01 25.89
C GLY N 66 57.32 -4.01 24.74
N SER N 67 57.81 -4.52 23.61
CA SER N 67 57.92 -3.73 22.39
C SER N 67 57.98 -4.68 21.21
N LYS N 68 57.83 -4.13 20.01
CA LYS N 68 57.98 -4.89 18.78
C LYS N 68 58.67 -4.04 17.72
N SER N 69 59.46 -4.71 16.88
CA SER N 69 60.06 -4.10 15.70
C SER N 69 60.13 -5.17 14.62
N GLY N 70 59.56 -4.87 13.45
CA GLY N 70 59.58 -5.85 12.37
C GLY N 70 58.84 -7.08 12.81
N ASN N 71 59.50 -8.23 12.72
CA ASN N 71 58.94 -9.51 13.11
C ASN N 71 59.50 -9.99 14.44
N THR N 72 60.18 -9.11 15.19
CA THR N 72 60.80 -9.45 16.46
C THR N 72 60.15 -8.67 17.60
N ALA N 73 59.70 -9.40 18.61
CA ALA N 73 59.10 -8.85 19.82
C ALA N 73 60.20 -8.86 20.88
N SER N 74 60.08 -7.98 21.86
CA SER N 74 61.09 -7.93 22.90
C SER N 74 60.48 -7.55 24.24
N LEU N 75 60.93 -8.21 25.29
CA LEU N 75 60.55 -7.91 26.66
C LEU N 75 61.76 -7.31 27.35
N THR N 76 61.65 -6.07 27.80
CA THR N 76 62.73 -5.41 28.51
C THR N 76 62.35 -5.42 29.99
N ILE N 77 63.27 -5.91 30.81
CA ILE N 77 63.08 -5.95 32.25
C ILE N 77 64.14 -5.04 32.85
N SER N 78 63.74 -3.86 33.31
CA SER N 78 64.68 -2.93 33.91
C SER N 78 64.73 -3.23 35.39
N GLY N 79 65.81 -2.79 36.05
CA GLY N 79 65.86 -2.91 37.50
C GLY N 79 65.77 -4.35 37.94
N LEU N 80 66.41 -5.24 37.18
CA LEU N 80 66.31 -6.69 37.38
C LEU N 80 66.55 -7.06 38.83
N GLN N 81 65.64 -7.88 39.38
CA GLN N 81 65.68 -8.34 40.76
C GLN N 81 66.05 -9.82 40.83
N ALA N 82 66.52 -10.24 42.00
CA ALA N 82 66.84 -11.64 42.23
C ALA N 82 65.61 -12.54 42.16
N ASP N 83 64.41 -11.97 42.32
CA ASP N 83 63.18 -12.74 42.30
C ASP N 83 62.62 -12.90 40.89
N ASP N 84 63.32 -12.40 39.88
CA ASP N 84 62.91 -12.46 38.49
C ASP N 84 63.43 -13.70 37.77
N GLU N 85 64.06 -14.63 38.47
CA GLU N 85 64.56 -15.83 37.82
C GLU N 85 63.36 -16.71 37.48
N ALA N 86 63.12 -16.87 36.18
CA ALA N 86 61.96 -17.58 35.70
C ALA N 86 62.19 -17.99 34.25
N ASP N 87 61.38 -18.92 33.78
CA ASP N 87 61.34 -19.23 32.36
C ASP N 87 60.36 -18.26 31.72
N TYR N 88 60.85 -17.42 30.83
CA TYR N 88 60.01 -16.43 30.15
C TYR N 88 59.61 -16.98 28.79
N TYR N 89 58.35 -16.76 28.43
CA TYR N 89 57.84 -17.22 27.15
C TYR N 89 57.14 -16.07 26.44
N CYS N 90 57.26 -16.09 25.12
CA CYS N 90 56.48 -15.22 24.25
C CYS N 90 55.39 -16.08 23.64
N SER N 91 54.24 -15.47 23.37
CA SER N 91 53.12 -16.15 22.73
C SER N 91 52.49 -15.22 21.72
N ALA N 92 52.51 -15.60 20.44
CA ALA N 92 51.96 -14.76 19.39
C ALA N 92 50.70 -15.39 18.81
N TYR N 93 49.73 -14.55 18.47
CA TYR N 93 48.54 -15.00 17.76
C TYR N 93 48.86 -15.07 16.27
N ALA N 94 48.66 -16.23 15.65
CA ALA N 94 49.01 -16.41 14.25
C ALA N 94 47.83 -16.35 13.28
N GLY N 95 46.61 -16.58 13.73
CA GLY N 95 45.45 -16.61 12.85
C GLY N 95 44.43 -17.59 13.38
N ARG N 96 43.40 -17.85 12.58
CA ARG N 96 42.34 -18.75 13.02
C ARG N 96 42.60 -20.21 12.66
N GLN N 97 43.66 -20.50 11.92
CA GLN N 97 43.99 -21.88 11.59
C GLN N 97 44.95 -22.41 12.64
N THR N 98 46.01 -21.65 12.89
CA THR N 98 46.97 -21.91 13.95
C THR N 98 46.76 -20.72 14.88
N PHE N 99 46.33 -20.98 16.10
CA PHE N 99 45.96 -19.87 16.98
C PHE N 99 47.10 -19.20 17.73
N TYR N 100 47.83 -19.96 18.54
CA TYR N 100 48.90 -19.39 19.33
C TYR N 100 50.17 -20.18 19.11
N ILE N 101 51.27 -19.45 19.01
CA ILE N 101 52.58 -20.04 18.83
C ILE N 101 53.39 -19.60 20.03
N PHE N 102 53.97 -20.56 20.74
CA PHE N 102 54.82 -20.27 21.88
C PHE N 102 56.27 -20.48 21.48
N GLY N 103 57.15 -19.73 22.13
CA GLY N 103 58.58 -19.93 21.99
C GLY N 103 59.06 -20.97 23.00
N GLY N 104 60.36 -21.23 22.95
CA GLY N 104 60.91 -22.12 23.99
C GLY N 104 60.94 -21.31 25.27
N GLY N 105 61.61 -21.80 26.29
CA GLY N 105 61.73 -20.99 27.48
C GLY N 105 63.09 -20.31 27.55
N THR N 106 63.09 -19.11 28.11
CA THR N 106 64.30 -18.35 28.39
C THR N 106 64.44 -18.24 29.91
N ARG N 107 65.47 -18.87 30.46
CA ARG N 107 65.69 -18.74 31.89
C ARG N 107 66.43 -17.44 32.13
N LEU N 108 65.94 -16.62 33.06
CA LEU N 108 66.64 -15.38 33.39
C LEU N 108 67.54 -15.78 34.56
N THR N 109 68.82 -15.98 34.26
CA THR N 109 69.78 -16.61 35.18
C THR N 109 70.34 -15.61 36.19
N VAL N 110 69.46 -15.17 37.09
CA VAL N 110 69.84 -14.24 38.15
C VAL N 110 69.83 -15.01 39.47
N GLN O 1 -27.66 8.54 -28.48
CA GLN O 1 -26.50 7.85 -29.10
C GLN O 1 -26.99 6.94 -30.22
N VAL O 2 -27.79 5.94 -29.85
CA VAL O 2 -28.26 4.95 -30.81
C VAL O 2 -29.47 5.45 -31.59
N GLN O 3 -30.32 6.28 -30.97
CA GLN O 3 -31.54 6.80 -31.60
C GLN O 3 -31.47 8.31 -31.69
N LEU O 4 -31.61 8.82 -32.92
CA LEU O 4 -31.63 10.23 -33.24
C LEU O 4 -32.96 10.53 -33.89
N GLN O 5 -33.71 11.48 -33.33
CA GLN O 5 -35.06 11.81 -33.81
C GLN O 5 -35.11 13.25 -34.29
N GLU O 6 -35.41 13.42 -35.56
CA GLU O 6 -35.43 14.74 -36.19
C GLU O 6 -36.85 15.28 -36.22
N SER O 7 -36.98 16.58 -35.97
CA SER O 7 -38.27 17.27 -36.05
C SER O 7 -38.06 18.62 -36.70
N GLY O 8 -39.16 19.19 -37.18
CA GLY O 8 -39.16 20.49 -37.80
C GLY O 8 -40.04 20.52 -39.03
N PRO O 9 -40.27 21.71 -39.58
CA PRO O 9 -41.15 21.81 -40.75
C PRO O 9 -40.52 21.17 -41.97
N GLY O 10 -41.38 20.57 -42.80
CA GLY O 10 -40.98 20.01 -44.07
C GLY O 10 -41.27 20.89 -45.26
N ARG O 11 -41.74 22.12 -45.05
CA ARG O 11 -42.07 23.04 -46.11
C ARG O 11 -41.58 24.42 -45.69
N VAL O 12 -40.77 25.04 -46.55
CA VAL O 12 -40.23 26.37 -46.31
C VAL O 12 -40.48 27.21 -47.55
N LYS O 13 -40.90 28.45 -47.36
CA LYS O 13 -41.13 29.31 -48.51
C LYS O 13 -39.79 29.87 -48.98
N PRO O 14 -39.67 30.26 -50.26
CA PRO O 14 -38.41 30.86 -50.73
C PRO O 14 -37.97 32.05 -49.88
N SER O 15 -36.68 32.09 -49.57
CA SER O 15 -35.98 33.09 -48.79
C SER O 15 -36.30 33.02 -47.29
N GLU O 16 -37.10 32.07 -46.84
CA GLU O 16 -37.36 31.87 -45.42
C GLU O 16 -36.26 30.97 -44.83
N THR O 17 -36.10 31.04 -43.51
CA THR O 17 -35.12 30.22 -42.81
C THR O 17 -35.69 28.88 -42.38
N LEU O 18 -34.93 27.81 -42.63
CA LEU O 18 -35.26 26.45 -42.20
C LEU O 18 -34.67 26.27 -40.81
N SER O 19 -35.45 25.67 -39.90
CA SER O 19 -34.97 25.36 -38.56
C SER O 19 -35.37 23.93 -38.18
N LEU O 20 -34.38 23.06 -38.06
CA LEU O 20 -34.57 21.65 -37.73
C LEU O 20 -33.93 21.33 -36.38
N THR O 21 -34.55 20.40 -35.65
CA THR O 21 -34.09 19.93 -34.35
C THR O 21 -33.80 18.44 -34.42
N CYS O 22 -32.69 18.01 -33.81
CA CYS O 22 -32.36 16.58 -33.68
C CYS O 22 -32.18 16.27 -32.20
N ALA O 23 -33.06 15.41 -31.69
CA ALA O 23 -33.03 14.98 -30.30
C ALA O 23 -32.24 13.68 -30.18
N VAL O 24 -31.40 13.60 -29.15
CA VAL O 24 -30.54 12.46 -28.89
C VAL O 24 -31.10 11.72 -27.67
N SER O 25 -31.42 10.44 -27.86
CA SER O 25 -32.07 9.67 -26.80
C SER O 25 -31.14 9.32 -25.64
N ASP O 26 -29.83 9.20 -25.87
CA ASP O 26 -28.89 8.79 -24.83
C ASP O 26 -28.05 9.98 -24.36
N ASP O 27 -27.16 9.70 -23.40
CA ASP O 27 -26.30 10.72 -22.80
C ASP O 27 -24.97 10.89 -23.52
N SER O 28 -24.82 10.28 -24.71
CA SER O 28 -23.61 10.53 -25.48
C SER O 28 -23.56 11.97 -25.95
N PHE O 29 -24.69 12.68 -25.90
CA PHE O 29 -24.72 14.08 -26.28
C PHE O 29 -23.84 14.89 -25.34
N GLY O 30 -23.62 14.41 -24.12
CA GLY O 30 -22.79 15.09 -23.15
C GLY O 30 -21.44 14.43 -22.96
N SER O 31 -21.07 13.48 -23.81
CA SER O 31 -19.83 12.73 -23.68
C SER O 31 -18.75 13.29 -24.59
N SER O 32 -17.51 13.01 -24.21
CA SER O 32 -16.33 13.48 -24.94
C SER O 32 -16.12 12.79 -26.29
N TYR O 33 -15.50 13.53 -27.19
CA TYR O 33 -15.06 13.08 -28.52
C TYR O 33 -16.17 12.71 -29.48
N PHE O 34 -17.40 13.19 -29.29
CA PHE O 34 -18.47 12.95 -30.24
C PHE O 34 -18.72 14.22 -31.04
N TYR O 35 -19.10 14.04 -32.29
CA TYR O 35 -19.45 15.12 -33.19
C TYR O 35 -20.84 14.86 -33.72
N TRP O 36 -21.67 15.91 -33.69
CA TRP O 36 -23.08 15.87 -34.07
C TRP O 36 -23.24 16.64 -35.36
N SER O 37 -23.44 15.92 -36.46
CA SER O 37 -23.44 16.50 -37.79
C SER O 37 -24.83 16.61 -38.37
N TRP O 38 -24.98 17.56 -39.29
CA TRP O 38 -26.12 17.69 -40.18
C TRP O 38 -25.61 17.46 -41.58
N ILE O 39 -26.35 16.61 -42.31
CA ILE O 39 -26.04 16.17 -43.67
C ILE O 39 -27.33 16.26 -44.48
N ARG O 40 -27.24 16.62 -45.75
CA ARG O 40 -28.43 16.60 -46.60
C ARG O 40 -28.13 15.80 -47.86
N GLN O 41 -29.19 15.27 -48.44
CA GLN O 41 -29.12 14.54 -49.70
C GLN O 41 -30.22 15.00 -50.63
N ALA O 42 -29.86 15.71 -51.69
CA ALA O 42 -30.84 16.19 -52.64
C ALA O 42 -31.35 14.98 -53.44
N PRO O 43 -32.58 15.02 -53.96
CA PRO O 43 -33.00 13.94 -54.86
C PRO O 43 -32.07 13.86 -56.06
N GLY O 44 -31.63 12.64 -56.37
CA GLY O 44 -30.77 12.41 -57.51
C GLY O 44 -29.31 12.68 -57.27
N LYS O 45 -28.92 13.12 -56.08
CA LYS O 45 -27.55 13.46 -55.74
C LYS O 45 -27.08 12.60 -54.58
N GLY O 46 -25.77 12.66 -54.32
CA GLY O 46 -25.16 11.95 -53.22
C GLY O 46 -25.32 12.73 -51.94
N LEU O 47 -24.65 12.25 -50.89
CA LEU O 47 -24.77 12.85 -49.59
C LEU O 47 -23.87 14.07 -49.52
N GLU O 48 -24.39 15.18 -48.99
CA GLU O 48 -23.63 16.42 -48.82
C GLU O 48 -23.65 16.82 -47.36
N TRP O 49 -22.48 16.91 -46.74
CA TRP O 49 -22.38 17.29 -45.34
C TRP O 49 -22.58 18.80 -45.18
N ILE O 50 -23.35 19.18 -44.16
CA ILE O 50 -23.62 20.59 -43.88
C ILE O 50 -22.72 21.12 -42.78
N GLY O 51 -22.57 20.38 -41.70
CA GLY O 51 -21.75 20.88 -40.61
C GLY O 51 -21.93 20.04 -39.36
N TYR O 52 -21.18 20.40 -38.31
CA TYR O 52 -21.37 19.72 -37.04
C TYR O 52 -21.07 20.63 -35.87
N ILE O 53 -21.66 20.26 -34.74
CA ILE O 53 -21.36 20.82 -33.41
C ILE O 53 -20.55 19.76 -32.68
N ALA O 54 -19.38 20.15 -32.19
CA ALA O 54 -18.51 19.22 -31.49
C ALA O 54 -18.92 19.08 -30.03
N TYR O 55 -18.48 17.98 -29.42
CA TYR O 55 -18.66 17.77 -27.99
C TYR O 55 -18.15 18.96 -27.18
N SER O 56 -17.12 19.63 -27.68
CA SER O 56 -16.51 20.77 -27.00
C SER O 56 -17.36 22.02 -27.10
N GLY O 57 -18.34 22.03 -28.00
CA GLY O 57 -19.19 23.18 -28.23
C GLY O 57 -18.85 23.98 -29.47
N GLY O 58 -17.73 23.70 -30.12
CA GLY O 58 -17.40 24.44 -31.32
C GLY O 58 -18.14 23.88 -32.51
N VAL O 59 -18.07 24.60 -33.63
CA VAL O 59 -18.74 24.16 -34.86
C VAL O 59 -17.80 24.20 -36.06
N ARG O 60 -18.18 23.41 -37.05
CA ARG O 60 -17.50 23.32 -38.34
C ARG O 60 -18.56 23.23 -39.41
N TYR O 61 -18.51 24.14 -40.38
CA TYR O 61 -19.48 24.20 -41.45
C TYR O 61 -18.82 23.86 -42.78
N ASN O 62 -19.64 23.37 -43.70
CA ASN O 62 -19.19 23.15 -45.06
C ASN O 62 -18.89 24.51 -45.69
N PRO O 63 -17.67 24.76 -46.18
CA PRO O 63 -17.36 26.10 -46.74
C PRO O 63 -18.35 26.63 -47.77
N SER O 64 -19.06 25.77 -48.50
CA SER O 64 -20.01 26.26 -49.49
C SER O 64 -21.31 26.74 -48.85
N LEU O 65 -21.57 26.37 -47.60
CA LEU O 65 -22.78 26.72 -46.89
C LEU O 65 -22.53 27.54 -45.63
N SER O 66 -21.27 27.68 -45.20
CA SER O 66 -20.93 28.26 -43.90
C SER O 66 -21.45 29.67 -43.70
N SER O 67 -21.74 30.41 -44.78
CA SER O 67 -22.28 31.75 -44.61
C SER O 67 -23.76 31.73 -44.22
N ARG O 68 -24.43 30.59 -44.37
CA ARG O 68 -25.85 30.43 -44.09
C ARG O 68 -26.13 29.45 -42.96
N VAL O 69 -25.23 28.51 -42.68
CA VAL O 69 -25.43 27.48 -41.68
C VAL O 69 -25.17 28.04 -40.29
N THR O 70 -26.11 27.77 -39.37
CA THR O 70 -25.92 28.01 -37.95
C THR O 70 -26.26 26.70 -37.27
N ILE O 71 -25.37 26.20 -36.42
CA ILE O 71 -25.59 24.97 -35.67
C ILE O 71 -25.40 25.28 -34.21
N SER O 72 -26.33 24.82 -33.38
CA SER O 72 -26.28 25.10 -31.95
C SER O 72 -26.80 23.89 -31.20
N ARG O 73 -26.67 23.91 -29.87
CA ARG O 73 -27.15 22.79 -29.08
C ARG O 73 -27.64 23.21 -27.70
N ASN O 74 -28.41 22.29 -27.11
CA ASN O 74 -28.85 22.37 -25.73
C ASN O 74 -28.48 21.04 -25.09
N ILE O 75 -27.49 21.07 -24.20
CA ILE O 75 -26.99 19.85 -23.57
C ILE O 75 -28.08 19.20 -22.73
N HIS O 76 -28.74 20.01 -21.89
CA HIS O 76 -29.70 19.48 -20.95
C HIS O 76 -30.88 18.83 -21.66
N GLU O 77 -31.32 19.40 -22.78
CA GLU O 77 -32.47 18.87 -23.48
C GLU O 77 -32.07 17.77 -24.45
N ARG O 78 -30.77 17.48 -24.56
CA ARG O 78 -30.22 16.50 -25.50
C ARG O 78 -30.66 16.82 -26.93
N GLN O 79 -30.54 18.08 -27.32
CA GLN O 79 -30.92 18.48 -28.66
C GLN O 79 -29.85 19.31 -29.32
N PHE O 80 -29.75 19.20 -30.64
CA PHE O 80 -28.94 20.11 -31.44
C PHE O 80 -29.79 20.59 -32.60
N TYR O 81 -29.45 21.77 -33.10
CA TYR O 81 -30.29 22.48 -34.06
C TYR O 81 -29.48 22.90 -35.27
N LEU O 82 -30.16 22.90 -36.42
CA LEU O 82 -29.66 23.39 -37.70
C LEU O 82 -30.55 24.53 -38.17
N ARG O 83 -29.95 25.65 -38.53
CA ARG O 83 -30.65 26.78 -39.10
C ARG O 83 -30.00 27.16 -40.42
N LEU O 84 -30.80 27.22 -41.49
CA LEU O 84 -30.34 27.62 -42.81
C LEU O 84 -31.13 28.84 -43.27
N THR O 85 -30.44 29.95 -43.48
CA THR O 85 -31.12 31.16 -43.91
C THR O 85 -31.26 31.16 -45.42
N SER O 86 -32.11 32.05 -45.92
CA SER O 86 -32.31 32.27 -47.36
C SER O 86 -32.52 30.99 -48.16
N MET O 87 -33.45 30.15 -47.71
CA MET O 87 -33.69 28.89 -48.40
C MET O 87 -34.17 29.17 -49.82
N THR O 88 -33.66 28.39 -50.78
CA THR O 88 -34.07 28.48 -52.18
C THR O 88 -34.39 27.08 -52.70
N ALA O 89 -34.82 27.02 -53.96
CA ALA O 89 -35.21 25.76 -54.58
C ALA O 89 -34.08 24.75 -54.57
N ALA O 90 -32.83 25.22 -54.70
CA ALA O 90 -31.66 24.36 -54.74
C ALA O 90 -31.41 23.64 -53.42
N ASP O 91 -32.05 24.08 -52.33
CA ASP O 91 -31.85 23.48 -51.01
C ASP O 91 -32.85 22.37 -50.70
N THR O 92 -33.70 21.99 -51.65
CA THR O 92 -34.62 20.89 -51.42
C THR O 92 -33.81 19.62 -51.26
N ALA O 93 -34.04 18.91 -50.16
CA ALA O 93 -33.25 17.70 -49.88
C ALA O 93 -33.86 17.01 -48.68
N VAL O 94 -33.46 15.75 -48.48
CA VAL O 94 -33.74 15.09 -47.22
C VAL O 94 -32.60 15.45 -46.28
N TYR O 95 -32.93 16.01 -45.13
CA TYR O 95 -31.95 16.40 -44.13
C TYR O 95 -31.88 15.32 -43.07
N TYR O 96 -30.66 14.97 -42.67
CA TYR O 96 -30.39 13.98 -41.65
C TYR O 96 -29.49 14.57 -40.59
N CYS O 97 -29.68 14.11 -39.36
CA CYS O 97 -28.75 14.34 -38.27
C CYS O 97 -27.98 13.05 -38.08
N ALA O 98 -26.73 13.15 -37.67
CA ALA O 98 -25.90 11.96 -37.50
C ALA O 98 -24.82 12.19 -36.44
N ARG O 99 -24.32 11.08 -35.91
CA ARG O 99 -23.26 11.06 -34.90
C ARG O 99 -22.03 10.31 -35.37
N HIS O 100 -20.86 10.84 -35.03
CA HIS O 100 -19.61 10.09 -35.18
C HIS O 100 -18.74 10.41 -33.99
N CYS O 101 -17.77 9.55 -33.73
CA CYS O 101 -16.84 9.69 -32.62
C CYS O 101 -15.42 9.62 -33.12
N GLU O 102 -14.53 10.42 -32.55
CA GLU O 102 -13.11 10.36 -32.88
C GLU O 102 -12.32 10.14 -31.60
N ASP O 103 -12.39 8.92 -31.08
CA ASP O 103 -11.68 8.54 -29.87
C ASP O 103 -10.36 7.95 -30.34
N ASP O 104 -9.33 8.78 -30.42
CA ASP O 104 -8.08 8.34 -31.03
C ASP O 104 -7.13 7.66 -30.06
N TYR O 105 -7.21 8.00 -28.77
CA TYR O 105 -6.26 7.53 -27.77
C TYR O 105 -6.85 6.54 -26.77
N GLY O 106 -7.99 5.92 -27.09
CA GLY O 106 -8.55 4.91 -26.21
C GLY O 106 -9.29 5.44 -24.99
N TYR O 107 -9.95 6.58 -25.10
CA TYR O 107 -10.68 7.12 -23.96
C TYR O 107 -11.76 6.16 -23.49
N TYR O 108 -12.52 5.61 -24.43
CA TYR O 108 -13.61 4.70 -24.10
C TYR O 108 -13.10 3.27 -23.99
N SER O 109 -13.68 2.49 -23.08
CA SER O 109 -13.29 1.10 -22.96
C SER O 109 -13.80 0.28 -24.13
N ALA O 110 -14.94 0.66 -24.70
CA ALA O 110 -15.49 0.04 -25.88
C ALA O 110 -15.09 0.87 -27.09
N ALA O 111 -14.65 0.21 -28.16
CA ALA O 111 -14.25 0.96 -29.34
C ALA O 111 -15.45 1.69 -29.92
N GLN O 112 -15.22 2.93 -30.34
CA GLN O 112 -16.23 3.76 -30.97
C GLN O 112 -15.99 3.79 -32.47
N SER O 113 -17.07 4.05 -33.22
CA SER O 113 -16.99 4.09 -34.67
C SER O 113 -16.61 5.49 -35.15
N TYR O 114 -15.64 5.54 -36.06
CA TYR O 114 -15.22 6.79 -36.67
C TYR O 114 -16.24 7.31 -37.66
N GLY O 115 -17.01 6.42 -38.27
CA GLY O 115 -17.99 6.82 -39.25
C GLY O 115 -19.30 7.19 -38.60
N LEU O 116 -20.27 7.55 -39.46
CA LEU O 116 -21.58 7.96 -39.00
C LEU O 116 -22.39 6.71 -38.72
N ASP O 117 -22.18 6.17 -37.52
CA ASP O 117 -22.80 4.91 -37.14
C ASP O 117 -24.26 5.07 -36.74
N SER O 118 -24.69 6.28 -36.38
CA SER O 118 -26.06 6.53 -35.95
C SER O 118 -26.65 7.68 -36.75
N TRP O 119 -27.74 7.40 -37.45
CA TRP O 119 -28.43 8.36 -38.30
C TRP O 119 -29.87 8.47 -37.83
N GLY O 120 -30.49 9.62 -38.09
CA GLY O 120 -31.90 9.76 -37.86
C GLY O 120 -32.66 9.22 -39.06
N GLN O 121 -33.98 9.40 -39.04
CA GLN O 121 -34.78 8.89 -40.15
C GLN O 121 -34.77 9.89 -41.31
N GLY O 122 -34.63 11.17 -41.02
CA GLY O 122 -34.55 12.23 -41.99
C GLY O 122 -35.87 12.92 -42.22
N ILE O 123 -35.80 14.20 -42.57
CA ILE O 123 -36.96 15.04 -42.87
C ILE O 123 -36.80 15.51 -44.31
N ALA O 124 -37.79 15.24 -45.15
CA ALA O 124 -37.73 15.71 -46.52
C ALA O 124 -38.19 17.15 -46.51
N VAL O 125 -37.30 18.07 -46.90
CA VAL O 125 -37.58 19.50 -46.91
C VAL O 125 -37.68 19.96 -48.35
N THR O 126 -38.85 20.50 -48.70
CA THR O 126 -39.15 21.06 -50.01
C THR O 126 -39.29 22.56 -49.80
N VAL O 127 -38.60 23.34 -50.61
CA VAL O 127 -38.64 24.79 -50.47
C VAL O 127 -39.73 25.36 -51.37
N ASP P 1 -11.47 21.73 -50.66
CA ASP P 1 -12.28 20.51 -50.34
C ASP P 1 -11.66 19.30 -51.01
N ILE P 2 -11.59 18.19 -50.27
CA ILE P 2 -11.05 16.95 -50.81
C ILE P 2 -12.14 16.26 -51.62
N GLN P 3 -11.86 16.01 -52.90
CA GLN P 3 -12.84 15.43 -53.81
C GLN P 3 -12.66 13.92 -53.84
N MET P 4 -13.77 13.22 -54.05
CA MET P 4 -13.81 11.76 -54.04
C MET P 4 -14.36 11.20 -55.33
N THR P 5 -13.55 10.40 -56.03
CA THR P 5 -13.98 9.73 -57.25
C THR P 5 -14.22 8.27 -56.87
N GLN P 6 -15.43 7.78 -57.10
CA GLN P 6 -15.79 6.43 -56.74
C GLN P 6 -16.10 5.69 -58.04
N SER P 7 -15.62 4.45 -58.16
CA SER P 7 -15.75 3.66 -59.39
C SER P 7 -15.94 2.17 -59.15
N PRO P 8 -16.81 1.49 -59.92
CA PRO P 8 -17.65 1.96 -61.04
C PRO P 8 -18.82 2.79 -60.54
N SER P 9 -19.46 3.64 -61.35
CA SER P 9 -20.64 4.33 -60.85
C SER P 9 -21.86 3.42 -60.78
N SER P 10 -21.85 2.31 -61.50
CA SER P 10 -22.96 1.37 -61.52
C SER P 10 -22.36 -0.01 -61.73
N LEU P 11 -22.78 -0.98 -60.93
CA LEU P 11 -22.27 -2.34 -61.01
C LEU P 11 -23.45 -3.31 -60.98
N SER P 12 -23.42 -4.28 -61.89
CA SER P 12 -24.44 -5.32 -61.97
C SER P 12 -23.82 -6.66 -61.61
N ALA P 13 -24.43 -7.34 -60.65
CA ALA P 13 -23.95 -8.63 -60.16
C ALA P 13 -25.13 -9.39 -59.61
N SER P 14 -24.98 -10.71 -59.54
CA SER P 14 -26.02 -11.60 -59.02
C SER P 14 -25.62 -12.09 -57.64
N VAL P 15 -26.44 -12.98 -57.08
CA VAL P 15 -26.21 -13.44 -55.71
C VAL P 15 -25.06 -14.44 -55.69
N GLY P 16 -24.07 -14.18 -54.84
CA GLY P 16 -22.89 -15.00 -54.73
C GLY P 16 -21.66 -14.45 -55.43
N ASP P 17 -21.83 -13.43 -56.28
CA ASP P 17 -20.72 -12.83 -56.99
C ASP P 17 -19.88 -11.99 -56.03
N ARG P 18 -18.58 -11.86 -56.35
CA ARG P 18 -17.66 -11.04 -55.57
C ARG P 18 -17.66 -9.63 -56.16
N VAL P 19 -17.90 -8.64 -55.30
CA VAL P 19 -18.03 -7.25 -55.73
C VAL P 19 -16.94 -6.39 -55.08
N THR P 20 -16.18 -5.68 -55.90
CA THR P 20 -15.16 -4.77 -55.39
C THR P 20 -15.51 -3.37 -55.87
N ILE P 21 -15.46 -2.41 -54.96
CA ILE P 21 -15.77 -1.01 -55.21
C ILE P 21 -14.55 -0.18 -54.81
N THR P 22 -14.07 0.67 -55.70
CA THR P 22 -12.86 1.46 -55.45
C THR P 22 -13.21 2.93 -55.28
N CYS P 23 -12.61 3.55 -54.26
CA CYS P 23 -12.75 4.97 -54.00
C CYS P 23 -11.34 5.56 -54.05
N ARG P 24 -11.14 6.55 -54.92
CA ARG P 24 -9.87 7.23 -55.12
C ARG P 24 -10.08 8.66 -54.67
N THR P 25 -9.19 9.15 -53.80
CA THR P 25 -9.34 10.50 -53.28
C THR P 25 -8.33 11.44 -53.93
N SER P 26 -8.67 12.74 -53.97
CA SER P 26 -7.76 13.70 -54.58
C SER P 26 -6.56 14.02 -53.71
N GLU P 27 -6.66 13.79 -52.39
CA GLU P 27 -5.57 14.03 -51.46
C GLU P 27 -5.51 12.87 -50.49
N ASN P 28 -4.36 12.68 -49.87
CA ASN P 28 -4.20 11.63 -48.87
C ASN P 28 -5.10 11.91 -47.66
N VAL P 29 -5.89 10.92 -47.26
CA VAL P 29 -6.79 11.04 -46.12
C VAL P 29 -6.31 10.21 -44.93
N ASN P 30 -5.10 9.65 -45.01
CA ASN P 30 -4.47 8.91 -43.91
C ASN P 30 -5.36 7.82 -43.31
N ASN P 31 -5.94 6.99 -44.18
CA ASN P 31 -6.76 5.86 -43.73
C ASN P 31 -7.95 6.30 -42.89
N CYS P 32 -8.57 7.41 -43.28
CA CYS P 32 -9.72 7.98 -42.58
C CYS P 32 -10.98 7.80 -43.43
N LEU P 33 -11.10 6.63 -44.05
CA LEU P 33 -12.23 6.33 -44.93
C LEU P 33 -13.27 5.45 -44.26
N ASN P 34 -14.54 5.77 -44.51
CA ASN P 34 -15.68 5.00 -44.07
C ASN P 34 -16.47 4.54 -45.29
N TRP P 35 -17.11 3.39 -45.17
CA TRP P 35 -18.01 2.86 -46.20
C TRP P 35 -19.40 2.71 -45.62
N TYR P 36 -20.39 3.09 -46.43
CA TYR P 36 -21.81 3.07 -46.11
C TYR P 36 -22.64 2.39 -47.18
N GLN P 37 -23.72 1.72 -46.75
CA GLN P 37 -24.72 1.14 -47.64
C GLN P 37 -26.04 1.89 -47.44
N GLN P 38 -26.55 2.51 -48.50
CA GLN P 38 -27.79 3.26 -48.46
C GLN P 38 -28.86 2.51 -49.27
N LYS P 39 -29.90 2.04 -48.56
CA LYS P 39 -31.03 1.39 -49.19
C LYS P 39 -32.01 2.48 -49.61
N PRO P 40 -32.79 2.34 -50.68
CA PRO P 40 -33.74 3.42 -51.04
C PRO P 40 -34.67 3.76 -49.88
N GLY P 41 -34.83 5.05 -49.63
CA GLY P 41 -35.72 5.54 -48.60
C GLY P 41 -35.15 5.57 -47.19
N LYS P 42 -33.93 5.11 -46.96
CA LYS P 42 -33.31 5.03 -45.64
C LYS P 42 -32.00 5.80 -45.57
N ALA P 43 -31.67 6.19 -44.34
CA ALA P 43 -30.39 6.81 -44.05
C ALA P 43 -29.26 5.78 -44.26
N PRO P 44 -28.08 6.21 -44.70
CA PRO P 44 -26.98 5.26 -44.90
C PRO P 44 -26.61 4.48 -43.65
N LYS P 45 -26.35 3.19 -43.84
CA LYS P 45 -25.90 2.27 -42.80
C LYS P 45 -24.38 2.18 -42.86
N LEU P 46 -23.71 2.39 -41.73
CA LEU P 46 -22.26 2.28 -41.71
C LEU P 46 -21.82 0.83 -41.84
N LEU P 47 -20.91 0.59 -42.79
CA LEU P 47 -20.37 -0.74 -43.02
C LEU P 47 -18.98 -0.84 -42.41
N ILE P 48 -18.07 0.02 -42.83
CA ILE P 48 -16.66 -0.04 -42.42
C ILE P 48 -16.21 1.36 -42.03
N TYR P 49 -15.43 1.45 -40.95
CA TYR P 49 -14.87 2.72 -40.53
C TYR P 49 -13.36 2.55 -40.37
N ARG P 50 -12.65 3.66 -40.48
CA ARG P 50 -11.20 3.72 -40.35
C ARG P 50 -10.53 2.73 -41.29
N THR P 51 -10.97 2.79 -42.55
CA THR P 51 -10.50 2.02 -43.70
C THR P 51 -10.86 0.54 -43.68
N SER P 52 -10.53 -0.17 -42.59
CA SER P 52 -10.76 -1.60 -42.52
C SER P 52 -11.43 -2.12 -41.26
N THR P 53 -11.88 -1.26 -40.34
CA THR P 53 -12.47 -1.78 -39.12
C THR P 53 -13.95 -2.00 -39.41
N LEU P 54 -14.40 -3.23 -39.20
CA LEU P 54 -15.78 -3.59 -39.50
C LEU P 54 -16.69 -3.11 -38.38
N GLN P 55 -17.82 -2.52 -38.75
CA GLN P 55 -18.81 -2.09 -37.77
C GLN P 55 -19.53 -3.28 -37.15
N ARG P 56 -19.61 -3.31 -35.81
CA ARG P 56 -20.30 -4.42 -35.15
C ARG P 56 -21.73 -4.48 -35.63
N GLY P 57 -22.17 -5.69 -35.97
CA GLY P 57 -23.50 -5.93 -36.49
C GLY P 57 -23.52 -6.12 -38.00
N VAL P 58 -22.41 -5.80 -38.66
CA VAL P 58 -22.28 -5.97 -40.11
C VAL P 58 -21.63 -7.33 -40.29
N PRO P 59 -22.13 -8.19 -41.18
CA PRO P 59 -21.53 -9.51 -41.33
C PRO P 59 -20.14 -9.44 -41.91
N SER P 60 -19.36 -10.50 -41.65
CA SER P 60 -17.98 -10.61 -42.10
C SER P 60 -17.84 -10.61 -43.62
N ARG P 61 -18.97 -10.65 -44.33
CA ARG P 61 -18.94 -10.63 -45.82
C ARG P 61 -18.26 -9.35 -46.30
N PHE P 62 -18.43 -8.25 -45.57
CA PHE P 62 -17.87 -6.97 -45.98
C PHE P 62 -16.48 -6.83 -45.39
N SER P 63 -15.54 -6.38 -46.23
CA SER P 63 -14.17 -6.15 -45.80
C SER P 63 -13.62 -4.97 -46.58
N GLY P 64 -12.73 -4.19 -45.97
CA GLY P 64 -12.15 -3.05 -46.63
C GLY P 64 -10.64 -3.03 -46.45
N THR P 65 -9.99 -2.32 -47.36
CA THR P 65 -8.54 -2.15 -47.32
C THR P 65 -8.22 -0.84 -48.04
N GLY P 66 -6.95 -0.58 -48.23
CA GLY P 66 -6.49 0.63 -48.90
C GLY P 66 -5.59 1.47 -48.03
N SER P 67 -4.99 2.46 -48.69
CA SER P 67 -4.10 3.38 -48.02
C SER P 67 -3.95 4.62 -48.88
N GLY P 68 -3.40 5.66 -48.29
CA GLY P 68 -3.09 6.85 -49.07
C GLY P 68 -4.35 7.44 -49.65
N THR P 69 -4.37 7.47 -50.98
CA THR P 69 -5.48 8.01 -51.76
C THR P 69 -6.36 6.94 -52.41
N ASP P 70 -6.06 5.65 -52.25
CA ASP P 70 -6.77 4.57 -52.94
C ASP P 70 -7.27 3.51 -51.97
N TYR P 71 -8.60 3.37 -51.88
CA TYR P 71 -9.24 2.47 -50.93
C TYR P 71 -10.23 1.54 -51.65
N THR P 72 -10.37 0.31 -51.14
CA THR P 72 -11.26 -0.68 -51.74
C THR P 72 -12.17 -1.32 -50.72
N LEU P 73 -13.45 -1.45 -51.09
CA LEU P 73 -14.46 -2.22 -50.36
C LEU P 73 -14.72 -3.50 -51.12
N THR P 74 -14.58 -4.65 -50.45
CA THR P 74 -14.81 -5.96 -51.05
C THR P 74 -15.96 -6.66 -50.36
N ILE P 75 -16.88 -7.18 -51.17
CA ILE P 75 -18.01 -8.00 -50.75
C ILE P 75 -17.70 -9.39 -51.28
N SER P 76 -17.41 -10.34 -50.38
CA SER P 76 -16.99 -11.65 -50.82
C SER P 76 -18.09 -12.42 -51.53
N SER P 77 -19.35 -12.19 -51.16
CA SER P 77 -20.49 -12.87 -51.76
C SER P 77 -21.66 -11.90 -51.72
N LEU P 78 -22.13 -11.44 -52.87
CA LEU P 78 -23.21 -10.47 -52.86
C LEU P 78 -24.51 -11.19 -52.54
N GLN P 79 -25.19 -10.78 -51.46
CA GLN P 79 -26.46 -11.38 -51.05
C GLN P 79 -27.63 -10.49 -51.45
N SER P 80 -28.84 -11.00 -51.22
CA SER P 80 -30.05 -10.26 -51.58
C SER P 80 -30.23 -9.00 -50.75
N GLU P 81 -29.58 -8.91 -49.59
CA GLU P 81 -29.67 -7.77 -48.70
C GLU P 81 -28.63 -6.69 -49.00
N ASP P 82 -27.69 -6.97 -49.89
CA ASP P 82 -26.54 -6.11 -50.14
C ASP P 82 -26.69 -5.23 -51.37
N PHE P 83 -27.89 -5.12 -51.94
CA PHE P 83 -28.10 -4.26 -53.08
C PHE P 83 -28.44 -2.87 -52.57
N GLY P 84 -28.03 -1.85 -53.33
CA GLY P 84 -28.24 -0.47 -52.90
C GLY P 84 -27.06 0.37 -53.30
N THR P 85 -27.01 1.61 -52.83
CA THR P 85 -25.93 2.52 -53.20
C THR P 85 -24.85 2.52 -52.12
N TYR P 86 -23.61 2.27 -52.53
CA TYR P 86 -22.46 2.26 -51.63
C TYR P 86 -21.72 3.58 -51.74
N TYR P 87 -21.41 4.19 -50.59
CA TYR P 87 -20.71 5.46 -50.53
C TYR P 87 -19.41 5.33 -49.73
N CYS P 88 -18.40 6.09 -50.15
CA CYS P 88 -17.17 6.26 -49.39
C CYS P 88 -17.21 7.66 -48.78
N GLN P 89 -16.67 7.80 -47.56
CA GLN P 89 -16.61 9.10 -46.89
C GLN P 89 -15.25 9.30 -46.23
N HIS P 90 -14.69 10.50 -46.36
CA HIS P 90 -13.45 10.84 -45.68
C HIS P 90 -13.72 11.79 -44.52
N TYR P 91 -13.08 11.52 -43.37
CA TYR P 91 -13.13 12.41 -42.21
C TYR P 91 -11.78 13.06 -41.91
N TYR P 92 -10.88 13.12 -42.89
CA TYR P 92 -9.58 13.76 -42.70
C TYR P 92 -9.74 15.26 -42.89
N GLY P 93 -10.18 15.91 -41.82
CA GLY P 93 -10.40 17.34 -41.86
C GLY P 93 -11.84 17.70 -42.18
N THR P 94 -11.99 18.93 -42.66
CA THR P 94 -13.27 19.57 -42.94
C THR P 94 -13.21 20.22 -44.32
N PRO P 95 -14.27 20.14 -45.13
CA PRO P 95 -15.55 19.44 -44.93
C PRO P 95 -15.48 17.93 -45.03
N LEU P 96 -16.44 17.23 -44.41
CA LEU P 96 -16.53 15.80 -44.60
C LEU P 96 -17.20 15.65 -45.97
N THR P 97 -16.65 14.77 -46.82
CA THR P 97 -17.22 14.57 -48.14
C THR P 97 -17.53 13.11 -48.38
N PHE P 98 -18.43 12.90 -49.33
CA PHE P 98 -18.89 11.59 -49.77
C PHE P 98 -18.60 11.44 -51.26
N GLY P 99 -18.44 10.19 -51.71
CA GLY P 99 -18.25 9.94 -53.11
C GLY P 99 -19.58 9.99 -53.84
N GLY P 100 -19.52 9.81 -55.17
CA GLY P 100 -20.74 9.89 -55.95
C GLY P 100 -21.75 8.82 -55.59
N GLY P 101 -21.28 7.63 -55.25
CA GLY P 101 -22.12 6.50 -54.89
C GLY P 101 -22.27 5.49 -56.01
N THR P 102 -21.98 4.22 -55.73
CA THR P 102 -22.12 3.15 -56.72
C THR P 102 -23.36 2.33 -56.41
N MET P 103 -24.29 2.28 -57.36
CA MET P 103 -25.52 1.52 -57.16
C MET P 103 -25.25 0.08 -57.57
N VAL P 104 -25.54 -0.86 -56.68
CA VAL P 104 -25.42 -2.28 -56.93
C VAL P 104 -26.84 -2.79 -57.12
N ASP P 105 -27.14 -3.17 -58.36
CA ASP P 105 -28.42 -3.63 -58.87
C ASP P 105 -28.30 -5.10 -59.30
N ILE P 106 -29.40 -5.65 -59.79
CA ILE P 106 -29.45 -7.03 -60.25
C ILE P 106 -29.30 -7.09 -61.77
N VAL Q 2 -13.45 36.52 10.74
CA VAL Q 2 -12.99 37.71 10.06
C VAL Q 2 -13.94 38.85 10.44
N GLN Q 3 -14.87 39.24 9.56
CA GLN Q 3 -15.86 40.26 9.90
C GLN Q 3 -16.59 39.98 11.21
N LEU Q 4 -16.36 40.91 12.15
CA LEU Q 4 -17.08 40.88 13.45
C LEU Q 4 -17.92 42.15 13.44
N GLN Q 5 -19.23 42.03 13.57
CA GLN Q 5 -20.13 43.19 13.43
C GLN Q 5 -20.90 43.45 14.71
N GLU Q 6 -20.58 44.55 15.39
CA GLU Q 6 -21.31 44.91 16.58
C GLU Q 6 -22.66 45.46 16.16
N SER Q 7 -23.69 45.18 16.95
CA SER Q 7 -25.02 45.70 16.72
C SER Q 7 -25.72 45.88 18.06
N GLY Q 8 -26.47 46.96 18.18
CA GLY Q 8 -27.23 47.19 19.38
C GLY Q 8 -27.38 48.66 19.72
N PRO Q 9 -28.10 48.93 20.81
CA PRO Q 9 -28.34 50.32 21.19
C PRO Q 9 -27.06 51.08 21.50
N GLY Q 10 -27.05 52.34 21.06
CA GLY Q 10 -26.00 53.28 21.33
C GLY Q 10 -26.39 54.15 22.51
N ARG Q 11 -27.54 53.87 23.12
CA ARG Q 11 -28.07 54.63 24.23
C ARG Q 11 -28.65 53.71 25.29
N VAL Q 12 -28.24 53.93 26.53
CA VAL Q 12 -28.80 53.22 27.67
C VAL Q 12 -29.06 54.30 28.70
N LYS Q 13 -30.19 54.24 29.41
CA LYS Q 13 -30.36 55.23 30.45
C LYS Q 13 -29.69 54.72 31.73
N PRO Q 14 -29.37 55.60 32.67
CA PRO Q 14 -28.76 55.12 33.93
C PRO Q 14 -29.61 54.04 34.58
N SER Q 15 -28.94 53.02 35.09
CA SER Q 15 -29.47 51.84 35.76
C SER Q 15 -30.14 50.85 34.80
N GLU Q 16 -30.10 51.08 33.48
CA GLU Q 16 -30.61 50.12 32.52
C GLU Q 16 -29.48 49.18 32.11
N THR Q 17 -29.80 48.19 31.28
CA THR Q 17 -28.85 47.17 30.83
C THR Q 17 -28.45 47.43 29.38
N LEU Q 18 -27.14 47.31 29.12
CA LEU Q 18 -26.56 47.42 27.79
C LEU Q 18 -26.54 46.03 27.16
N SER Q 19 -27.13 45.88 25.97
CA SER Q 19 -27.17 44.59 25.27
C SER Q 19 -26.64 44.74 23.85
N LEU Q 20 -25.47 44.16 23.59
CA LEU Q 20 -24.80 44.19 22.30
C LEU Q 20 -24.65 42.80 21.72
N THR Q 21 -24.75 42.71 20.39
CA THR Q 21 -24.59 41.47 19.65
C THR Q 21 -23.37 41.63 18.75
N CYS Q 22 -22.57 40.58 18.62
CA CYS Q 22 -21.44 40.56 17.68
C CYS Q 22 -21.65 39.39 16.73
N ALA Q 23 -21.86 39.70 15.46
CA ALA Q 23 -22.08 38.69 14.43
C ALA Q 23 -20.76 38.29 13.77
N VAL Q 24 -20.56 36.98 13.58
CA VAL Q 24 -19.33 36.43 13.02
C VAL Q 24 -19.67 35.81 11.66
N SER Q 25 -18.98 36.26 10.61
CA SER Q 25 -19.26 35.85 9.23
C SER Q 25 -18.46 34.65 8.68
N ASP Q 26 -17.43 34.15 9.36
CA ASP Q 26 -16.53 33.17 8.72
C ASP Q 26 -16.66 31.72 9.15
N ASP Q 27 -17.69 31.34 9.89
CA ASP Q 27 -17.85 29.98 10.41
C ASP Q 27 -16.77 29.58 11.41
N SER Q 28 -15.92 30.49 11.86
CA SER Q 28 -14.92 30.14 12.87
C SER Q 28 -15.55 30.10 14.25
N PHE Q 29 -16.79 30.58 14.36
CA PHE Q 29 -17.54 30.60 15.60
C PHE Q 29 -17.84 29.19 16.10
N GLY Q 30 -17.84 28.22 15.21
CA GLY Q 30 -18.11 26.83 15.51
C GLY Q 30 -16.86 25.98 15.56
N SER Q 31 -15.68 26.59 15.56
CA SER Q 31 -14.41 25.88 15.53
C SER Q 31 -13.77 25.94 16.91
N SER Q 32 -12.90 24.97 17.17
CA SER Q 32 -12.20 24.85 18.44
C SER Q 32 -11.05 25.83 18.61
N TYR Q 33 -10.68 26.00 19.89
CA TYR Q 33 -9.57 26.82 20.38
C TYR Q 33 -9.71 28.31 20.10
N PHE Q 34 -10.91 28.81 19.82
CA PHE Q 34 -11.11 30.25 19.64
C PHE Q 34 -11.85 30.82 20.85
N TYR Q 35 -11.53 32.07 21.16
CA TYR Q 35 -12.17 32.80 22.25
C TYR Q 35 -12.73 34.10 21.69
N TRP Q 36 -13.99 34.36 22.04
CA TRP Q 36 -14.78 35.49 21.57
C TRP Q 36 -14.91 36.50 22.71
N SER Q 37 -14.19 37.61 22.60
CA SER Q 37 -14.03 38.56 23.68
C SER Q 37 -14.83 39.84 23.45
N TRP Q 38 -15.22 40.46 24.56
CA TRP Q 38 -15.75 41.81 24.60
C TRP Q 38 -14.73 42.67 25.35
N ILE Q 39 -14.37 43.79 24.74
CA ILE Q 39 -13.38 44.74 25.22
C ILE Q 39 -13.95 46.14 25.07
N ARG Q 40 -13.75 47.03 26.04
CA ARG Q 40 -14.20 48.42 25.92
C ARG Q 40 -13.03 49.37 26.13
N GLN Q 41 -13.07 50.48 25.40
CA GLN Q 41 -12.08 51.55 25.49
C GLN Q 41 -12.76 52.87 25.82
N ALA Q 42 -12.56 53.36 27.05
CA ALA Q 42 -13.14 54.62 27.43
C ALA Q 42 -12.37 55.73 26.71
N PRO Q 43 -13.02 56.85 26.35
CA PRO Q 43 -12.27 57.95 25.72
C PRO Q 43 -11.11 58.42 26.59
N GLY Q 44 -9.94 58.56 25.98
CA GLY Q 44 -8.76 59.03 26.68
C GLY Q 44 -8.03 57.97 27.47
N LYS Q 45 -8.54 56.74 27.48
CA LYS Q 45 -8.03 55.60 28.23
C LYS Q 45 -7.56 54.50 27.28
N GLY Q 46 -6.94 53.49 27.88
CA GLY Q 46 -6.52 52.31 27.16
C GLY Q 46 -7.73 51.42 27.08
N LEU Q 47 -7.51 50.12 26.89
CA LEU Q 47 -8.63 49.22 26.64
C LEU Q 47 -8.82 48.30 27.84
N GLU Q 48 -10.09 48.04 28.15
CA GLU Q 48 -10.49 47.17 29.24
C GLU Q 48 -11.16 45.92 28.70
N TRP Q 49 -10.60 44.77 29.04
CA TRP Q 49 -11.22 43.53 28.62
C TRP Q 49 -12.45 43.34 29.51
N ILE Q 50 -13.57 42.97 28.90
CA ILE Q 50 -14.80 42.75 29.64
C ILE Q 50 -14.95 41.28 29.95
N GLY Q 51 -14.71 40.44 28.96
CA GLY Q 51 -14.88 39.02 29.17
C GLY Q 51 -14.82 38.30 27.85
N TYR Q 52 -14.91 36.98 27.92
CA TYR Q 52 -14.96 36.21 26.70
C TYR Q 52 -15.75 34.93 26.94
N ILE Q 53 -16.24 34.38 25.83
CA ILE Q 53 -16.86 33.06 25.79
C ILE Q 53 -15.95 32.18 24.94
N ALA Q 54 -15.62 31.02 25.48
CA ALA Q 54 -14.74 30.08 24.82
C ALA Q 54 -15.49 29.24 23.80
N TYR Q 55 -14.72 28.65 22.89
CA TYR Q 55 -15.27 27.69 21.93
C TYR Q 55 -16.00 26.55 22.62
N SER Q 56 -15.62 26.24 23.86
CA SER Q 56 -16.21 25.18 24.65
C SER Q 56 -17.58 25.55 25.20
N GLY Q 57 -17.90 26.85 25.21
CA GLY Q 57 -19.14 27.36 25.75
C GLY Q 57 -18.99 27.99 27.12
N GLY Q 58 -17.83 27.85 27.76
CA GLY Q 58 -17.64 28.47 29.05
C GLY Q 58 -17.26 29.93 28.88
N VAL Q 59 -17.36 30.69 29.97
CA VAL Q 59 -17.03 32.11 29.94
C VAL Q 59 -16.04 32.46 31.05
N ARG Q 60 -15.37 33.58 30.84
CA ARG Q 60 -14.49 34.18 31.81
C ARG Q 60 -14.78 35.67 31.79
N TYR Q 61 -14.77 36.30 32.96
CA TYR Q 61 -15.10 37.71 33.10
C TYR Q 61 -13.99 38.45 33.82
N ASN Q 62 -13.91 39.75 33.55
CA ASN Q 62 -13.00 40.62 34.26
C ASN Q 62 -13.48 40.72 35.72
N PRO Q 63 -12.65 40.41 36.72
CA PRO Q 63 -13.11 40.45 38.12
C PRO Q 63 -13.80 41.75 38.55
N SER Q 64 -13.45 42.88 37.94
CA SER Q 64 -14.08 44.14 38.32
C SER Q 64 -15.49 44.29 37.76
N LEU Q 65 -15.84 43.50 36.74
CA LEU Q 65 -17.13 43.56 36.08
C LEU Q 65 -17.91 42.26 36.14
N SER Q 66 -17.34 41.17 36.65
CA SER Q 66 -17.97 39.86 36.59
C SER Q 66 -19.32 39.78 37.30
N SER Q 67 -19.60 40.68 38.24
CA SER Q 67 -20.90 40.67 38.90
C SER Q 67 -22.01 41.29 38.05
N ARG Q 68 -21.65 41.99 36.97
CA ARG Q 68 -22.58 42.69 36.09
C ARG Q 68 -22.62 42.14 34.67
N VAL Q 69 -21.54 41.50 34.23
CA VAL Q 69 -21.37 41.04 32.86
C VAL Q 69 -21.96 39.66 32.65
N THR Q 70 -22.78 39.54 31.62
CA THR Q 70 -23.29 38.26 31.14
C THR Q 70 -22.83 38.16 29.70
N ILE Q 71 -22.21 37.04 29.35
CA ILE Q 71 -21.76 36.77 27.99
C ILE Q 71 -22.41 35.45 27.60
N SER Q 72 -22.97 35.40 26.40
CA SER Q 72 -23.63 34.20 25.93
C SER Q 72 -23.49 34.14 24.43
N ARG Q 73 -23.90 33.02 23.83
CA ARG Q 73 -23.79 32.93 22.39
C ARG Q 73 -24.86 32.04 21.81
N ASN Q 74 -25.03 32.18 20.49
CA ASN Q 74 -25.86 31.30 19.69
C ASN Q 74 -25.02 30.84 18.51
N ILE Q 75 -24.63 29.57 18.55
CA ILE Q 75 -23.72 28.99 17.56
C ILE Q 75 -24.35 29.01 16.17
N HIS Q 76 -25.59 28.54 16.06
CA HIS Q 76 -26.23 28.43 14.77
C HIS Q 76 -26.36 29.79 14.10
N GLU Q 77 -26.69 30.84 14.86
CA GLU Q 77 -26.84 32.15 14.24
C GLU Q 77 -25.50 32.83 14.08
N ARG Q 78 -24.42 32.21 14.54
CA ARG Q 78 -23.07 32.76 14.49
C ARG Q 78 -22.98 34.12 15.18
N GLN Q 79 -23.57 34.22 16.37
CA GLN Q 79 -23.55 35.47 17.14
C GLN Q 79 -23.18 35.22 18.59
N PHE Q 80 -22.53 36.20 19.21
CA PHE Q 80 -22.32 36.19 20.66
C PHE Q 80 -22.82 37.51 21.22
N TYR Q 81 -23.21 37.48 22.50
CA TYR Q 81 -23.89 38.60 23.13
C TYR Q 81 -23.21 39.03 24.42
N LEU Q 82 -23.28 40.33 24.68
CA LEU Q 82 -22.85 40.96 25.93
C LEU Q 82 -24.03 41.68 26.54
N ARG Q 83 -24.37 41.33 27.78
CA ARG Q 83 -25.44 41.99 28.54
C ARG Q 83 -24.80 42.52 29.83
N LEU Q 84 -24.57 43.84 29.87
CA LEU Q 84 -23.92 44.53 31.00
C LEU Q 84 -24.95 45.34 31.76
N THR Q 85 -25.24 44.92 32.99
CA THR Q 85 -26.29 45.51 33.81
C THR Q 85 -25.81 46.76 34.56
N SER Q 86 -26.79 47.48 35.11
CA SER Q 86 -26.58 48.67 35.95
C SER Q 86 -25.63 49.69 35.34
N MET Q 87 -25.90 50.07 34.09
CA MET Q 87 -25.01 51.02 33.40
C MET Q 87 -25.00 52.36 34.13
N THR Q 88 -23.80 52.95 34.26
CA THR Q 88 -23.61 54.27 34.85
C THR Q 88 -22.71 55.11 33.95
N ALA Q 89 -22.48 56.36 34.36
CA ALA Q 89 -21.67 57.28 33.58
C ALA Q 89 -20.27 56.75 33.35
N ALA Q 90 -19.72 56.00 34.31
CA ALA Q 90 -18.38 55.45 34.23
C ALA Q 90 -18.25 54.39 33.13
N ASP Q 91 -19.37 53.87 32.61
CA ASP Q 91 -19.35 52.82 31.60
C ASP Q 91 -19.39 53.37 30.18
N THR Q 92 -19.33 54.69 30.00
CA THR Q 92 -19.30 55.23 28.64
C THR Q 92 -17.99 54.82 27.99
N ALA Q 93 -18.07 54.19 26.82
CA ALA Q 93 -16.87 53.70 26.16
C ALA Q 93 -17.23 53.21 24.77
N VAL Q 94 -16.22 52.98 23.94
CA VAL Q 94 -16.44 52.27 22.69
C VAL Q 94 -16.30 50.80 23.00
N TYR Q 95 -17.36 50.04 22.73
CA TYR Q 95 -17.42 48.61 22.99
C TYR Q 95 -17.13 47.83 21.71
N TYR Q 96 -16.06 47.05 21.74
CA TYR Q 96 -15.59 46.27 20.61
C TYR Q 96 -15.75 44.79 20.94
N CYS Q 97 -16.01 44.00 19.91
CA CYS Q 97 -15.93 42.55 19.99
C CYS Q 97 -14.63 42.15 19.28
N ALA Q 98 -14.02 41.06 19.75
CA ALA Q 98 -12.74 40.63 19.20
C ALA Q 98 -12.59 39.12 19.31
N ARG Q 99 -11.61 38.60 18.59
CA ARG Q 99 -11.36 37.16 18.52
C ARG Q 99 -9.88 36.82 18.63
N HIS Q 100 -9.57 35.77 19.39
CA HIS Q 100 -8.20 35.24 19.42
C HIS Q 100 -8.26 33.72 19.50
N CYS Q 101 -7.13 33.08 19.19
CA CYS Q 101 -6.99 31.64 19.20
C CYS Q 101 -5.88 31.24 20.16
N GLU Q 102 -6.03 30.06 20.78
CA GLU Q 102 -4.99 29.48 21.64
C GLU Q 102 -4.69 28.05 21.19
N ASP Q 103 -4.19 27.91 19.97
CA ASP Q 103 -3.92 26.59 19.39
C ASP Q 103 -2.53 26.15 19.84
N ASP Q 104 -2.45 25.84 21.13
CA ASP Q 104 -1.16 25.59 21.77
C ASP Q 104 -0.42 24.39 21.20
N TYR Q 105 -1.13 23.37 20.73
CA TYR Q 105 -0.50 22.15 20.25
C TYR Q 105 -0.60 21.92 18.74
N GLY Q 106 -0.91 22.95 17.97
CA GLY Q 106 -0.92 22.79 16.52
C GLY Q 106 -2.11 22.09 15.92
N TYR Q 107 -3.31 22.27 16.50
CA TYR Q 107 -4.50 21.63 15.95
C TYR Q 107 -4.73 22.03 14.49
N TYR Q 108 -4.60 23.32 14.20
CA TYR Q 108 -4.86 23.81 12.85
C TYR Q 108 -3.66 23.61 11.93
N SER Q 109 -3.97 23.36 10.66
CA SER Q 109 -2.91 23.19 9.66
C SER Q 109 -2.21 24.50 9.36
N ALA Q 110 -2.91 25.62 9.53
CA ALA Q 110 -2.34 26.96 9.35
C ALA Q 110 -2.22 27.58 10.72
N ALA Q 111 -1.15 28.33 10.95
CA ALA Q 111 -0.97 28.97 12.23
C ALA Q 111 -2.06 30.00 12.48
N GLN Q 112 -2.56 30.03 13.70
CA GLN Q 112 -3.54 30.98 14.17
C GLN Q 112 -2.84 31.98 15.08
N SER Q 113 -3.40 33.18 15.18
CA SER Q 113 -2.81 34.21 16.01
C SER Q 113 -3.32 34.14 17.45
N TYR Q 114 -2.39 34.35 18.38
CA TYR Q 114 -2.71 34.40 19.80
C TYR Q 114 -3.32 35.74 20.20
N GLY Q 115 -3.03 36.80 19.45
CA GLY Q 115 -3.55 38.10 19.76
C GLY Q 115 -4.91 38.28 19.15
N LEU Q 116 -5.46 39.47 19.35
CA LEU Q 116 -6.80 39.78 18.85
C LEU Q 116 -6.63 40.18 17.39
N ASP Q 117 -6.60 39.18 16.51
CA ASP Q 117 -6.32 39.43 15.09
C ASP Q 117 -7.53 39.89 14.32
N SER Q 118 -8.71 39.95 14.95
CA SER Q 118 -9.89 40.47 14.30
C SER Q 118 -10.71 41.24 15.30
N TRP Q 119 -11.10 42.45 14.90
CA TRP Q 119 -11.88 43.36 15.71
C TRP Q 119 -13.04 43.84 14.84
N GLY Q 120 -14.13 44.22 15.48
CA GLY Q 120 -15.23 44.86 14.78
C GLY Q 120 -14.95 46.34 14.72
N GLN Q 121 -16.01 47.11 14.45
CA GLN Q 121 -15.83 48.54 14.30
C GLN Q 121 -16.07 49.24 15.63
N GLY Q 122 -16.93 48.68 16.46
CA GLY Q 122 -17.24 49.17 17.79
C GLY Q 122 -18.43 50.09 17.81
N ILE Q 123 -19.17 50.03 18.92
CA ILE Q 123 -20.31 50.92 19.16
C ILE Q 123 -19.95 51.81 20.34
N ALA Q 124 -20.05 53.12 20.13
CA ALA Q 124 -19.78 54.06 21.21
C ALA Q 124 -21.05 54.13 22.04
N VAL Q 125 -20.95 53.73 23.30
CA VAL Q 125 -22.07 53.67 24.21
C VAL Q 125 -21.92 54.80 25.21
N THR Q 126 -22.93 55.66 25.25
CA THR Q 126 -23.01 56.80 26.14
C THR Q 126 -24.18 56.56 27.08
N VAL Q 127 -23.97 56.79 28.37
CA VAL Q 127 -25.01 56.64 29.38
C VAL Q 127 -25.55 58.02 29.69
N SER Q 128 -26.85 58.22 29.48
CA SER Q 128 -27.43 59.54 29.67
C SER Q 128 -28.94 59.41 29.78
N PRO Q 129 -29.61 60.10 30.73
CA PRO Q 129 -31.08 60.05 30.75
C PRO Q 129 -31.74 60.58 29.48
N SER Q 130 -31.03 61.38 28.67
CA SER Q 130 -31.63 61.95 27.46
C SER Q 130 -30.54 62.48 26.53
N ASP R 1 -4.55 40.65 39.65
CA ASP R 1 -4.53 41.06 38.22
C ASP R 1 -3.10 41.46 37.88
N ILE R 2 -2.63 41.07 36.70
CA ILE R 2 -1.29 41.43 36.25
C ILE R 2 -1.31 42.88 35.76
N GLN R 3 -0.45 43.70 36.34
CA GLN R 3 -0.38 45.12 36.00
C GLN R 3 0.72 45.30 34.97
N MET R 4 0.55 46.29 34.09
CA MET R 4 1.57 46.62 33.10
C MET R 4 1.90 48.10 33.06
N THR R 5 3.20 48.39 33.08
CA THR R 5 3.73 49.72 32.96
C THR R 5 4.37 49.73 31.58
N GLN R 6 3.95 50.66 30.72
CA GLN R 6 4.43 50.72 29.36
C GLN R 6 5.22 52.02 29.25
N SER R 7 6.39 51.98 28.62
CA SER R 7 7.29 53.13 28.53
C SER R 7 8.02 53.23 27.19
N PRO R 8 8.14 54.45 26.61
CA PRO R 8 7.70 55.78 27.07
C PRO R 8 6.19 55.97 26.99
N SER R 9 5.55 56.87 27.74
CA SER R 9 4.12 57.10 27.57
C SER R 9 3.81 57.91 26.33
N SER R 10 4.78 58.69 25.84
CA SER R 10 4.60 59.52 24.66
C SER R 10 5.98 59.61 24.02
N LEU R 11 6.03 59.39 22.71
CA LEU R 11 7.29 59.44 21.98
C LEU R 11 7.10 60.22 20.68
N SER R 12 7.98 61.19 20.44
CA SER R 12 7.99 61.93 19.19
C SER R 12 9.11 61.36 18.31
N ALA R 13 8.80 61.08 17.05
CA ALA R 13 9.79 60.54 16.14
C ALA R 13 9.51 61.00 14.72
N SER R 14 10.56 61.03 13.92
CA SER R 14 10.50 61.40 12.52
C SER R 14 10.55 60.13 11.67
N VAL R 15 10.27 60.28 10.38
CA VAL R 15 10.32 59.15 9.47
C VAL R 15 11.77 58.73 9.28
N GLY R 16 12.04 57.44 9.44
CA GLY R 16 13.37 56.88 9.33
C GLY R 16 14.04 56.58 10.66
N ASP R 17 13.50 57.08 11.75
CA ASP R 17 14.02 56.84 13.09
C ASP R 17 13.70 55.42 13.57
N ARG R 18 14.54 54.93 14.47
CA ARG R 18 14.32 53.64 15.13
C ARG R 18 13.44 53.92 16.34
N VAL R 19 12.39 53.11 16.51
CA VAL R 19 11.47 53.29 17.64
C VAL R 19 11.48 52.03 18.50
N THR R 20 11.73 52.19 19.80
CA THR R 20 11.69 51.09 20.74
C THR R 20 10.66 51.42 21.81
N ILE R 21 9.78 50.46 22.07
CA ILE R 21 8.71 50.53 23.05
C ILE R 21 8.83 49.35 24.00
N THR R 22 8.81 49.60 25.31
CA THR R 22 9.01 48.55 26.31
C THR R 22 7.78 48.39 27.20
N CYS R 23 7.41 47.13 27.47
CA CYS R 23 6.37 46.80 28.43
C CYS R 23 6.99 46.04 29.59
N ARG R 24 6.59 46.42 30.81
CA ARG R 24 7.01 45.83 32.07
C ARG R 24 5.79 45.27 32.80
N THR R 25 5.74 43.96 33.00
CA THR R 25 4.58 43.36 33.65
C THR R 25 4.87 43.22 35.14
N SER R 26 3.80 43.12 35.95
CA SER R 26 4.02 42.93 37.38
C SER R 26 4.34 41.49 37.72
N GLU R 27 3.94 40.53 36.89
CA GLU R 27 4.21 39.12 37.07
C GLU R 27 4.60 38.53 35.72
N ASN R 28 5.37 37.44 35.77
CA ASN R 28 5.80 36.75 34.56
C ASN R 28 4.58 36.28 33.77
N VAL R 29 4.56 36.58 32.47
CA VAL R 29 3.47 36.23 31.57
C VAL R 29 3.88 35.11 30.60
N ASN R 30 5.05 34.51 30.81
CA ASN R 30 5.53 33.35 30.03
C ASN R 30 5.46 33.55 28.51
N ASN R 31 5.93 34.71 28.07
CA ASN R 31 5.98 35.05 26.64
C ASN R 31 4.61 35.07 25.98
N CYS R 32 3.55 35.30 26.75
CA CYS R 32 2.20 35.39 26.19
C CYS R 32 1.80 36.84 25.96
N LEU R 33 2.61 37.56 25.18
CA LEU R 33 2.42 38.98 24.93
C LEU R 33 2.16 39.27 23.47
N ASN R 34 1.19 40.14 23.18
CA ASN R 34 0.85 40.58 21.84
C ASN R 34 0.96 42.10 21.75
N TRP R 35 1.46 42.59 20.62
CA TRP R 35 1.58 44.03 20.39
C TRP R 35 0.58 44.48 19.33
N TYR R 36 -0.03 45.66 19.59
CA TYR R 36 -1.04 46.26 18.73
C TYR R 36 -0.69 47.71 18.39
N GLN R 37 -1.16 48.15 17.23
CA GLN R 37 -1.10 49.55 16.78
C GLN R 37 -2.50 50.06 16.54
N GLN R 38 -2.93 51.04 17.32
CA GLN R 38 -4.26 51.64 17.22
C GLN R 38 -4.19 53.05 16.64
N LYS R 39 -4.71 53.20 15.43
CA LYS R 39 -4.79 54.51 14.81
C LYS R 39 -6.01 55.21 15.41
N PRO R 40 -6.01 56.54 15.55
CA PRO R 40 -7.19 57.21 16.10
C PRO R 40 -8.46 56.88 15.32
N GLY R 41 -9.53 56.56 16.05
CA GLY R 41 -10.81 56.27 15.43
C GLY R 41 -11.00 54.82 15.00
N LYS R 42 -9.98 53.97 15.10
CA LYS R 42 -10.04 52.59 14.66
C LYS R 42 -9.79 51.63 15.81
N ALA R 43 -10.26 50.39 15.64
CA ALA R 43 -9.94 49.34 16.59
C ALA R 43 -8.45 49.04 16.49
N PRO R 44 -7.80 48.64 17.59
CA PRO R 44 -6.36 48.32 17.49
C PRO R 44 -6.10 47.21 16.49
N LYS R 45 -5.06 47.39 15.68
CA LYS R 45 -4.64 46.37 14.72
C LYS R 45 -3.53 45.56 15.37
N LEU R 46 -3.64 44.24 15.30
CA LEU R 46 -2.61 43.39 15.86
C LEU R 46 -1.35 43.42 15.02
N LEU R 47 -0.21 43.64 15.68
CA LEU R 47 1.09 43.65 15.02
C LEU R 47 1.83 42.35 15.23
N ILE R 48 2.01 41.94 16.48
CA ILE R 48 2.80 40.77 16.82
C ILE R 48 1.90 39.90 17.71
N TYR R 49 1.75 38.61 17.40
CA TYR R 49 0.82 37.75 18.19
C TYR R 49 1.57 36.96 19.27
N ARG R 50 2.90 36.88 19.19
CA ARG R 50 3.70 36.30 20.26
C ARG R 50 4.66 37.41 20.68
N THR R 51 5.69 37.08 21.44
CA THR R 51 6.62 38.16 21.77
C THR R 51 7.36 38.61 20.52
N SER R 52 7.67 37.66 19.64
CA SER R 52 8.43 37.90 18.42
C SER R 52 7.75 37.48 17.12
N THR R 53 6.68 36.69 17.16
CA THR R 53 6.10 36.17 15.93
C THR R 53 5.15 37.21 15.33
N LEU R 54 5.47 37.62 14.10
CA LEU R 54 4.76 38.69 13.42
C LEU R 54 3.42 38.24 12.85
N GLN R 55 2.41 39.09 13.00
CA GLN R 55 1.09 38.84 12.46
C GLN R 55 1.11 38.95 10.94
N ARG R 56 0.50 37.97 10.26
CA ARG R 56 0.44 37.96 8.81
C ARG R 56 -0.22 39.23 8.30
N GLY R 57 0.42 39.86 7.32
CA GLY R 57 -0.07 41.10 6.73
C GLY R 57 0.60 42.34 7.29
N VAL R 58 1.38 42.20 8.35
CA VAL R 58 2.08 43.31 8.98
C VAL R 58 3.46 43.46 8.35
N PRO R 59 3.89 44.66 7.93
CA PRO R 59 5.22 44.82 7.34
C PRO R 59 6.34 44.32 8.25
N SER R 60 7.38 43.78 7.62
CA SER R 60 8.54 43.19 8.30
C SER R 60 9.34 44.17 9.14
N ARG R 61 9.09 45.47 9.02
CA ARG R 61 9.82 46.46 9.80
C ARG R 61 9.52 46.33 11.29
N PHE R 62 8.40 45.71 11.67
CA PHE R 62 8.03 45.56 13.08
C PHE R 62 8.59 44.23 13.58
N SER R 63 9.11 44.25 14.79
CA SER R 63 9.62 43.04 15.41
C SER R 63 9.55 43.23 16.91
N GLY R 64 9.78 42.16 17.65
CA GLY R 64 9.79 42.29 19.10
C GLY R 64 10.40 41.07 19.72
N THR R 65 10.64 41.17 21.02
CA THR R 65 11.28 40.10 21.80
C THR R 65 10.98 40.35 23.26
N GLY R 66 11.60 39.54 24.13
CA GLY R 66 11.45 39.67 25.56
C GLY R 66 11.17 38.34 26.22
N SER R 67 11.21 38.39 27.55
CA SER R 67 10.97 37.20 28.37
C SER R 67 10.64 37.69 29.77
N GLY R 68 10.12 36.79 30.59
CA GLY R 68 9.87 37.15 31.97
C GLY R 68 8.85 38.26 32.01
N THR R 69 9.26 39.40 32.58
CA THR R 69 8.43 40.57 32.70
C THR R 69 8.89 41.70 31.79
N ASP R 70 9.96 41.51 31.02
CA ASP R 70 10.58 42.54 30.19
C ASP R 70 10.36 42.23 28.71
N TYR R 71 9.52 43.04 28.03
CA TYR R 71 9.21 42.79 26.62
C TYR R 71 9.36 44.08 25.83
N THR R 72 9.82 43.96 24.57
CA THR R 72 9.98 45.13 23.72
C THR R 72 9.43 44.91 22.31
N LEU R 73 9.02 46.04 21.71
CA LEU R 73 8.61 46.21 20.32
C LEU R 73 9.60 47.16 19.67
N THR R 74 10.11 46.79 18.50
CA THR R 74 11.04 47.63 17.74
C THR R 74 10.50 47.85 16.33
N ILE R 75 10.56 49.10 15.89
CA ILE R 75 10.22 49.52 14.54
C ILE R 75 11.55 49.90 13.90
N SER R 76 12.01 49.06 12.96
CA SER R 76 13.36 49.18 12.43
C SER R 76 13.57 50.49 11.68
N SER R 77 12.56 50.99 11.00
CA SER R 77 12.65 52.27 10.30
C SER R 77 11.24 52.84 10.24
N LEU R 78 10.97 53.84 11.07
CA LEU R 78 9.62 54.37 11.16
C LEU R 78 9.18 55.01 9.85
N GLN R 79 7.98 54.64 9.38
CA GLN R 79 7.40 55.20 8.16
C GLN R 79 6.31 56.20 8.51
N SER R 80 5.83 56.91 7.48
CA SER R 80 4.83 57.96 7.68
C SER R 80 3.51 57.42 8.21
N GLU R 81 3.22 56.13 8.03
CA GLU R 81 1.96 55.55 8.50
C GLU R 81 2.08 54.94 9.90
N ASP R 82 3.28 54.79 10.43
CA ASP R 82 3.47 54.07 11.69
C ASP R 82 3.36 55.02 12.87
N PHE R 83 2.22 55.69 12.97
CA PHE R 83 1.97 56.64 14.04
C PHE R 83 0.62 56.29 14.67
N GLY R 84 0.50 56.56 15.96
CA GLY R 84 -0.70 56.19 16.68
C GLY R 84 -0.31 55.63 18.02
N THR R 85 -1.21 54.93 18.70
CA THR R 85 -0.91 54.42 20.03
C THR R 85 -0.59 52.94 19.97
N TYR R 86 0.55 52.56 20.54
CA TYR R 86 1.00 51.18 20.61
C TYR R 86 0.69 50.60 21.98
N TYR R 87 0.17 49.36 22.00
CA TYR R 87 -0.19 48.68 23.24
C TYR R 87 0.44 47.29 23.32
N CYS R 88 0.72 46.88 24.57
CA CYS R 88 1.11 45.51 24.88
C CYS R 88 -0.08 44.86 25.59
N GLN R 89 -0.30 43.57 25.32
CA GLN R 89 -1.39 42.83 25.96
C GLN R 89 -1.03 41.39 26.27
N HIS R 90 -1.21 40.96 27.51
CA HIS R 90 -0.93 39.59 27.93
C HIS R 90 -2.18 38.73 27.92
N TYR R 91 -2.03 37.48 27.48
CA TYR R 91 -3.11 36.50 27.52
C TYR R 91 -2.78 35.35 28.46
N TYR R 92 -1.89 35.59 29.44
CA TYR R 92 -1.47 34.59 30.41
C TYR R 92 -2.49 34.56 31.54
N GLY R 93 -3.56 33.81 31.33
CA GLY R 93 -4.62 33.76 32.31
C GLY R 93 -5.59 34.89 32.08
N THR R 94 -6.44 35.11 33.07
CA THR R 94 -7.45 36.14 33.05
C THR R 94 -7.37 36.97 34.33
N PRO R 95 -7.76 38.26 34.29
CA PRO R 95 -8.24 39.03 33.13
C PRO R 95 -7.16 39.36 32.13
N LEU R 96 -7.55 39.56 30.87
CA LEU R 96 -6.62 40.02 29.86
C LEU R 96 -6.49 41.53 30.06
N THR R 97 -5.26 42.04 30.06
CA THR R 97 -5.03 43.46 30.25
C THR R 97 -4.14 44.03 29.16
N PHE R 98 -4.29 45.33 28.99
CA PHE R 98 -3.55 46.15 28.04
C PHE R 98 -2.70 47.13 28.83
N GLY R 99 -1.59 47.57 28.24
CA GLY R 99 -0.77 48.58 28.87
C GLY R 99 -1.40 49.93 28.70
N GLY R 100 -0.79 50.95 29.32
CA GLY R 100 -1.37 52.29 29.22
C GLY R 100 -1.41 52.80 27.80
N GLY R 101 -0.42 52.44 26.98
CA GLY R 101 -0.35 52.86 25.61
C GLY R 101 0.67 53.97 25.37
N THR R 102 1.49 53.83 24.34
CA THR R 102 2.48 54.84 23.98
C THR R 102 2.05 55.48 22.66
N MET R 103 1.84 56.79 22.69
CA MET R 103 1.45 57.51 21.50
C MET R 103 2.73 57.90 20.77
N VAL R 104 2.78 57.57 19.49
CA VAL R 104 3.89 57.92 18.62
C VAL R 104 3.37 59.02 17.71
N ASP R 105 3.94 60.22 17.92
CA ASP R 105 3.60 61.46 17.26
C ASP R 105 4.70 61.79 16.25
N ILE R 106 4.53 62.90 15.53
CA ILE R 106 5.46 63.32 14.48
C ILE R 106 6.37 64.44 14.95
N LYS R 107 7.68 64.21 14.86
CA LYS R 107 8.69 65.19 15.27
C LYS R 107 8.76 66.31 14.24
N GLN S 1 -39.12 -8.02 17.24
CA GLN S 1 -38.23 -9.19 17.47
C GLN S 1 -38.55 -9.79 18.83
N VAL S 2 -38.46 -8.96 19.86
CA VAL S 2 -38.67 -9.40 21.25
C VAL S 2 -40.04 -9.00 21.77
N GLN S 3 -40.81 -8.18 21.03
CA GLN S 3 -42.16 -7.80 21.41
C GLN S 3 -43.06 -8.05 20.21
N LEU S 4 -44.04 -8.93 20.39
CA LEU S 4 -45.02 -9.26 19.35
C LEU S 4 -46.37 -8.87 19.92
N GLN S 5 -47.07 -7.95 19.25
CA GLN S 5 -48.36 -7.45 19.70
C GLN S 5 -49.48 -8.00 18.83
N GLU S 6 -50.29 -8.89 19.41
CA GLU S 6 -51.37 -9.53 18.69
C GLU S 6 -52.62 -8.67 18.78
N SER S 7 -53.36 -8.59 17.68
CA SER S 7 -54.60 -7.84 17.64
C SER S 7 -55.59 -8.59 16.77
N GLY S 8 -56.86 -8.26 16.94
CA GLY S 8 -57.94 -8.87 16.19
C GLY S 8 -59.10 -9.18 17.11
N PRO S 9 -60.24 -9.58 16.55
CA PRO S 9 -61.39 -9.86 17.39
C PRO S 9 -61.18 -11.09 18.25
N GLY S 10 -61.74 -11.04 19.45
CA GLY S 10 -61.71 -12.14 20.39
C GLY S 10 -62.95 -13.00 20.34
N ARG S 11 -63.88 -12.74 19.42
CA ARG S 11 -65.11 -13.49 19.31
C ARG S 11 -65.46 -13.61 17.83
N VAL S 12 -65.86 -14.81 17.44
CA VAL S 12 -66.35 -15.11 16.10
C VAL S 12 -67.62 -15.92 16.26
N LYS S 13 -68.44 -15.95 15.21
CA LYS S 13 -69.63 -16.78 15.22
C LYS S 13 -69.35 -18.09 14.48
N PRO S 14 -70.15 -19.13 14.70
CA PRO S 14 -69.93 -20.39 13.97
C PRO S 14 -69.94 -20.19 12.47
N SER S 15 -69.00 -20.87 11.81
CA SER S 15 -68.79 -20.86 10.35
C SER S 15 -68.22 -19.56 9.81
N GLU S 16 -67.84 -18.59 10.66
CA GLU S 16 -67.20 -17.38 10.17
C GLU S 16 -65.69 -17.59 10.12
N THR S 17 -64.97 -16.58 9.63
CA THR S 17 -63.53 -16.61 9.49
C THR S 17 -62.92 -15.75 10.58
N LEU S 18 -61.92 -16.30 11.27
CA LEU S 18 -61.16 -15.60 12.30
C LEU S 18 -60.01 -14.92 11.59
N SER S 19 -59.78 -13.65 11.85
CA SER S 19 -58.66 -12.92 11.25
C SER S 19 -57.89 -12.16 12.31
N LEU S 20 -56.66 -12.60 12.57
CA LEU S 20 -55.76 -12.01 13.57
C LEU S 20 -54.54 -11.42 12.87
N THR S 21 -54.01 -10.37 13.48
CA THR S 21 -52.84 -9.63 13.01
C THR S 21 -51.84 -9.64 14.15
N CYS S 22 -50.56 -9.75 13.81
CA CYS S 22 -49.49 -9.58 14.77
C CYS S 22 -48.50 -8.54 14.27
N ALA S 23 -48.24 -7.51 15.09
CA ALA S 23 -47.24 -6.50 14.77
C ALA S 23 -45.93 -6.87 15.45
N VAL S 24 -44.83 -6.82 14.69
CA VAL S 24 -43.50 -7.17 15.19
C VAL S 24 -42.72 -5.88 15.41
N SER S 25 -42.39 -5.57 16.66
CA SER S 25 -41.75 -4.29 16.96
C SER S 25 -40.23 -4.29 16.80
N ASP S 26 -39.72 -4.68 15.64
CA ASP S 26 -38.29 -4.60 15.34
C ASP S 26 -38.12 -4.92 13.87
N ASP S 27 -36.89 -4.81 13.39
CA ASP S 27 -36.61 -5.10 11.98
C ASP S 27 -36.23 -6.55 11.74
N SER S 28 -36.35 -7.40 12.76
CA SER S 28 -36.07 -8.81 12.54
C SER S 28 -37.13 -9.42 11.64
N PHE S 29 -38.27 -8.75 11.46
CA PHE S 29 -39.32 -9.24 10.59
C PHE S 29 -38.83 -9.27 9.16
N GLY S 30 -37.84 -8.46 8.82
CA GLY S 30 -37.29 -8.41 7.49
C GLY S 30 -35.95 -9.11 7.43
N SER S 31 -35.54 -9.80 8.50
CA SER S 31 -34.25 -10.46 8.58
C SER S 31 -34.40 -11.92 8.17
N SER S 32 -33.30 -12.48 7.67
CA SER S 32 -33.27 -13.85 7.22
C SER S 32 -33.30 -14.84 8.39
N TYR S 33 -33.60 -16.09 8.05
CA TYR S 33 -33.63 -17.26 8.93
C TYR S 33 -34.61 -17.16 10.10
N PHE S 34 -35.61 -16.29 10.06
CA PHE S 34 -36.62 -16.24 11.11
C PHE S 34 -37.94 -16.80 10.58
N TYR S 35 -38.69 -17.44 11.47
CA TYR S 35 -40.00 -18.00 11.20
C TYR S 35 -41.00 -17.45 12.18
N TRP S 36 -42.10 -16.92 11.65
CA TRP S 36 -43.19 -16.28 12.41
C TRP S 36 -44.35 -17.26 12.51
N SER S 37 -44.51 -17.87 13.68
CA SER S 37 -45.52 -18.90 13.91
C SER S 37 -46.77 -18.39 14.60
N TRP S 38 -47.88 -19.06 14.30
CA TRP S 38 -49.14 -18.94 15.02
C TRP S 38 -49.37 -20.28 15.70
N ILE S 39 -49.65 -20.22 17.00
CA ILE S 39 -49.86 -21.37 17.87
C ILE S 39 -51.12 -21.14 18.69
N ARG S 40 -51.90 -22.20 18.95
CA ARG S 40 -53.17 -22.07 19.67
C ARG S 40 -53.20 -23.08 20.81
N GLN S 41 -53.67 -22.63 21.97
CA GLN S 41 -53.85 -23.49 23.15
C GLN S 41 -55.30 -23.49 23.60
N ALA S 42 -55.97 -24.63 23.44
CA ALA S 42 -57.35 -24.72 23.86
C ALA S 42 -57.38 -24.70 25.39
N PRO S 43 -58.46 -24.20 26.02
CA PRO S 43 -58.51 -24.24 27.48
C PRO S 43 -58.37 -25.66 28.02
N GLY S 44 -57.46 -25.83 28.98
CA GLY S 44 -57.25 -27.12 29.60
C GLY S 44 -56.40 -28.08 28.80
N LYS S 45 -55.91 -27.67 27.64
CA LYS S 45 -55.13 -28.47 26.72
C LYS S 45 -53.72 -27.91 26.55
N GLY S 46 -52.90 -28.69 25.87
CA GLY S 46 -51.55 -28.30 25.55
C GLY S 46 -51.52 -27.38 24.35
N LEU S 47 -50.30 -27.07 23.91
CA LEU S 47 -50.10 -26.12 22.83
C LEU S 47 -50.23 -26.83 21.48
N GLU S 48 -50.90 -26.19 20.52
CA GLU S 48 -51.02 -26.72 19.17
C GLU S 48 -50.53 -25.64 18.19
N TRP S 49 -49.55 -26.00 17.38
CA TRP S 49 -48.97 -25.08 16.41
C TRP S 49 -49.81 -25.04 15.14
N ILE S 50 -50.16 -23.85 14.68
CA ILE S 50 -51.02 -23.72 13.49
C ILE S 50 -50.19 -23.62 12.22
N GLY S 51 -49.15 -22.80 12.24
CA GLY S 51 -48.38 -22.61 11.03
C GLY S 51 -47.41 -21.47 11.22
N TYR S 52 -46.59 -21.23 10.19
CA TYR S 52 -45.68 -20.10 10.28
C TYR S 52 -45.36 -19.57 8.89
N ILE S 53 -44.98 -18.31 8.81
CA ILE S 53 -44.48 -17.75 7.56
C ILE S 53 -43.00 -17.50 7.73
N ALA S 54 -42.22 -18.05 6.80
CA ALA S 54 -40.78 -17.98 6.83
C ALA S 54 -40.30 -16.63 6.31
N TYR S 55 -39.06 -16.30 6.67
CA TYR S 55 -38.40 -15.12 6.11
C TYR S 55 -38.39 -15.19 4.59
N SER S 56 -38.40 -16.39 4.02
CA SER S 56 -38.39 -16.61 2.59
C SER S 56 -39.76 -16.40 1.97
N GLY S 57 -40.83 -16.41 2.76
CA GLY S 57 -42.17 -16.28 2.24
C GLY S 57 -43.03 -17.52 2.15
N GLY S 58 -42.62 -18.67 2.72
CA GLY S 58 -43.40 -19.89 2.59
C GLY S 58 -44.19 -20.15 3.86
N VAL S 59 -45.31 -20.86 3.71
CA VAL S 59 -46.28 -20.98 4.79
C VAL S 59 -46.18 -22.24 5.64
N ARG S 60 -45.90 -23.44 5.08
CA ARG S 60 -45.76 -24.65 5.93
C ARG S 60 -46.90 -24.82 6.97
N TYR S 61 -48.14 -24.85 6.50
CA TYR S 61 -49.28 -25.11 7.38
C TYR S 61 -49.32 -26.52 7.98
N ASN S 62 -49.91 -26.58 9.16
CA ASN S 62 -50.08 -27.83 9.89
C ASN S 62 -51.01 -28.75 9.11
N PRO S 63 -50.71 -30.05 8.99
CA PRO S 63 -51.55 -30.89 8.13
C PRO S 63 -53.00 -31.02 8.59
N SER S 64 -53.24 -31.13 9.90
CA SER S 64 -54.60 -31.25 10.39
C SER S 64 -55.47 -30.05 10.00
N LEU S 65 -54.88 -28.85 9.96
CA LEU S 65 -55.63 -27.61 9.75
C LEU S 65 -55.46 -26.98 8.37
N SER S 66 -54.40 -27.33 7.63
CA SER S 66 -53.97 -26.55 6.47
C SER S 66 -55.08 -26.26 5.46
N SER S 67 -56.11 -27.09 5.39
CA SER S 67 -57.17 -26.81 4.45
C SER S 67 -57.96 -25.56 4.85
N ARG S 68 -57.86 -25.11 6.10
CA ARG S 68 -58.58 -23.95 6.61
C ARG S 68 -57.66 -22.81 7.06
N VAL S 69 -56.35 -22.88 6.81
CA VAL S 69 -55.38 -21.93 7.37
C VAL S 69 -54.76 -21.12 6.24
N THR S 70 -54.81 -19.80 6.38
CA THR S 70 -54.12 -18.89 5.50
C THR S 70 -53.20 -18.04 6.37
N ILE S 71 -51.91 -18.02 6.06
CA ILE S 71 -50.94 -17.19 6.76
C ILE S 71 -50.28 -16.31 5.73
N SER S 72 -50.21 -15.01 6.01
CA SER S 72 -49.64 -14.05 5.07
C SER S 72 -48.95 -12.96 5.86
N ARG S 73 -48.31 -12.02 5.16
CA ARG S 73 -47.66 -10.96 5.89
C ARG S 73 -47.52 -9.73 5.01
N ASN S 74 -47.21 -8.61 5.66
CA ASN S 74 -46.86 -7.37 5.00
C ASN S 74 -45.63 -6.87 5.77
N ILE S 75 -44.46 -7.01 5.15
CA ILE S 75 -43.24 -6.65 5.87
C ILE S 75 -43.15 -5.14 6.03
N HIS S 76 -43.73 -4.38 5.10
CA HIS S 76 -43.65 -2.93 5.22
C HIS S 76 -44.46 -2.45 6.42
N GLU S 77 -45.50 -3.20 6.78
CA GLU S 77 -46.30 -2.89 7.97
C GLU S 77 -45.70 -3.56 9.17
N ARG S 78 -44.69 -4.42 8.95
CA ARG S 78 -44.07 -5.22 9.98
C ARG S 78 -45.12 -6.05 10.70
N GLN S 79 -46.02 -6.64 9.90
CA GLN S 79 -47.11 -7.46 10.41
C GLN S 79 -47.23 -8.80 9.68
N PHE S 80 -47.70 -9.81 10.41
CA PHE S 80 -48.08 -11.09 9.80
C PHE S 80 -49.49 -11.42 10.26
N TYR S 81 -50.21 -12.18 9.44
CA TYR S 81 -51.63 -12.42 9.65
C TYR S 81 -51.96 -13.90 9.60
N LEU S 82 -52.99 -14.26 10.38
CA LEU S 82 -53.59 -15.59 10.40
C LEU S 82 -55.09 -15.50 10.10
N ARG S 83 -55.56 -16.30 9.14
CA ARG S 83 -56.98 -16.41 8.85
C ARG S 83 -57.39 -17.87 8.95
N LEU S 84 -58.36 -18.16 9.82
CA LEU S 84 -58.88 -19.52 9.99
C LEU S 84 -60.34 -19.53 9.55
N THR S 85 -60.66 -20.34 8.55
CA THR S 85 -62.01 -20.39 8.02
C THR S 85 -62.83 -21.43 8.78
N SER S 86 -64.15 -21.33 8.60
CA SER S 86 -65.13 -22.27 9.15
C SER S 86 -64.95 -22.57 10.64
N MET S 87 -64.86 -21.50 11.45
CA MET S 87 -64.67 -21.70 12.87
C MET S 87 -65.82 -22.48 13.50
N THR S 88 -65.47 -23.43 14.36
CA THR S 88 -66.45 -24.24 15.09
C THR S 88 -66.03 -24.22 16.57
N ALA S 89 -66.82 -24.86 17.44
CA ALA S 89 -66.57 -24.86 18.87
C ALA S 89 -65.18 -25.41 19.20
N ALA S 90 -64.70 -26.38 18.41
CA ALA S 90 -63.40 -27.00 18.65
C ALA S 90 -62.24 -26.03 18.44
N ASP S 91 -62.49 -24.88 17.83
CA ASP S 91 -61.47 -23.89 17.53
C ASP S 91 -61.36 -22.85 18.64
N THR S 92 -62.09 -23.02 19.75
CA THR S 92 -61.98 -22.11 20.87
C THR S 92 -60.60 -22.26 21.49
N ALA S 93 -59.87 -21.16 21.61
CA ALA S 93 -58.51 -21.29 22.12
C ALA S 93 -57.90 -19.91 22.35
N VAL S 94 -56.80 -19.88 23.08
CA VAL S 94 -55.97 -18.69 23.14
C VAL S 94 -54.96 -18.81 22.00
N TYR S 95 -54.94 -17.81 21.13
CA TYR S 95 -54.07 -17.78 19.96
C TYR S 95 -52.86 -16.92 20.30
N TYR S 96 -51.67 -17.43 19.98
CA TYR S 96 -50.40 -16.78 20.27
C TYR S 96 -49.60 -16.61 18.99
N CYS S 97 -48.79 -15.56 19.02
CA CYS S 97 -47.72 -15.29 18.07
C CYS S 97 -46.42 -15.76 18.67
N ALA S 98 -45.54 -16.33 17.82
CA ALA S 98 -44.24 -16.73 18.33
C ALA S 98 -43.22 -16.62 17.22
N ARG S 99 -41.97 -16.38 17.60
CA ARG S 99 -40.85 -16.27 16.68
C ARG S 99 -39.82 -17.35 16.98
N HIS S 100 -39.19 -17.91 15.95
CA HIS S 100 -38.00 -18.71 16.18
C HIS S 100 -37.06 -18.49 15.02
N CYS S 101 -35.80 -18.82 15.23
CA CYS S 101 -34.77 -18.71 14.21
C CYS S 101 -34.18 -20.08 13.96
N GLU S 102 -33.80 -20.37 12.72
CA GLU S 102 -33.08 -21.59 12.41
C GLU S 102 -31.81 -21.19 11.65
N ASP S 103 -30.87 -20.62 12.38
CA ASP S 103 -29.59 -20.19 11.81
C ASP S 103 -28.64 -21.35 12.06
N ASP S 104 -28.39 -22.16 11.04
CA ASP S 104 -27.59 -23.35 11.27
C ASP S 104 -26.10 -23.13 11.11
N TYR S 105 -25.68 -22.13 10.32
CA TYR S 105 -24.27 -21.96 9.98
C TYR S 105 -23.60 -20.71 10.54
N GLY S 106 -24.21 -19.97 11.46
CA GLY S 106 -23.51 -18.82 12.00
C GLY S 106 -23.63 -17.51 11.22
N TYR S 107 -24.85 -17.03 11.02
CA TYR S 107 -25.08 -15.83 10.21
C TYR S 107 -25.07 -14.51 10.97
N TYR S 108 -25.51 -14.47 12.23
CA TYR S 108 -25.72 -13.20 12.92
C TYR S 108 -24.57 -12.77 13.83
N SER S 109 -23.48 -13.53 13.91
CA SER S 109 -22.35 -13.23 14.80
C SER S 109 -22.72 -13.32 16.27
N ALA S 110 -23.90 -13.87 16.59
CA ALA S 110 -24.37 -14.08 17.95
C ALA S 110 -25.32 -15.25 17.85
N ALA S 111 -25.35 -16.10 18.85
CA ALA S 111 -26.27 -17.23 18.81
C ALA S 111 -27.72 -16.73 18.83
N GLN S 112 -28.54 -17.36 18.01
CA GLN S 112 -29.98 -17.12 17.97
C GLN S 112 -30.67 -18.32 18.59
N SER S 113 -31.85 -18.09 19.13
CA SER S 113 -32.60 -19.17 19.74
C SER S 113 -33.34 -19.98 18.70
N TYR S 114 -33.25 -21.30 18.81
CA TYR S 114 -33.97 -22.21 17.94
C TYR S 114 -35.39 -22.43 18.42
N GLY S 115 -35.71 -22.06 19.66
CA GLY S 115 -37.02 -22.22 20.22
C GLY S 115 -37.83 -20.94 20.07
N LEU S 116 -39.04 -21.00 20.60
CA LEU S 116 -39.96 -19.87 20.51
C LEU S 116 -39.65 -18.93 21.68
N ASP S 117 -38.63 -18.09 21.48
CA ASP S 117 -38.18 -17.22 22.56
C ASP S 117 -39.08 -16.01 22.76
N SER S 118 -39.65 -15.49 21.68
CA SER S 118 -40.49 -14.30 21.73
C SER S 118 -41.93 -14.69 21.43
N TRP S 119 -42.82 -14.42 22.39
CA TRP S 119 -44.24 -14.74 22.29
C TRP S 119 -45.05 -13.47 22.50
N GLY S 120 -46.25 -13.44 21.94
CA GLY S 120 -47.17 -12.35 22.21
C GLY S 120 -47.96 -12.61 23.48
N GLN S 121 -48.91 -11.73 23.75
CA GLN S 121 -49.68 -11.84 24.98
C GLN S 121 -50.75 -12.93 24.88
N GLY S 122 -51.33 -13.13 23.70
CA GLY S 122 -52.36 -14.12 23.50
C GLY S 122 -53.77 -13.54 23.42
N ILE S 123 -54.51 -13.89 22.38
CA ILE S 123 -55.89 -13.44 22.19
C ILE S 123 -56.82 -14.63 22.40
N ALA S 124 -57.71 -14.53 23.37
CA ALA S 124 -58.66 -15.61 23.61
C ALA S 124 -59.74 -15.46 22.54
N VAL S 125 -59.98 -16.53 21.79
CA VAL S 125 -61.00 -16.54 20.74
C VAL S 125 -62.08 -17.53 21.14
N THR S 126 -63.30 -17.01 21.25
CA THR S 126 -64.49 -17.76 21.59
C THR S 126 -65.40 -17.83 20.38
N VAL S 127 -65.85 -19.04 20.06
CA VAL S 127 -66.77 -19.28 18.95
C VAL S 127 -68.16 -19.43 19.55
N SER S 128 -69.06 -18.51 19.23
CA SER S 128 -70.38 -18.56 19.85
C SER S 128 -71.33 -17.66 19.08
N PRO S 129 -72.57 -18.10 18.79
CA PRO S 129 -73.50 -17.19 18.10
C PRO S 129 -73.96 -16.02 18.96
N SER S 130 -73.72 -16.07 20.28
CA SER S 130 -74.17 -15.03 21.18
C SER S 130 -73.23 -14.94 22.39
N ASP T 1 -46.96 -36.83 11.51
CA ASP T 1 -46.57 -36.00 12.67
C ASP T 1 -45.69 -36.81 13.62
N ILE T 2 -44.88 -36.13 14.41
CA ILE T 2 -44.06 -36.75 15.43
C ILE T 2 -44.79 -36.56 16.75
N GLN T 3 -45.18 -37.66 17.37
CA GLN T 3 -45.95 -37.62 18.61
C GLN T 3 -44.97 -37.50 19.76
N MET T 4 -45.17 -36.49 20.61
CA MET T 4 -44.33 -36.27 21.77
C MET T 4 -45.09 -36.63 23.03
N THR T 5 -44.46 -37.43 23.88
CA THR T 5 -45.01 -37.84 25.16
C THR T 5 -43.98 -37.43 26.20
N GLN T 6 -44.42 -36.78 27.25
CA GLN T 6 -43.52 -36.36 28.32
C GLN T 6 -44.11 -36.86 29.62
N SER T 7 -43.23 -37.10 30.59
CA SER T 7 -43.68 -37.69 31.84
C SER T 7 -42.71 -37.31 32.95
N PRO T 8 -43.16 -37.34 34.24
CA PRO T 8 -44.53 -37.64 34.70
C PRO T 8 -45.49 -36.53 34.31
N SER T 9 -46.79 -36.75 34.13
CA SER T 9 -47.68 -35.65 33.76
C SER T 9 -48.07 -34.78 34.95
N SER T 10 -47.83 -35.25 36.17
CA SER T 10 -48.15 -34.51 37.38
C SER T 10 -47.01 -34.79 38.36
N LEU T 11 -46.30 -33.75 38.78
CA LEU T 11 -45.14 -33.89 39.65
C LEU T 11 -45.30 -32.98 40.85
N SER T 12 -45.10 -33.54 42.04
CA SER T 12 -45.16 -32.78 43.28
C SER T 12 -43.73 -32.56 43.78
N ALA T 13 -43.40 -31.31 44.08
CA ALA T 13 -42.08 -30.94 44.56
C ALA T 13 -42.21 -29.70 45.43
N SER T 14 -41.20 -29.46 46.26
CA SER T 14 -41.12 -28.24 47.05
C SER T 14 -39.82 -27.52 46.72
N VAL T 15 -39.57 -26.41 47.43
CA VAL T 15 -38.39 -25.60 47.15
C VAL T 15 -37.12 -26.32 47.60
N GLY T 16 -36.14 -26.41 46.71
CA GLY T 16 -34.88 -27.08 46.98
C GLY T 16 -34.76 -28.48 46.43
N ASP T 17 -35.85 -29.05 45.95
CA ASP T 17 -35.87 -30.40 45.38
C ASP T 17 -35.30 -30.44 43.97
N ARG T 18 -34.80 -31.62 43.59
CA ARG T 18 -34.32 -31.87 42.24
C ARG T 18 -35.51 -32.40 41.44
N VAL T 19 -35.76 -31.75 40.31
CA VAL T 19 -36.90 -32.07 39.45
C VAL T 19 -36.38 -32.53 38.09
N THR T 20 -36.79 -33.72 37.65
CA THR T 20 -36.44 -34.18 36.32
C THR T 20 -37.73 -34.48 35.58
N ILE T 21 -37.80 -33.98 34.34
CA ILE T 21 -38.94 -34.18 33.45
C ILE T 21 -38.38 -34.73 32.14
N THR T 22 -38.95 -35.83 31.64
CA THR T 22 -38.45 -36.41 30.40
C THR T 22 -39.48 -36.31 29.27
N CYS T 23 -38.97 -36.39 28.04
CA CYS T 23 -39.80 -36.34 26.84
C CYS T 23 -39.25 -37.34 25.85
N ARG T 24 -40.14 -38.17 25.30
CA ARG T 24 -39.82 -39.20 24.31
C ARG T 24 -40.67 -38.87 23.07
N THR T 25 -40.10 -39.08 21.88
CA THR T 25 -40.77 -38.78 20.62
C THR T 25 -40.96 -40.05 19.79
N SER T 26 -41.98 -40.08 18.94
CA SER T 26 -42.16 -41.28 18.13
C SER T 26 -41.08 -41.47 17.06
N GLU T 27 -40.36 -40.41 16.69
CA GLU T 27 -39.29 -40.47 15.70
C GLU T 27 -38.09 -39.68 16.21
N ASN T 28 -36.93 -39.98 15.64
CA ASN T 28 -35.71 -39.27 16.00
C ASN T 28 -35.81 -37.81 15.60
N VAL T 29 -35.57 -36.93 16.57
CA VAL T 29 -35.64 -35.48 16.42
C VAL T 29 -34.27 -34.85 16.19
N ASN T 30 -33.20 -35.64 16.20
CA ASN T 30 -31.85 -35.16 15.91
C ASN T 30 -31.46 -33.95 16.75
N ASN T 31 -31.76 -34.03 18.05
CA ASN T 31 -31.42 -33.01 19.05
C ASN T 31 -32.11 -31.68 18.81
N CYS T 32 -33.15 -31.65 17.99
CA CYS T 32 -33.92 -30.43 17.74
C CYS T 32 -35.04 -30.29 18.77
N LEU T 33 -34.65 -30.16 20.04
CA LEU T 33 -35.60 -30.16 21.16
C LEU T 33 -35.50 -28.88 21.97
N ASN T 34 -36.64 -28.21 22.15
CA ASN T 34 -36.81 -27.04 23.00
C ASN T 34 -37.56 -27.41 24.28
N TRP T 35 -37.30 -26.68 25.37
CA TRP T 35 -38.10 -26.76 26.59
C TRP T 35 -38.62 -25.39 26.98
N TYR T 36 -39.89 -25.36 27.44
CA TYR T 36 -40.60 -24.15 27.86
C TYR T 36 -41.24 -24.30 29.23
N GLN T 37 -41.35 -23.18 29.95
CA GLN T 37 -42.09 -23.07 31.21
C GLN T 37 -43.28 -22.14 31.03
N GLN T 38 -44.49 -22.65 31.18
CA GLN T 38 -45.72 -21.88 31.04
C GLN T 38 -46.42 -21.71 32.39
N LYS T 39 -46.47 -20.47 32.86
CA LYS T 39 -47.15 -20.08 34.08
C LYS T 39 -48.62 -19.83 33.72
N PRO T 40 -49.59 -19.99 34.66
CA PRO T 40 -51.00 -19.72 34.36
C PRO T 40 -51.20 -18.28 33.84
N GLY T 41 -51.93 -18.13 32.73
CA GLY T 41 -52.22 -16.80 32.22
C GLY T 41 -51.16 -16.18 31.33
N LYS T 42 -50.04 -16.87 31.10
CA LYS T 42 -48.94 -16.35 30.30
C LYS T 42 -48.59 -17.28 29.14
N ALA T 43 -48.00 -16.67 28.10
CA ALA T 43 -47.44 -17.44 27.00
C ALA T 43 -46.22 -18.21 27.52
N PRO T 44 -45.95 -19.40 26.97
CA PRO T 44 -44.77 -20.17 27.44
C PRO T 44 -43.48 -19.38 27.30
N LYS T 45 -42.62 -19.49 28.32
CA LYS T 45 -41.31 -18.86 28.30
C LYS T 45 -40.31 -19.90 27.85
N LEU T 46 -39.48 -19.56 26.87
CA LEU T 46 -38.48 -20.49 26.40
C LEU T 46 -37.38 -20.64 27.43
N LEU T 47 -37.05 -21.88 27.76
CA LEU T 47 -35.99 -22.19 28.71
C LEU T 47 -34.74 -22.66 27.99
N ILE T 48 -34.88 -23.70 27.17
CA ILE T 48 -33.76 -24.35 26.51
C ILE T 48 -34.13 -24.44 25.03
N TYR T 49 -33.19 -24.13 24.12
CA TYR T 49 -33.50 -24.21 22.69
C TYR T 49 -32.76 -25.32 21.93
N ARG T 50 -31.70 -25.85 22.53
CA ARG T 50 -31.03 -27.03 21.94
C ARG T 50 -31.26 -28.13 22.97
N THR T 51 -30.66 -29.31 22.81
CA THR T 51 -30.88 -30.28 23.89
C THR T 51 -30.25 -29.78 25.19
N SER T 52 -29.11 -29.08 25.08
CA SER T 52 -28.38 -28.56 26.24
C SER T 52 -28.18 -27.06 26.29
N THR T 53 -28.40 -26.32 25.20
CA THR T 53 -28.10 -24.89 25.17
C THR T 53 -29.20 -24.09 25.84
N LEU T 54 -28.83 -23.32 26.85
CA LEU T 54 -29.76 -22.56 27.68
C LEU T 54 -30.07 -21.20 27.05
N GLN T 55 -31.33 -20.81 27.14
CA GLN T 55 -31.78 -19.50 26.65
C GLN T 55 -31.21 -18.37 27.50
N ARG T 56 -30.68 -17.34 26.82
CA ARG T 56 -30.14 -16.17 27.50
C ARG T 56 -31.19 -15.56 28.43
N GLY T 57 -30.78 -15.30 29.66
CA GLY T 57 -31.65 -14.74 30.68
C GLY T 57 -32.21 -15.78 31.62
N VAL T 58 -32.10 -17.06 31.29
CA VAL T 58 -32.58 -18.15 32.12
C VAL T 58 -31.47 -18.55 33.07
N PRO T 59 -31.72 -18.69 34.38
CA PRO T 59 -30.65 -19.03 35.30
C PRO T 59 -30.13 -20.44 35.08
N SER T 60 -28.87 -20.66 35.50
CA SER T 60 -28.18 -21.93 35.34
C SER T 60 -28.87 -23.09 36.07
N ARG T 61 -29.86 -22.81 36.92
CA ARG T 61 -30.59 -23.88 37.59
C ARG T 61 -31.24 -24.82 36.59
N PHE T 62 -31.67 -24.31 35.43
CA PHE T 62 -32.32 -25.14 34.43
C PHE T 62 -31.25 -25.66 33.48
N SER T 63 -31.35 -26.94 33.16
CA SER T 63 -30.42 -27.56 32.22
C SER T 63 -31.11 -28.76 31.59
N GLY T 64 -30.49 -29.32 30.57
CA GLY T 64 -31.06 -30.51 29.97
C GLY T 64 -30.06 -31.17 29.08
N THR T 65 -30.43 -32.38 28.65
CA THR T 65 -29.57 -33.21 27.81
C THR T 65 -30.49 -34.16 27.05
N GLY T 66 -29.89 -35.14 26.39
CA GLY T 66 -30.62 -36.12 25.62
C GLY T 66 -30.14 -36.21 24.19
N SER T 67 -30.62 -37.24 23.52
CA SER T 67 -30.26 -37.47 22.13
C SER T 67 -31.29 -38.42 21.54
N GLY T 68 -31.27 -38.52 20.23
CA GLY T 68 -32.11 -39.53 19.61
C GLY T 68 -33.57 -39.27 19.87
N THR T 69 -34.16 -40.24 20.57
CA THR T 69 -35.56 -40.25 20.91
C THR T 69 -35.84 -39.95 22.38
N ASP T 70 -34.82 -39.66 23.20
CA ASP T 70 -35.01 -39.48 24.64
C ASP T 70 -34.31 -38.24 25.17
N TYR T 71 -35.08 -37.28 25.72
CA TYR T 71 -34.54 -36.01 26.17
C TYR T 71 -34.98 -35.74 27.60
N THR T 72 -34.14 -35.00 28.35
CA THR T 72 -34.42 -34.67 29.75
C THR T 72 -34.19 -33.20 30.10
N LEU T 73 -35.14 -32.63 30.86
CA LEU T 73 -35.04 -31.33 31.50
C LEU T 73 -34.81 -31.55 32.99
N THR T 74 -33.80 -30.87 33.55
CA THR T 74 -33.47 -30.98 34.97
C THR T 74 -33.47 -29.59 35.61
N ILE T 75 -34.10 -29.50 36.78
CA ILE T 75 -34.09 -28.33 37.64
C ILE T 75 -33.29 -28.75 38.87
N SER T 76 -32.09 -28.18 39.02
CA SER T 76 -31.19 -28.62 40.07
C SER T 76 -31.70 -28.29 41.47
N SER T 77 -32.44 -27.19 41.62
CA SER T 77 -32.97 -26.81 42.93
C SER T 77 -34.21 -25.94 42.70
N LEU T 78 -35.39 -26.56 42.80
CA LEU T 78 -36.62 -25.87 42.47
C LEU T 78 -36.87 -24.68 43.39
N GLN T 79 -37.15 -23.52 42.80
CA GLN T 79 -37.48 -22.31 43.56
C GLN T 79 -38.98 -22.03 43.48
N SER T 80 -39.40 -21.01 44.24
CA SER T 80 -40.82 -20.65 44.30
C SER T 80 -41.38 -20.15 42.97
N GLU T 81 -40.53 -19.62 42.09
CA GLU T 81 -40.96 -19.10 40.80
C GLU T 81 -40.95 -20.15 39.69
N ASP T 82 -40.50 -21.37 39.97
CA ASP T 82 -40.31 -22.40 38.97
C ASP T 82 -41.49 -23.39 38.88
N PHE T 83 -42.63 -23.08 39.46
CA PHE T 83 -43.79 -23.95 39.40
C PHE T 83 -44.62 -23.59 38.17
N GLY T 84 -45.30 -24.59 37.59
CA GLY T 84 -46.08 -24.35 36.39
C GLY T 84 -45.99 -25.55 35.46
N THR T 85 -46.44 -25.38 34.21
CA THR T 85 -46.46 -26.49 33.26
C THR T 85 -45.26 -26.39 32.33
N TYR T 86 -44.49 -27.48 32.24
CA TYR T 86 -43.32 -27.55 31.37
C TYR T 86 -43.65 -28.34 30.11
N TYR T 87 -43.17 -27.85 28.95
CA TYR T 87 -43.41 -28.49 27.67
C TYR T 87 -42.13 -28.76 26.91
N CYS T 88 -42.12 -29.86 26.16
CA CYS T 88 -41.10 -30.22 25.17
C CYS T 88 -41.63 -29.92 23.76
N GLN T 89 -40.74 -29.46 22.88
CA GLN T 89 -41.10 -29.18 21.48
C GLN T 89 -40.00 -29.62 20.53
N HIS T 90 -40.40 -30.27 19.43
CA HIS T 90 -39.47 -30.70 18.40
C HIS T 90 -39.57 -29.72 17.23
N TYR T 91 -38.43 -29.26 16.73
CA TYR T 91 -38.40 -28.45 15.51
C TYR T 91 -37.78 -29.19 14.33
N TYR T 92 -37.74 -30.52 14.39
CA TYR T 92 -37.21 -31.36 13.31
C TYR T 92 -38.28 -31.56 12.26
N GLY T 93 -38.42 -30.56 11.39
CA GLY T 93 -39.45 -30.61 10.36
C GLY T 93 -40.75 -30.07 10.91
N THR T 94 -41.81 -30.29 10.15
CA THR T 94 -43.13 -29.80 10.49
C THR T 94 -44.13 -30.95 10.43
N PRO T 95 -45.24 -30.89 11.20
CA PRO T 95 -45.64 -29.84 12.15
C PRO T 95 -44.80 -29.75 13.40
N LEU T 96 -44.76 -28.60 14.06
CA LEU T 96 -44.01 -28.43 15.30
C LEU T 96 -44.95 -28.81 16.42
N THR T 97 -44.80 -30.03 16.94
CA THR T 97 -45.71 -30.51 17.97
C THR T 97 -45.14 -30.21 19.35
N PHE T 98 -46.02 -30.30 20.34
CA PHE T 98 -45.68 -30.14 21.74
C PHE T 98 -46.09 -31.39 22.50
N GLY T 99 -45.44 -31.64 23.62
CA GLY T 99 -45.85 -32.74 24.47
C GLY T 99 -47.08 -32.38 25.26
N GLY T 100 -47.61 -33.37 25.99
CA GLY T 100 -48.82 -33.12 26.75
C GLY T 100 -48.65 -32.06 27.82
N GLY T 101 -47.48 -31.99 28.41
CA GLY T 101 -47.16 -31.01 29.44
C GLY T 101 -47.09 -31.66 30.81
N THR T 102 -46.12 -31.22 31.62
CA THR T 102 -45.92 -31.70 32.97
C THR T 102 -46.18 -30.58 33.95
N MET T 103 -47.14 -30.77 34.86
CA MET T 103 -47.46 -29.75 35.83
C MET T 103 -46.57 -29.97 37.04
N VAL T 104 -45.86 -28.92 37.46
CA VAL T 104 -45.05 -28.94 38.67
C VAL T 104 -45.78 -28.09 39.68
N ASP T 105 -46.32 -28.75 40.71
CA ASP T 105 -47.10 -28.17 41.77
C ASP T 105 -46.25 -28.14 43.05
N ILE T 106 -46.84 -27.62 44.12
CA ILE T 106 -46.15 -27.49 45.40
C ILE T 106 -46.53 -28.68 46.28
N LYS T 107 -45.52 -29.43 46.71
CA LYS T 107 -45.69 -30.62 47.51
C LYS T 107 -46.12 -30.28 48.94
C1 NAG U . -4.60 34.89 -13.15
C2 NAG U . -5.94 34.65 -12.40
C3 NAG U . -6.38 35.90 -11.64
C4 NAG U . -5.26 36.48 -10.78
C5 NAG U . -4.04 36.67 -11.67
C6 NAG U . -2.83 37.21 -10.93
C7 NAG U . -7.30 32.94 -13.52
C8 NAG U . -8.43 32.69 -14.47
N2 NAG U . -6.98 34.22 -13.31
O3 NAG U . -7.49 35.57 -10.81
O4 NAG U . -5.66 37.74 -10.27
O5 NAG U . -3.64 35.43 -12.25
O6 NAG U . -2.67 36.58 -9.67
O7 NAG U . -6.69 32.03 -12.99
C1 NAG U . -5.84 37.75 -8.83
C2 NAG U . -5.95 39.21 -8.42
C3 NAG U . -6.21 39.33 -6.91
C4 NAG U . -7.40 38.47 -6.49
C5 NAG U . -7.19 37.05 -6.99
C6 NAG U . -8.36 36.15 -6.70
C7 NAG U . -4.62 40.60 -9.96
C8 NAG U . -3.33 41.32 -10.17
N2 NAG U . -4.76 39.95 -8.79
O3 NAG U . -6.46 40.69 -6.59
O4 NAG U . -7.51 38.48 -5.08
O5 NAG U . -7.00 37.05 -8.41
O6 NAG U . -9.56 36.66 -7.26
O7 NAG U . -5.51 40.60 -10.80
C1 BMA U . -8.82 38.97 -4.69
C2 BMA U . -9.19 38.31 -3.35
C3 BMA U . -10.50 38.87 -2.83
C4 BMA U . -10.51 40.41 -2.84
C5 BMA U . -10.09 40.94 -4.22
C6 BMA U . -9.94 42.46 -4.25
O2 BMA U . -8.20 38.61 -2.37
O3 BMA U . -10.75 38.42 -1.50
O4 BMA U . -11.81 40.88 -2.53
O5 BMA U . -8.81 40.38 -4.58
O6 BMA U . -10.92 43.00 -3.38
C1 MAN U . -11.88 37.51 -1.52
C2 MAN U . -13.04 38.15 -0.75
C3 MAN U . -12.68 38.31 0.72
C4 MAN U . -12.20 36.96 1.31
C5 MAN U . -11.08 36.37 0.43
C6 MAN U . -10.64 34.99 0.88
O2 MAN U . -14.21 37.32 -0.78
O3 MAN U . -13.78 38.79 1.48
O4 MAN U . -11.72 37.16 2.63
O5 MAN U . -11.53 36.27 -0.93
O6 MAN U . -10.10 35.10 2.18
C1 NAG V . 27.33 10.54 -22.29
C2 NAG V . 28.08 9.81 -21.16
C3 NAG V . 29.59 9.99 -21.26
C4 NAG V . 30.11 9.76 -22.67
C5 NAG V . 29.33 10.65 -23.63
C6 NAG V . 29.73 10.49 -25.07
C7 NAG V . 26.66 9.64 -19.13
C8 NAG V . 26.36 10.24 -17.80
N2 NAG V . 27.63 10.26 -19.85
O3 NAG V . 30.24 9.09 -20.36
O4 NAG V . 31.49 10.12 -22.64
O5 NAG V . 27.95 10.28 -23.55
O6 NAG V . 29.82 9.13 -25.45
O7 NAG V . 26.09 8.65 -19.55
C1 NAG V . 32.39 9.55 -23.63
C2 NAG V . 33.65 10.42 -23.58
C3 NAG V . 34.92 9.58 -23.57
C4 NAG V . 34.91 8.62 -22.39
C5 NAG V . 33.64 7.78 -22.37
C6 NAG V . 32.84 7.92 -21.10
C7 NAG V . 32.86 12.44 -24.72
C8 NAG V . 33.00 13.33 -25.91
N2 NAG V . 33.67 11.38 -24.67
O3 NAG V . 36.06 10.42 -23.50
O4 NAG V . 36.04 7.76 -22.45
O5 NAG V . 32.76 8.12 -23.47
O6 NAG V . 31.55 7.35 -21.23
O7 NAG V . 32.04 12.66 -23.83
C1 NAG W . -32.09 -16.49 -19.62
C2 NAG W . -32.79 -15.21 -19.11
C3 NAG W . -33.54 -14.51 -20.25
C4 NAG W . -32.68 -14.33 -21.50
C5 NAG W . -32.10 -15.68 -21.88
C6 NAG W . -31.17 -15.61 -23.07
C7 NAG W . -34.06 -14.60 -17.11
C8 NAG W . -34.99 -15.07 -16.04
N2 NAG W . -33.68 -15.50 -18.01
O3 NAG W . -33.99 -13.23 -19.80
O4 NAG W . -33.49 -13.84 -22.56
O5 NAG W . -31.33 -16.20 -20.80
O6 NAG W . -30.20 -14.58 -22.92
O7 NAG W . -33.67 -13.43 -17.16
C1 NAG W . -32.99 -12.64 -23.21
C2 NAG W . -33.55 -12.61 -24.63
C3 NAG W . -33.07 -11.36 -25.36
C4 NAG W . -33.35 -10.11 -24.55
C5 NAG W . -32.82 -10.28 -23.13
C6 NAG W . -33.16 -9.13 -22.21
C7 NAG W . -34.09 -14.63 -25.93
C8 NAG W . -33.54 -15.82 -26.64
N2 NAG W . -33.19 -13.81 -25.37
O3 NAG W . -33.73 -11.27 -26.62
O4 NAG W . -32.72 -8.99 -25.17
O5 NAG W . -33.36 -11.47 -22.54
O6 NAG W . -34.38 -8.50 -22.57
O7 NAG W . -35.30 -14.43 -25.85
C1 BMA W . -33.65 -7.90 -25.39
C2 BMA W . -32.84 -6.57 -25.41
C3 BMA W . -33.73 -5.38 -25.79
C4 BMA W . -34.58 -5.68 -27.03
C5 BMA W . -35.33 -7.01 -26.85
C6 BMA W . -36.14 -7.39 -28.07
O2 BMA W . -31.81 -6.62 -26.39
O3 BMA W . -32.96 -4.20 -26.03
O4 BMA W . -35.51 -4.64 -27.24
O5 BMA W . -34.38 -8.06 -26.60
O6 BMA W . -37.20 -6.44 -28.22
C1 MAN W . -33.40 -3.16 -25.13
C2 MAN W . -33.02 -1.78 -25.73
C3 MAN W . -31.51 -1.63 -25.78
C4 MAN W . -30.88 -1.92 -24.41
C5 MAN W . -31.36 -3.28 -23.87
C6 MAN W . -30.90 -3.56 -22.46
O2 MAN W . -33.50 -0.71 -24.91
O3 MAN W . -31.12 -0.33 -26.22
O4 MAN W . -29.47 -1.92 -24.50
O5 MAN W . -32.81 -3.30 -23.86
O6 MAN W . -29.48 -3.68 -22.49
C1 NAG X . -22.21 4.76 33.53
C2 NAG X . -23.21 4.98 32.37
C3 NAG X . -24.62 4.51 32.76
C4 NAG X . -24.60 3.10 33.31
C5 NAG X . -23.58 3.02 34.44
C6 NAG X . -23.44 1.63 35.02
C7 NAG X . -22.64 6.78 30.80
C8 NAG X . -22.83 8.21 30.45
N2 NAG X . -23.25 6.36 31.91
O3 NAG X . -25.47 4.59 31.62
O4 NAG X . -25.90 2.78 33.81
O5 NAG X . -22.28 3.41 33.96
O6 NAG X . -24.25 0.69 34.33
O7 NAG X . -21.95 6.02 30.13
C1 NAG X . -26.64 1.88 32.94
C2 NAG X . -27.81 1.37 33.78
C3 NAG X . -28.65 0.39 32.95
C4 NAG X . -29.07 1.02 31.63
C5 NAG X . -27.83 1.60 30.92
C6 NAG X . -28.17 2.35 29.65
C7 NAG X . -27.47 1.26 36.21
C8 NAG X . -26.92 0.45 37.34
N2 NAG X . -27.34 0.72 34.99
O3 NAG X . -29.80 0.03 33.69
O4 NAG X . -29.66 0.03 30.79
O5 NAG X . -27.14 2.51 31.78
O6 NAG X . -29.35 3.13 29.79
O7 NAG X . -28.02 2.35 36.39
C1 BMA X . -31.03 0.36 30.50
C2 BMA X . -31.43 -0.38 29.21
C3 BMA X . -32.93 -0.22 28.92
C4 BMA X . -33.77 -0.54 30.16
C5 BMA X . -33.27 0.28 31.36
C6 BMA X . -34.02 -0.02 32.65
O2 BMA X . -31.19 -1.77 29.32
O3 BMA X . -33.34 -1.06 27.85
O4 BMA X . -35.13 -0.22 29.91
O5 BMA X . -31.88 -0.02 31.58
O6 BMA X . -34.32 -1.41 32.72
C1 MAN X . -33.88 -0.25 26.78
C2 MAN X . -34.81 -1.14 25.90
C3 MAN X . -33.98 -2.20 25.21
C4 MAN X . -32.80 -1.57 24.44
C5 MAN X . -31.99 -0.67 25.39
C6 MAN X . -30.88 0.08 24.67
O2 MAN X . -35.42 -0.37 24.87
O3 MAN X . -34.78 -2.96 24.29
O4 MAN X . -31.97 -2.59 23.92
O5 MAN X . -32.85 0.30 25.98
O6 MAN X . -29.93 -0.86 24.20
C1 NAG Y . -37.27 45.55 -8.15
C2 NAG Y . -36.75 46.92 -7.66
C3 NAG Y . -37.09 47.17 -6.18
C4 NAG Y . -38.54 46.86 -5.89
C5 NAG Y . -38.87 45.45 -6.31
C6 NAG Y . -40.31 45.06 -6.06
C7 NAG Y . -34.84 47.59 -9.04
C8 NAG Y . -33.35 47.68 -9.15
N2 NAG Y . -35.33 47.08 -7.91
O3 NAG Y . -36.80 48.53 -5.85
O4 NAG Y . -38.80 46.99 -4.50
O5 NAG Y . -38.66 45.34 -7.73
O6 NAG Y . -40.50 43.66 -6.25
O7 NAG Y . -35.58 47.95 -9.96
C1 NAG Z . 6.71 18.09 -34.69
C2 NAG Z . 5.98 18.35 -36.03
C3 NAG Z . 6.03 17.10 -36.91
C4 NAG Z . 7.46 16.60 -37.05
C5 NAG Z . 8.07 16.39 -35.68
C6 NAG Z . 9.52 15.97 -35.73
C7 NAG Z . 4.21 20.03 -35.73
C8 NAG Z . 2.75 20.27 -35.52
N2 NAG Z . 4.60 18.76 -35.81
O3 NAG Z . 5.49 17.41 -38.20
O4 NAG Z . 7.49 15.39 -37.78
O5 NAG Z . 8.04 17.63 -34.95
O6 NAG Z . 9.66 14.60 -36.09
O7 NAG Z . 5.01 20.96 -35.84
C1 NAG AA . -3.77 47.13 -17.07
C2 NAG AA . -3.39 48.18 -18.15
C3 NAG AA . -1.95 48.67 -17.96
C4 NAG AA . -1.71 49.09 -16.52
C5 NAG AA . -2.05 47.95 -15.58
C6 NAG AA . -1.87 48.31 -14.12
C7 NAG AA . -3.08 46.50 -19.93
C8 NAG AA . -3.43 46.14 -21.34
N2 NAG AA . -3.59 47.66 -19.49
O3 NAG AA . -1.71 49.77 -18.84
O4 NAG AA . -0.33 49.44 -16.35
O5 NAG AA . -3.44 47.62 -15.75
O6 NAG AA . -2.95 49.10 -13.65
O7 NAG AA . -2.37 45.79 -19.24
C1 NAG BA . -20.35 50.31 -3.28
C2 NAG BA . -18.97 50.83 -2.87
C3 NAG BA . -18.89 51.09 -1.37
C4 NAG BA . -20.06 51.95 -0.91
C5 NAG BA . -21.36 51.28 -1.31
C6 NAG BA . -22.59 52.09 -0.92
C7 NAG BA . -17.36 49.90 -4.49
C8 NAG BA . -16.31 48.87 -4.72
N2 NAG BA . -17.92 49.90 -3.27
O3 NAG BA . -17.67 51.76 -1.07
O4 NAG BA . -20.03 52.10 0.51
O5 NAG BA . -21.39 51.16 -2.73
O6 NAG BA . -22.76 52.13 0.49
O7 NAG BA . -17.71 50.69 -5.37
C1 NAG CA . -10.15 50.20 -20.84
C2 NAG CA . -10.35 50.58 -19.37
C3 NAG CA . -11.35 51.72 -19.27
C4 NAG CA . -10.93 52.89 -20.14
C5 NAG CA . -10.70 52.42 -21.58
C6 NAG CA . -10.17 53.49 -22.48
C7 NAG CA . -9.95 48.56 -18.03
C8 NAG CA . -10.58 47.44 -17.26
N2 NAG CA . -10.79 49.44 -18.60
O3 NAG CA . -11.45 52.15 -17.91
O4 NAG CA . -11.92 53.91 -20.13
O5 NAG CA . -9.73 51.36 -21.58
O6 NAG CA . -11.14 54.50 -22.73
O7 NAG CA . -8.74 48.67 -18.14
C1 NAG DA . -17.99 37.54 -35.78
C2 NAG DA . -19.18 37.76 -34.84
C3 NAG DA . -20.43 38.13 -35.64
C4 NAG DA . -20.14 39.29 -36.57
C5 NAG DA . -18.94 38.98 -37.44
C6 NAG DA . -18.53 40.13 -38.34
C7 NAG DA . -18.92 36.45 -32.78
C8 NAG DA . -19.26 35.18 -32.07
N2 NAG DA . -19.42 36.59 -34.01
O3 NAG DA . -21.48 38.47 -34.73
O4 NAG DA . -21.28 39.55 -37.39
O5 NAG DA . -17.81 38.69 -36.60
O6 NAG DA . -17.46 39.76 -39.19
O7 NAG DA . -18.21 37.30 -32.26
C1 NAG EA . 2.37 38.49 -15.96
C2 NAG EA . 2.33 38.44 -14.43
C3 NAG EA . 3.13 39.61 -13.84
C4 NAG EA . 4.53 39.64 -14.44
C5 NAG EA . 4.44 39.70 -15.95
C6 NAG EA . 5.79 39.68 -16.62
C7 NAG EA . 0.05 39.36 -14.23
C8 NAG EA . -1.30 39.16 -13.61
N2 NAG EA . 0.97 38.44 -13.92
O3 NAG EA . 3.22 39.45 -12.42
O4 NAG EA . 5.22 40.79 -13.96
O5 NAG EA . 3.73 38.55 -16.42
O6 NAG EA . 6.46 40.93 -16.51
O7 NAG EA . 0.30 40.31 -14.97
C1 NAG FA . -12.33 44.67 -37.98
C2 NAG FA . -13.36 45.44 -37.13
C3 NAG FA . -14.06 46.49 -37.97
C4 NAG FA . -13.04 47.37 -38.67
C5 NAG FA . -12.07 46.51 -39.48
C6 NAG FA . -10.99 47.32 -40.15
C7 NAG FA . -14.25 44.13 -35.25
C8 NAG FA . -15.33 43.18 -34.81
N2 NAG FA . -14.31 44.53 -36.53
O3 NAG FA . -14.89 47.28 -37.13
O4 NAG FA . -13.71 48.28 -39.55
O5 NAG FA . -11.42 45.59 -38.59
O6 NAG FA . -10.04 46.48 -40.79
O7 NAG FA . -13.37 44.50 -34.49
C1 NAG GA . 19.25 -21.28 -28.52
C2 NAG GA . 19.33 -22.80 -28.24
C3 NAG GA . 18.75 -23.61 -29.40
C4 NAG GA . 17.38 -23.09 -29.80
C5 NAG GA . 17.45 -21.61 -30.09
C6 NAG GA . 16.11 -21.00 -30.44
C7 NAG GA . 21.24 -23.15 -26.74
C8 NAG GA . 22.67 -23.61 -26.65
N2 NAG GA . 20.69 -23.20 -27.97
O3 NAG GA . 18.66 -24.98 -29.03
O4 NAG GA . 16.91 -23.78 -30.95
O5 NAG GA . 17.91 -20.92 -28.93
O6 NAG GA . 16.11 -19.59 -30.32
O7 NAG GA . 20.61 -22.76 -25.77
C1 NAG HA . 32.82 -6.94 -31.00
C2 NAG HA . 34.34 -6.90 -31.27
C3 NAG HA . 34.73 -5.65 -32.07
C4 NAG HA . 33.85 -5.50 -33.29
C5 NAG HA . 32.38 -5.49 -32.89
C6 NAG HA . 31.44 -5.40 -34.07
C7 NAG HA . 35.43 -8.13 -29.45
C8 NAG HA . 36.21 -8.02 -28.17
N2 NAG HA . 35.11 -6.98 -30.04
O3 NAG HA . 36.10 -5.75 -32.46
O4 NAG HA . 34.15 -4.27 -33.96
O5 NAG HA . 32.09 -6.74 -32.23
O6 NAG HA . 30.50 -4.34 -33.89
O7 NAG HA . 35.09 -9.21 -29.91
C1 NAG IA . 10.53 -9.07 -31.19
C2 NAG IA . 11.40 -8.39 -32.27
C3 NAG IA . 10.53 -7.58 -33.24
C4 NAG IA . 9.40 -8.42 -33.77
C5 NAG IA . 8.60 -9.01 -32.63
C6 NAG IA . 7.48 -9.92 -33.08
C7 NAG IA . 13.65 -8.00 -31.36
C8 NAG IA . 14.57 -7.01 -30.73
N2 NAG IA . 12.43 -7.55 -31.67
O3 NAG IA . 11.35 -7.11 -34.30
O4 NAG IA . 8.53 -7.62 -34.58
O5 NAG IA . 9.47 -9.81 -31.82
O6 NAG IA . 6.77 -10.47 -31.98
O7 NAG IA . 13.99 -9.16 -31.56
C1 NAG JA . -57.36 7.56 -18.89
C2 NAG JA . -57.40 7.37 -20.43
C3 NAG JA . -57.22 8.71 -21.15
C4 NAG JA . -58.20 9.75 -20.60
C5 NAG JA . -58.04 9.86 -19.09
C6 NAG JA . -59.03 10.82 -18.47
C7 NAG JA . -56.65 5.12 -21.06
C8 NAG JA . -55.49 4.30 -21.54
N2 NAG JA . -56.40 6.42 -20.88
O3 NAG JA . -57.42 8.55 -22.54
O4 NAG JA . -57.93 11.02 -21.19
O5 NAG JA . -58.30 8.57 -18.50
O6 NAG JA . -59.36 10.45 -17.15
O7 NAG JA . -57.75 4.62 -20.84
C1 NAG KA . -25.43 -37.16 0.25
C2 NAG KA . -26.68 -37.68 0.98
C3 NAG KA . -26.32 -38.19 2.37
C4 NAG KA . -25.18 -39.18 2.30
C5 NAG KA . -23.99 -38.55 1.56
C6 NAG KA . -22.84 -39.51 1.38
C7 NAG KA . -28.73 -36.56 0.18
C8 NAG KA . -29.68 -35.44 0.41
N2 NAG KA . -27.71 -36.66 1.05
O3 NAG KA . -27.47 -38.81 2.95
O4 NAG KA . -24.76 -39.55 3.61
O5 NAG KA . -24.41 -38.17 0.25
O6 NAG KA . -22.14 -39.71 2.61
O7 NAG KA . -28.84 -37.33 -0.76
C1 NAG LA . -40.18 -20.97 -28.00
C2 NAG LA . -40.69 -22.39 -28.30
C3 NAG LA . -39.85 -23.05 -29.39
C4 NAG LA . -39.73 -22.14 -30.61
C5 NAG LA . -39.21 -20.78 -30.19
C6 NAG LA . -39.12 -19.81 -31.34
C7 NAG LA . -41.78 -23.43 -26.35
C8 NAG LA . -41.57 -24.28 -25.13
N2 NAG LA . -40.68 -23.19 -27.09
O3 NAG LA . -40.44 -24.30 -29.75
O4 NAG LA . -38.84 -22.72 -31.56
O5 NAG LA . -40.09 -20.22 -29.22
O6 NAG LA . -38.94 -18.48 -30.88
O7 NAG LA . -42.88 -22.99 -26.65
C1 NAG MA . -46.40 -0.98 -31.24
C2 NAG MA . -45.46 -1.78 -32.18
C3 NAG MA . -44.76 -0.82 -33.16
C4 NAG MA . -45.77 0.06 -33.87
C5 NAG MA . -46.62 0.80 -32.85
C6 NAG MA . -47.70 1.66 -33.48
C7 NAG MA . -44.59 -3.84 -31.18
C8 NAG MA . -43.47 -4.45 -30.37
N2 NAG MA . -44.49 -2.52 -31.42
O3 NAG MA . -44.03 -1.59 -34.11
O4 NAG MA . -45.10 1.01 -34.68
O5 NAG MA . -47.30 -0.16 -32.02
O6 NAG MA . -47.15 2.77 -34.16
O7 NAG MA . -45.53 -4.51 -31.58
C1 NAG NA . -48.49 -20.36 -26.10
C2 NAG NA . -48.07 -19.28 -27.13
C3 NAG NA . -49.28 -18.74 -27.88
C4 NAG NA . -50.01 -19.90 -28.54
C5 NAG NA . -50.50 -20.83 -27.45
C6 NAG NA . -51.26 -22.02 -27.98
C7 NAG NA . -46.04 -18.24 -26.21
C8 NAG NA . -45.46 -17.04 -25.54
N2 NAG NA . -47.35 -18.19 -26.48
O3 NAG NA . -48.85 -17.81 -28.87
O4 NAG NA . -51.12 -19.42 -29.29
O5 NAG NA . -49.36 -21.35 -26.74
O6 NAG NA . -52.59 -22.05 -27.48
O7 NAG NA . -45.36 -19.23 -26.48
C1 NAG OA . -53.43 -24.10 -5.97
C2 NAG OA . -53.82 -22.63 -5.98
C3 NAG OA . -55.23 -22.46 -5.42
C4 NAG OA . -56.20 -23.36 -6.17
C5 NAG OA . -55.70 -24.80 -6.13
C6 NAG OA . -56.58 -25.74 -6.93
C7 NAG OA . -51.82 -21.22 -5.79
C8 NAG OA . -50.94 -20.44 -4.85
N2 NAG OA . -52.86 -21.84 -5.23
O3 NAG OA . -55.63 -21.09 -5.56
O4 NAG OA . -57.49 -23.29 -5.56
O5 NAG OA . -54.39 -24.86 -6.70
O6 NAG OA . -56.03 -27.05 -6.96
O7 NAG OA . -51.60 -21.27 -6.99
C1 NAG PA . -30.28 -23.91 -22.20
C2 NAG PA . -29.35 -22.74 -22.48
C3 NAG PA . -28.60 -23.00 -23.78
C4 NAG PA . -27.89 -24.35 -23.73
C5 NAG PA . -28.89 -25.45 -23.35
C6 NAG PA . -28.25 -26.80 -23.15
C7 NAG PA . -29.68 -20.39 -21.83
C8 NAG PA . -30.53 -19.18 -22.00
N2 NAG PA . -30.05 -21.47 -22.53
O3 NAG PA . -27.66 -21.96 -24.04
O4 NAG PA . -27.36 -24.67 -25.01
O5 NAG PA . -29.53 -25.12 -22.11
O6 NAG PA . -28.67 -27.72 -24.16
O7 NAG PA . -28.69 -20.40 -21.10
C1 NAG QA . -1.67 -40.86 -8.36
C2 NAG QA . -0.31 -40.36 -8.85
C3 NAG QA . 0.27 -41.34 -9.86
C4 NAG QA . 0.31 -42.74 -9.27
C5 NAG QA . -1.08 -43.13 -8.77
C6 NAG QA . -1.09 -44.46 -8.06
C7 NAG QA . -0.28 -37.91 -8.70
C8 NAG QA . -0.35 -36.62 -9.46
N2 NAG QA . -0.39 -39.02 -9.42
O3 NAG QA . 1.59 -40.92 -10.22
O4 NAG QA . 0.73 -43.67 -10.27
O5 NAG QA . -1.53 -42.17 -7.81
O6 NAG QA . -0.12 -44.50 -7.02
O7 NAG QA . -0.12 -37.94 -7.49
C1 NAG RA . -54.93 -30.56 -12.54
C2 NAG RA . -55.70 -29.35 -13.05
C3 NAG RA . -57.19 -29.67 -13.19
C4 NAG RA . -57.37 -30.93 -14.02
C5 NAG RA . -56.56 -32.07 -13.42
C6 NAG RA . -56.64 -33.35 -14.25
C7 NAG RA . -54.69 -27.18 -12.47
C8 NAG RA . -54.62 -26.09 -11.43
N2 NAG RA . -55.51 -28.20 -12.18
O3 NAG RA . -57.86 -28.58 -13.82
O4 NAG RA . -58.75 -31.31 -14.05
O5 NAG RA . -55.17 -31.69 -13.39
O6 NAG RA . -55.85 -34.38 -13.67
O7 NAG RA . -54.03 -27.15 -13.49
C1 NAG SA . 11.29 -34.83 22.16
C2 NAG SA . 12.43 -34.46 23.13
C3 NAG SA . 12.11 -34.87 24.56
C4 NAG SA . 10.74 -34.37 24.96
C5 NAG SA . 9.69 -34.84 23.97
C6 NAG SA . 8.30 -34.35 24.27
C7 NAG SA . 14.55 -34.44 21.86
C8 NAG SA . 15.79 -35.20 21.51
N2 NAG SA . 13.69 -35.05 22.69
O3 NAG SA . 13.09 -34.34 25.43
O4 NAG SA . 10.40 -34.87 26.26
O5 NAG SA . 10.03 -34.34 22.67
O6 NAG SA . 7.47 -34.36 23.13
O7 NAG SA . 14.32 -33.32 21.41
C1 NAG TA . 9.40 -47.81 7.53
C2 NAG TA . 10.01 -48.92 6.61
C3 NAG TA . 8.94 -49.79 5.93
C4 NAG TA . 7.92 -50.25 6.94
C5 NAG TA . 7.27 -49.09 7.63
C6 NAG TA . 6.23 -49.49 8.65
C7 NAG TA . 12.24 -48.57 5.62
C8 NAG TA . 13.02 -47.87 4.55
N2 NAG TA . 10.92 -48.34 5.63
O3 NAG TA . 9.55 -50.89 5.28
O4 NAG TA . 6.90 -51.01 6.27
O5 NAG TA . 8.27 -48.36 8.34
O6 NAG TA . 4.95 -48.95 8.34
O7 NAG TA . 12.78 -49.30 6.44
C1 NAG UA . -52.82 18.31 24.01
C2 NAG UA . -53.51 17.35 25.00
C3 NAG UA . -54.33 16.29 24.25
C4 NAG UA . -55.26 16.96 23.25
C5 NAG UA . -54.48 17.85 22.31
C6 NAG UA . -55.35 18.58 21.31
C7 NAG UA . -52.11 17.28 27.01
C8 NAG UA . -51.13 16.48 27.81
N2 NAG UA . -52.55 16.72 25.88
O3 NAG UA . -55.09 15.52 25.18
O4 NAG UA . -55.93 15.96 22.48
O5 NAG UA . -53.80 18.85 23.08
O6 NAG UA . -55.58 17.79 20.15
O7 NAG UA . -52.49 18.39 27.36
C1 NAG VA . 4.10 17.99 37.27
C2 NAG VA . 3.78 19.33 36.60
C3 NAG VA . 5.08 20.02 36.16
C4 NAG VA . 6.05 20.12 37.33
C5 NAG VA . 6.28 18.74 37.94
C6 NAG VA . 7.15 18.77 39.17
C7 NAG VA . 1.58 19.36 35.38
C8 NAG VA . 0.93 19.90 36.62
N2 NAG VA . 2.91 19.13 35.45
O3 NAG VA . 4.78 21.32 35.65
O4 NAG VA . 7.28 20.67 36.87
O5 NAG VA . 5.01 18.20 38.34
O6 NAG VA . 8.48 19.19 38.85
O7 NAG VA . 0.94 19.14 34.36
C1 NAG WA . -28.37 4.70 44.18
C2 NAG WA . -28.05 5.01 45.66
C3 NAG WA . -27.63 3.75 46.41
C4 NAG WA . -28.63 2.63 46.19
C5 NAG WA . -28.82 2.39 44.70
C6 NAG WA . -29.84 1.32 44.39
C7 NAG WA . -27.27 7.32 45.93
C8 NAG WA . -26.07 8.23 46.00
N2 NAG WA . -27.02 6.03 45.75
O3 NAG WA . -27.52 4.04 47.80
O4 NAG WA . -28.16 1.43 46.80
O5 NAG WA . -29.29 3.60 44.10
O6 NAG WA . -30.09 1.25 42.99
O7 NAG WA . -28.42 7.76 46.02
C1 NAG XA . -46.68 3.42 32.56
C2 NAG XA . -46.06 2.21 33.29
C3 NAG XA . -46.60 0.90 32.73
C4 NAG XA . -48.13 0.92 32.71
C5 NAG XA . -48.62 2.14 31.93
C6 NAG XA . -50.12 2.26 31.93
C7 NAG XA . -43.82 2.70 34.18
C8 NAG XA . -42.35 2.65 33.93
N2 NAG XA . -44.60 2.24 33.21
O3 NAG XA . -46.15 -0.18 33.55
O4 NAG XA . -48.62 -0.25 32.08
O5 NAG XA . -48.11 3.32 32.57
O6 NAG XA . -50.71 1.30 31.05
O7 NAG XA . -44.27 3.16 35.23
C1 NAG YA . -33.37 11.52 45.92
C2 NAG YA . -34.23 10.35 45.41
C3 NAG YA . -35.70 10.60 45.77
C4 NAG YA . -35.84 10.88 47.25
C5 NAG YA . -34.93 12.03 47.66
C6 NAG YA . -34.95 12.31 49.14
C7 NAG YA . -33.03 9.60 43.40
C8 NAG YA . -33.04 9.54 41.90
N2 NAG YA . -34.08 10.19 43.97
O3 NAG YA . -36.46 9.45 45.41
O4 NAG YA . -37.19 11.22 47.55
O5 NAG YA . -33.58 11.70 47.32
O6 NAG YA . -36.21 12.84 49.54
O7 NAG YA . -32.09 9.16 44.05
C1 NAG ZA . -24.99 30.18 40.61
C2 NAG ZA . -26.11 30.27 39.59
C3 NAG ZA . -26.72 31.65 39.63
C4 NAG ZA . -27.24 31.94 41.02
C5 NAG ZA . -26.08 31.81 42.02
C6 NAG ZA . -26.52 31.99 43.45
C7 NAG ZA . -25.79 28.74 37.68
C8 NAG ZA . -25.21 28.59 36.31
N2 NAG ZA . -25.63 29.94 38.26
O3 NAG ZA . -27.79 31.73 38.69
O4 NAG ZA . -27.79 33.25 41.09
O5 NAG ZA . -25.51 30.49 41.92
O6 NAG ZA . -25.40 32.08 44.32
O7 NAG ZA . -26.37 27.83 38.25
C1 NAG AB . -17.86 2.33 40.45
C2 NAG AB . -18.19 1.25 39.41
C3 NAG AB . -18.10 -0.15 40.03
C4 NAG AB . -16.76 -0.33 40.73
C5 NAG AB . -16.54 0.79 41.73
C6 NAG AB . -15.19 0.71 42.41
C7 NAG AB . -19.70 2.10 37.67
C8 NAG AB . -21.12 2.25 37.24
N2 NAG AB . -19.50 1.47 38.84
O3 NAG AB . -18.26 -1.12 39.01
O4 NAG AB . -16.73 -1.59 41.40
O5 NAG AB . -16.58 2.04 41.05
O6 NAG AB . -15.15 -0.34 43.36
O7 NAG AB . -18.76 2.53 36.99
C1 NAG BB . 17.74 -2.98 35.04
C2 NAG BB . 17.90 -4.25 34.20
C3 NAG BB . 18.29 -5.42 35.09
C4 NAG BB . 19.52 -5.07 35.91
C5 NAG BB . 19.28 -3.79 36.67
C6 NAG BB . 20.49 -3.32 37.44
C7 NAG BB . 16.70 -4.99 32.19
C8 NAG BB . 15.36 -5.22 31.56
N2 NAG BB . 16.69 -4.54 33.45
O3 NAG BB . 18.55 -6.56 34.27
O4 NAG BB . 19.80 -6.12 36.83
O5 NAG BB . 18.95 -2.73 35.76
O6 NAG BB . 20.34 -1.99 37.91
O7 NAG BB . 17.74 -5.20 31.58
C1 NAG CB . -25.07 27.18 49.67
C2 NAG CB . -26.55 27.01 49.33
C3 NAG CB . -27.41 27.88 50.26
C4 NAG CB . -27.06 27.59 51.72
C5 NAG CB . -25.57 27.77 51.94
C6 NAG CB . -25.14 27.43 53.34
C7 NAG CB . -26.98 26.45 46.98
C8 NAG CB . -27.22 26.98 45.60
N2 NAG CB . -26.81 27.36 47.94
O3 NAG CB . -28.78 27.61 50.03
O4 NAG CB . -27.77 28.49 52.57
O5 NAG CB . -24.85 26.89 51.06
O6 NAG CB . -23.72 27.49 53.48
O7 NAG CB . -26.93 25.24 47.21
C1 NAG DB . 36.74 2.27 28.10
C2 NAG DB . 37.59 1.59 29.20
C3 NAG DB . 37.26 2.16 30.59
C4 NAG DB . 37.32 3.68 30.56
C5 NAG DB . 36.41 4.24 29.49
C6 NAG DB . 36.44 5.74 29.39
C7 NAG DB . 38.17 -0.67 28.46
C8 NAG DB . 37.84 -2.12 28.56
N2 NAG DB . 37.41 0.15 29.18
O3 NAG DB . 38.19 1.65 31.54
O4 NAG DB . 36.91 4.19 31.83
O5 NAG DB . 36.83 3.72 28.22
O6 NAG DB . 37.77 6.25 29.52
O7 NAG DB . 39.09 -0.26 27.75
C1 NAG EB . 23.88 16.68 16.15
C2 NAG EB . 23.96 16.07 17.56
C3 NAG EB . 23.29 17.00 18.57
C4 NAG EB . 23.88 18.40 18.46
C5 NAG EB . 23.79 18.90 17.04
C6 NAG EB . 24.44 20.25 16.84
C7 NAG EB . 23.74 13.68 18.24
C8 NAG EB . 24.99 13.81 19.08
N2 NAG EB . 23.32 14.76 17.57
O3 NAG EB . 23.46 16.50 19.89
O4 NAG EB . 23.17 19.29 19.32
O5 NAG EB . 24.47 17.99 16.16
O6 NAG EB . 24.36 20.68 15.48
O7 NAG EB . 23.13 12.61 18.17
#